data_8UTM
#
_entry.id   8UTM
#
_cell.length_a   1.00
_cell.length_b   1.00
_cell.length_c   1.00
_cell.angle_alpha   90.00
_cell.angle_beta   90.00
_cell.angle_gamma   90.00
#
_symmetry.space_group_name_H-M   'P 1'
#
_entity_poly.entity_id   1
_entity_poly.type   'polypeptide(L)'
_entity_poly.pdbx_seq_one_letter_code
;SGTVTFDITNISHKAIDIILKVVLGIAEHEGTEVTFHSERGQLQIEVKNLHEEDKRLIEQAIEAARLADSPDPESVARAV
ELLTKVAKASTNTELIQFIVKELLELARKLTDPKDLAKVLDSISELLTELALKTGDPTAALAAMVAHIAELVVRLALMAE
RTHPGSEIVKKAVKLVQEVAEEVLEAAQLMLEKPNSDEVAKKLEEVAKKAIEACIELQQILEAWAKERGDQDLLREVREH
KLQILTIAVAYKAAQMGVTVLKHTHGWVVFLVILGLHKQQAEQLLRFVHRVAHALGVTLSITFSGDIVVIAVTVGASEEE
KKEVRKIVKEIAKQLRHAETEEEAKEIVQRVIEEWQEEGGSG
;
_entity_poly.pdbx_strand_id   A,B,C,D,E,F,G,H
#
# COMPACT_ATOMS: atom_id res chain seq x y z
N THR A 3 -79.47 -17.40 -20.50
CA THR A 3 -79.16 -16.54 -19.33
C THR A 3 -79.82 -17.08 -18.07
N VAL A 4 -79.28 -16.79 -16.89
CA VAL A 4 -79.74 -17.34 -15.59
C VAL A 4 -79.54 -16.34 -14.47
N THR A 5 -80.29 -16.46 -13.39
CA THR A 5 -80.23 -15.58 -12.21
C THR A 5 -80.59 -16.36 -10.96
N PHE A 6 -80.03 -15.96 -9.82
CA PHE A 6 -80.03 -16.75 -8.58
C PHE A 6 -80.30 -15.88 -7.35
N ASP A 7 -80.96 -16.45 -6.35
CA ASP A 7 -81.34 -15.76 -5.10
C ASP A 7 -81.29 -16.69 -3.87
N ILE A 8 -81.32 -16.07 -2.68
CA ILE A 8 -81.28 -16.74 -1.36
C ILE A 8 -82.51 -16.35 -0.54
N THR A 9 -83.03 -17.28 0.26
CA THR A 9 -84.01 -16.96 1.32
C THR A 9 -83.31 -16.45 2.59
N ASN A 10 -82.19 -17.06 2.96
CA ASN A 10 -81.19 -16.58 3.92
C ASN A 10 -79.82 -17.16 3.57
N ILE A 11 -78.73 -16.52 4.00
CA ILE A 11 -77.34 -16.91 3.70
C ILE A 11 -76.37 -16.31 4.73
N SER A 12 -75.13 -16.79 4.75
CA SER A 12 -74.05 -16.25 5.58
C SER A 12 -72.90 -15.71 4.72
N HIS A 13 -72.13 -14.77 5.26
CA HIS A 13 -70.95 -14.25 4.56
C HIS A 13 -69.93 -15.36 4.27
N LYS A 14 -69.77 -16.33 5.18
CA LYS A 14 -68.89 -17.47 4.95
C LYS A 14 -69.39 -18.37 3.81
N ALA A 15 -70.69 -18.54 3.64
CA ALA A 15 -71.23 -19.22 2.45
C ALA A 15 -71.05 -18.37 1.20
N ILE A 16 -71.23 -17.05 1.30
CA ILE A 16 -71.02 -16.16 0.16
C ILE A 16 -69.59 -16.31 -0.38
N ASP A 17 -68.58 -16.52 0.48
CA ASP A 17 -67.19 -16.68 0.06
C ASP A 17 -67.03 -17.74 -1.03
N ILE A 18 -67.56 -18.93 -0.78
CA ILE A 18 -67.54 -20.00 -1.76
C ILE A 18 -68.46 -19.69 -2.94
N ILE A 19 -69.63 -19.06 -2.73
CA ILE A 19 -70.53 -18.71 -3.84
C ILE A 19 -69.80 -17.83 -4.84
N LEU A 20 -69.18 -16.76 -4.32
CA LEU A 20 -68.38 -15.85 -5.12
C LEU A 20 -67.25 -16.61 -5.77
N LYS A 21 -66.45 -17.34 -4.98
CA LYS A 21 -65.30 -18.07 -5.49
C LYS A 21 -65.69 -18.94 -6.67
N VAL A 22 -66.84 -19.60 -6.60
CA VAL A 22 -67.32 -20.44 -7.69
C VAL A 22 -67.74 -19.58 -8.86
N VAL A 23 -68.64 -18.61 -8.68
CA VAL A 23 -69.14 -17.93 -9.87
C VAL A 23 -68.04 -17.19 -10.59
N LEU A 24 -67.12 -16.58 -9.85
CA LEU A 24 -65.97 -15.94 -10.45
C LEU A 24 -64.98 -17.00 -10.95
N GLY A 25 -64.85 -18.13 -10.28
CA GLY A 25 -64.08 -19.26 -10.76
C GLY A 25 -64.57 -19.74 -12.13
N ILE A 26 -65.86 -19.59 -12.42
CA ILE A 26 -66.48 -19.96 -13.70
C ILE A 26 -66.29 -18.89 -14.79
N ALA A 27 -65.82 -17.69 -14.45
CA ALA A 27 -65.85 -16.55 -15.37
C ALA A 27 -65.07 -16.78 -16.69
N GLU A 28 -63.95 -17.50 -16.66
CA GLU A 28 -63.17 -17.81 -17.87
C GLU A 28 -64.01 -18.57 -18.91
N HIS A 29 -64.89 -19.45 -18.44
CA HIS A 29 -65.72 -20.31 -19.28
C HIS A 29 -66.85 -19.56 -20.00
N GLU A 30 -67.06 -18.28 -19.68
CA GLU A 30 -68.00 -17.41 -20.39
C GLU A 30 -67.47 -16.91 -21.75
N GLY A 31 -66.20 -17.17 -22.08
CA GLY A 31 -65.62 -16.97 -23.42
C GLY A 31 -65.13 -15.55 -23.72
N THR A 32 -65.12 -15.15 -24.99
CA THR A 32 -64.70 -13.79 -25.44
C THR A 32 -65.76 -12.70 -25.23
N GLU A 33 -66.93 -13.05 -24.68
CA GLU A 33 -68.03 -12.13 -24.35
C GLU A 33 -68.57 -12.42 -22.93
N VAL A 34 -67.70 -12.35 -21.92
CA VAL A 34 -68.05 -12.57 -20.49
C VAL A 34 -69.08 -11.54 -19.99
N THR A 35 -70.08 -11.98 -19.21
CA THR A 35 -71.21 -11.12 -18.79
C THR A 35 -71.91 -11.59 -17.51
N PHE A 36 -71.48 -11.05 -16.37
CA PHE A 36 -71.99 -11.36 -15.04
C PHE A 36 -72.34 -10.11 -14.24
N HIS A 37 -73.26 -10.23 -13.29
CA HIS A 37 -73.73 -9.17 -12.41
C HIS A 37 -74.11 -9.74 -11.05
N SER A 38 -74.04 -8.93 -10.00
CA SER A 38 -74.63 -9.28 -8.71
C SER A 38 -74.88 -8.06 -7.83
N GLU A 39 -75.67 -8.29 -6.80
CA GLU A 39 -75.80 -7.48 -5.60
C GLU A 39 -75.62 -8.39 -4.37
N ARG A 40 -75.90 -7.92 -3.14
CA ARG A 40 -75.78 -8.74 -1.91
C ARG A 40 -76.59 -10.04 -1.97
N GLY A 41 -77.86 -9.96 -2.34
CA GLY A 41 -78.80 -11.08 -2.29
C GLY A 41 -79.04 -11.83 -3.62
N GLN A 42 -78.50 -11.35 -4.74
CA GLN A 42 -78.77 -11.91 -6.07
C GLN A 42 -77.54 -11.87 -6.99
N LEU A 43 -77.42 -12.88 -7.86
CA LEU A 43 -76.32 -13.04 -8.81
C LEU A 43 -76.90 -13.44 -10.17
N GLN A 44 -76.30 -12.96 -11.24
CA GLN A 44 -76.86 -13.02 -12.59
C GLN A 44 -75.76 -13.30 -13.63
N ILE A 45 -76.08 -14.13 -14.62
CA ILE A 45 -75.19 -14.49 -15.72
C ILE A 45 -75.96 -14.28 -17.02
N GLU A 46 -75.65 -13.21 -17.76
CA GLU A 46 -76.33 -12.86 -19.01
C GLU A 46 -75.58 -13.43 -20.23
N VAL A 47 -75.04 -14.65 -20.09
CA VAL A 47 -74.21 -15.34 -21.08
C VAL A 47 -75.04 -16.15 -22.07
N LYS A 48 -74.63 -16.11 -23.35
CA LYS A 48 -75.36 -16.66 -24.52
C LYS A 48 -75.24 -18.18 -24.66
N ASN A 49 -74.04 -18.71 -24.48
CA ASN A 49 -73.67 -20.12 -24.74
C ASN A 49 -73.23 -20.87 -23.47
N LEU A 50 -73.78 -20.50 -22.31
CA LEU A 50 -73.54 -21.18 -21.03
C LEU A 50 -74.00 -22.65 -21.15
N HIS A 51 -73.12 -23.60 -20.81
CA HIS A 51 -73.46 -25.02 -20.91
C HIS A 51 -74.38 -25.44 -19.77
N GLU A 52 -75.19 -26.47 -19.99
CA GLU A 52 -75.94 -27.11 -18.90
C GLU A 52 -74.99 -27.66 -17.81
N GLU A 53 -73.76 -27.99 -18.19
CA GLU A 53 -72.69 -28.33 -17.25
C GLU A 53 -72.33 -27.13 -16.36
N ASP A 54 -72.00 -26.00 -16.95
CA ASP A 54 -71.66 -24.78 -16.21
C ASP A 54 -72.80 -24.40 -15.25
N LYS A 55 -74.04 -24.56 -15.74
CA LYS A 55 -75.26 -24.38 -14.98
C LYS A 55 -75.31 -25.35 -13.79
N ARG A 56 -75.09 -26.66 -13.97
CA ARG A 56 -75.11 -27.58 -12.82
C ARG A 56 -73.99 -27.27 -11.83
N LEU A 57 -72.82 -26.80 -12.28
CA LEU A 57 -71.74 -26.42 -11.37
C LEU A 57 -72.14 -25.23 -10.51
N ILE A 58 -72.66 -24.16 -11.11
CA ILE A 58 -73.20 -23.04 -10.34
C ILE A 58 -74.30 -23.51 -9.38
N GLU A 59 -75.35 -24.14 -9.92
CA GLU A 59 -76.53 -24.50 -9.14
C GLU A 59 -76.19 -25.43 -7.98
N GLN A 60 -75.52 -26.54 -8.25
CA GLN A 60 -75.20 -27.47 -7.18
C GLN A 60 -74.20 -26.84 -6.21
N ALA A 61 -73.34 -25.92 -6.66
CA ALA A 61 -72.47 -25.23 -5.73
C ALA A 61 -73.31 -24.38 -4.79
N ILE A 62 -74.24 -23.57 -5.30
CA ILE A 62 -74.99 -22.69 -4.40
C ILE A 62 -75.96 -23.50 -3.53
N GLU A 63 -76.51 -24.60 -4.05
CA GLU A 63 -77.27 -25.53 -3.23
C GLU A 63 -76.40 -26.12 -2.11
N ALA A 64 -75.16 -26.51 -2.41
CA ALA A 64 -74.22 -26.98 -1.40
C ALA A 64 -73.83 -25.85 -0.43
N ALA A 65 -73.61 -24.64 -0.93
CA ALA A 65 -73.23 -23.52 -0.09
C ALA A 65 -74.32 -23.26 0.95
N ARG A 66 -75.60 -23.23 0.57
CA ARG A 66 -76.70 -22.99 1.52
C ARG A 66 -76.90 -24.13 2.51
N LEU A 67 -76.31 -25.30 2.23
CA LEU A 67 -76.21 -26.40 3.18
C LEU A 67 -74.97 -26.28 4.08
N ALA A 68 -73.92 -25.59 3.65
CA ALA A 68 -72.56 -25.77 4.16
C ALA A 68 -72.35 -25.40 5.64
N ASP A 69 -73.19 -24.56 6.20
CA ASP A 69 -73.16 -24.23 7.63
C ASP A 69 -73.83 -25.28 8.53
N SER A 70 -74.44 -26.34 7.96
CA SER A 70 -75.04 -27.44 8.74
C SER A 70 -73.98 -28.20 9.55
N PRO A 71 -74.23 -28.51 10.84
CA PRO A 71 -73.33 -29.34 11.66
C PRO A 71 -73.53 -30.86 11.43
N ASP A 72 -74.59 -31.27 10.73
CA ASP A 72 -74.96 -32.68 10.64
C ASP A 72 -73.96 -33.50 9.79
N PRO A 73 -73.44 -34.63 10.30
CA PRO A 73 -72.53 -35.49 9.54
C PRO A 73 -73.06 -35.93 8.17
N GLU A 74 -74.37 -36.20 8.02
CA GLU A 74 -74.96 -36.49 6.71
C GLU A 74 -74.91 -35.28 5.76
N SER A 75 -75.12 -34.07 6.27
CA SER A 75 -74.94 -32.86 5.45
C SER A 75 -73.48 -32.75 5.05
N VAL A 76 -72.55 -32.98 5.95
CA VAL A 76 -71.12 -32.96 5.61
C VAL A 76 -70.80 -34.00 4.53
N ALA A 77 -71.37 -35.20 4.66
CA ALA A 77 -71.20 -36.26 3.68
C ALA A 77 -71.68 -35.82 2.29
N ARG A 78 -72.89 -35.26 2.20
CA ARG A 78 -73.37 -34.68 0.94
C ARG A 78 -72.47 -33.54 0.51
N ALA A 79 -71.96 -32.73 1.43
CA ALA A 79 -71.16 -31.59 1.09
C ALA A 79 -69.89 -32.03 0.41
N VAL A 80 -69.12 -32.93 1.00
CA VAL A 80 -67.92 -33.42 0.32
C VAL A 80 -68.30 -34.12 -0.98
N GLU A 81 -69.40 -34.88 -1.01
CA GLU A 81 -69.85 -35.57 -2.22
C GLU A 81 -70.09 -34.59 -3.34
N LEU A 82 -70.94 -33.61 -3.12
CA LEU A 82 -71.22 -32.55 -4.06
C LEU A 82 -69.94 -31.80 -4.40
N LEU A 83 -69.15 -31.41 -3.42
CA LEU A 83 -67.93 -30.63 -3.67
C LEU A 83 -66.96 -31.43 -4.53
N THR A 84 -66.94 -32.74 -4.39
CA THR A 84 -66.15 -33.60 -5.26
C THR A 84 -66.66 -33.52 -6.67
N LYS A 85 -67.96 -33.72 -6.87
CA LYS A 85 -68.56 -33.69 -8.21
C LYS A 85 -68.38 -32.33 -8.87
N VAL A 86 -68.23 -31.27 -8.09
CA VAL A 86 -67.75 -29.96 -8.57
C VAL A 86 -66.27 -30.05 -8.92
N ALA A 87 -65.43 -30.44 -7.97
CA ALA A 87 -63.98 -30.43 -8.13
C ALA A 87 -63.51 -31.18 -9.37
N LYS A 88 -64.14 -32.31 -9.71
CA LYS A 88 -63.77 -33.10 -10.89
C LYS A 88 -63.93 -32.35 -12.23
N ALA A 89 -64.79 -31.34 -12.29
CA ALA A 89 -64.99 -30.58 -13.53
C ALA A 89 -63.92 -29.51 -13.77
N SER A 90 -63.11 -29.18 -12.77
CA SER A 90 -62.25 -27.99 -12.86
C SER A 90 -61.11 -28.15 -13.85
N THR A 91 -61.02 -27.24 -14.81
CA THR A 91 -59.83 -27.06 -15.65
C THR A 91 -58.72 -26.28 -14.93
N ASN A 92 -59.01 -25.64 -13.79
CA ASN A 92 -58.10 -24.80 -13.03
C ASN A 92 -57.77 -25.38 -11.65
N THR A 93 -56.48 -25.59 -11.35
CA THR A 93 -56.02 -26.11 -10.05
C THR A 93 -56.26 -25.16 -8.88
N GLU A 94 -56.31 -23.84 -9.13
CA GLU A 94 -56.63 -22.84 -8.10
C GLU A 94 -57.95 -23.16 -7.38
N LEU A 95 -59.00 -23.47 -8.13
CA LEU A 95 -60.29 -23.82 -7.54
C LEU A 95 -60.17 -25.09 -6.69
N ILE A 96 -59.45 -26.10 -7.18
CA ILE A 96 -59.28 -27.36 -6.44
C ILE A 96 -58.52 -27.09 -5.13
N GLN A 97 -57.41 -26.35 -5.18
CA GLN A 97 -56.64 -25.95 -3.99
C GLN A 97 -57.54 -25.33 -2.94
N PHE A 98 -58.39 -24.38 -3.35
CA PHE A 98 -59.36 -23.78 -2.44
C PHE A 98 -60.32 -24.82 -1.91
N ILE A 99 -60.96 -25.58 -2.79
CA ILE A 99 -62.02 -26.51 -2.40
C ILE A 99 -61.48 -27.53 -1.40
N VAL A 100 -60.24 -28.00 -1.56
CA VAL A 100 -59.62 -28.96 -0.62
C VAL A 100 -59.52 -28.36 0.79
N LYS A 101 -59.25 -27.07 0.94
CA LYS A 101 -59.21 -26.44 2.27
C LYS A 101 -60.59 -26.42 2.92
N GLU A 102 -61.64 -26.13 2.15
CA GLU A 102 -63.01 -26.26 2.65
C GLU A 102 -63.31 -27.71 3.02
N LEU A 103 -62.85 -28.67 2.21
CA LEU A 103 -62.97 -30.08 2.51
C LEU A 103 -62.30 -30.39 3.85
N LEU A 104 -61.14 -29.83 4.16
CA LEU A 104 -60.47 -30.05 5.44
C LEU A 104 -61.27 -29.44 6.61
N GLU A 105 -61.79 -28.23 6.44
CA GLU A 105 -62.66 -27.61 7.45
C GLU A 105 -63.91 -28.44 7.70
N LEU A 106 -64.47 -29.04 6.66
CA LEU A 106 -65.56 -30.00 6.79
C LEU A 106 -65.07 -31.30 7.47
N ALA A 107 -63.91 -31.81 7.10
CA ALA A 107 -63.42 -33.09 7.59
C ALA A 107 -63.17 -33.09 9.10
N ARG A 108 -62.86 -31.92 9.69
CA ARG A 108 -62.66 -31.82 11.14
C ARG A 108 -63.97 -31.71 11.93
N LYS A 109 -65.15 -31.74 11.29
CA LYS A 109 -66.45 -31.80 11.96
C LYS A 109 -66.66 -33.14 12.69
N LEU A 110 -67.73 -33.24 13.46
CA LEU A 110 -68.19 -34.49 14.09
C LEU A 110 -68.38 -35.60 13.03
N THR A 111 -68.10 -36.86 13.38
CA THR A 111 -67.96 -37.95 12.39
C THR A 111 -68.63 -39.26 12.80
N ASP A 112 -68.88 -40.12 11.82
CA ASP A 112 -69.46 -41.46 11.91
C ASP A 112 -69.05 -42.26 10.65
N PRO A 113 -69.36 -43.56 10.56
CA PRO A 113 -68.97 -44.35 9.41
C PRO A 113 -69.45 -43.80 8.06
N LYS A 114 -70.59 -43.10 8.01
CA LYS A 114 -71.11 -42.57 6.74
C LYS A 114 -70.34 -41.33 6.32
N ASP A 115 -70.05 -40.45 7.27
CA ASP A 115 -69.19 -39.29 7.06
C ASP A 115 -67.80 -39.74 6.62
N LEU A 116 -67.21 -40.71 7.32
CA LEU A 116 -65.99 -41.34 6.87
C LEU A 116 -66.15 -41.85 5.43
N ALA A 117 -67.16 -42.66 5.16
CA ALA A 117 -67.30 -43.30 3.85
C ALA A 117 -67.25 -42.26 2.73
N LYS A 118 -68.12 -41.27 2.78
CA LYS A 118 -68.11 -40.23 1.77
C LYS A 118 -66.80 -39.43 1.80
N VAL A 119 -66.19 -39.17 2.95
CA VAL A 119 -64.90 -38.49 2.98
C VAL A 119 -63.85 -39.31 2.28
N LEU A 120 -63.69 -40.58 2.63
CA LEU A 120 -62.68 -41.38 1.98
C LEU A 120 -63.04 -41.60 0.51
N ASP A 121 -64.32 -41.66 0.17
CA ASP A 121 -64.73 -41.66 -1.23
C ASP A 121 -64.30 -40.38 -1.92
N SER A 122 -64.57 -39.23 -1.32
CA SER A 122 -64.22 -37.94 -1.90
C SER A 122 -62.73 -37.85 -2.11
N ILE A 123 -61.96 -38.28 -1.13
CA ILE A 123 -60.52 -38.31 -1.22
C ILE A 123 -60.13 -39.25 -2.36
N SER A 124 -60.74 -40.42 -2.46
CA SER A 124 -60.38 -41.40 -3.50
C SER A 124 -60.68 -40.86 -4.89
N GLU A 125 -61.82 -40.23 -5.07
CA GLU A 125 -62.14 -39.52 -6.28
C GLU A 125 -61.07 -38.47 -6.52
N LEU A 126 -60.74 -37.64 -5.55
CA LEU A 126 -59.79 -36.55 -5.73
C LEU A 126 -58.38 -37.06 -6.03
N LEU A 127 -57.96 -38.13 -5.39
CA LEU A 127 -56.68 -38.74 -5.66
C LEU A 127 -56.68 -39.42 -7.03
N THR A 128 -57.79 -40.04 -7.44
CA THR A 128 -57.89 -40.63 -8.79
C THR A 128 -58.04 -39.55 -9.86
N GLU A 129 -58.63 -38.40 -9.52
CA GLU A 129 -58.66 -37.22 -10.38
C GLU A 129 -57.25 -36.65 -10.49
N LEU A 130 -56.54 -36.50 -9.37
CA LEU A 130 -55.14 -36.12 -9.34
C LEU A 130 -54.30 -37.07 -10.21
N ALA A 131 -54.55 -38.38 -10.18
CA ALA A 131 -53.89 -39.34 -11.06
C ALA A 131 -54.16 -39.03 -12.54
N LEU A 132 -55.42 -38.81 -12.93
CA LEU A 132 -55.73 -38.37 -14.28
C LEU A 132 -55.09 -36.99 -14.60
N LYS A 133 -54.90 -36.14 -13.60
CA LYS A 133 -54.27 -34.82 -13.68
C LYS A 133 -52.77 -34.84 -13.41
N THR A 134 -52.11 -36.00 -13.42
CA THR A 134 -50.64 -36.12 -13.24
C THR A 134 -50.00 -37.23 -14.08
N GLY A 135 -50.58 -38.44 -14.10
CA GLY A 135 -50.00 -39.62 -14.76
C GLY A 135 -48.78 -40.24 -14.06
N ASP A 136 -48.42 -39.75 -12.86
CA ASP A 136 -47.23 -40.19 -12.12
C ASP A 136 -47.58 -41.26 -11.05
N PRO A 137 -46.75 -42.30 -10.84
CA PRO A 137 -47.04 -43.39 -9.90
C PRO A 137 -47.43 -42.95 -8.49
N THR A 138 -46.92 -41.84 -7.97
CA THR A 138 -47.28 -41.34 -6.63
C THR A 138 -48.80 -41.15 -6.49
N ALA A 139 -49.50 -40.78 -7.56
CA ALA A 139 -50.94 -40.68 -7.49
C ALA A 139 -51.57 -42.06 -7.38
N ALA A 140 -51.10 -43.05 -8.13
CA ALA A 140 -51.57 -44.42 -7.99
C ALA A 140 -51.25 -44.95 -6.58
N LEU A 141 -50.11 -44.57 -6.02
CA LEU A 141 -49.75 -44.88 -4.65
C LEU A 141 -50.81 -44.32 -3.71
N ALA A 142 -51.15 -43.04 -3.88
CA ALA A 142 -52.18 -42.43 -3.09
C ALA A 142 -53.50 -43.16 -3.30
N ALA A 143 -53.80 -43.61 -4.52
CA ALA A 143 -55.02 -44.35 -4.80
C ALA A 143 -55.04 -45.65 -4.02
N MET A 144 -53.92 -46.36 -3.96
CA MET A 144 -53.84 -47.51 -3.06
C MET A 144 -54.03 -47.12 -1.60
N VAL A 145 -53.49 -45.99 -1.12
CA VAL A 145 -53.79 -45.48 0.24
C VAL A 145 -55.28 -45.14 0.39
N ALA A 146 -55.92 -44.66 -0.66
CA ALA A 146 -57.35 -44.48 -0.65
C ALA A 146 -58.02 -45.85 -0.54
N HIS A 147 -57.60 -46.83 -1.32
CA HIS A 147 -58.15 -48.18 -1.21
C HIS A 147 -57.92 -48.79 0.18
N ILE A 148 -56.78 -48.54 0.82
CA ILE A 148 -56.54 -48.97 2.21
C ILE A 148 -57.54 -48.27 3.11
N ALA A 149 -57.70 -46.96 2.94
CA ALA A 149 -58.69 -46.23 3.68
C ALA A 149 -60.08 -46.80 3.39
N GLU A 150 -60.34 -47.29 2.17
CA GLU A 150 -61.63 -47.87 1.83
C GLU A 150 -61.84 -49.18 2.57
N LEU A 151 -60.82 -50.02 2.70
CA LEU A 151 -60.99 -51.19 3.56
C LEU A 151 -61.25 -50.74 4.99
N VAL A 152 -60.60 -49.66 5.45
CA VAL A 152 -60.98 -48.99 6.69
C VAL A 152 -62.46 -48.58 6.69
N VAL A 153 -63.00 -48.08 5.58
CA VAL A 153 -64.43 -47.74 5.49
C VAL A 153 -65.28 -48.98 5.61
N ARG A 154 -64.93 -50.06 4.92
CA ARG A 154 -65.68 -51.31 5.02
C ARG A 154 -65.69 -51.81 6.45
N LEU A 155 -64.53 -51.81 7.10
CA LEU A 155 -64.41 -52.10 8.52
C LEU A 155 -65.31 -51.15 9.33
N ALA A 156 -65.26 -49.85 9.08
CA ALA A 156 -66.05 -48.88 9.83
C ALA A 156 -67.56 -49.12 9.67
N LEU A 157 -68.02 -49.51 8.48
CA LEU A 157 -69.42 -49.88 8.24
C LEU A 157 -69.78 -51.20 8.92
N MET A 158 -68.88 -52.18 8.96
CA MET A 158 -69.11 -53.41 9.74
C MET A 158 -69.12 -53.14 11.24
N ALA A 159 -68.31 -52.20 11.72
CA ALA A 159 -68.18 -51.89 13.14
C ALA A 159 -69.51 -51.48 13.79
N GLU A 160 -70.46 -50.94 13.02
CA GLU A 160 -71.82 -50.63 13.48
C GLU A 160 -72.55 -51.85 14.09
N ARG A 161 -72.23 -53.07 13.66
CA ARG A 161 -72.78 -54.33 14.21
C ARG A 161 -72.27 -54.61 15.63
N THR A 162 -71.09 -54.09 15.98
CA THR A 162 -70.25 -54.67 17.04
C THR A 162 -70.39 -54.02 18.41
N HIS A 163 -70.41 -52.69 18.50
CA HIS A 163 -70.33 -51.94 19.77
C HIS A 163 -71.16 -50.64 19.72
N PRO A 164 -71.63 -50.12 20.86
CA PRO A 164 -72.35 -48.85 20.97
C PRO A 164 -71.40 -47.61 20.91
N GLY A 165 -70.38 -47.64 20.04
CA GLY A 165 -69.41 -46.55 19.88
C GLY A 165 -68.44 -46.38 21.06
N SER A 166 -67.99 -47.49 21.67
CA SER A 166 -67.05 -47.51 22.79
C SER A 166 -65.63 -47.07 22.41
N GLU A 167 -64.79 -46.78 23.43
CA GLU A 167 -63.47 -46.16 23.26
C GLU A 167 -62.53 -46.90 22.31
N ILE A 168 -62.51 -48.24 22.36
CA ILE A 168 -61.66 -49.07 21.47
C ILE A 168 -62.04 -48.94 19.98
N VAL A 169 -63.27 -48.53 19.67
CA VAL A 169 -63.67 -48.12 18.31
C VAL A 169 -63.31 -46.65 18.07
N LYS A 170 -63.58 -45.77 19.03
CA LYS A 170 -63.27 -44.34 18.91
C LYS A 170 -61.81 -44.08 18.59
N LYS A 171 -60.88 -44.82 19.20
CA LYS A 171 -59.44 -44.70 18.91
C LYS A 171 -59.16 -44.93 17.41
N ALA A 172 -59.74 -45.97 16.83
CA ALA A 172 -59.62 -46.22 15.40
C ALA A 172 -60.27 -45.09 14.59
N VAL A 173 -61.49 -44.67 14.91
CA VAL A 173 -62.19 -43.60 14.20
C VAL A 173 -61.36 -42.33 14.16
N LYS A 174 -60.86 -41.86 15.30
CA LYS A 174 -60.01 -40.66 15.30
C LYS A 174 -58.72 -40.92 14.52
N LEU A 175 -58.05 -42.06 14.69
CA LEU A 175 -56.82 -42.35 13.96
C LEU A 175 -57.04 -42.29 12.44
N VAL A 176 -58.09 -42.91 11.93
CA VAL A 176 -58.37 -42.82 10.50
C VAL A 176 -58.80 -41.41 10.13
N GLN A 177 -59.44 -40.67 11.03
CA GLN A 177 -59.70 -39.27 10.78
C GLN A 177 -58.39 -38.49 10.69
N GLU A 178 -57.39 -38.78 11.53
CA GLU A 178 -56.08 -38.16 11.42
C GLU A 178 -55.42 -38.54 10.08
N VAL A 179 -55.58 -39.79 9.65
CA VAL A 179 -55.16 -40.16 8.30
C VAL A 179 -55.87 -39.29 7.28
N ALA A 180 -57.15 -39.02 7.42
CA ALA A 180 -57.85 -38.14 6.50
C ALA A 180 -57.25 -36.73 6.57
N GLU A 181 -57.08 -36.16 7.77
CA GLU A 181 -56.48 -34.84 7.94
C GLU A 181 -55.10 -34.78 7.26
N GLU A 182 -54.26 -35.80 7.45
CA GLU A 182 -52.92 -35.83 6.89
C GLU A 182 -52.92 -36.07 5.38
N VAL A 183 -53.81 -36.91 4.87
CA VAL A 183 -53.97 -37.12 3.42
C VAL A 183 -54.55 -35.86 2.79
N LEU A 184 -55.48 -35.18 3.44
CA LEU A 184 -55.98 -33.92 2.96
C LEU A 184 -54.87 -32.88 2.95
N GLU A 185 -53.99 -32.86 3.95
CA GLU A 185 -52.77 -32.06 3.89
C GLU A 185 -51.89 -32.47 2.70
N ALA A 186 -51.73 -33.76 2.45
CA ALA A 186 -50.98 -34.21 1.29
C ALA A 186 -51.66 -33.80 -0.02
N ALA A 187 -52.99 -33.75 -0.06
CA ALA A 187 -53.74 -33.33 -1.22
C ALA A 187 -53.50 -31.84 -1.49
N GLN A 188 -53.61 -31.00 -0.46
CA GLN A 188 -53.25 -29.59 -0.59
C GLN A 188 -51.80 -29.47 -1.03
N LEU A 189 -50.89 -30.15 -0.34
CA LEU A 189 -49.46 -30.07 -0.61
C LEU A 189 -49.16 -30.39 -2.07
N MET A 190 -49.73 -31.45 -2.63
CA MET A 190 -49.49 -31.78 -4.04
C MET A 190 -50.07 -30.71 -4.95
N LEU A 191 -51.27 -30.22 -4.68
CA LEU A 191 -51.88 -29.21 -5.55
C LEU A 191 -51.15 -27.85 -5.48
N GLU A 192 -50.59 -27.50 -4.32
CA GLU A 192 -49.88 -26.25 -4.05
C GLU A 192 -48.36 -26.32 -4.36
N LYS A 193 -47.79 -27.53 -4.28
CA LYS A 193 -46.36 -27.85 -4.45
C LYS A 193 -46.20 -29.16 -5.25
N PRO A 194 -46.70 -29.22 -6.50
CA PRO A 194 -46.77 -30.47 -7.28
C PRO A 194 -45.40 -31.04 -7.62
N ASN A 195 -45.36 -32.36 -7.77
CA ASN A 195 -44.16 -33.16 -8.08
C ASN A 195 -42.99 -33.00 -7.09
N SER A 196 -43.25 -32.44 -5.90
CA SER A 196 -42.32 -32.53 -4.77
C SER A 196 -42.32 -33.94 -4.17
N ASP A 197 -41.14 -34.48 -3.87
CA ASP A 197 -40.98 -35.77 -3.21
C ASP A 197 -41.56 -35.76 -1.78
N GLU A 198 -41.71 -34.57 -1.19
CA GLU A 198 -42.33 -34.38 0.12
C GLU A 198 -43.74 -34.99 0.19
N VAL A 199 -44.49 -34.95 -0.92
CA VAL A 199 -45.80 -35.63 -1.00
C VAL A 199 -45.62 -37.13 -0.79
N ALA A 200 -44.68 -37.77 -1.50
CA ALA A 200 -44.42 -39.19 -1.33
C ALA A 200 -43.94 -39.52 0.09
N LYS A 201 -43.08 -38.67 0.67
CA LYS A 201 -42.67 -38.81 2.07
C LYS A 201 -43.88 -38.76 2.99
N LYS A 202 -44.81 -37.81 2.79
CA LYS A 202 -46.04 -37.77 3.58
C LYS A 202 -46.87 -39.04 3.40
N LEU A 203 -47.09 -39.48 2.17
CA LEU A 203 -47.86 -40.70 1.92
C LEU A 203 -47.21 -41.91 2.59
N GLU A 204 -45.89 -42.06 2.49
CA GLU A 204 -45.15 -43.11 3.17
C GLU A 204 -45.35 -43.03 4.69
N GLU A 205 -45.35 -41.83 5.26
CA GLU A 205 -45.60 -41.60 6.68
C GLU A 205 -47.06 -41.91 7.08
N VAL A 206 -48.02 -41.66 6.20
CA VAL A 206 -49.41 -42.05 6.40
C VAL A 206 -49.55 -43.55 6.39
N ALA A 207 -48.95 -44.18 5.40
CA ALA A 207 -49.34 -45.52 5.00
C ALA A 207 -49.21 -46.50 6.14
N LYS A 208 -48.08 -46.44 6.86
CA LYS A 208 -47.84 -47.32 8.01
C LYS A 208 -48.98 -47.22 9.02
N LYS A 209 -49.38 -46.01 9.40
CA LYS A 209 -50.49 -45.82 10.35
C LYS A 209 -51.78 -46.38 9.77
N ALA A 210 -52.01 -46.22 8.48
CA ALA A 210 -53.20 -46.80 7.87
C ALA A 210 -53.19 -48.32 8.03
N ILE A 211 -52.09 -48.98 7.65
CA ILE A 211 -51.99 -50.44 7.77
C ILE A 211 -52.16 -50.89 9.21
N GLU A 212 -51.53 -50.19 10.15
CA GLU A 212 -51.69 -50.46 11.57
C GLU A 212 -53.14 -50.31 12.04
N ALA A 213 -53.84 -49.27 11.60
CA ALA A 213 -55.26 -49.13 11.94
C ALA A 213 -56.05 -50.33 11.41
N CYS A 214 -55.70 -50.83 10.23
CA CYS A 214 -56.37 -51.98 9.66
C CYS A 214 -56.09 -53.22 10.51
N ILE A 215 -54.86 -53.41 10.95
CA ILE A 215 -54.51 -54.48 11.88
C ILE A 215 -55.37 -54.36 13.14
N GLU A 216 -55.44 -53.17 13.74
CA GLU A 216 -56.23 -52.93 14.94
C GLU A 216 -57.73 -53.19 14.73
N LEU A 217 -58.30 -52.72 13.63
CA LEU A 217 -59.70 -52.96 13.33
C LEU A 217 -59.98 -54.45 13.08
N GLN A 218 -59.08 -55.17 12.41
CA GLN A 218 -59.28 -56.58 12.16
C GLN A 218 -59.10 -57.41 13.44
N GLN A 219 -58.15 -57.04 14.29
CA GLN A 219 -57.98 -57.61 15.63
C GLN A 219 -59.24 -57.40 16.48
N ILE A 220 -59.87 -56.22 16.41
CA ILE A 220 -61.16 -55.97 17.03
C ILE A 220 -62.23 -56.89 16.45
N LEU A 221 -62.30 -57.09 15.14
CA LEU A 221 -63.28 -58.00 14.57
C LEU A 221 -63.04 -59.46 14.97
N GLU A 222 -61.81 -59.95 14.99
CA GLU A 222 -61.53 -61.31 15.50
C GLU A 222 -61.97 -61.45 16.96
N ALA A 223 -61.58 -60.52 17.83
CA ALA A 223 -61.94 -60.53 19.24
C ALA A 223 -63.45 -60.39 19.46
N TRP A 224 -64.15 -59.66 18.59
CA TRP A 224 -65.60 -59.53 18.64
C TRP A 224 -66.32 -60.77 18.12
N ALA A 225 -65.87 -61.34 17.00
CA ALA A 225 -66.53 -62.43 16.29
C ALA A 225 -66.31 -63.82 16.91
N LYS A 226 -65.14 -64.08 17.51
CA LYS A 226 -64.80 -65.40 18.10
C LYS A 226 -65.78 -65.86 19.19
N GLU A 227 -66.42 -64.92 19.88
CA GLU A 227 -67.43 -65.21 20.89
C GLU A 227 -68.83 -65.51 20.31
N ARG A 228 -69.06 -65.19 19.03
CA ARG A 228 -70.38 -65.31 18.36
C ARG A 228 -70.59 -66.65 17.65
N GLY A 229 -69.51 -67.39 17.37
CA GLY A 229 -69.52 -68.57 16.50
C GLY A 229 -69.70 -68.26 15.01
N ASP A 230 -69.57 -67.00 14.61
CA ASP A 230 -69.81 -66.51 13.24
C ASP A 230 -68.63 -66.85 12.30
N GLN A 231 -68.53 -68.14 11.94
CA GLN A 231 -67.40 -68.68 11.18
C GLN A 231 -67.21 -67.99 9.83
N ASP A 232 -68.28 -67.60 9.15
CA ASP A 232 -68.22 -66.89 7.87
C ASP A 232 -67.67 -65.46 8.01
N LEU A 233 -68.05 -64.70 9.04
CA LEU A 233 -67.37 -63.43 9.32
C LEU A 233 -65.88 -63.68 9.59
N LEU A 234 -65.53 -64.69 10.39
CA LEU A 234 -64.13 -65.01 10.69
C LEU A 234 -63.35 -65.36 9.41
N ARG A 235 -63.95 -66.10 8.48
CA ARG A 235 -63.37 -66.28 7.14
C ARG A 235 -63.24 -64.95 6.42
N GLU A 236 -64.26 -64.10 6.43
CA GLU A 236 -64.19 -62.81 5.74
C GLU A 236 -63.10 -61.90 6.32
N VAL A 237 -62.90 -61.90 7.64
CA VAL A 237 -61.82 -61.16 8.29
C VAL A 237 -60.46 -61.70 7.84
N ARG A 238 -60.31 -63.02 7.81
CA ARG A 238 -59.12 -63.66 7.26
C ARG A 238 -58.85 -63.20 5.83
N GLU A 239 -59.86 -63.24 4.97
CA GLU A 239 -59.73 -62.81 3.58
C GLU A 239 -59.41 -61.31 3.46
N HIS A 240 -60.05 -60.47 4.27
CA HIS A 240 -59.73 -59.06 4.29
C HIS A 240 -58.28 -58.81 4.69
N LYS A 241 -57.67 -59.63 5.55
CA LYS A 241 -56.23 -59.49 5.79
C LYS A 241 -55.47 -59.66 4.48
N LEU A 242 -55.80 -60.69 3.72
CA LEU A 242 -55.13 -60.95 2.44
C LEU A 242 -55.36 -59.75 1.51
N GLN A 243 -56.56 -59.22 1.48
CA GLN A 243 -56.84 -58.04 0.68
C GLN A 243 -55.97 -56.88 1.13
N ILE A 244 -55.89 -56.63 2.44
CA ILE A 244 -55.04 -55.60 3.02
C ILE A 244 -53.62 -55.79 2.55
N LEU A 245 -53.08 -57.00 2.66
CA LEU A 245 -51.71 -57.23 2.22
C LEU A 245 -51.58 -56.93 0.72
N THR A 246 -52.58 -57.35 -0.06
CA THR A 246 -52.56 -57.16 -1.51
C THR A 246 -52.47 -55.68 -1.86
N ILE A 247 -53.34 -54.86 -1.29
CA ILE A 247 -53.29 -53.44 -1.58
C ILE A 247 -52.07 -52.80 -0.93
N ALA A 248 -51.61 -53.32 0.21
CA ALA A 248 -50.41 -52.83 0.84
C ALA A 248 -49.23 -53.03 -0.09
N VAL A 249 -48.98 -54.23 -0.59
CA VAL A 249 -47.84 -54.42 -1.47
C VAL A 249 -48.03 -53.62 -2.74
N ALA A 250 -49.26 -53.42 -3.22
CA ALA A 250 -49.48 -52.52 -4.33
C ALA A 250 -49.03 -51.09 -3.98
N TYR A 251 -49.35 -50.61 -2.77
CA TYR A 251 -48.87 -49.33 -2.25
C TYR A 251 -47.35 -49.26 -2.34
N LYS A 252 -46.67 -50.26 -1.78
CA LYS A 252 -45.21 -50.24 -1.78
C LYS A 252 -44.66 -50.31 -3.20
N ALA A 253 -45.30 -51.09 -4.06
CA ALA A 253 -44.86 -51.27 -5.44
C ALA A 253 -44.94 -50.00 -6.26
N ALA A 254 -45.84 -49.07 -5.92
CA ALA A 254 -45.95 -47.82 -6.65
C ALA A 254 -44.73 -46.90 -6.44
N GLN A 255 -43.94 -47.06 -5.38
CA GLN A 255 -42.66 -46.37 -5.27
C GLN A 255 -41.66 -46.88 -6.31
N MET A 256 -41.69 -48.19 -6.55
CA MET A 256 -40.80 -48.91 -7.45
C MET A 256 -41.25 -48.82 -8.93
N GLY A 257 -42.54 -48.55 -9.15
CA GLY A 257 -43.15 -48.49 -10.49
C GLY A 257 -43.33 -49.85 -11.16
N VAL A 258 -43.12 -50.93 -10.43
CA VAL A 258 -43.10 -52.30 -10.96
C VAL A 258 -44.47 -52.78 -11.37
N THR A 259 -44.52 -53.69 -12.35
CA THR A 259 -45.75 -54.38 -12.72
C THR A 259 -46.09 -55.39 -11.62
N VAL A 260 -47.27 -55.26 -11.00
CA VAL A 260 -47.78 -56.22 -10.02
C VAL A 260 -49.05 -56.86 -10.53
N LEU A 261 -49.04 -58.18 -10.66
CA LEU A 261 -50.17 -59.00 -11.08
C LEU A 261 -50.66 -59.79 -9.88
N LYS A 262 -51.97 -59.95 -9.69
CA LYS A 262 -52.52 -60.34 -8.39
C LYS A 262 -53.94 -60.85 -8.46
N HIS A 263 -54.21 -61.95 -7.75
CA HIS A 263 -55.48 -62.67 -7.78
C HIS A 263 -55.84 -63.21 -6.39
N THR A 264 -57.14 -63.32 -6.08
CA THR A 264 -57.64 -63.73 -4.76
C THR A 264 -58.70 -64.82 -4.88
N HIS A 265 -58.60 -65.86 -4.07
CA HIS A 265 -59.47 -67.03 -4.11
C HIS A 265 -59.78 -67.54 -2.70
N GLY A 266 -60.62 -66.81 -1.97
CA GLY A 266 -61.23 -67.25 -0.71
C GLY A 266 -60.30 -67.21 0.51
N TRP A 267 -59.21 -67.99 0.46
CA TRP A 267 -58.17 -68.08 1.49
C TRP A 267 -56.75 -68.30 0.94
N VAL A 268 -56.57 -68.24 -0.38
CA VAL A 268 -55.26 -68.12 -1.04
C VAL A 268 -55.23 -66.93 -2.00
N VAL A 269 -54.06 -66.31 -2.12
CA VAL A 269 -53.76 -65.21 -3.02
C VAL A 269 -52.49 -65.53 -3.76
N PHE A 270 -52.42 -65.17 -5.03
CA PHE A 270 -51.18 -65.23 -5.81
C PHE A 270 -50.84 -63.82 -6.28
N LEU A 271 -49.58 -63.42 -6.18
CA LEU A 271 -49.14 -62.05 -6.37
C LEU A 271 -47.70 -61.98 -6.88
N VAL A 272 -47.50 -61.33 -8.03
CA VAL A 272 -46.25 -61.44 -8.80
C VAL A 272 -45.78 -60.08 -9.27
N ILE A 273 -44.49 -59.83 -9.11
CA ILE A 273 -43.82 -58.57 -9.37
C ILE A 273 -42.85 -58.79 -10.51
N LEU A 274 -42.93 -57.91 -11.51
CA LEU A 274 -42.04 -57.92 -12.66
C LEU A 274 -41.28 -56.59 -12.78
N GLY A 275 -40.01 -56.68 -13.19
CA GLY A 275 -39.16 -55.56 -13.55
C GLY A 275 -38.34 -54.92 -12.42
N LEU A 276 -38.17 -55.59 -11.27
CA LEU A 276 -37.59 -54.99 -10.05
C LEU A 276 -36.05 -55.08 -9.93
N HIS A 277 -35.49 -54.26 -9.04
CA HIS A 277 -34.05 -54.08 -8.81
C HIS A 277 -33.66 -54.35 -7.34
N LYS A 278 -32.41 -54.73 -7.05
CA LYS A 278 -32.00 -55.32 -5.75
C LYS A 278 -32.51 -54.57 -4.53
N GLN A 279 -32.26 -53.27 -4.43
CA GLN A 279 -32.68 -52.49 -3.26
C GLN A 279 -34.21 -52.46 -3.11
N GLN A 280 -34.94 -52.50 -4.22
CA GLN A 280 -36.39 -52.63 -4.20
C GLN A 280 -36.76 -54.01 -3.68
N ALA A 281 -36.14 -55.07 -4.20
CA ALA A 281 -36.42 -56.44 -3.80
C ALA A 281 -36.18 -56.62 -2.31
N GLU A 282 -35.09 -56.07 -1.80
CA GLU A 282 -34.80 -56.03 -0.37
C GLU A 282 -35.96 -55.42 0.41
N GLN A 283 -36.31 -54.18 0.12
CA GLN A 283 -37.34 -53.53 0.91
C GLN A 283 -38.71 -54.17 0.70
N LEU A 284 -38.98 -54.76 -0.47
CA LEU A 284 -40.21 -55.49 -0.74
C LEU A 284 -40.29 -56.74 0.13
N LEU A 285 -39.21 -57.51 0.17
CA LEU A 285 -39.13 -58.69 1.01
C LEU A 285 -39.27 -58.28 2.47
N ARG A 286 -38.52 -57.26 2.92
CA ARG A 286 -38.63 -56.70 4.27
C ARG A 286 -40.07 -56.33 4.58
N PHE A 287 -40.69 -55.55 3.71
CA PHE A 287 -42.02 -55.01 3.97
C PHE A 287 -43.04 -56.15 4.05
N VAL A 288 -43.01 -57.10 3.12
CA VAL A 288 -44.02 -58.16 3.13
C VAL A 288 -43.85 -59.02 4.37
N HIS A 289 -42.62 -59.35 4.78
CA HIS A 289 -42.41 -60.09 6.04
C HIS A 289 -42.90 -59.30 7.22
N ARG A 290 -42.63 -57.99 7.28
CA ARG A 290 -43.11 -57.12 8.36
C ARG A 290 -44.63 -57.07 8.40
N VAL A 291 -45.29 -56.84 7.28
CA VAL A 291 -46.75 -56.71 7.28
C VAL A 291 -47.40 -58.06 7.53
N ALA A 292 -46.98 -59.10 6.82
CA ALA A 292 -47.57 -60.42 7.00
C ALA A 292 -47.43 -60.91 8.44
N HIS A 293 -46.26 -60.70 9.06
CA HIS A 293 -46.04 -61.03 10.47
C HIS A 293 -47.03 -60.30 11.37
N ALA A 294 -47.19 -58.98 11.18
CA ALA A 294 -48.12 -58.22 11.97
C ALA A 294 -49.56 -58.72 11.79
N LEU A 295 -49.92 -59.15 10.57
CA LEU A 295 -51.23 -59.74 10.29
C LEU A 295 -51.39 -61.17 10.83
N GLY A 296 -50.30 -61.88 11.13
CA GLY A 296 -50.33 -63.32 11.39
C GLY A 296 -50.52 -64.20 10.12
N VAL A 297 -50.29 -63.61 8.95
CA VAL A 297 -50.46 -64.20 7.61
C VAL A 297 -49.27 -65.08 7.22
N THR A 298 -49.42 -65.99 6.24
CA THR A 298 -48.32 -66.84 5.74
C THR A 298 -48.02 -66.63 4.26
N LEU A 299 -46.75 -66.83 3.87
CA LEU A 299 -46.19 -66.52 2.56
C LEU A 299 -45.34 -67.66 1.99
N SER A 300 -45.45 -67.89 0.70
CA SER A 300 -44.35 -68.43 -0.09
C SER A 300 -43.84 -67.32 -0.98
N ILE A 301 -42.53 -67.07 -0.99
CA ILE A 301 -41.92 -65.99 -1.78
C ILE A 301 -40.68 -66.48 -2.50
N THR A 302 -40.54 -66.11 -3.77
CA THR A 302 -39.44 -66.56 -4.62
C THR A 302 -38.83 -65.38 -5.32
N PHE A 303 -37.52 -65.37 -5.43
CA PHE A 303 -36.73 -64.30 -6.01
C PHE A 303 -35.83 -64.87 -7.11
N SER A 304 -35.74 -64.15 -8.23
CA SER A 304 -34.90 -64.51 -9.36
C SER A 304 -34.84 -63.35 -10.38
N GLY A 305 -33.64 -62.90 -10.75
CA GLY A 305 -33.47 -61.91 -11.83
C GLY A 305 -34.25 -60.61 -11.58
N ASP A 306 -35.07 -60.21 -12.55
CA ASP A 306 -35.99 -59.07 -12.46
C ASP A 306 -37.42 -59.48 -12.05
N ILE A 307 -37.58 -60.56 -11.31
CA ILE A 307 -38.88 -61.12 -10.90
C ILE A 307 -38.91 -61.43 -9.40
N VAL A 308 -40.03 -61.10 -8.73
CA VAL A 308 -40.39 -61.67 -7.41
C VAL A 308 -41.79 -62.24 -7.46
N VAL A 309 -41.95 -63.45 -6.97
CA VAL A 309 -43.17 -64.25 -7.10
C VAL A 309 -43.64 -64.57 -5.71
N ILE A 310 -44.92 -64.35 -5.42
CA ILE A 310 -45.44 -64.39 -4.08
C ILE A 310 -46.80 -65.10 -4.07
N ALA A 311 -47.04 -65.89 -3.03
CA ALA A 311 -48.34 -66.47 -2.70
C ALA A 311 -48.57 -66.37 -1.20
N VAL A 312 -49.84 -66.19 -0.82
CA VAL A 312 -50.23 -65.75 0.52
C VAL A 312 -51.42 -66.59 1.01
N THR A 313 -51.43 -67.04 2.26
CA THR A 313 -52.56 -67.83 2.80
C THR A 313 -52.62 -67.85 4.33
N VAL A 314 -53.77 -68.23 4.91
CA VAL A 314 -54.01 -68.50 6.33
C VAL A 314 -55.03 -69.61 6.47
N GLY A 315 -54.92 -70.42 7.53
CA GLY A 315 -55.87 -71.51 7.82
C GLY A 315 -55.70 -72.76 6.93
N ALA A 316 -54.65 -72.81 6.11
CA ALA A 316 -54.35 -73.92 5.20
C ALA A 316 -53.98 -75.21 5.97
N SER A 317 -54.51 -76.34 5.50
CA SER A 317 -54.02 -77.67 5.88
C SER A 317 -52.62 -77.91 5.31
N GLU A 318 -51.85 -78.82 5.91
CA GLU A 318 -50.48 -79.14 5.48
C GLU A 318 -50.40 -79.62 4.01
N GLU A 319 -51.47 -80.22 3.49
CA GLU A 319 -51.56 -80.57 2.07
C GLU A 319 -51.75 -79.32 1.20
N GLU A 320 -52.64 -78.42 1.59
CA GLU A 320 -52.83 -77.15 0.88
C GLU A 320 -51.53 -76.36 0.85
N LYS A 321 -50.84 -76.26 1.99
CA LYS A 321 -49.59 -75.50 2.07
C LYS A 321 -48.62 -75.98 1.01
N LYS A 322 -48.34 -77.28 0.96
CA LYS A 322 -47.40 -77.81 -0.03
C LYS A 322 -47.91 -77.67 -1.46
N GLU A 323 -49.22 -77.80 -1.68
CA GLU A 323 -49.79 -77.57 -3.00
C GLU A 323 -49.56 -76.14 -3.46
N VAL A 324 -49.84 -75.15 -2.60
CA VAL A 324 -49.59 -73.75 -2.93
C VAL A 324 -48.12 -73.55 -3.25
N ARG A 325 -47.21 -74.09 -2.42
CA ARG A 325 -45.75 -74.03 -2.64
C ARG A 325 -45.42 -74.51 -4.06
N LYS A 326 -45.90 -75.70 -4.42
CA LYS A 326 -45.66 -76.31 -5.73
C LYS A 326 -46.15 -75.38 -6.83
N ILE A 327 -47.41 -74.97 -6.73
CA ILE A 327 -48.05 -74.14 -7.74
C ILE A 327 -47.21 -72.91 -8.00
N VAL A 328 -46.88 -72.14 -6.97
CA VAL A 328 -46.23 -70.85 -7.19
C VAL A 328 -44.80 -71.02 -7.68
N LYS A 329 -44.03 -71.99 -7.19
CA LYS A 329 -42.65 -72.15 -7.69
C LYS A 329 -42.65 -72.68 -9.11
N GLU A 330 -43.65 -73.46 -9.50
CA GLU A 330 -43.85 -73.79 -10.91
C GLU A 330 -44.21 -72.56 -11.74
N ILE A 331 -45.08 -71.70 -11.23
CA ILE A 331 -45.39 -70.43 -11.90
C ILE A 331 -44.10 -69.64 -12.09
N ALA A 332 -43.27 -69.53 -11.04
CA ALA A 332 -41.99 -68.83 -11.11
C ALA A 332 -41.08 -69.40 -12.20
N LYS A 333 -40.99 -70.73 -12.33
CA LYS A 333 -40.21 -71.39 -13.39
C LYS A 333 -40.68 -70.92 -14.77
N GLN A 334 -41.98 -70.85 -15.00
CA GLN A 334 -42.50 -70.36 -16.28
C GLN A 334 -42.22 -68.86 -16.45
N LEU A 335 -42.42 -68.06 -15.39
CA LEU A 335 -42.18 -66.61 -15.42
C LEU A 335 -40.72 -66.27 -15.74
N ARG A 336 -39.76 -67.02 -15.21
CA ARG A 336 -38.32 -66.84 -15.49
C ARG A 336 -37.96 -66.95 -16.97
N HIS A 337 -38.83 -67.52 -17.79
CA HIS A 337 -38.60 -67.75 -19.22
C HIS A 337 -39.64 -67.06 -20.10
N ALA A 338 -40.49 -66.19 -19.53
CA ALA A 338 -41.40 -65.35 -20.29
C ALA A 338 -40.63 -64.35 -21.17
N GLU A 339 -41.02 -64.19 -22.43
CA GLU A 339 -40.40 -63.19 -23.32
C GLU A 339 -40.83 -61.76 -22.99
N THR A 340 -42.02 -61.58 -22.42
CA THR A 340 -42.64 -60.27 -22.16
C THR A 340 -43.76 -60.35 -21.11
N GLU A 341 -44.16 -59.20 -20.56
CA GLU A 341 -45.32 -59.06 -19.68
C GLU A 341 -46.60 -59.66 -20.28
N GLU A 342 -46.80 -59.59 -21.60
CA GLU A 342 -47.97 -60.19 -22.24
C GLU A 342 -48.05 -61.71 -22.01
N GLU A 343 -46.91 -62.39 -21.89
CA GLU A 343 -46.88 -63.80 -21.49
C GLU A 343 -47.03 -63.92 -19.98
N ALA A 344 -46.37 -63.07 -19.19
CA ALA A 344 -46.48 -63.10 -17.73
C ALA A 344 -47.95 -62.98 -17.28
N LYS A 345 -48.71 -62.09 -17.93
CA LYS A 345 -50.16 -61.90 -17.76
C LYS A 345 -50.95 -63.19 -17.93
N GLU A 346 -50.51 -64.07 -18.82
CA GLU A 346 -51.12 -65.38 -18.96
C GLU A 346 -50.59 -66.33 -17.89
N ILE A 347 -49.26 -66.43 -17.75
CA ILE A 347 -48.55 -67.40 -16.93
C ILE A 347 -49.04 -67.39 -15.47
N VAL A 348 -49.12 -66.22 -14.82
CA VAL A 348 -49.47 -66.13 -13.39
C VAL A 348 -50.93 -66.49 -13.10
N GLN A 349 -51.80 -66.37 -14.11
CA GLN A 349 -53.24 -66.59 -13.99
C GLN A 349 -53.63 -68.01 -14.42
N ARG A 350 -53.11 -68.45 -15.57
CA ARG A 350 -53.55 -69.67 -16.25
C ARG A 350 -53.44 -70.92 -15.39
N VAL A 351 -52.35 -71.07 -14.64
CA VAL A 351 -52.13 -72.24 -13.78
C VAL A 351 -53.22 -72.38 -12.71
N ILE A 352 -53.72 -71.25 -12.20
CA ILE A 352 -54.77 -71.29 -11.18
C ILE A 352 -56.08 -71.71 -11.81
N GLU A 353 -56.41 -71.15 -12.98
CA GLU A 353 -57.60 -71.54 -13.72
C GLU A 353 -57.52 -73.02 -14.14
N GLU A 354 -56.33 -73.50 -14.54
CA GLU A 354 -56.10 -74.90 -14.88
C GLU A 354 -56.41 -75.81 -13.68
N TRP A 355 -55.92 -75.49 -12.48
CA TRP A 355 -56.29 -76.22 -11.27
C TRP A 355 -57.80 -76.17 -11.02
N GLN A 356 -58.42 -74.99 -11.14
CA GLN A 356 -59.85 -74.79 -10.90
C GLN A 356 -60.75 -75.52 -11.92
N GLU A 357 -60.30 -75.73 -13.15
CA GLU A 357 -61.00 -76.57 -14.14
C GLU A 357 -60.71 -78.07 -13.98
N GLU A 358 -59.52 -78.45 -13.48
CA GLU A 358 -59.16 -79.86 -13.25
C GLU A 358 -59.88 -80.48 -12.04
N GLY A 359 -60.03 -79.73 -10.94
CA GLY A 359 -60.84 -80.09 -9.76
C GLY A 359 -60.39 -81.34 -9.01
N THR B 3 -22.81 39.22 4.87
CA THR B 3 -23.16 37.85 5.32
C THR B 3 -24.55 37.79 5.94
N VAL B 4 -25.18 36.63 5.92
CA VAL B 4 -26.38 36.32 6.73
C VAL B 4 -25.96 35.74 8.08
N THR B 5 -26.74 35.87 9.15
CA THR B 5 -26.39 35.36 10.50
C THR B 5 -27.61 34.96 11.31
N PHE B 6 -27.48 33.99 12.20
CA PHE B 6 -28.53 33.51 13.10
C PHE B 6 -27.98 33.10 14.46
N ASP B 7 -28.82 33.14 15.49
CA ASP B 7 -28.50 32.73 16.87
C ASP B 7 -29.44 31.63 17.32
N ILE B 8 -28.94 30.72 18.14
CA ILE B 8 -29.76 29.81 18.93
C ILE B 8 -29.28 29.86 20.39
N THR B 9 -30.22 30.02 21.32
CA THR B 9 -29.98 30.20 22.74
C THR B 9 -31.04 29.42 23.52
N ASN B 10 -30.70 28.91 24.70
CA ASN B 10 -31.56 27.98 25.45
C ASN B 10 -31.86 26.70 24.63
N ILE B 11 -30.82 26.16 24.02
CA ILE B 11 -30.85 24.95 23.20
C ILE B 11 -31.18 23.72 24.05
N SER B 12 -31.67 22.67 23.41
CA SER B 12 -31.59 21.31 23.97
C SER B 12 -30.51 20.54 23.26
N HIS B 13 -29.53 20.04 24.00
CA HIS B 13 -28.41 19.27 23.46
C HIS B 13 -28.89 18.04 22.68
N LYS B 14 -30.02 17.46 23.06
CA LYS B 14 -30.64 16.31 22.38
C LYS B 14 -31.09 16.65 20.95
N ALA B 15 -31.47 17.90 20.69
CA ALA B 15 -31.98 18.31 19.41
C ALA B 15 -30.88 18.67 18.39
N ILE B 16 -29.65 18.95 18.83
CA ILE B 16 -28.70 19.72 18.01
C ILE B 16 -28.44 19.07 16.67
N ASP B 17 -28.32 17.75 16.58
CA ASP B 17 -27.99 17.13 15.30
C ASP B 17 -29.02 17.39 14.19
N ILE B 18 -30.30 17.57 14.54
CA ILE B 18 -31.32 17.95 13.58
C ILE B 18 -31.02 19.35 13.03
N ILE B 19 -30.53 20.25 13.87
CA ILE B 19 -30.02 21.55 13.42
C ILE B 19 -28.80 21.32 12.53
N LEU B 20 -27.79 20.67 13.11
CA LEU B 20 -26.45 20.59 12.58
C LEU B 20 -26.46 20.14 11.13
N LYS B 21 -27.26 19.12 10.80
CA LYS B 21 -27.24 18.52 9.47
C LYS B 21 -27.84 19.40 8.40
N VAL B 22 -28.73 20.33 8.72
CA VAL B 22 -29.22 21.28 7.74
C VAL B 22 -28.34 22.51 7.65
N VAL B 23 -27.88 23.04 8.78
CA VAL B 23 -27.09 24.27 8.71
C VAL B 23 -25.75 24.06 8.00
N LEU B 24 -25.09 22.91 8.15
CA LEU B 24 -24.00 22.52 7.25
C LEU B 24 -24.56 22.28 5.87
N GLY B 25 -25.60 21.46 5.81
CA GLY B 25 -26.00 20.76 4.61
C GLY B 25 -26.34 21.65 3.43
N ILE B 26 -26.90 22.84 3.66
CA ILE B 26 -27.42 23.64 2.55
C ILE B 26 -26.32 24.00 1.54
N ALA B 27 -25.15 24.41 2.01
CA ALA B 27 -24.03 24.77 1.14
C ALA B 27 -23.23 23.57 0.62
N GLU B 28 -23.51 22.37 1.13
CA GLU B 28 -22.74 21.17 0.83
C GLU B 28 -22.72 20.83 -0.67
N HIS B 29 -23.73 21.26 -1.44
CA HIS B 29 -23.80 21.07 -2.90
C HIS B 29 -22.70 21.79 -3.70
N GLU B 30 -22.09 22.83 -3.12
CA GLU B 30 -21.20 23.74 -3.85
C GLU B 30 -20.03 24.32 -3.03
N GLY B 31 -19.98 24.08 -1.71
CA GLY B 31 -18.89 24.49 -0.83
C GLY B 31 -18.96 25.93 -0.30
N THR B 32 -20.11 26.62 -0.36
CA THR B 32 -20.24 27.99 0.15
C THR B 32 -19.92 28.08 1.65
N GLU B 33 -19.16 29.10 2.07
CA GLU B 33 -18.68 29.19 3.45
C GLU B 33 -19.81 29.27 4.49
N VAL B 34 -19.78 28.36 5.46
CA VAL B 34 -20.54 28.45 6.70
C VAL B 34 -19.56 28.58 7.85
N THR B 35 -19.78 29.52 8.75
CA THR B 35 -18.97 29.70 9.97
C THR B 35 -19.85 29.58 11.19
N PHE B 36 -19.31 28.99 12.26
CA PHE B 36 -20.11 28.26 13.22
C PHE B 36 -19.41 28.27 14.57
N HIS B 37 -20.07 28.71 15.64
CA HIS B 37 -19.50 28.72 16.99
C HIS B 37 -20.48 28.15 18.01
N SER B 38 -20.02 27.38 18.99
CA SER B 38 -20.91 26.78 20.00
C SER B 38 -20.24 26.59 21.35
N GLU B 39 -21.02 26.70 22.41
CA GLU B 39 -20.46 26.90 23.75
C GLU B 39 -21.44 26.45 24.83
N ARG B 40 -21.73 25.15 24.84
CA ARG B 40 -22.48 24.46 25.92
C ARG B 40 -23.84 25.09 26.19
N GLY B 41 -24.75 24.97 25.23
CA GLY B 41 -26.12 25.47 25.32
C GLY B 41 -26.36 26.83 24.62
N GLN B 42 -25.38 27.34 23.90
CA GLN B 42 -25.54 28.43 22.95
C GLN B 42 -24.80 28.10 21.65
N LEU B 43 -25.38 28.42 20.48
CA LEU B 43 -24.85 28.08 19.16
C LEU B 43 -25.16 29.19 18.17
N GLN B 44 -24.22 29.58 17.31
CA GLN B 44 -24.39 30.67 16.34
C GLN B 44 -23.85 30.30 14.97
N ILE B 45 -24.55 30.70 13.91
CA ILE B 45 -24.18 30.39 12.53
C ILE B 45 -24.21 31.63 11.63
N GLU B 46 -23.28 31.70 10.68
CA GLU B 46 -23.15 32.81 9.73
C GLU B 46 -22.72 32.28 8.36
N VAL B 47 -23.22 32.87 7.28
CA VAL B 47 -23.19 32.26 5.93
C VAL B 47 -23.04 33.32 4.84
N LYS B 48 -22.45 32.97 3.69
CA LYS B 48 -22.34 33.86 2.52
C LYS B 48 -23.45 33.64 1.49
N ASN B 49 -24.13 34.73 1.14
CA ASN B 49 -25.18 34.84 0.11
C ASN B 49 -26.28 33.76 0.17
N LEU B 50 -26.80 33.47 1.36
CA LEU B 50 -27.87 32.49 1.56
C LEU B 50 -29.21 32.99 0.96
N HIS B 51 -29.84 32.18 0.11
CA HIS B 51 -31.09 32.53 -0.58
C HIS B 51 -32.34 32.48 0.32
N GLU B 52 -33.38 33.22 -0.07
CA GLU B 52 -34.58 33.45 0.75
C GLU B 52 -35.21 32.18 1.30
N GLU B 53 -35.61 31.25 0.44
CA GLU B 53 -36.24 30.00 0.90
C GLU B 53 -35.27 29.13 1.73
N ASP B 54 -33.96 29.29 1.55
CA ASP B 54 -32.98 28.59 2.38
C ASP B 54 -32.84 29.26 3.75
N LYS B 55 -32.94 30.60 3.81
CA LYS B 55 -33.03 31.31 5.10
C LYS B 55 -34.24 30.83 5.86
N ARG B 56 -35.37 30.65 5.17
CA ARG B 56 -36.57 30.08 5.79
C ARG B 56 -36.38 28.62 6.23
N LEU B 57 -35.58 27.82 5.52
CA LEU B 57 -35.28 26.46 5.93
C LEU B 57 -34.58 26.50 7.28
N ILE B 58 -33.49 27.26 7.39
CA ILE B 58 -32.80 27.44 8.66
C ILE B 58 -33.76 27.97 9.71
N GLU B 59 -34.52 29.03 9.41
CA GLU B 59 -35.43 29.63 10.39
C GLU B 59 -36.40 28.60 10.95
N GLN B 60 -37.00 27.81 10.09
CA GLN B 60 -37.95 26.80 10.52
C GLN B 60 -37.25 25.79 11.43
N ALA B 61 -36.08 25.30 11.03
CA ALA B 61 -35.35 24.36 11.85
C ALA B 61 -35.04 24.95 13.23
N ILE B 62 -34.58 26.20 13.30
CA ILE B 62 -34.19 26.78 14.58
C ILE B 62 -35.39 27.20 15.44
N GLU B 63 -36.60 27.24 14.91
CA GLU B 63 -37.80 27.17 15.74
C GLU B 63 -38.01 25.73 16.23
N ALA B 64 -37.95 24.76 15.33
CA ALA B 64 -38.27 23.37 15.63
C ALA B 64 -37.37 22.81 16.72
N ALA B 65 -36.07 23.04 16.62
CA ALA B 65 -35.14 22.57 17.64
C ALA B 65 -35.32 23.27 19.01
N ARG B 66 -36.04 24.40 19.07
CA ARG B 66 -36.48 25.00 20.34
C ARG B 66 -37.78 24.40 20.84
N LEU B 67 -38.65 23.92 19.95
CA LEU B 67 -39.90 23.26 20.32
C LEU B 67 -39.75 21.75 20.54
N ALA B 68 -38.69 21.14 20.02
CA ALA B 68 -38.57 19.70 19.85
C ALA B 68 -38.84 18.86 21.11
N ASP B 69 -38.52 19.36 22.30
CA ASP B 69 -38.76 18.68 23.59
C ASP B 69 -39.53 19.56 24.61
N SER B 70 -40.25 20.56 24.11
CA SER B 70 -41.25 21.30 24.91
C SER B 70 -42.39 20.38 25.37
N PRO B 71 -42.88 20.50 26.62
CA PRO B 71 -43.96 19.65 27.14
C PRO B 71 -45.37 20.06 26.70
N ASP B 72 -45.59 21.29 26.25
CA ASP B 72 -46.92 21.82 25.87
C ASP B 72 -47.45 21.16 24.56
N PRO B 73 -48.56 20.38 24.58
CA PRO B 73 -48.99 19.58 23.44
C PRO B 73 -49.15 20.35 22.13
N GLU B 74 -49.72 21.55 22.17
CA GLU B 74 -49.88 22.35 20.94
C GLU B 74 -48.52 22.72 20.33
N SER B 75 -47.52 22.96 21.18
CA SER B 75 -46.15 23.18 20.72
C SER B 75 -45.56 21.90 20.11
N VAL B 76 -45.98 20.71 20.56
CA VAL B 76 -45.60 19.46 19.90
C VAL B 76 -46.28 19.35 18.55
N ALA B 77 -47.57 19.69 18.45
CA ALA B 77 -48.26 19.68 17.18
C ALA B 77 -47.57 20.64 16.21
N ARG B 78 -47.26 21.85 16.66
CA ARG B 78 -46.47 22.81 15.90
C ARG B 78 -45.13 22.20 15.51
N ALA B 79 -44.45 21.48 16.40
CA ALA B 79 -43.16 20.88 16.11
C ALA B 79 -43.27 19.84 14.99
N VAL B 80 -44.34 19.05 14.97
CA VAL B 80 -44.59 18.16 13.84
C VAL B 80 -44.76 19.00 12.57
N GLU B 81 -45.60 20.03 12.59
CA GLU B 81 -45.84 20.87 11.42
C GLU B 81 -44.54 21.45 10.88
N LEU B 82 -43.74 22.10 11.72
CA LEU B 82 -42.44 22.62 11.32
C LEU B 82 -41.56 21.51 10.78
N LEU B 83 -41.30 20.45 11.53
CA LEU B 83 -40.36 19.41 11.08
C LEU B 83 -40.85 18.79 9.78
N THR B 84 -42.15 18.62 9.63
CA THR B 84 -42.67 18.06 8.41
C THR B 84 -42.54 19.05 7.28
N LYS B 85 -42.63 20.36 7.55
CA LYS B 85 -42.21 21.35 6.56
C LYS B 85 -40.71 21.25 6.28
N VAL B 86 -39.86 20.86 7.24
CA VAL B 86 -38.45 20.58 6.94
C VAL B 86 -38.34 19.41 5.98
N ALA B 87 -39.11 18.35 6.19
CA ALA B 87 -39.20 17.25 5.22
C ALA B 87 -39.74 17.73 3.84
N LYS B 88 -40.73 18.62 3.79
CA LYS B 88 -41.18 19.19 2.51
C LYS B 88 -40.07 19.98 1.84
N ALA B 89 -39.33 20.78 2.61
CA ALA B 89 -38.16 21.52 2.16
C ALA B 89 -36.94 20.63 1.85
N SER B 90 -36.99 19.33 2.12
CA SER B 90 -35.85 18.44 1.96
C SER B 90 -35.31 18.40 0.52
N THR B 91 -33.99 18.33 0.41
CA THR B 91 -33.27 18.08 -0.85
C THR B 91 -32.49 16.75 -0.80
N ASN B 92 -31.75 16.52 0.28
CA ASN B 92 -30.94 15.33 0.50
C ASN B 92 -31.81 14.06 0.69
N THR B 93 -31.21 12.88 0.61
CA THR B 93 -31.88 11.59 0.85
C THR B 93 -31.62 10.99 2.25
N GLU B 94 -30.41 11.10 2.81
CA GLU B 94 -30.10 10.62 4.16
C GLU B 94 -30.79 11.45 5.26
N LEU B 95 -30.81 12.77 5.13
CA LEU B 95 -31.35 13.72 6.13
C LEU B 95 -32.74 13.32 6.61
N ILE B 96 -33.62 12.95 5.68
CA ILE B 96 -35.01 12.70 6.01
C ILE B 96 -35.09 11.58 7.04
N GLN B 97 -34.20 10.59 6.96
CA GLN B 97 -34.19 9.48 7.91
C GLN B 97 -34.07 9.98 9.36
N PHE B 98 -33.17 10.95 9.56
CA PHE B 98 -32.91 11.55 10.86
C PHE B 98 -34.11 12.36 11.38
N ILE B 99 -34.91 12.94 10.49
CA ILE B 99 -36.14 13.64 10.88
C ILE B 99 -37.23 12.61 11.19
N VAL B 100 -37.39 11.57 10.38
CA VAL B 100 -38.46 10.60 10.59
C VAL B 100 -38.30 9.88 11.92
N LYS B 101 -37.08 9.49 12.28
CA LYS B 101 -36.88 8.87 13.59
C LYS B 101 -37.25 9.81 14.75
N GLU B 102 -37.18 11.13 14.55
CA GLU B 102 -37.71 12.08 15.51
C GLU B 102 -39.24 12.16 15.42
N LEU B 103 -39.81 12.12 14.23
CA LEU B 103 -41.26 12.12 14.07
C LEU B 103 -41.88 10.91 14.79
N LEU B 104 -41.26 9.72 14.74
CA LEU B 104 -41.67 8.58 15.56
C LEU B 104 -41.68 8.95 17.03
N GLU B 105 -40.58 9.48 17.54
CA GLU B 105 -40.47 9.88 18.94
C GLU B 105 -41.50 10.94 19.31
N LEU B 106 -41.95 11.79 18.38
CA LEU B 106 -43.09 12.67 18.60
C LEU B 106 -44.41 11.92 18.58
N ALA B 107 -44.59 10.97 17.65
CA ALA B 107 -45.89 10.36 17.41
C ALA B 107 -46.49 9.75 18.67
N ARG B 108 -45.71 8.97 19.42
CA ARG B 108 -46.21 8.25 20.60
C ARG B 108 -46.50 9.12 21.82
N LYS B 109 -46.09 10.39 21.83
CA LYS B 109 -46.44 11.35 22.90
C LYS B 109 -47.62 12.26 22.57
N LEU B 110 -48.16 12.20 21.35
CA LEU B 110 -49.44 12.85 21.06
C LEU B 110 -50.60 12.13 21.77
N THR B 111 -51.74 12.81 21.91
CA THR B 111 -53.01 12.26 22.44
C THR B 111 -54.25 12.88 21.79
N ASP B 112 -54.29 14.20 21.60
CA ASP B 112 -55.54 14.92 21.36
C ASP B 112 -55.92 15.00 19.86
N PRO B 113 -57.22 15.06 19.51
CA PRO B 113 -57.68 14.96 18.14
C PRO B 113 -57.09 15.98 17.17
N LYS B 114 -56.94 17.25 17.57
CA LYS B 114 -56.39 18.29 16.70
C LYS B 114 -54.92 18.00 16.37
N ASP B 115 -54.15 17.66 17.39
CA ASP B 115 -52.76 17.24 17.25
C ASP B 115 -52.68 15.98 16.37
N LEU B 116 -53.57 15.00 16.61
CA LEU B 116 -53.67 13.79 15.82
C LEU B 116 -53.91 14.15 14.35
N ALA B 117 -54.80 15.11 14.08
CA ALA B 117 -55.08 15.57 12.74
C ALA B 117 -53.84 16.17 12.11
N LYS B 118 -53.14 17.07 12.80
CA LYS B 118 -51.86 17.58 12.31
C LYS B 118 -50.92 16.43 11.98
N VAL B 119 -50.70 15.44 12.86
CA VAL B 119 -49.77 14.36 12.54
C VAL B 119 -50.26 13.52 11.37
N LEU B 120 -51.49 13.03 11.38
CA LEU B 120 -51.97 12.24 10.25
C LEU B 120 -51.85 13.03 8.94
N ASP B 121 -52.27 14.29 8.95
CA ASP B 121 -52.27 15.12 7.76
C ASP B 121 -50.83 15.34 7.30
N SER B 122 -49.95 15.73 8.21
CA SER B 122 -48.58 16.00 7.87
C SER B 122 -47.83 14.72 7.47
N ILE B 123 -48.14 13.55 8.03
CA ILE B 123 -47.50 12.34 7.53
C ILE B 123 -48.07 11.98 6.17
N SER B 124 -49.33 12.31 5.88
CA SER B 124 -49.84 12.17 4.52
C SER B 124 -49.02 13.04 3.58
N GLU B 125 -48.75 14.28 3.98
CA GLU B 125 -47.85 15.13 3.23
C GLU B 125 -46.48 14.47 3.09
N LEU B 126 -45.88 13.98 4.18
CA LEU B 126 -44.56 13.35 4.16
C LEU B 126 -44.53 12.21 3.15
N LEU B 127 -45.59 11.41 3.10
CA LEU B 127 -45.68 10.32 2.16
C LEU B 127 -45.86 10.83 0.73
N THR B 128 -46.62 11.90 0.50
CA THR B 128 -46.75 12.46 -0.84
C THR B 128 -45.42 13.04 -1.32
N GLU B 129 -44.70 13.74 -0.46
CA GLU B 129 -43.35 14.17 -0.75
C GLU B 129 -42.44 12.97 -1.01
N LEU B 130 -42.58 11.91 -0.22
CA LEU B 130 -41.77 10.72 -0.36
C LEU B 130 -42.06 9.99 -1.68
N ALA B 131 -43.28 10.05 -2.20
CA ALA B 131 -43.60 9.56 -3.53
C ALA B 131 -42.88 10.34 -4.62
N LEU B 132 -42.76 11.66 -4.48
CA LEU B 132 -42.00 12.48 -5.43
C LEU B 132 -40.49 12.22 -5.34
N LYS B 133 -39.96 11.98 -4.13
CA LYS B 133 -38.55 11.61 -3.90
C LYS B 133 -38.21 10.21 -4.44
N THR B 134 -39.08 9.22 -4.25
CA THR B 134 -38.84 7.81 -4.63
C THR B 134 -39.28 7.46 -6.05
N GLY B 135 -40.32 8.11 -6.57
CA GLY B 135 -40.90 7.83 -7.90
C GLY B 135 -41.74 6.53 -7.98
N ASP B 136 -42.02 5.85 -6.86
CA ASP B 136 -42.69 4.53 -6.87
C ASP B 136 -44.17 4.60 -6.45
N PRO B 137 -45.12 4.02 -7.23
CA PRO B 137 -46.54 4.02 -6.91
C PRO B 137 -46.93 3.44 -5.54
N THR B 138 -46.12 2.60 -4.92
CA THR B 138 -46.39 2.15 -3.54
C THR B 138 -46.31 3.30 -2.52
N ALA B 139 -45.53 4.35 -2.78
CA ALA B 139 -45.61 5.57 -1.98
C ALA B 139 -46.93 6.33 -2.24
N ALA B 140 -47.49 6.25 -3.46
CA ALA B 140 -48.84 6.76 -3.71
C ALA B 140 -49.89 5.95 -2.94
N LEU B 141 -49.72 4.62 -2.85
CA LEU B 141 -50.56 3.78 -1.98
C LEU B 141 -50.47 4.24 -0.53
N ALA B 142 -49.25 4.46 -0.03
CA ALA B 142 -49.07 4.89 1.35
C ALA B 142 -49.79 6.23 1.58
N ALA B 143 -49.72 7.16 0.64
CA ALA B 143 -50.54 8.37 0.70
C ALA B 143 -52.04 8.05 0.69
N MET B 144 -52.52 7.12 -0.13
CA MET B 144 -53.91 6.70 -0.06
C MET B 144 -54.27 6.17 1.34
N VAL B 145 -53.43 5.34 1.95
CA VAL B 145 -53.68 4.88 3.32
C VAL B 145 -53.67 6.07 4.28
N ALA B 146 -52.75 7.01 4.11
CA ALA B 146 -52.78 8.19 4.93
C ALA B 146 -54.04 9.02 4.67
N HIS B 147 -54.63 8.98 3.49
CA HIS B 147 -55.91 9.61 3.22
C HIS B 147 -57.04 8.84 3.85
N ILE B 148 -56.98 7.51 3.92
CA ILE B 148 -57.93 6.70 4.69
C ILE B 148 -57.89 7.17 6.15
N ALA B 149 -56.68 7.32 6.69
CA ALA B 149 -56.51 7.87 8.01
C ALA B 149 -57.05 9.30 8.05
N GLU B 150 -56.78 10.12 7.04
CA GLU B 150 -57.27 11.49 6.99
C GLU B 150 -58.78 11.50 7.09
N LEU B 151 -59.48 10.64 6.35
CA LEU B 151 -60.92 10.50 6.47
C LEU B 151 -61.29 10.14 7.91
N VAL B 152 -60.57 9.20 8.53
CA VAL B 152 -60.71 8.91 9.96
C VAL B 152 -60.47 10.15 10.80
N VAL B 153 -59.59 11.05 10.41
CA VAL B 153 -59.27 12.23 11.21
C VAL B 153 -60.30 13.33 11.02
N ARG B 154 -60.75 13.56 9.79
CA ARG B 154 -61.85 14.48 9.51
C ARG B 154 -63.11 13.99 10.21
N LEU B 155 -63.28 12.67 10.30
CA LEU B 155 -64.32 12.04 11.08
C LEU B 155 -64.07 12.14 12.60
N ALA B 156 -62.84 11.99 13.08
CA ALA B 156 -62.53 12.05 14.51
C ALA B 156 -62.80 13.43 15.09
N LEU B 157 -62.57 14.46 14.29
CA LEU B 157 -62.91 15.84 14.64
C LEU B 157 -64.42 16.05 14.77
N MET B 158 -65.26 15.21 14.16
CA MET B 158 -66.69 15.15 14.49
C MET B 158 -66.91 14.36 15.78
N ALA B 159 -66.25 13.21 15.93
CA ALA B 159 -66.43 12.32 17.09
C ALA B 159 -66.14 13.04 18.42
N GLU B 160 -65.03 13.79 18.48
CA GLU B 160 -64.60 14.51 19.69
C GLU B 160 -65.58 15.62 20.17
N ARG B 161 -66.61 15.97 19.39
CA ARG B 161 -67.62 16.99 19.74
C ARG B 161 -69.07 16.51 19.62
N THR B 162 -69.30 15.34 19.03
CA THR B 162 -70.61 14.67 19.01
C THR B 162 -70.78 13.74 20.23
N HIS B 163 -69.82 12.86 20.51
CA HIS B 163 -69.82 12.06 21.74
C HIS B 163 -69.59 12.94 23.00
N PRO B 164 -70.10 12.54 24.17
CA PRO B 164 -69.88 13.26 25.44
C PRO B 164 -68.49 13.03 26.07
N GLY B 165 -67.61 12.28 25.40
CA GLY B 165 -66.33 11.80 25.96
C GLY B 165 -66.51 10.48 26.71
N SER B 166 -65.81 9.43 26.30
CA SER B 166 -65.97 8.07 26.82
C SER B 166 -64.74 7.20 26.55
N GLU B 167 -64.64 6.07 27.25
CA GLU B 167 -63.59 5.07 27.01
C GLU B 167 -63.63 4.48 25.59
N ILE B 168 -64.80 4.49 24.94
CA ILE B 168 -64.97 4.04 23.55
C ILE B 168 -64.22 4.96 22.59
N VAL B 169 -64.39 6.29 22.68
CA VAL B 169 -63.64 7.23 21.81
C VAL B 169 -62.16 7.32 22.20
N LYS B 170 -61.80 7.13 23.47
CA LYS B 170 -60.38 6.98 23.86
C LYS B 170 -59.75 5.77 23.16
N LYS B 171 -60.41 4.60 23.20
CA LYS B 171 -59.97 3.38 22.50
C LYS B 171 -59.80 3.67 21.01
N ALA B 172 -60.78 4.31 20.38
CA ALA B 172 -60.72 4.64 18.97
C ALA B 172 -59.47 5.49 18.66
N VAL B 173 -59.26 6.62 19.32
CA VAL B 173 -58.08 7.43 19.01
C VAL B 173 -56.78 6.68 19.28
N LYS B 174 -56.74 5.82 20.31
CA LYS B 174 -55.57 4.97 20.54
C LYS B 174 -55.34 3.95 19.44
N LEU B 175 -56.39 3.33 18.90
CA LEU B 175 -56.23 2.48 17.73
C LEU B 175 -55.68 3.31 16.57
N VAL B 176 -56.21 4.51 16.35
CA VAL B 176 -55.73 5.38 15.25
C VAL B 176 -54.27 5.74 15.47
N GLN B 177 -53.87 6.06 16.69
CA GLN B 177 -52.48 6.39 16.98
C GLN B 177 -51.57 5.19 16.69
N GLU B 178 -51.99 4.00 17.08
CA GLU B 178 -51.23 2.79 16.79
C GLU B 178 -51.08 2.61 15.28
N VAL B 179 -52.15 2.84 14.51
CA VAL B 179 -52.05 2.87 13.05
C VAL B 179 -51.03 3.90 12.59
N ALA B 180 -51.05 5.10 13.16
CA ALA B 180 -50.10 6.12 12.74
C ALA B 180 -48.65 5.68 12.94
N GLU B 181 -48.33 5.06 14.07
CA GLU B 181 -46.98 4.56 14.31
C GLU B 181 -46.56 3.54 13.27
N GLU B 182 -47.46 2.64 12.90
CA GLU B 182 -47.15 1.70 11.83
C GLU B 182 -47.00 2.39 10.49
N VAL B 183 -47.75 3.46 10.21
CA VAL B 183 -47.56 4.22 8.99
C VAL B 183 -46.15 4.82 8.98
N LEU B 184 -45.69 5.36 10.10
CA LEU B 184 -44.35 5.90 10.18
C LEU B 184 -43.27 4.82 10.09
N GLU B 185 -43.52 3.58 10.55
CA GLU B 185 -42.59 2.49 10.24
C GLU B 185 -42.48 2.31 8.73
N ALA B 186 -43.58 2.44 7.99
CA ALA B 186 -43.52 2.36 6.55
C ALA B 186 -42.71 3.52 5.97
N ALA B 187 -42.78 4.72 6.57
CA ALA B 187 -41.95 5.84 6.13
C ALA B 187 -40.46 5.52 6.32
N GLN B 188 -40.08 4.96 7.47
CA GLN B 188 -38.70 4.56 7.75
C GLN B 188 -38.22 3.48 6.77
N LEU B 189 -39.04 2.47 6.51
CA LEU B 189 -38.75 1.45 5.51
C LEU B 189 -38.58 2.08 4.13
N MET B 190 -39.53 2.93 3.74
CA MET B 190 -39.57 3.52 2.41
C MET B 190 -38.34 4.42 2.15
N LEU B 191 -37.87 5.14 3.17
CA LEU B 191 -36.66 5.95 3.07
C LEU B 191 -35.40 5.09 2.98
N GLU B 192 -35.34 3.96 3.69
CA GLU B 192 -34.21 3.03 3.55
C GLU B 192 -34.17 2.43 2.13
N LYS B 193 -35.31 1.97 1.62
CA LYS B 193 -35.47 1.55 0.21
C LYS B 193 -36.95 1.49 -0.18
N PRO B 194 -37.38 2.08 -1.32
CA PRO B 194 -38.75 2.01 -1.80
C PRO B 194 -39.06 0.66 -2.51
N ASN B 195 -38.65 -0.47 -1.93
CA ASN B 195 -38.87 -1.78 -2.54
C ASN B 195 -40.35 -2.22 -2.46
N SER B 196 -40.98 -2.47 -3.61
CA SER B 196 -42.44 -2.67 -3.73
C SER B 196 -42.99 -3.81 -2.86
N ASP B 197 -42.40 -5.02 -2.92
CA ASP B 197 -42.94 -6.16 -2.17
C ASP B 197 -42.73 -6.03 -0.66
N GLU B 198 -41.56 -5.60 -0.18
CA GLU B 198 -41.33 -5.31 1.24
C GLU B 198 -42.22 -4.18 1.77
N VAL B 199 -42.48 -3.15 0.97
CA VAL B 199 -43.45 -2.12 1.36
C VAL B 199 -44.81 -2.78 1.54
N ALA B 200 -45.32 -3.49 0.54
CA ALA B 200 -46.61 -4.17 0.66
C ALA B 200 -46.65 -5.13 1.85
N LYS B 201 -45.53 -5.83 2.12
CA LYS B 201 -45.40 -6.88 3.13
C LYS B 201 -45.87 -6.45 4.51
N LYS B 202 -45.67 -5.17 4.88
CA LYS B 202 -46.35 -4.57 6.04
C LYS B 202 -47.48 -3.63 5.66
N LEU B 203 -47.33 -2.82 4.61
CA LEU B 203 -48.31 -1.78 4.29
C LEU B 203 -49.69 -2.39 4.13
N GLU B 204 -49.82 -3.57 3.53
CA GLU B 204 -51.12 -4.19 3.35
C GLU B 204 -51.82 -4.43 4.70
N GLU B 205 -51.07 -4.91 5.70
CA GLU B 205 -51.64 -5.10 7.02
C GLU B 205 -52.05 -3.76 7.62
N VAL B 206 -51.25 -2.72 7.41
CA VAL B 206 -51.61 -1.37 7.83
C VAL B 206 -52.89 -0.93 7.10
N ALA B 207 -53.00 -1.16 5.81
CA ALA B 207 -54.17 -0.76 5.05
C ALA B 207 -55.41 -1.46 5.59
N LYS B 208 -55.33 -2.78 5.75
CA LYS B 208 -56.40 -3.56 6.34
C LYS B 208 -56.80 -2.97 7.68
N LYS B 209 -55.82 -2.82 8.58
CA LYS B 209 -56.04 -2.37 9.95
C LYS B 209 -56.63 -0.97 9.96
N ALA B 210 -56.13 -0.08 9.11
CA ALA B 210 -56.63 1.27 9.03
C ALA B 210 -58.10 1.26 8.62
N ILE B 211 -58.44 0.49 7.59
CA ILE B 211 -59.80 0.43 7.08
C ILE B 211 -60.72 -0.14 8.16
N GLU B 212 -60.28 -1.19 8.83
CA GLU B 212 -61.00 -1.72 9.98
C GLU B 212 -61.19 -0.65 11.05
N ALA B 213 -60.15 0.11 11.37
CA ALA B 213 -60.26 1.20 12.32
C ALA B 213 -61.22 2.30 11.84
N CYS B 214 -61.26 2.56 10.53
CA CYS B 214 -62.24 3.47 9.98
C CYS B 214 -63.64 2.94 10.21
N ILE B 215 -63.87 1.67 9.88
CA ILE B 215 -65.14 0.99 10.11
C ILE B 215 -65.51 1.07 11.58
N GLU B 216 -64.53 0.89 12.47
CA GLU B 216 -64.74 0.99 13.91
C GLU B 216 -65.18 2.40 14.31
N LEU B 217 -64.46 3.45 13.90
CA LEU B 217 -64.87 4.80 14.23
C LEU B 217 -66.24 5.13 13.62
N GLN B 218 -66.51 4.64 12.42
CA GLN B 218 -67.79 4.85 11.76
C GLN B 218 -68.91 4.20 12.55
N GLN B 219 -68.80 2.93 12.95
CA GLN B 219 -69.87 2.33 13.75
C GLN B 219 -69.97 2.97 15.14
N ILE B 220 -68.87 3.48 15.71
CA ILE B 220 -68.89 4.27 16.95
C ILE B 220 -69.70 5.56 16.76
N LEU B 221 -69.64 6.20 15.59
CA LEU B 221 -70.51 7.32 15.27
C LEU B 221 -71.94 6.89 14.95
N GLU B 222 -72.17 5.80 14.21
CA GLU B 222 -73.53 5.30 13.95
C GLU B 222 -74.30 4.99 15.25
N ALA B 223 -73.64 4.39 16.24
CA ALA B 223 -74.24 4.08 17.53
C ALA B 223 -74.73 5.35 18.26
N TRP B 224 -73.91 6.40 18.30
CA TRP B 224 -74.33 7.66 18.91
C TRP B 224 -75.36 8.40 18.05
N ALA B 225 -75.26 8.34 16.72
CA ALA B 225 -76.22 8.95 15.82
C ALA B 225 -77.63 8.33 15.97
N LYS B 226 -77.72 7.00 16.16
CA LYS B 226 -78.99 6.31 16.48
C LYS B 226 -79.54 6.70 17.85
N GLU B 227 -78.70 6.89 18.86
CA GLU B 227 -79.11 7.38 20.19
C GLU B 227 -79.59 8.84 20.18
N ARG B 228 -78.90 9.71 19.42
CA ARG B 228 -79.26 11.12 19.19
C ARG B 228 -80.53 11.27 18.35
N GLY B 229 -80.70 10.47 17.30
CA GLY B 229 -81.88 10.42 16.43
C GLY B 229 -81.87 11.35 15.21
N ASP B 230 -80.90 12.27 15.09
CA ASP B 230 -80.79 13.18 13.94
C ASP B 230 -80.26 12.48 12.67
N GLN B 231 -81.06 12.46 11.61
CA GLN B 231 -80.71 11.82 10.33
C GLN B 231 -79.54 12.47 9.59
N ASP B 232 -79.26 13.75 9.82
CA ASP B 232 -78.20 14.48 9.11
C ASP B 232 -76.81 13.90 9.42
N LEU B 233 -76.55 13.52 10.67
CA LEU B 233 -75.30 12.86 11.01
C LEU B 233 -75.20 11.51 10.30
N LEU B 234 -76.29 10.75 10.18
CA LEU B 234 -76.30 9.50 9.41
C LEU B 234 -76.03 9.77 7.91
N ARG B 235 -76.57 10.84 7.33
CA ARG B 235 -76.28 11.24 5.94
C ARG B 235 -74.79 11.55 5.75
N GLU B 236 -74.18 12.27 6.67
CA GLU B 236 -72.73 12.55 6.60
C GLU B 236 -71.89 11.30 6.85
N VAL B 237 -72.25 10.47 7.82
CA VAL B 237 -71.55 9.22 8.11
C VAL B 237 -71.64 8.27 6.93
N ARG B 238 -72.80 8.07 6.31
CA ARG B 238 -72.86 7.23 5.10
C ARG B 238 -72.01 7.78 3.98
N GLU B 239 -71.89 9.11 3.86
CA GLU B 239 -70.95 9.65 2.88
C GLU B 239 -69.54 9.19 3.21
N HIS B 240 -69.10 9.38 4.45
CA HIS B 240 -67.79 8.92 4.85
C HIS B 240 -67.62 7.40 4.66
N LYS B 241 -68.66 6.58 4.84
CA LYS B 241 -68.57 5.14 4.56
C LYS B 241 -68.24 4.92 3.09
N LEU B 242 -68.97 5.59 2.23
CA LEU B 242 -68.73 5.48 0.81
C LEU B 242 -67.34 6.02 0.47
N GLN B 243 -66.92 7.12 1.06
CA GLN B 243 -65.57 7.65 0.86
C GLN B 243 -64.56 6.57 1.20
N ILE B 244 -64.66 6.00 2.40
CA ILE B 244 -63.73 4.97 2.85
C ILE B 244 -63.73 3.82 1.86
N LEU B 245 -64.90 3.30 1.52
CA LEU B 245 -64.97 2.19 0.59
C LEU B 245 -64.28 2.54 -0.73
N THR B 246 -64.51 3.77 -1.18
CA THR B 246 -63.96 4.25 -2.44
C THR B 246 -62.46 4.29 -2.37
N ILE B 247 -61.89 4.97 -1.39
CA ILE B 247 -60.43 5.05 -1.31
C ILE B 247 -59.87 3.65 -1.08
N ALA B 248 -60.56 2.80 -0.32
CA ALA B 248 -60.11 1.45 -0.06
C ALA B 248 -60.00 0.66 -1.35
N VAL B 249 -61.06 0.60 -2.14
CA VAL B 249 -60.99 -0.13 -3.40
C VAL B 249 -59.96 0.52 -4.31
N ALA B 250 -59.84 1.85 -4.31
CA ALA B 250 -58.83 2.50 -5.11
C ALA B 250 -57.43 2.05 -4.66
N TYR B 251 -57.18 2.00 -3.35
CA TYR B 251 -55.94 1.50 -2.80
C TYR B 251 -55.71 0.08 -3.27
N LYS B 252 -56.71 -0.79 -3.16
CA LYS B 252 -56.53 -2.20 -3.50
C LYS B 252 -56.30 -2.39 -5.00
N ALA B 253 -56.99 -1.62 -5.83
CA ALA B 253 -56.81 -1.67 -7.28
C ALA B 253 -55.40 -1.22 -7.65
N ALA B 254 -54.96 -0.10 -7.10
CA ALA B 254 -53.60 0.38 -7.35
C ALA B 254 -52.56 -0.58 -6.74
N GLN B 255 -52.87 -1.24 -5.64
CA GLN B 255 -52.01 -2.27 -5.04
C GLN B 255 -51.89 -3.51 -5.94
N MET B 256 -52.92 -3.82 -6.74
CA MET B 256 -52.85 -4.78 -7.85
C MET B 256 -52.21 -4.19 -9.12
N GLY B 257 -51.92 -2.89 -9.13
CA GLY B 257 -51.26 -2.19 -10.24
C GLY B 257 -52.19 -1.77 -11.39
N VAL B 258 -53.50 -1.96 -11.26
CA VAL B 258 -54.48 -1.59 -12.30
C VAL B 258 -54.98 -0.15 -12.14
N THR B 259 -55.55 0.41 -13.21
CA THR B 259 -56.09 1.78 -13.23
C THR B 259 -57.59 1.84 -12.92
N VAL B 260 -58.07 3.03 -12.55
CA VAL B 260 -59.37 3.27 -11.94
C VAL B 260 -60.01 4.51 -12.50
N LEU B 261 -61.33 4.50 -12.67
CA LEU B 261 -62.15 5.70 -12.65
C LEU B 261 -63.15 5.57 -11.50
N LYS B 262 -63.45 6.70 -10.86
CA LYS B 262 -64.32 6.78 -9.67
C LYS B 262 -65.18 8.03 -9.72
N HIS B 263 -66.43 7.95 -9.25
CA HIS B 263 -67.31 9.13 -9.14
C HIS B 263 -68.46 8.91 -8.16
N THR B 264 -69.09 9.98 -7.71
CA THR B 264 -70.33 9.94 -6.92
C THR B 264 -71.26 11.10 -7.19
N HIS B 265 -72.56 10.82 -7.12
CA HIS B 265 -73.61 11.81 -6.99
C HIS B 265 -74.59 11.32 -5.94
N GLY B 266 -75.08 12.23 -5.09
CA GLY B 266 -76.14 11.92 -4.14
C GLY B 266 -75.86 10.68 -3.31
N TRP B 267 -76.77 9.72 -3.37
CA TRP B 267 -76.72 8.45 -2.62
C TRP B 267 -75.84 7.36 -3.25
N VAL B 268 -75.18 7.59 -4.38
CA VAL B 268 -74.54 6.51 -5.16
C VAL B 268 -73.12 6.85 -5.57
N VAL B 269 -72.25 5.83 -5.61
CA VAL B 269 -70.89 5.92 -6.15
C VAL B 269 -70.69 4.89 -7.25
N PHE B 270 -69.88 5.23 -8.24
CA PHE B 270 -69.59 4.40 -9.39
C PHE B 270 -68.09 4.23 -9.54
N LEU B 271 -67.69 3.04 -9.96
CA LEU B 271 -66.31 2.62 -10.10
C LEU B 271 -66.11 1.82 -11.38
N VAL B 272 -65.05 2.13 -12.12
CA VAL B 272 -64.63 1.36 -13.29
C VAL B 272 -63.17 0.97 -13.09
N ILE B 273 -62.85 -0.32 -13.20
CA ILE B 273 -61.50 -0.83 -12.98
C ILE B 273 -61.06 -1.51 -14.25
N LEU B 274 -59.88 -1.17 -14.77
CA LEU B 274 -59.50 -1.51 -16.15
C LEU B 274 -58.20 -2.31 -16.23
N GLY B 275 -58.17 -3.30 -17.12
CA GLY B 275 -56.99 -4.12 -17.41
C GLY B 275 -56.80 -5.33 -16.48
N LEU B 276 -57.83 -5.71 -15.71
CA LEU B 276 -57.77 -6.86 -14.80
C LEU B 276 -57.73 -8.19 -15.56
N HIS B 277 -56.79 -9.06 -15.19
CA HIS B 277 -56.92 -10.49 -15.42
C HIS B 277 -57.75 -11.13 -14.29
N LYS B 278 -58.48 -12.23 -14.53
CA LYS B 278 -59.41 -12.79 -13.53
C LYS B 278 -58.76 -13.17 -12.17
N GLN B 279 -57.49 -13.53 -12.17
CA GLN B 279 -56.72 -13.82 -10.96
C GLN B 279 -56.61 -12.61 -10.01
N GLN B 280 -56.58 -11.40 -10.56
CA GLN B 280 -56.64 -10.13 -9.82
C GLN B 280 -58.10 -9.77 -9.48
N ALA B 281 -59.03 -9.99 -10.43
CA ALA B 281 -60.42 -9.65 -10.22
C ALA B 281 -61.01 -10.38 -9.02
N GLU B 282 -60.60 -11.63 -8.77
CA GLU B 282 -60.95 -12.31 -7.52
C GLU B 282 -60.63 -11.46 -6.30
N GLN B 283 -59.42 -10.92 -6.25
CA GLN B 283 -58.99 -10.14 -5.08
C GLN B 283 -59.85 -8.90 -4.93
N LEU B 284 -60.18 -8.21 -6.03
CA LEU B 284 -61.07 -7.05 -5.99
C LEU B 284 -62.47 -7.45 -5.51
N LEU B 285 -63.05 -8.47 -6.11
CA LEU B 285 -64.37 -8.95 -5.75
C LEU B 285 -64.39 -9.33 -4.27
N ARG B 286 -63.47 -10.16 -3.82
CA ARG B 286 -63.36 -10.56 -2.41
C ARG B 286 -63.28 -9.35 -1.51
N PHE B 287 -62.31 -8.48 -1.77
CA PHE B 287 -62.05 -7.30 -0.95
C PHE B 287 -63.31 -6.46 -0.86
N VAL B 288 -63.91 -6.17 -2.01
CA VAL B 288 -65.14 -5.40 -2.10
C VAL B 288 -66.18 -6.06 -1.23
N HIS B 289 -66.48 -7.34 -1.45
CA HIS B 289 -67.57 -7.97 -0.73
C HIS B 289 -67.31 -7.95 0.78
N ARG B 290 -66.13 -8.36 1.26
CA ARG B 290 -65.85 -8.36 2.70
C ARG B 290 -65.96 -6.96 3.30
N VAL B 291 -65.37 -5.97 2.65
CA VAL B 291 -65.40 -4.60 3.17
C VAL B 291 -66.81 -4.02 3.08
N ALA B 292 -67.52 -4.25 1.98
CA ALA B 292 -68.89 -3.80 1.84
C ALA B 292 -69.76 -4.46 2.91
N HIS B 293 -69.56 -5.75 3.20
CA HIS B 293 -70.25 -6.45 4.27
C HIS B 293 -69.99 -5.74 5.59
N ALA B 294 -68.73 -5.39 5.85
CA ALA B 294 -68.40 -4.63 7.05
C ALA B 294 -69.04 -3.23 7.08
N LEU B 295 -69.18 -2.57 5.92
CA LEU B 295 -69.75 -1.22 5.81
C LEU B 295 -71.29 -1.17 5.68
N GLY B 296 -71.95 -2.30 5.52
CA GLY B 296 -73.42 -2.39 5.53
C GLY B 296 -74.10 -1.60 4.40
N VAL B 297 -73.42 -1.46 3.27
CA VAL B 297 -73.87 -0.74 2.07
C VAL B 297 -74.67 -1.64 1.11
N THR B 298 -75.44 -1.04 0.20
CA THR B 298 -75.99 -1.77 -0.97
C THR B 298 -74.93 -1.80 -2.08
N LEU B 299 -74.17 -2.89 -2.13
CA LEU B 299 -73.13 -3.13 -3.15
C LEU B 299 -73.73 -3.64 -4.46
N SER B 300 -73.07 -3.35 -5.58
CA SER B 300 -73.45 -3.89 -6.88
C SER B 300 -72.25 -4.00 -7.82
N ILE B 301 -72.29 -5.00 -8.70
CA ILE B 301 -71.12 -5.51 -9.42
C ILE B 301 -71.51 -5.87 -10.85
N THR B 302 -70.61 -5.71 -11.82
CA THR B 302 -70.61 -6.53 -13.04
C THR B 302 -69.19 -6.88 -13.47
N PHE B 303 -69.06 -8.11 -13.96
CA PHE B 303 -67.89 -8.55 -14.71
C PHE B 303 -68.31 -8.56 -16.18
N SER B 304 -67.57 -7.86 -17.04
CA SER B 304 -67.94 -7.60 -18.44
C SER B 304 -66.74 -7.54 -19.41
N GLY B 305 -65.56 -7.97 -18.99
CA GLY B 305 -64.34 -8.04 -19.82
C GLY B 305 -63.07 -7.87 -18.99
N ASP B 306 -62.02 -7.33 -19.62
CA ASP B 306 -60.83 -6.82 -18.89
C ASP B 306 -61.16 -5.62 -18.00
N ILE B 307 -62.37 -5.08 -18.11
CA ILE B 307 -62.92 -4.03 -17.26
C ILE B 307 -63.92 -4.64 -16.29
N VAL B 308 -63.77 -4.34 -15.00
CA VAL B 308 -64.75 -4.68 -13.95
C VAL B 308 -65.43 -3.40 -13.49
N VAL B 309 -66.76 -3.40 -13.40
CA VAL B 309 -67.54 -2.22 -12.98
C VAL B 309 -68.23 -2.53 -11.67
N ILE B 310 -68.25 -1.56 -10.77
CA ILE B 310 -68.83 -1.67 -9.42
C ILE B 310 -69.56 -0.37 -9.12
N ALA B 311 -70.63 -0.46 -8.35
CA ALA B 311 -71.29 0.73 -7.85
C ALA B 311 -71.91 0.42 -6.50
N VAL B 312 -72.14 1.45 -5.70
CA VAL B 312 -72.60 1.25 -4.32
C VAL B 312 -73.56 2.36 -3.95
N THR B 313 -74.55 2.07 -3.11
CA THR B 313 -75.47 3.08 -2.57
C THR B 313 -75.93 2.74 -1.16
N VAL B 314 -76.47 3.73 -0.43
CA VAL B 314 -77.00 3.60 0.94
C VAL B 314 -78.31 4.38 1.08
N GLY B 315 -79.30 3.83 1.77
CA GLY B 315 -80.56 4.52 2.11
C GLY B 315 -81.56 4.73 0.96
N ALA B 316 -81.21 4.37 -0.27
CA ALA B 316 -82.06 4.49 -1.45
C ALA B 316 -83.26 3.52 -1.40
N SER B 317 -84.44 4.03 -1.76
CA SER B 317 -85.70 3.25 -1.85
C SER B 317 -85.65 2.19 -2.95
N GLU B 318 -86.49 1.15 -2.86
CA GLU B 318 -86.46 0.03 -3.80
C GLU B 318 -86.67 0.45 -5.27
N GLU B 319 -87.34 1.57 -5.52
CA GLU B 319 -87.44 2.15 -6.86
C GLU B 319 -86.06 2.68 -7.29
N GLU B 320 -85.44 3.52 -6.47
CA GLU B 320 -84.09 4.01 -6.72
C GLU B 320 -83.08 2.87 -6.85
N LYS B 321 -83.21 1.78 -6.08
CA LYS B 321 -82.36 0.59 -6.24
C LYS B 321 -82.42 0.09 -7.69
N LYS B 322 -83.63 -0.03 -8.23
CA LYS B 322 -83.81 -0.46 -9.63
C LYS B 322 -83.24 0.57 -10.59
N GLU B 323 -83.43 1.87 -10.32
CA GLU B 323 -82.79 2.89 -11.15
C GLU B 323 -81.26 2.74 -11.11
N VAL B 324 -80.66 2.50 -9.96
CA VAL B 324 -79.22 2.25 -9.90
C VAL B 324 -78.87 1.02 -10.74
N ARG B 325 -79.61 -0.08 -10.62
CA ARG B 325 -79.32 -1.29 -11.42
C ARG B 325 -79.38 -0.98 -12.91
N LYS B 326 -80.37 -0.20 -13.33
CA LYS B 326 -80.46 0.32 -14.69
C LYS B 326 -79.23 1.15 -15.00
N ILE B 327 -78.87 2.13 -14.17
CA ILE B 327 -77.75 3.03 -14.44
C ILE B 327 -76.46 2.22 -14.58
N VAL B 328 -76.23 1.23 -13.73
CA VAL B 328 -75.07 0.36 -13.85
C VAL B 328 -75.08 -0.32 -15.22
N LYS B 329 -76.21 -0.92 -15.61
CA LYS B 329 -76.34 -1.53 -16.93
C LYS B 329 -76.14 -0.50 -18.04
N GLU B 330 -76.59 0.74 -17.87
CA GLU B 330 -76.44 1.81 -18.86
C GLU B 330 -74.99 2.29 -19.03
N ILE B 331 -74.21 2.35 -17.96
CA ILE B 331 -72.77 2.56 -18.03
C ILE B 331 -72.15 1.34 -18.73
N ALA B 332 -72.46 0.15 -18.23
CA ALA B 332 -71.84 -1.08 -18.67
C ALA B 332 -72.06 -1.32 -20.16
N LYS B 333 -73.30 -1.16 -20.66
CA LYS B 333 -73.64 -1.51 -22.05
C LYS B 333 -72.89 -0.69 -23.08
N GLN B 334 -72.32 0.45 -22.68
CA GLN B 334 -71.45 1.28 -23.51
C GLN B 334 -69.96 0.96 -23.25
N LEU B 335 -69.56 0.89 -21.98
CA LEU B 335 -68.16 0.65 -21.64
C LEU B 335 -67.64 -0.70 -22.17
N ARG B 336 -68.50 -1.73 -22.29
CA ARG B 336 -68.08 -3.06 -22.79
C ARG B 336 -67.62 -3.10 -24.25
N HIS B 337 -67.64 -1.97 -24.97
CA HIS B 337 -66.97 -1.81 -26.27
C HIS B 337 -66.21 -0.46 -26.43
N ALA B 338 -65.94 0.25 -25.33
CA ALA B 338 -65.11 1.46 -25.34
C ALA B 338 -63.60 1.14 -25.38
N GLU B 339 -62.77 2.10 -25.79
CA GLU B 339 -61.30 1.95 -25.91
C GLU B 339 -60.50 2.89 -24.97
N THR B 340 -61.10 3.98 -24.50
CA THR B 340 -60.38 5.06 -23.81
C THR B 340 -61.04 5.50 -22.51
N GLU B 341 -60.25 6.08 -21.62
CA GLU B 341 -60.76 6.65 -20.38
C GLU B 341 -61.59 7.90 -20.66
N GLU B 342 -61.26 8.69 -21.68
CA GLU B 342 -62.08 9.85 -22.04
C GLU B 342 -63.47 9.42 -22.51
N GLU B 343 -63.59 8.34 -23.29
CA GLU B 343 -64.90 7.77 -23.61
C GLU B 343 -65.62 7.40 -22.33
N ALA B 344 -64.98 6.65 -21.43
CA ALA B 344 -65.61 6.28 -20.19
C ALA B 344 -66.04 7.52 -19.37
N LYS B 345 -65.21 8.57 -19.30
CA LYS B 345 -65.52 9.82 -18.60
C LYS B 345 -66.72 10.51 -19.23
N GLU B 346 -66.72 10.70 -20.53
CA GLU B 346 -67.85 11.31 -21.22
C GLU B 346 -69.13 10.48 -21.10
N ILE B 347 -69.03 9.15 -21.18
CA ILE B 347 -70.18 8.24 -20.99
C ILE B 347 -70.74 8.38 -19.58
N VAL B 348 -69.92 8.21 -18.57
CA VAL B 348 -70.38 8.23 -17.17
C VAL B 348 -70.94 9.60 -16.84
N GLN B 349 -70.26 10.67 -17.29
CA GLN B 349 -70.81 12.01 -17.18
C GLN B 349 -72.18 12.07 -17.84
N ARG B 350 -72.33 11.69 -19.11
CA ARG B 350 -73.60 11.87 -19.82
C ARG B 350 -74.74 11.12 -19.16
N VAL B 351 -74.58 9.84 -18.84
CA VAL B 351 -75.72 9.09 -18.27
C VAL B 351 -76.11 9.62 -16.90
N ILE B 352 -75.15 10.15 -16.13
CA ILE B 352 -75.46 10.79 -14.84
C ILE B 352 -76.04 12.19 -15.06
N GLU B 353 -75.52 12.96 -16.01
CA GLU B 353 -75.99 14.31 -16.33
C GLU B 353 -77.43 14.31 -16.86
N GLU B 354 -77.81 13.28 -17.64
CA GLU B 354 -79.21 13.02 -18.04
C GLU B 354 -80.08 12.50 -16.88
N TRP B 355 -79.50 11.85 -15.87
CA TRP B 355 -80.22 11.40 -14.66
C TRP B 355 -80.44 12.52 -13.63
N GLN B 356 -79.51 13.47 -13.52
CA GLN B 356 -79.47 14.51 -12.49
C GLN B 356 -80.67 15.49 -12.47
N GLU B 357 -81.58 15.44 -13.45
CA GLU B 357 -82.89 16.11 -13.36
C GLU B 357 -83.80 15.53 -12.25
N GLU B 358 -83.52 14.32 -11.74
CA GLU B 358 -84.19 13.75 -10.56
C GLU B 358 -83.76 14.40 -9.23
N GLY B 359 -82.62 15.11 -9.21
CA GLY B 359 -82.05 15.80 -8.04
C GLY B 359 -81.20 14.91 -7.13
N THR C 3 29.21 -24.09 18.02
CA THR C 3 27.92 -24.48 18.65
C THR C 3 27.28 -23.29 19.34
N VAL C 4 25.99 -23.37 19.62
CA VAL C 4 25.35 -22.64 20.73
C VAL C 4 24.53 -23.63 21.54
N THR C 5 24.54 -23.50 22.87
CA THR C 5 23.77 -24.38 23.77
C THR C 5 23.08 -23.59 24.85
N PHE C 6 22.02 -24.12 25.45
CA PHE C 6 21.43 -23.54 26.64
C PHE C 6 20.59 -24.53 27.43
N ASP C 7 20.28 -24.17 28.66
CA ASP C 7 20.05 -25.12 29.74
C ASP C 7 18.71 -24.90 30.45
N ILE C 8 17.69 -24.48 29.71
CA ILE C 8 16.42 -24.03 30.30
C ILE C 8 15.88 -25.02 31.34
N THR C 9 15.40 -24.54 32.48
CA THR C 9 14.82 -25.37 33.55
C THR C 9 13.45 -24.88 34.01
N ASN C 10 12.66 -25.78 34.60
CA ASN C 10 11.43 -25.50 35.34
C ASN C 10 10.27 -24.87 34.56
N ILE C 11 10.42 -24.58 33.28
CA ILE C 11 9.32 -24.21 32.40
C ILE C 11 8.23 -25.30 32.40
N SER C 12 6.96 -24.91 32.40
CA SER C 12 5.85 -25.83 32.16
C SER C 12 5.68 -26.13 30.68
N HIS C 13 4.73 -27.01 30.36
CA HIS C 13 4.36 -27.33 28.97
C HIS C 13 4.07 -26.10 28.12
N LYS C 14 3.40 -25.06 28.66
CA LYS C 14 3.10 -23.84 27.88
C LYS C 14 4.38 -23.20 27.36
N ALA C 15 5.28 -22.91 28.28
CA ALA C 15 6.56 -22.30 27.94
C ALA C 15 7.38 -23.22 27.01
N ILE C 16 7.36 -24.54 27.22
CA ILE C 16 7.99 -25.47 26.31
C ILE C 16 7.42 -25.30 24.90
N ASP C 17 6.10 -25.23 24.75
CA ASP C 17 5.47 -25.04 23.44
C ASP C 17 5.89 -23.70 22.81
N ILE C 18 6.02 -22.66 23.62
CA ILE C 18 6.49 -21.36 23.12
C ILE C 18 7.93 -21.51 22.62
N ILE C 19 8.86 -22.00 23.43
CA ILE C 19 10.26 -22.03 23.01
C ILE C 19 10.44 -22.98 21.83
N LEU C 20 9.75 -24.13 21.81
CA LEU C 20 9.78 -25.09 20.71
C LEU C 20 9.35 -24.43 19.41
N LYS C 21 8.30 -23.61 19.43
CA LYS C 21 7.91 -22.81 18.26
C LYS C 21 8.99 -21.81 17.90
N VAL C 22 9.55 -21.08 18.86
CA VAL C 22 10.52 -20.05 18.55
C VAL C 22 11.77 -20.66 17.89
N VAL C 23 12.34 -21.73 18.44
CA VAL C 23 13.63 -22.24 17.92
C VAL C 23 13.49 -22.82 16.53
N LEU C 24 12.50 -23.68 16.26
CA LEU C 24 12.30 -24.17 14.90
C LEU C 24 11.83 -23.05 13.97
N GLY C 25 11.12 -22.05 14.51
CA GLY C 25 10.74 -20.85 13.77
C GLY C 25 11.94 -20.03 13.33
N ILE C 26 13.03 -20.05 14.08
CA ILE C 26 14.31 -19.47 13.67
C ILE C 26 15.04 -20.40 12.69
N ALA C 27 15.00 -21.71 12.93
CA ALA C 27 15.66 -22.67 12.05
C ALA C 27 15.10 -22.67 10.62
N GLU C 28 13.83 -22.33 10.43
CA GLU C 28 13.10 -22.44 9.17
C GLU C 28 13.76 -21.70 8.00
N HIS C 29 14.46 -20.60 8.28
CA HIS C 29 15.16 -19.81 7.25
C HIS C 29 16.57 -20.37 6.89
N GLU C 30 17.10 -21.32 7.66
CA GLU C 30 18.53 -21.69 7.64
C GLU C 30 18.80 -23.21 7.61
N GLY C 31 17.82 -24.05 7.95
CA GLY C 31 17.94 -25.52 7.93
C GLY C 31 18.81 -26.12 9.05
N THR C 32 19.03 -25.39 10.15
CA THR C 32 19.97 -25.77 11.21
C THR C 32 19.63 -27.06 11.93
N GLU C 33 20.63 -27.86 12.26
CA GLU C 33 20.50 -29.10 13.02
C GLU C 33 20.15 -28.86 14.50
N VAL C 34 18.88 -28.70 14.83
CA VAL C 34 18.43 -28.64 16.24
C VAL C 34 18.62 -29.99 16.91
N THR C 35 18.89 -30.00 18.21
CA THR C 35 18.52 -31.15 19.04
C THR C 35 17.98 -30.72 20.39
N PHE C 36 16.69 -30.94 20.60
CA PHE C 36 16.10 -30.88 21.93
C PHE C 36 16.57 -32.07 22.76
N HIS C 37 16.57 -31.94 24.07
CA HIS C 37 16.59 -33.06 25.00
C HIS C 37 15.66 -32.78 26.16
N SER C 38 15.08 -33.79 26.80
CA SER C 38 13.99 -33.61 27.75
C SER C 38 13.84 -34.77 28.73
N GLU C 39 13.60 -34.45 30.00
CA GLU C 39 13.14 -35.37 31.05
C GLU C 39 12.26 -34.56 32.01
N ARG C 40 10.96 -34.83 32.07
CA ARG C 40 9.95 -33.81 32.42
C ARG C 40 10.29 -33.06 33.71
N GLY C 41 10.29 -31.73 33.60
CA GLY C 41 10.87 -30.77 34.55
C GLY C 41 12.16 -30.09 34.06
N GLN C 42 12.96 -30.76 33.24
CA GLN C 42 14.27 -30.30 32.74
C GLN C 42 14.35 -30.39 31.22
N LEU C 43 15.17 -29.55 30.59
CA LEU C 43 15.29 -29.45 29.14
C LEU C 43 16.71 -29.02 28.76
N GLN C 44 17.13 -29.27 27.53
CA GLN C 44 18.35 -28.71 26.94
C GLN C 44 18.17 -28.47 25.44
N ILE C 45 18.94 -27.55 24.87
CA ILE C 45 19.00 -27.37 23.43
C ILE C 45 20.44 -27.21 23.00
N GLU C 46 20.75 -27.74 21.83
CA GLU C 46 21.90 -27.36 21.05
C GLU C 46 21.43 -26.91 19.68
N VAL C 47 22.16 -25.99 19.07
CA VAL C 47 21.98 -25.60 17.66
C VAL C 47 23.35 -25.29 17.05
N LYS C 48 23.49 -25.35 15.73
CA LYS C 48 24.69 -24.89 15.03
C LYS C 48 24.36 -23.78 14.05
N ASN C 49 25.32 -22.88 13.86
CA ASN C 49 25.29 -21.78 12.89
C ASN C 49 24.22 -20.66 13.11
N LEU C 50 23.83 -20.36 14.34
CA LEU C 50 23.02 -19.17 14.70
C LEU C 50 23.87 -17.92 14.95
N HIS C 51 23.33 -16.73 14.67
CA HIS C 51 24.00 -15.44 14.88
C HIS C 51 23.66 -14.81 16.25
N GLU C 52 24.46 -13.84 16.69
CA GLU C 52 24.35 -13.23 18.01
C GLU C 52 23.00 -12.52 18.24
N GLU C 53 22.45 -11.86 17.22
CA GLU C 53 21.12 -11.24 17.32
C GLU C 53 19.99 -12.29 17.40
N ASP C 54 20.16 -13.42 16.71
CA ASP C 54 19.25 -14.56 16.82
C ASP C 54 19.30 -15.10 18.24
N LYS C 55 20.50 -15.28 18.78
CA LYS C 55 20.72 -15.77 20.14
C LYS C 55 20.01 -14.88 21.13
N ARG C 56 20.15 -13.55 20.99
CA ARG C 56 19.45 -12.57 21.85
C ARG C 56 17.92 -12.63 21.72
N LEU C 57 17.36 -13.01 20.58
CA LEU C 57 15.92 -13.27 20.43
C LEU C 57 15.50 -14.53 21.18
N ILE C 58 16.29 -15.60 21.10
CA ILE C 58 16.01 -16.80 21.87
C ILE C 58 16.14 -16.51 23.35
N GLU C 59 17.25 -15.93 23.79
CA GLU C 59 17.51 -15.60 25.19
C GLU C 59 16.39 -14.77 25.77
N GLN C 60 15.96 -13.69 25.10
CA GLN C 60 14.86 -12.88 25.62
C GLN C 60 13.52 -13.65 25.59
N ALA C 61 13.30 -14.56 24.62
CA ALA C 61 12.13 -15.41 24.63
C ALA C 61 12.14 -16.34 25.83
N ILE C 62 13.26 -17.00 26.14
CA ILE C 62 13.31 -17.87 27.30
C ILE C 62 13.27 -17.08 28.60
N GLU C 63 13.74 -15.83 28.65
CA GLU C 63 13.58 -14.99 29.85
C GLU C 63 12.14 -14.58 30.09
N ALA C 64 11.36 -14.32 29.04
CA ALA C 64 9.92 -14.26 29.18
C ALA C 64 9.36 -15.61 29.64
N ALA C 65 9.77 -16.71 29.01
CA ALA C 65 9.22 -18.02 29.29
C ALA C 65 9.44 -18.45 30.74
N ARG C 66 10.65 -18.32 31.29
CA ARG C 66 10.94 -18.62 32.70
C ARG C 66 10.45 -17.57 33.70
N LEU C 67 9.67 -16.59 33.25
CA LEU C 67 8.88 -15.69 34.10
C LEU C 67 7.38 -15.86 33.90
N ALA C 68 6.93 -16.28 32.72
CA ALA C 68 5.50 -16.28 32.39
C ALA C 68 4.67 -17.27 33.21
N ASP C 69 5.33 -18.12 33.99
CA ASP C 69 4.72 -18.98 35.01
C ASP C 69 4.29 -18.22 36.27
N SER C 70 4.96 -17.11 36.56
CA SER C 70 4.96 -16.45 37.86
C SER C 70 3.75 -15.52 38.08
N PRO C 71 3.26 -15.37 39.33
CA PRO C 71 2.07 -14.55 39.62
C PRO C 71 2.34 -13.05 39.85
N ASP C 72 3.57 -12.63 40.17
CA ASP C 72 3.89 -11.27 40.62
C ASP C 72 3.66 -10.20 39.52
N PRO C 73 2.82 -9.18 39.75
CA PRO C 73 2.61 -8.09 38.80
C PRO C 73 3.87 -7.46 38.23
N GLU C 74 4.93 -7.29 39.01
CA GLU C 74 6.20 -6.74 38.50
C GLU C 74 6.79 -7.66 37.42
N SER C 75 6.74 -8.97 37.65
CA SER C 75 7.17 -9.95 36.65
C SER C 75 6.28 -9.86 35.42
N VAL C 76 4.98 -9.62 35.59
CA VAL C 76 4.09 -9.43 34.45
C VAL C 76 4.51 -8.19 33.68
N ALA C 77 4.84 -7.11 34.39
CA ALA C 77 5.30 -5.87 33.78
C ALA C 77 6.56 -6.11 32.94
N ARG C 78 7.50 -6.95 33.41
CA ARG C 78 8.63 -7.38 32.58
C ARG C 78 8.13 -8.21 31.41
N ALA C 79 7.25 -9.18 31.65
CA ALA C 79 6.80 -10.08 30.61
C ALA C 79 6.20 -9.31 29.46
N VAL C 80 5.29 -8.39 29.75
CA VAL C 80 4.63 -7.61 28.70
C VAL C 80 5.60 -6.65 28.04
N GLU C 81 6.67 -6.23 28.73
CA GLU C 81 7.74 -5.48 28.09
C GLU C 81 8.50 -6.36 27.10
N LEU C 82 8.82 -7.59 27.48
CA LEU C 82 9.62 -8.49 26.65
C LEU C 82 8.84 -9.02 25.46
N LEU C 83 7.61 -9.49 25.64
CA LEU C 83 6.97 -10.29 24.62
C LEU C 83 6.76 -9.48 23.33
N THR C 84 6.51 -8.18 23.44
CA THR C 84 6.42 -7.31 22.27
C THR C 84 7.75 -7.21 21.54
N LYS C 85 8.88 -7.26 22.25
CA LYS C 85 10.19 -7.29 21.59
C LYS C 85 10.31 -8.54 20.75
N VAL C 86 9.84 -9.68 21.26
CA VAL C 86 9.76 -10.92 20.46
C VAL C 86 8.88 -10.69 19.23
N ALA C 87 7.75 -10.01 19.38
CA ALA C 87 6.85 -9.70 18.27
C ALA C 87 7.44 -8.71 17.26
N LYS C 88 8.25 -7.73 17.68
CA LYS C 88 9.00 -6.84 16.80
C LYS C 88 10.05 -7.61 16.02
N ALA C 89 10.82 -8.43 16.71
CA ALA C 89 11.95 -9.13 16.12
C ALA C 89 11.52 -10.25 15.15
N SER C 90 10.49 -11.02 15.48
CA SER C 90 10.06 -12.13 14.64
C SER C 90 9.25 -11.68 13.41
N THR C 91 8.94 -12.60 12.50
CA THR C 91 8.31 -12.31 11.20
C THR C 91 7.21 -13.28 10.79
N ASN C 92 7.17 -14.51 11.33
CA ASN C 92 6.11 -15.49 11.03
C ASN C 92 4.80 -15.08 11.73
N THR C 93 3.75 -14.76 10.97
CA THR C 93 2.50 -14.18 11.52
C THR C 93 1.89 -15.03 12.63
N GLU C 94 1.83 -16.35 12.47
CA GLU C 94 1.33 -17.24 13.51
C GLU C 94 2.19 -17.21 14.76
N LEU C 95 3.51 -17.08 14.65
CA LEU C 95 4.37 -16.90 15.83
C LEU C 95 3.96 -15.63 16.56
N ILE C 96 3.71 -14.53 15.82
CA ILE C 96 3.24 -13.29 16.44
C ILE C 96 1.96 -13.57 17.22
N GLN C 97 0.98 -14.24 16.61
CA GLN C 97 -0.26 -14.60 17.28
C GLN C 97 0.00 -15.46 18.52
N PHE C 98 0.80 -16.51 18.41
CA PHE C 98 1.09 -17.43 19.52
C PHE C 98 1.89 -16.75 20.65
N ILE C 99 2.57 -15.64 20.38
CA ILE C 99 3.08 -14.75 21.42
C ILE C 99 1.95 -13.88 21.96
N VAL C 100 1.25 -13.16 21.09
CA VAL C 100 0.28 -12.14 21.48
C VAL C 100 -0.86 -12.74 22.28
N LYS C 101 -1.28 -13.97 21.99
CA LYS C 101 -2.33 -14.63 22.74
C LYS C 101 -1.99 -14.78 24.23
N GLU C 102 -0.72 -14.73 24.60
CA GLU C 102 -0.29 -14.80 26.01
C GLU C 102 -0.44 -13.46 26.73
N LEU C 103 -0.22 -12.34 26.02
CA LEU C 103 -0.50 -11.02 26.56
C LEU C 103 -1.93 -10.97 27.08
N LEU C 104 -2.86 -11.60 26.38
CA LEU C 104 -4.27 -11.58 26.76
C LEU C 104 -4.47 -12.17 28.15
N GLU C 105 -3.88 -13.34 28.40
CA GLU C 105 -4.04 -14.02 29.69
C GLU C 105 -3.12 -13.47 30.79
N LEU C 106 -2.05 -12.77 30.43
CA LEU C 106 -1.32 -11.93 31.38
C LEU C 106 -2.16 -10.71 31.81
N ALA C 107 -2.72 -9.97 30.87
CA ALA C 107 -3.26 -8.65 31.12
C ALA C 107 -4.41 -8.67 32.15
N ARG C 108 -5.31 -9.64 32.03
CA ARG C 108 -6.48 -9.75 32.91
C ARG C 108 -6.12 -9.92 34.38
N LYS C 109 -4.89 -10.36 34.70
CA LYS C 109 -4.46 -10.65 36.07
C LYS C 109 -4.44 -9.41 36.95
N LEU C 110 -4.05 -8.26 36.42
CA LEU C 110 -3.57 -7.15 37.24
C LEU C 110 -4.68 -6.33 37.87
N THR C 111 -4.63 -6.18 39.19
CA THR C 111 -5.67 -5.50 40.00
C THR C 111 -5.44 -4.02 40.23
N ASP C 112 -4.22 -3.50 40.03
CA ASP C 112 -3.84 -2.14 40.44
C ASP C 112 -3.36 -1.28 39.26
N PRO C 113 -3.71 0.02 39.21
CA PRO C 113 -3.59 0.81 37.98
C PRO C 113 -2.13 1.02 37.59
N LYS C 114 -1.31 1.40 38.57
CA LYS C 114 0.13 1.57 38.38
C LYS C 114 0.86 0.29 38.01
N ASP C 115 0.28 -0.88 38.29
CA ASP C 115 0.85 -2.16 37.87
C ASP C 115 0.44 -2.49 36.42
N LEU C 116 -0.81 -2.20 36.03
CA LEU C 116 -1.25 -2.32 34.64
C LEU C 116 -0.71 -1.20 33.74
N ALA C 117 0.07 -0.27 34.28
CA ALA C 117 0.80 0.72 33.51
C ALA C 117 1.52 0.11 32.30
N LYS C 118 2.47 -0.80 32.54
CA LYS C 118 3.20 -1.42 31.42
C LYS C 118 2.31 -2.28 30.54
N VAL C 119 1.25 -2.88 31.08
CA VAL C 119 0.33 -3.69 30.26
C VAL C 119 -0.29 -2.82 29.18
N LEU C 120 -0.79 -1.66 29.59
CA LEU C 120 -1.29 -0.68 28.65
C LEU C 120 -0.19 -0.18 27.73
N ASP C 121 1.04 0.07 28.22
CA ASP C 121 2.12 0.48 27.33
C ASP C 121 2.42 -0.55 26.27
N SER C 122 2.50 -1.81 26.66
CA SER C 122 2.80 -2.94 25.79
C SER C 122 1.75 -3.05 24.70
N ILE C 123 0.47 -2.94 25.06
CA ILE C 123 -0.61 -2.86 24.09
C ILE C 123 -0.37 -1.70 23.14
N SER C 124 0.00 -0.52 23.64
CA SER C 124 0.25 0.64 22.76
C SER C 124 1.41 0.37 21.81
N GLU C 125 2.44 -0.33 22.28
CA GLU C 125 3.55 -0.74 21.44
C GLU C 125 3.06 -1.70 20.35
N LEU C 126 2.31 -2.74 20.71
CA LEU C 126 1.74 -3.69 19.75
C LEU C 126 0.90 -2.98 18.69
N LEU C 127 0.01 -2.08 19.09
CA LEU C 127 -0.79 -1.32 18.13
C LEU C 127 0.11 -0.47 17.22
N THR C 128 1.23 0.03 17.73
CA THR C 128 2.26 0.67 16.89
C THR C 128 2.82 -0.34 15.90
N GLU C 129 3.05 -1.59 16.32
CA GLU C 129 3.52 -2.63 15.41
C GLU C 129 2.48 -3.00 14.35
N LEU C 130 1.18 -2.95 14.66
CA LEU C 130 0.16 -3.36 13.70
C LEU C 130 0.19 -2.53 12.41
N ALA C 131 0.49 -1.23 12.48
CA ALA C 131 0.66 -0.42 11.27
C ALA C 131 1.79 -0.93 10.39
N LEU C 132 2.95 -1.22 10.98
CA LEU C 132 4.10 -1.79 10.27
C LEU C 132 3.75 -3.17 9.66
N LYS C 133 3.00 -3.99 10.42
CA LYS C 133 2.61 -5.36 10.04
C LYS C 133 1.46 -5.43 9.02
N THR C 134 0.74 -4.34 8.74
CA THR C 134 -0.48 -4.37 7.90
C THR C 134 -0.61 -3.25 6.85
N GLY C 135 0.17 -2.19 6.95
CA GLY C 135 0.17 -1.05 6.02
C GLY C 135 -0.97 -0.03 6.20
N ASP C 136 -1.95 -0.29 7.09
CA ASP C 136 -3.06 0.63 7.36
C ASP C 136 -2.71 1.61 8.50
N PRO C 137 -2.66 2.94 8.26
CA PRO C 137 -2.36 3.90 9.32
C PRO C 137 -3.45 3.94 10.40
N THR C 138 -4.65 3.46 10.13
CA THR C 138 -5.71 3.33 11.15
C THR C 138 -5.27 2.42 12.30
N ALA C 139 -4.30 1.52 12.10
CA ALA C 139 -3.77 0.68 13.17
C ALA C 139 -2.93 1.49 14.20
N ALA C 140 -1.98 2.32 13.74
CA ALA C 140 -1.26 3.26 14.61
C ALA C 140 -2.19 4.36 15.12
N LEU C 141 -3.23 4.69 14.37
CA LEU C 141 -4.25 5.61 14.84
C LEU C 141 -4.90 5.06 16.11
N ALA C 142 -5.14 3.75 16.20
CA ALA C 142 -5.65 3.19 17.45
C ALA C 142 -4.60 3.34 18.55
N ALA C 143 -3.30 3.35 18.24
CA ALA C 143 -2.25 3.67 19.23
C ALA C 143 -2.29 5.13 19.68
N MET C 144 -2.65 6.06 18.80
CA MET C 144 -2.94 7.43 19.23
C MET C 144 -4.04 7.40 20.29
N VAL C 145 -5.13 6.64 20.06
CA VAL C 145 -6.12 6.39 21.12
C VAL C 145 -5.46 5.72 22.32
N ALA C 146 -4.58 4.75 22.12
CA ALA C 146 -3.87 4.08 23.19
C ALA C 146 -2.89 4.98 23.95
N HIS C 147 -2.63 6.21 23.53
CA HIS C 147 -1.95 7.14 24.44
C HIS C 147 -2.78 7.31 25.70
N ILE C 148 -4.12 7.21 25.64
CA ILE C 148 -5.00 7.20 26.82
C ILE C 148 -4.61 6.06 27.75
N ALA C 149 -4.32 4.91 27.17
CA ALA C 149 -3.79 3.78 27.91
C ALA C 149 -2.46 4.10 28.64
N GLU C 150 -1.64 5.03 28.15
CA GLU C 150 -0.58 5.65 28.98
C GLU C 150 -1.14 6.66 29.98
N LEU C 151 -2.05 7.55 29.56
CA LEU C 151 -2.54 8.62 30.42
C LEU C 151 -3.09 8.05 31.70
N VAL C 152 -3.73 6.90 31.63
CA VAL C 152 -4.33 6.16 32.75
C VAL C 152 -3.41 6.09 33.96
N VAL C 153 -2.09 5.94 33.75
CA VAL C 153 -1.11 5.90 34.84
C VAL C 153 -1.08 7.23 35.60
N ARG C 154 -0.97 8.34 34.88
CA ARG C 154 -1.03 9.69 35.44
C ARG C 154 -2.34 9.85 36.21
N LEU C 155 -3.44 9.50 35.54
CA LEU C 155 -4.80 9.75 35.98
C LEU C 155 -5.10 9.01 37.29
N ALA C 156 -4.55 7.82 37.50
CA ALA C 156 -4.57 7.20 38.81
C ALA C 156 -3.58 7.90 39.76
N LEU C 157 -2.37 8.15 39.30
CA LEU C 157 -1.23 8.55 40.12
C LEU C 157 -1.49 9.82 40.92
N MET C 158 -2.12 10.82 40.28
CA MET C 158 -2.51 12.07 40.94
C MET C 158 -3.37 11.82 42.18
N ALA C 159 -4.34 10.90 42.08
CA ALA C 159 -5.12 10.49 43.23
C ALA C 159 -4.23 9.76 44.24
N GLU C 160 -3.50 8.72 43.80
CA GLU C 160 -2.72 7.86 44.72
C GLU C 160 -1.69 8.66 45.54
N ARG C 161 -1.09 9.70 44.96
CA ARG C 161 -0.16 10.62 45.66
C ARG C 161 -0.84 11.56 46.67
N THR C 162 -2.15 11.46 46.85
CA THR C 162 -2.90 12.13 47.93
C THR C 162 -3.65 11.12 48.81
N HIS C 163 -4.33 10.13 48.24
CA HIS C 163 -4.85 8.95 48.96
C HIS C 163 -5.03 7.74 48.00
N PRO C 164 -4.77 6.51 48.46
CA PRO C 164 -4.87 5.30 47.62
C PRO C 164 -6.29 4.69 47.55
N GLY C 165 -6.58 3.99 46.45
CA GLY C 165 -7.59 2.92 46.42
C GLY C 165 -9.06 3.33 46.64
N SER C 166 -9.47 4.53 46.21
CA SER C 166 -10.87 4.96 46.30
C SER C 166 -11.82 4.08 45.47
N GLU C 167 -13.11 4.10 45.77
CA GLU C 167 -14.12 3.39 44.96
C GLU C 167 -14.10 3.84 43.49
N ILE C 168 -13.71 5.10 43.22
CA ILE C 168 -13.55 5.57 41.87
C ILE C 168 -12.30 4.96 41.24
N VAL C 169 -11.18 4.85 41.97
CA VAL C 169 -10.00 4.12 41.48
C VAL C 169 -10.36 2.67 41.17
N LYS C 170 -11.20 2.05 42.00
CA LYS C 170 -11.71 0.70 41.73
C LYS C 170 -12.52 0.68 40.43
N LYS C 171 -13.36 1.69 40.18
CA LYS C 171 -14.05 1.82 38.89
C LYS C 171 -13.06 2.00 37.74
N ALA C 172 -12.02 2.78 37.95
CA ALA C 172 -11.00 3.02 36.95
C ALA C 172 -10.37 1.71 36.52
N VAL C 173 -9.88 0.88 37.45
CA VAL C 173 -9.20 -0.35 37.03
C VAL C 173 -10.15 -1.22 36.20
N LYS C 174 -11.42 -1.35 36.59
CA LYS C 174 -12.39 -2.11 35.79
C LYS C 174 -12.57 -1.52 34.40
N LEU C 175 -12.65 -0.19 34.29
CA LEU C 175 -12.76 0.46 32.99
C LEU C 175 -11.53 0.18 32.15
N VAL C 176 -10.35 0.47 32.66
CA VAL C 176 -9.18 0.41 31.83
C VAL C 176 -8.84 -1.03 31.49
N GLN C 177 -9.05 -1.98 32.40
CA GLN C 177 -9.01 -3.40 32.09
C GLN C 177 -9.92 -3.70 30.91
N GLU C 178 -11.18 -3.27 30.94
CA GLU C 178 -12.09 -3.51 29.83
C GLU C 178 -11.56 -2.90 28.52
N VAL C 179 -11.03 -1.68 28.58
CA VAL C 179 -10.41 -1.05 27.41
C VAL C 179 -9.20 -1.84 26.96
N ALA C 180 -8.43 -2.40 27.87
CA ALA C 180 -7.33 -3.26 27.52
C ALA C 180 -7.86 -4.51 26.82
N GLU C 181 -8.76 -5.24 27.46
CA GLU C 181 -9.30 -6.51 26.98
C GLU C 181 -9.89 -6.39 25.58
N GLU C 182 -10.68 -5.36 25.33
CA GLU C 182 -11.23 -5.21 24.00
C GLU C 182 -10.17 -4.80 22.97
N VAL C 183 -9.15 -4.01 23.33
CA VAL C 183 -8.10 -3.65 22.37
C VAL C 183 -7.25 -4.85 22.04
N LEU C 184 -6.84 -5.62 23.03
CA LEU C 184 -6.03 -6.80 22.78
C LEU C 184 -6.82 -7.82 21.94
N GLU C 185 -8.15 -7.91 22.10
CA GLU C 185 -8.97 -8.70 21.18
C GLU C 185 -8.95 -8.11 19.76
N ALA C 186 -9.09 -6.79 19.62
CA ALA C 186 -9.10 -6.16 18.30
C ALA C 186 -7.74 -6.33 17.59
N ALA C 187 -6.65 -6.27 18.34
CA ALA C 187 -5.33 -6.62 17.84
C ALA C 187 -5.33 -8.09 17.37
N GLN C 188 -5.91 -9.01 18.14
CA GLN C 188 -5.96 -10.42 17.77
C GLN C 188 -6.69 -10.61 16.43
N LEU C 189 -7.86 -9.97 16.26
CA LEU C 189 -8.58 -10.08 15.00
C LEU C 189 -7.84 -9.43 13.83
N MET C 190 -7.13 -8.32 14.07
CA MET C 190 -6.30 -7.68 13.06
C MET C 190 -5.20 -8.64 12.57
N LEU C 191 -4.51 -9.31 13.49
CA LEU C 191 -3.51 -10.31 13.13
C LEU C 191 -4.14 -11.47 12.35
N GLU C 192 -5.29 -11.97 12.80
CA GLU C 192 -5.94 -13.13 12.18
C GLU C 192 -6.53 -12.86 10.79
N LYS C 193 -7.03 -11.64 10.52
CA LYS C 193 -7.58 -11.24 9.20
C LYS C 193 -7.40 -9.74 8.91
N PRO C 194 -6.18 -9.32 8.55
CA PRO C 194 -5.82 -7.91 8.46
C PRO C 194 -6.55 -7.18 7.33
N ASN C 195 -6.75 -5.86 7.52
CA ASN C 195 -7.40 -4.95 6.57
C ASN C 195 -8.82 -5.42 6.18
N SER C 196 -9.73 -5.52 7.16
CA SER C 196 -11.09 -6.03 6.95
C SER C 196 -12.16 -5.32 7.78
N ASP C 197 -13.40 -5.37 7.29
CA ASP C 197 -14.55 -4.62 7.81
C ASP C 197 -15.00 -5.07 9.21
N GLU C 198 -14.86 -6.35 9.55
CA GLU C 198 -15.15 -6.85 10.90
C GLU C 198 -14.18 -6.28 11.95
N VAL C 199 -12.87 -6.23 11.65
CA VAL C 199 -11.93 -5.60 12.58
C VAL C 199 -12.11 -4.09 12.61
N ALA C 200 -12.39 -3.44 11.48
CA ALA C 200 -12.72 -2.02 11.48
C ALA C 200 -13.91 -1.70 12.41
N LYS C 201 -14.96 -2.53 12.38
CA LYS C 201 -16.07 -2.36 13.31
C LYS C 201 -15.68 -2.59 14.76
N LYS C 202 -15.00 -3.69 15.10
CA LYS C 202 -14.68 -3.92 16.53
C LYS C 202 -13.54 -3.04 17.08
N LEU C 203 -12.71 -2.44 16.22
CA LEU C 203 -11.85 -1.35 16.64
C LEU C 203 -12.71 -0.16 17.09
N GLU C 204 -13.58 0.33 16.22
CA GLU C 204 -14.42 1.48 16.55
C GLU C 204 -15.23 1.23 17.81
N GLU C 205 -15.75 0.01 17.97
CA GLU C 205 -16.55 -0.39 19.13
C GLU C 205 -15.82 -0.23 20.46
N VAL C 206 -14.49 -0.41 20.50
CA VAL C 206 -13.70 -0.05 21.70
C VAL C 206 -13.26 1.41 21.66
N ALA C 207 -12.95 1.98 20.51
CA ALA C 207 -12.59 3.38 20.42
C ALA C 207 -13.62 4.28 21.10
N LYS C 208 -14.91 4.07 20.80
CA LYS C 208 -16.01 4.86 21.42
C LYS C 208 -16.08 4.69 22.94
N LYS C 209 -15.58 3.57 23.47
CA LYS C 209 -15.45 3.33 24.90
C LYS C 209 -14.17 3.95 25.45
N ALA C 210 -13.07 3.83 24.73
CA ALA C 210 -11.79 4.33 25.18
C ALA C 210 -11.90 5.82 25.48
N ILE C 211 -12.41 6.61 24.53
CA ILE C 211 -12.55 8.06 24.75
C ILE C 211 -13.45 8.33 25.95
N GLU C 212 -14.52 7.58 26.11
CA GLU C 212 -15.40 7.73 27.27
C GLU C 212 -14.64 7.42 28.56
N ALA C 213 -13.81 6.38 28.56
CA ALA C 213 -13.03 5.98 29.73
C ALA C 213 -12.04 7.07 30.13
N CYS C 214 -11.37 7.68 29.15
CA CYS C 214 -10.57 8.86 29.44
C CYS C 214 -11.44 9.97 30.00
N ILE C 215 -12.58 10.25 29.36
CA ILE C 215 -13.46 11.35 29.70
C ILE C 215 -13.93 11.22 31.15
N GLU C 216 -14.30 10.02 31.59
CA GLU C 216 -14.71 9.83 32.97
C GLU C 216 -13.56 10.05 33.94
N LEU C 217 -12.35 9.64 33.58
CA LEU C 217 -11.19 9.88 34.43
C LEU C 217 -10.91 11.39 34.60
N GLN C 218 -11.12 12.20 33.57
CA GLN C 218 -10.92 13.62 33.74
C GLN C 218 -11.82 14.18 34.84
N GLN C 219 -13.09 13.81 34.91
CA GLN C 219 -13.96 14.45 35.89
C GLN C 219 -13.61 14.07 37.35
N ILE C 220 -13.03 12.90 37.61
CA ILE C 220 -12.53 12.59 38.96
C ILE C 220 -11.26 13.35 39.26
N LEU C 221 -10.37 13.53 38.28
CA LEU C 221 -9.27 14.47 38.45
C LEU C 221 -9.80 15.87 38.71
N GLU C 222 -10.84 16.31 38.00
CA GLU C 222 -11.39 17.64 38.16
C GLU C 222 -11.99 17.85 39.56
N ALA C 223 -12.75 16.86 40.05
CA ALA C 223 -13.30 16.89 41.40
C ALA C 223 -12.18 16.94 42.45
N TRP C 224 -11.19 16.07 42.32
CA TRP C 224 -10.01 16.08 43.17
C TRP C 224 -9.29 17.42 43.12
N ALA C 225 -9.11 18.00 41.94
CA ALA C 225 -8.40 19.27 41.77
C ALA C 225 -9.18 20.45 42.35
N LYS C 226 -10.51 20.54 42.19
CA LYS C 226 -11.29 21.63 42.80
C LYS C 226 -11.41 21.49 44.32
N GLU C 227 -11.36 20.28 44.85
CA GLU C 227 -11.19 20.05 46.29
C GLU C 227 -9.82 20.50 46.79
N ARG C 228 -8.74 20.29 46.01
CA ARG C 228 -7.40 20.80 46.33
C ARG C 228 -7.28 22.32 46.17
N GLY C 229 -7.96 22.89 45.18
CA GLY C 229 -8.01 24.33 44.89
C GLY C 229 -6.73 24.94 44.31
N ASP C 230 -5.68 24.15 44.09
CA ASP C 230 -4.40 24.64 43.58
C ASP C 230 -4.50 25.03 42.11
N GLN C 231 -4.20 26.29 41.78
CA GLN C 231 -4.25 26.81 40.42
C GLN C 231 -3.37 26.00 39.44
N ASP C 232 -2.25 25.45 39.91
CA ASP C 232 -1.41 24.61 39.05
C ASP C 232 -2.11 23.26 38.76
N LEU C 233 -2.75 22.63 39.74
CA LEU C 233 -3.53 21.42 39.49
C LEU C 233 -4.72 21.73 38.57
N LEU C 234 -5.36 22.87 38.76
CA LEU C 234 -6.42 23.30 37.86
C LEU C 234 -5.87 23.48 36.44
N ARG C 235 -4.67 24.04 36.27
CA ARG C 235 -4.00 24.12 34.98
C ARG C 235 -3.76 22.71 34.40
N GLU C 236 -3.28 21.79 35.23
CA GLU C 236 -3.04 20.41 34.78
C GLU C 236 -4.33 19.75 34.26
N VAL C 237 -5.46 19.88 34.97
CA VAL C 237 -6.66 19.18 34.53
C VAL C 237 -7.25 19.83 33.29
N ARG C 238 -7.24 21.15 33.15
CA ARG C 238 -7.77 21.76 31.92
C ARG C 238 -6.96 21.29 30.73
N GLU C 239 -5.64 21.22 30.85
CA GLU C 239 -4.81 20.76 29.75
C GLU C 239 -5.03 19.29 29.45
N HIS C 240 -5.10 18.43 30.47
CA HIS C 240 -5.40 17.02 30.24
C HIS C 240 -6.80 16.82 29.63
N LYS C 241 -7.76 17.70 29.91
CA LYS C 241 -9.03 17.71 29.19
C LYS C 241 -8.79 18.03 27.74
N LEU C 242 -8.19 19.19 27.43
CA LEU C 242 -8.02 19.65 26.06
C LEU C 242 -7.27 18.62 25.20
N GLN C 243 -6.34 17.91 25.81
CA GLN C 243 -5.60 16.90 25.10
C GLN C 243 -6.51 15.81 24.53
N ILE C 244 -7.61 15.44 25.18
CA ILE C 244 -8.48 14.36 24.72
C ILE C 244 -8.94 14.65 23.32
N LEU C 245 -9.65 15.76 23.13
CA LEU C 245 -10.16 16.14 21.83
C LEU C 245 -9.02 16.21 20.85
N THR C 246 -7.90 16.80 21.27
CA THR C 246 -6.74 17.01 20.41
C THR C 246 -6.31 15.71 19.74
N ILE C 247 -6.32 14.59 20.46
CA ILE C 247 -5.92 13.30 19.91
C ILE C 247 -7.12 12.63 19.26
N ALA C 248 -8.19 12.46 20.01
CA ALA C 248 -9.29 11.59 19.61
C ALA C 248 -9.87 12.00 18.26
N VAL C 249 -9.90 13.27 17.94
CA VAL C 249 -10.41 13.75 16.66
C VAL C 249 -9.69 13.12 15.49
N ALA C 250 -8.40 12.81 15.63
CA ALA C 250 -7.66 12.15 14.57
C ALA C 250 -8.31 10.80 14.15
N TYR C 251 -8.87 10.07 15.12
CA TYR C 251 -9.41 8.73 14.92
C TYR C 251 -10.41 8.65 13.77
N LYS C 252 -11.43 9.51 13.76
CA LYS C 252 -12.40 9.52 12.65
C LYS C 252 -11.85 10.24 11.43
N ALA C 253 -10.93 11.18 11.63
CA ALA C 253 -10.32 11.92 10.53
C ALA C 253 -9.52 10.99 9.62
N ALA C 254 -8.52 10.29 10.16
CA ALA C 254 -7.68 9.46 9.31
C ALA C 254 -8.39 8.19 8.81
N GLN C 255 -9.45 7.70 9.47
CA GLN C 255 -10.31 6.67 8.87
C GLN C 255 -10.99 7.18 7.60
N MET C 256 -11.44 8.43 7.58
CA MET C 256 -12.02 9.07 6.40
C MET C 256 -10.95 9.38 5.32
N GLY C 257 -9.67 9.11 5.60
CA GLY C 257 -8.56 9.25 4.66
C GLY C 257 -7.96 10.66 4.54
N VAL C 258 -8.54 11.65 5.23
CA VAL C 258 -8.05 13.02 5.27
C VAL C 258 -6.83 13.15 6.19
N THR C 259 -5.88 14.00 5.82
CA THR C 259 -4.77 14.38 6.70
C THR C 259 -5.23 15.29 7.82
N VAL C 260 -4.46 15.40 8.91
CA VAL C 260 -4.74 16.34 9.99
C VAL C 260 -3.50 17.12 10.34
N LEU C 261 -3.69 18.35 10.81
CA LEU C 261 -2.63 19.17 11.39
C LEU C 261 -3.14 19.77 12.70
N LYS C 262 -2.30 19.89 13.73
CA LYS C 262 -2.73 20.42 15.04
C LYS C 262 -1.66 21.22 15.73
N HIS C 263 -2.05 22.11 16.63
CA HIS C 263 -1.13 22.98 17.37
C HIS C 263 -1.67 23.32 18.78
N THR C 264 -0.80 23.67 19.72
CA THR C 264 -1.15 23.90 21.13
C THR C 264 -0.45 25.12 21.72
N HIS C 265 -1.18 25.99 22.41
CA HIS C 265 -0.61 27.15 23.10
C HIS C 265 -1.25 27.41 24.46
N GLY C 266 -1.53 26.34 25.20
CA GLY C 266 -1.72 26.38 26.67
C GLY C 266 -3.09 26.84 27.15
N TRP C 267 -3.70 27.84 26.51
CA TRP C 267 -5.12 28.16 26.71
C TRP C 267 -5.94 28.00 25.42
N VAL C 268 -5.31 27.62 24.32
CA VAL C 268 -5.97 27.34 23.05
C VAL C 268 -5.34 26.14 22.37
N VAL C 269 -6.14 25.40 21.62
CA VAL C 269 -5.74 24.30 20.75
C VAL C 269 -6.31 24.56 19.37
N PHE C 270 -5.53 24.32 18.33
CA PHE C 270 -5.96 24.49 16.95
C PHE C 270 -5.86 23.18 16.21
N LEU C 271 -6.77 22.97 15.25
CA LEU C 271 -6.70 21.92 14.25
C LEU C 271 -7.06 22.47 12.88
N VAL C 272 -6.54 21.87 11.84
CA VAL C 272 -7.16 21.91 10.52
C VAL C 272 -7.17 20.50 9.93
N ILE C 273 -8.23 20.17 9.23
CA ILE C 273 -8.44 18.87 8.62
C ILE C 273 -8.86 19.12 7.19
N LEU C 274 -8.26 18.39 6.25
CA LEU C 274 -8.09 18.91 4.90
C LEU C 274 -8.51 17.91 3.83
N GLY C 275 -9.19 18.38 2.78
CA GLY C 275 -9.50 17.60 1.58
C GLY C 275 -10.74 16.71 1.72
N LEU C 276 -11.78 17.18 2.39
CA LEU C 276 -12.97 16.38 2.64
C LEU C 276 -13.86 16.31 1.39
N HIS C 277 -14.22 15.12 0.94
CA HIS C 277 -15.32 14.97 -0.02
C HIS C 277 -16.66 15.17 0.69
N LYS C 278 -17.41 16.18 0.27
CA LYS C 278 -18.38 16.90 1.12
C LYS C 278 -19.42 16.01 1.82
N GLN C 279 -19.95 15.03 1.12
CA GLN C 279 -21.06 14.15 1.55
C GLN C 279 -20.77 13.37 2.85
N GLN C 280 -19.53 13.35 3.32
CA GLN C 280 -19.09 12.63 4.52
C GLN C 280 -18.54 13.54 5.64
N ALA C 281 -18.42 14.85 5.42
CA ALA C 281 -17.78 15.73 6.39
C ALA C 281 -18.59 15.86 7.70
N GLU C 282 -19.91 15.81 7.60
CA GLU C 282 -20.77 15.93 8.76
C GLU C 282 -20.51 14.82 9.79
N GLN C 283 -19.94 13.67 9.39
CA GLN C 283 -19.51 12.64 10.36
C GLN C 283 -18.35 13.14 11.23
N LEU C 284 -17.32 13.75 10.62
CA LEU C 284 -16.19 14.35 11.34
C LEU C 284 -16.68 15.44 12.28
N LEU C 285 -17.52 16.32 11.77
CA LEU C 285 -18.11 17.39 12.55
C LEU C 285 -18.96 16.84 13.71
N ARG C 286 -19.88 15.93 13.43
CA ARG C 286 -20.75 15.38 14.45
C ARG C 286 -19.93 14.71 15.53
N PHE C 287 -18.86 14.00 15.17
CA PHE C 287 -17.97 13.45 16.17
C PHE C 287 -17.18 14.54 16.94
N VAL C 288 -16.69 15.59 16.26
CA VAL C 288 -16.06 16.74 16.92
C VAL C 288 -17.03 17.40 17.89
N HIS C 289 -18.32 17.48 17.57
CA HIS C 289 -19.27 18.04 18.52
C HIS C 289 -19.41 17.18 19.78
N ARG C 290 -19.57 15.86 19.66
CA ARG C 290 -19.73 14.99 20.84
C ARG C 290 -18.60 15.17 21.82
N VAL C 291 -17.36 14.97 21.40
CA VAL C 291 -16.23 15.08 22.34
C VAL C 291 -16.19 16.48 22.94
N ALA C 292 -16.50 17.51 22.15
CA ALA C 292 -16.50 18.86 22.66
C ALA C 292 -17.51 19.03 23.78
N HIS C 293 -18.77 18.72 23.53
CA HIS C 293 -19.78 18.96 24.57
C HIS C 293 -19.58 18.03 25.75
N ALA C 294 -19.00 16.84 25.53
CA ALA C 294 -18.68 15.95 26.62
C ALA C 294 -17.70 16.59 27.60
N LEU C 295 -16.73 17.35 27.09
CA LEU C 295 -15.70 17.94 27.94
C LEU C 295 -16.11 19.26 28.58
N GLY C 296 -17.13 19.93 28.07
CA GLY C 296 -17.54 21.26 28.53
C GLY C 296 -16.64 22.40 28.04
N VAL C 297 -15.94 22.24 26.92
CA VAL C 297 -15.12 23.28 26.30
C VAL C 297 -15.97 24.33 25.56
N THR C 298 -15.34 25.41 25.11
CA THR C 298 -15.85 26.33 24.08
C THR C 298 -15.11 26.05 22.76
N LEU C 299 -15.78 26.01 21.62
CA LEU C 299 -15.10 25.80 20.34
C LEU C 299 -15.65 26.62 19.15
N SER C 300 -14.81 26.82 18.14
CA SER C 300 -15.12 27.61 16.92
C SER C 300 -14.75 26.87 15.65
N ILE C 301 -15.64 26.88 14.64
CA ILE C 301 -15.56 26.05 13.44
C ILE C 301 -15.72 26.90 12.19
N THR C 302 -14.99 26.65 11.09
CA THR C 302 -15.33 27.21 9.76
C THR C 302 -15.13 26.22 8.63
N PHE C 303 -16.13 26.09 7.79
CA PHE C 303 -16.31 25.05 6.83
C PHE C 303 -16.49 25.71 5.46
N SER C 304 -15.48 25.61 4.59
CA SER C 304 -15.36 26.42 3.36
C SER C 304 -14.69 25.64 2.24
N GLY C 305 -15.42 25.33 1.17
CA GLY C 305 -14.91 24.43 0.16
C GLY C 305 -14.53 23.09 0.78
N ASP C 306 -13.42 22.50 0.37
CA ASP C 306 -12.93 21.20 0.85
C ASP C 306 -11.95 21.27 2.06
N ILE C 307 -11.92 22.35 2.85
CA ILE C 307 -11.08 22.45 4.06
C ILE C 307 -11.88 22.89 5.29
N VAL C 308 -11.59 22.34 6.47
CA VAL C 308 -12.31 22.67 7.72
C VAL C 308 -11.36 23.01 8.84
N VAL C 309 -11.55 24.15 9.48
CA VAL C 309 -10.72 24.63 10.58
C VAL C 309 -11.50 24.56 11.88
N ILE C 310 -10.88 24.04 12.94
CA ILE C 310 -11.48 23.93 14.28
C ILE C 310 -10.51 24.48 15.33
N ALA C 311 -10.98 25.15 16.36
CA ALA C 311 -10.15 25.47 17.50
C ALA C 311 -10.95 25.47 18.79
N VAL C 312 -10.29 25.25 19.92
CA VAL C 312 -10.92 24.91 21.19
C VAL C 312 -10.24 25.63 22.33
N THR C 313 -10.91 25.85 23.44
CA THR C 313 -10.31 26.53 24.60
C THR C 313 -10.99 26.16 25.91
N VAL C 314 -10.29 26.38 27.02
CA VAL C 314 -10.86 26.41 28.38
C VAL C 314 -11.79 27.60 28.61
N GLY C 315 -11.68 28.66 27.80
CA GLY C 315 -12.46 29.89 27.90
C GLY C 315 -11.62 31.11 28.29
N ALA C 316 -12.03 32.28 27.80
CA ALA C 316 -11.31 33.54 27.87
C ALA C 316 -12.28 34.74 27.77
N SER C 317 -11.79 35.97 27.78
CA SER C 317 -12.64 37.15 27.57
C SER C 317 -13.34 37.10 26.21
N GLU C 318 -14.43 37.84 26.05
CA GLU C 318 -15.07 37.95 24.73
C GLU C 318 -14.13 38.51 23.64
N GLU C 319 -13.18 39.39 24.00
CA GLU C 319 -12.16 39.88 23.08
C GLU C 319 -11.19 38.76 22.67
N GLU C 320 -10.71 37.96 23.62
CA GLU C 320 -9.87 36.81 23.30
C GLU C 320 -10.63 35.78 22.47
N LYS C 321 -11.92 35.57 22.79
CA LYS C 321 -12.80 34.66 22.06
C LYS C 321 -12.94 35.12 20.62
N LYS C 322 -13.33 36.38 20.39
CA LYS C 322 -13.50 36.90 19.01
C LYS C 322 -12.17 37.01 18.28
N GLU C 323 -11.06 37.21 18.99
CA GLU C 323 -9.72 37.07 18.42
C GLU C 323 -9.50 35.65 17.92
N VAL C 324 -9.72 34.63 18.76
CA VAL C 324 -9.57 33.25 18.31
C VAL C 324 -10.44 32.99 17.08
N ARG C 325 -11.68 33.47 17.09
CA ARG C 325 -12.59 33.30 15.93
C ARG C 325 -12.00 33.98 14.68
N LYS C 326 -11.40 35.16 14.84
CA LYS C 326 -10.70 35.86 13.75
C LYS C 326 -9.57 34.99 13.22
N ILE C 327 -8.69 34.48 14.09
CA ILE C 327 -7.55 33.67 13.68
C ILE C 327 -8.04 32.45 12.91
N VAL C 328 -9.08 31.78 13.41
CA VAL C 328 -9.70 30.64 12.73
C VAL C 328 -10.15 31.03 11.32
N LYS C 329 -10.86 32.15 11.17
CA LYS C 329 -11.30 32.61 9.85
C LYS C 329 -10.11 32.94 8.95
N GLU C 330 -9.09 33.60 9.48
CA GLU C 330 -7.89 33.87 8.70
C GLU C 330 -7.24 32.56 8.26
N ILE C 331 -7.16 31.54 9.13
CA ILE C 331 -6.61 30.25 8.76
C ILE C 331 -7.37 29.71 7.56
N ALA C 332 -8.70 29.69 7.62
CA ALA C 332 -9.47 29.22 6.47
C ALA C 332 -9.17 30.05 5.22
N LYS C 333 -9.23 31.38 5.34
CA LYS C 333 -9.06 32.31 4.22
C LYS C 333 -7.71 32.11 3.54
N GLN C 334 -6.63 32.06 4.31
CA GLN C 334 -5.30 31.92 3.75
C GLN C 334 -5.05 30.51 3.21
N LEU C 335 -5.75 29.48 3.72
CA LEU C 335 -5.64 28.14 3.18
C LEU C 335 -6.40 27.96 1.87
N ARG C 336 -7.61 28.51 1.72
CA ARG C 336 -8.59 27.98 0.73
C ARG C 336 -8.13 27.98 -0.73
N HIS C 337 -7.17 28.82 -1.13
CA HIS C 337 -6.58 28.80 -2.47
C HIS C 337 -5.06 28.58 -2.49
N ALA C 338 -4.52 27.96 -1.44
CA ALA C 338 -3.24 27.26 -1.47
C ALA C 338 -3.41 25.82 -1.98
N GLU C 339 -2.31 25.11 -2.26
CA GLU C 339 -2.36 23.74 -2.77
C GLU C 339 -1.98 22.68 -1.72
N THR C 340 -0.72 22.65 -1.27
CA THR C 340 -0.10 21.49 -0.61
C THR C 340 -0.30 21.43 0.91
N GLU C 341 -0.17 20.22 1.46
CA GLU C 341 -0.05 20.03 2.90
C GLU C 341 1.15 20.80 3.47
N GLU C 342 2.24 20.93 2.70
CA GLU C 342 3.35 21.79 3.06
C GLU C 342 2.92 23.25 3.21
N GLU C 343 2.16 23.78 2.26
CA GLU C 343 1.65 25.16 2.39
C GLU C 343 0.80 25.31 3.65
N ALA C 344 0.01 24.30 4.00
CA ALA C 344 -0.72 24.33 5.25
C ALA C 344 0.25 24.44 6.44
N LYS C 345 1.26 23.57 6.52
CA LYS C 345 2.22 23.56 7.63
C LYS C 345 2.86 24.93 7.78
N GLU C 346 3.31 25.50 6.68
CA GLU C 346 3.90 26.82 6.67
C GLU C 346 2.89 27.86 7.14
N ILE C 347 1.75 27.97 6.47
CA ILE C 347 0.94 29.16 6.62
C ILE C 347 0.24 29.20 7.98
N VAL C 348 -0.11 28.03 8.52
CA VAL C 348 -0.64 27.91 9.89
C VAL C 348 0.43 28.36 10.88
N GLN C 349 1.66 27.85 10.75
CA GLN C 349 2.74 28.33 11.61
C GLN C 349 2.90 29.83 11.46
N ARG C 350 2.83 30.36 10.24
CA ARG C 350 3.01 31.79 10.00
C ARG C 350 1.95 32.60 10.73
N VAL C 351 0.67 32.23 10.67
CA VAL C 351 -0.34 33.06 11.35
C VAL C 351 -0.23 32.95 12.88
N ILE C 352 0.16 31.78 13.39
CA ILE C 352 0.44 31.63 14.82
C ILE C 352 1.63 32.49 15.22
N GLU C 353 2.69 32.53 14.42
CA GLU C 353 3.81 33.43 14.65
C GLU C 353 3.39 34.90 14.56
N GLU C 354 2.65 35.30 13.54
CA GLU C 354 2.16 36.68 13.41
C GLU C 354 1.24 37.08 14.55
N TRP C 355 0.46 36.16 15.11
CA TRP C 355 -0.33 36.38 16.32
C TRP C 355 0.54 36.58 17.57
N GLN C 356 1.65 35.86 17.68
CA GLN C 356 2.51 35.91 18.87
C GLN C 356 3.53 37.06 18.86
N GLU C 357 4.04 37.47 17.69
CA GLU C 357 5.07 38.52 17.59
C GLU C 357 4.57 39.95 17.89
N GLU C 358 3.26 40.18 17.95
CA GLU C 358 2.66 41.46 18.39
C GLU C 358 2.53 41.59 19.93
N GLY C 359 2.89 40.57 20.70
CA GLY C 359 2.76 40.51 22.17
C GLY C 359 3.73 41.41 22.95
N THR D 3 -28.66 -78.75 -4.49
CA THR D 3 -29.73 -78.00 -3.81
C THR D 3 -29.36 -77.77 -2.36
N VAL D 4 -29.70 -76.62 -1.78
CA VAL D 4 -29.54 -76.38 -0.34
C VAL D 4 -30.82 -75.83 0.28
N THR D 5 -31.10 -76.22 1.51
CA THR D 5 -32.26 -75.77 2.29
C THR D 5 -31.89 -75.72 3.77
N PHE D 6 -32.35 -74.69 4.48
CA PHE D 6 -31.98 -74.44 5.87
C PHE D 6 -33.20 -74.56 6.77
N ASP D 7 -33.17 -75.48 7.72
CA ASP D 7 -34.17 -75.53 8.79
C ASP D 7 -33.96 -74.35 9.77
N ILE D 8 -35.04 -73.78 10.30
CA ILE D 8 -35.01 -72.62 11.22
C ILE D 8 -36.08 -72.80 12.32
N THR D 9 -35.79 -72.33 13.53
CA THR D 9 -36.76 -72.23 14.63
C THR D 9 -36.37 -71.09 15.57
N ASN D 10 -37.37 -70.42 16.14
CA ASN D 10 -37.21 -69.28 17.05
C ASN D 10 -36.35 -68.14 16.46
N ILE D 11 -36.75 -67.64 15.29
CA ILE D 11 -36.16 -66.46 14.64
C ILE D 11 -36.57 -65.15 15.39
N SER D 12 -35.98 -64.02 15.00
CA SER D 12 -36.34 -62.68 15.50
C SER D 12 -36.32 -61.65 14.37
N HIS D 13 -36.88 -60.46 14.60
CA HIS D 13 -37.01 -59.43 13.57
C HIS D 13 -35.66 -59.11 12.92
N LYS D 14 -34.68 -58.77 13.74
CA LYS D 14 -33.34 -58.47 13.21
C LYS D 14 -32.73 -59.68 12.49
N ALA D 15 -32.96 -60.90 12.99
CA ALA D 15 -32.47 -62.09 12.33
C ALA D 15 -33.11 -62.27 10.95
N ILE D 16 -34.41 -62.02 10.84
CA ILE D 16 -35.11 -62.00 9.55
C ILE D 16 -34.43 -60.99 8.62
N ASP D 17 -34.15 -59.79 9.11
CA ASP D 17 -33.49 -58.77 8.31
C ASP D 17 -32.12 -59.25 7.84
N ILE D 18 -31.31 -59.77 8.75
CA ILE D 18 -29.97 -60.25 8.40
C ILE D 18 -30.07 -61.34 7.33
N ILE D 19 -30.86 -62.39 7.56
CA ILE D 19 -30.83 -63.54 6.68
C ILE D 19 -31.31 -63.16 5.30
N LEU D 20 -32.42 -62.41 5.21
CA LEU D 20 -32.89 -61.96 3.91
C LEU D 20 -31.85 -61.06 3.24
N LYS D 21 -31.20 -60.13 3.96
CA LYS D 21 -30.20 -59.23 3.38
C LYS D 21 -29.04 -60.01 2.81
N VAL D 22 -28.44 -60.91 3.58
CA VAL D 22 -27.28 -61.63 3.09
C VAL D 22 -27.66 -62.50 1.90
N VAL D 23 -28.75 -63.28 1.98
CA VAL D 23 -29.08 -64.17 0.86
C VAL D 23 -29.47 -63.37 -0.38
N LEU D 24 -30.14 -62.24 -0.26
CA LEU D 24 -30.47 -61.47 -1.46
C LEU D 24 -29.25 -60.78 -2.03
N GLY D 25 -28.21 -60.57 -1.22
CA GLY D 25 -26.87 -60.26 -1.74
C GLY D 25 -26.34 -61.42 -2.58
N ILE D 26 -26.34 -62.63 -2.03
CA ILE D 26 -25.86 -63.84 -2.73
C ILE D 26 -26.65 -64.08 -4.01
N ALA D 27 -27.96 -63.82 -4.01
CA ALA D 27 -28.81 -63.97 -5.18
C ALA D 27 -28.39 -63.08 -6.36
N GLU D 28 -27.68 -61.97 -6.11
CA GLU D 28 -27.00 -61.18 -7.14
C GLU D 28 -25.55 -61.64 -7.37
N HIS D 29 -24.78 -61.94 -6.31
CA HIS D 29 -23.38 -62.35 -6.45
C HIS D 29 -23.22 -63.67 -7.20
N GLU D 30 -24.02 -64.68 -6.87
CA GLU D 30 -24.12 -65.95 -7.57
C GLU D 30 -25.23 -65.94 -8.64
N GLY D 31 -26.08 -64.91 -8.68
CA GLY D 31 -27.08 -64.73 -9.73
C GLY D 31 -28.24 -65.75 -9.69
N THR D 32 -28.41 -66.46 -8.58
CA THR D 32 -29.22 -67.68 -8.50
C THR D 32 -30.73 -67.41 -8.26
N GLU D 33 -31.51 -68.48 -8.18
CA GLU D 33 -32.93 -68.49 -7.83
C GLU D 33 -33.09 -68.91 -6.36
N VAL D 34 -33.89 -68.16 -5.62
CA VAL D 34 -34.04 -68.31 -4.17
C VAL D 34 -35.51 -68.41 -3.81
N THR D 35 -35.85 -69.20 -2.81
CA THR D 35 -37.19 -69.25 -2.23
C THR D 35 -37.11 -69.16 -0.72
N PHE D 36 -38.06 -68.44 -0.13
CA PHE D 36 -38.33 -68.48 1.30
C PHE D 36 -39.78 -68.94 1.47
N HIS D 37 -40.06 -69.52 2.62
CA HIS D 37 -41.42 -69.52 3.13
C HIS D 37 -41.40 -68.80 4.47
N SER D 38 -42.51 -68.17 4.86
CA SER D 38 -42.68 -67.67 6.23
C SER D 38 -44.06 -67.99 6.79
N GLU D 39 -44.09 -68.58 8.00
CA GLU D 39 -45.33 -68.92 8.72
C GLU D 39 -45.04 -68.99 10.22
N ARG D 40 -46.07 -68.80 11.06
CA ARG D 40 -45.91 -68.51 12.50
C ARG D 40 -44.91 -67.38 12.76
N GLY D 41 -44.73 -66.47 11.80
CA GLY D 41 -43.67 -65.47 11.75
C GLY D 41 -42.26 -66.02 11.54
N GLN D 42 -42.09 -67.34 11.63
CA GLN D 42 -40.83 -68.07 11.42
C GLN D 42 -40.48 -68.18 9.93
N LEU D 43 -39.33 -68.78 9.62
CA LEU D 43 -38.77 -68.83 8.26
C LEU D 43 -38.46 -70.27 7.80
N GLN D 44 -38.41 -70.45 6.49
CA GLN D 44 -37.77 -71.55 5.75
C GLN D 44 -37.07 -70.97 4.51
N ILE D 45 -35.96 -71.56 4.07
CA ILE D 45 -35.11 -71.04 2.99
C ILE D 45 -34.68 -72.16 2.03
N GLU D 46 -34.72 -71.91 0.71
CA GLU D 46 -34.17 -72.77 -0.34
C GLU D 46 -33.26 -71.96 -1.29
N VAL D 47 -32.10 -72.51 -1.68
CA VAL D 47 -31.13 -71.89 -2.59
C VAL D 47 -30.48 -72.97 -3.48
N LYS D 48 -30.03 -72.61 -4.68
CA LYS D 48 -29.43 -73.53 -5.68
C LYS D 48 -27.99 -73.14 -6.03
N ASN D 49 -27.13 -74.14 -6.24
CA ASN D 49 -25.70 -74.07 -6.61
C ASN D 49 -24.74 -73.41 -5.60
N LEU D 50 -25.13 -73.29 -4.32
CA LEU D 50 -24.39 -72.52 -3.31
C LEU D 50 -23.04 -73.15 -2.92
N HIS D 51 -22.03 -72.31 -2.66
CA HIS D 51 -20.69 -72.70 -2.19
C HIS D 51 -20.68 -72.99 -0.67
N GLU D 52 -19.73 -73.81 -0.19
CA GLU D 52 -19.79 -74.33 1.19
C GLU D 52 -19.61 -73.26 2.28
N GLU D 53 -18.64 -72.35 2.15
CA GLU D 53 -18.54 -71.25 3.12
C GLU D 53 -19.72 -70.28 2.98
N ASP D 54 -20.17 -69.99 1.77
CA ASP D 54 -21.36 -69.18 1.52
C ASP D 54 -22.63 -69.81 2.10
N LYS D 55 -22.68 -71.14 2.24
CA LYS D 55 -23.71 -71.86 3.00
C LYS D 55 -23.52 -71.64 4.50
N ARG D 56 -22.35 -71.92 5.05
CA ARG D 56 -22.08 -71.75 6.48
C ARG D 56 -22.33 -70.31 6.94
N LEU D 57 -22.07 -69.33 6.07
CA LEU D 57 -22.37 -67.92 6.27
C LEU D 57 -23.82 -67.72 6.69
N ILE D 58 -24.76 -68.42 6.06
CA ILE D 58 -26.17 -68.33 6.42
C ILE D 58 -26.37 -68.93 7.80
N GLU D 59 -25.85 -70.13 8.03
CA GLU D 59 -25.99 -70.82 9.31
C GLU D 59 -25.45 -69.96 10.45
N GLN D 60 -24.25 -69.44 10.30
CA GLN D 60 -23.62 -68.66 11.34
C GLN D 60 -24.30 -67.32 11.49
N ALA D 61 -24.74 -66.67 10.41
CA ALA D 61 -25.49 -65.43 10.53
C ALA D 61 -26.72 -65.64 11.42
N ILE D 62 -27.46 -66.73 11.23
CA ILE D 62 -28.61 -67.05 12.06
C ILE D 62 -28.17 -67.20 13.51
N GLU D 63 -27.20 -68.07 13.76
CA GLU D 63 -26.76 -68.35 15.13
C GLU D 63 -26.32 -67.06 15.81
N ALA D 64 -25.50 -66.26 15.13
CA ALA D 64 -25.03 -64.98 15.64
C ALA D 64 -26.18 -64.05 15.97
N ALA D 65 -27.13 -63.90 15.04
CA ALA D 65 -28.25 -63.01 15.24
C ALA D 65 -29.04 -63.43 16.48
N ARG D 66 -29.32 -64.72 16.67
CA ARG D 66 -30.07 -65.15 17.86
C ARG D 66 -29.24 -65.00 19.12
N LEU D 67 -27.95 -65.31 19.06
CA LEU D 67 -27.05 -65.07 20.20
C LEU D 67 -27.01 -63.58 20.59
N ALA D 68 -27.37 -62.67 19.69
CA ALA D 68 -27.55 -61.25 19.94
C ALA D 68 -28.96 -60.84 20.43
N ASP D 69 -29.95 -61.74 20.45
CA ASP D 69 -31.24 -61.47 21.10
C ASP D 69 -31.09 -61.48 22.63
N SER D 70 -30.49 -62.54 23.17
CA SER D 70 -30.37 -62.78 24.63
C SER D 70 -29.44 -61.79 25.34
N PRO D 71 -29.69 -61.45 26.63
CA PRO D 71 -28.85 -60.54 27.41
C PRO D 71 -27.56 -61.16 27.97
N ASP D 72 -27.36 -62.48 27.84
CA ASP D 72 -26.26 -63.24 28.43
C ASP D 72 -24.86 -62.80 27.91
N PRO D 73 -23.96 -62.28 28.76
CA PRO D 73 -22.63 -61.84 28.34
C PRO D 73 -21.78 -62.90 27.62
N GLU D 74 -21.85 -64.18 28.00
CA GLU D 74 -21.11 -65.24 27.33
C GLU D 74 -21.62 -65.42 25.88
N SER D 75 -22.93 -65.55 25.71
CA SER D 75 -23.56 -65.56 24.39
C SER D 75 -23.17 -64.32 23.59
N VAL D 76 -23.23 -63.12 24.19
CA VAL D 76 -22.83 -61.88 23.52
C VAL D 76 -21.37 -61.94 23.08
N ALA D 77 -20.47 -62.49 23.90
CA ALA D 77 -19.05 -62.53 23.57
C ALA D 77 -18.80 -63.37 22.30
N ARG D 78 -19.44 -64.55 22.18
CA ARG D 78 -19.37 -65.32 20.93
C ARG D 78 -20.20 -64.67 19.81
N ALA D 79 -21.27 -63.94 20.16
CA ALA D 79 -22.05 -63.22 19.17
C ALA D 79 -21.21 -62.14 18.50
N VAL D 80 -20.52 -61.28 19.24
CA VAL D 80 -19.77 -60.19 18.59
C VAL D 80 -18.71 -60.76 17.66
N GLU D 81 -18.02 -61.82 18.06
CA GLU D 81 -17.05 -62.46 17.18
C GLU D 81 -17.72 -62.99 15.91
N LEU D 82 -18.78 -63.78 16.06
CA LEU D 82 -19.45 -64.37 14.91
C LEU D 82 -20.09 -63.28 14.02
N LEU D 83 -20.54 -62.16 14.61
CA LEU D 83 -21.02 -61.01 13.86
C LEU D 83 -19.89 -60.38 13.06
N THR D 84 -18.72 -60.17 13.65
CA THR D 84 -17.60 -59.65 12.86
C THR D 84 -17.24 -60.59 11.72
N LYS D 85 -17.36 -61.91 11.89
CA LYS D 85 -17.10 -62.83 10.77
C LYS D 85 -18.04 -62.55 9.61
N VAL D 86 -19.34 -62.34 9.88
CA VAL D 86 -20.26 -62.01 8.79
C VAL D 86 -20.01 -60.61 8.25
N ALA D 87 -19.50 -59.68 9.05
CA ALA D 87 -19.02 -58.40 8.52
C ALA D 87 -17.89 -58.64 7.50
N LYS D 88 -16.91 -59.48 7.86
CA LYS D 88 -15.80 -59.87 7.00
C LYS D 88 -16.26 -60.58 5.74
N ALA D 89 -17.42 -61.23 5.76
CA ALA D 89 -17.99 -61.91 4.60
C ALA D 89 -18.66 -60.96 3.58
N SER D 90 -19.03 -59.72 3.95
CA SER D 90 -19.73 -58.81 3.05
C SER D 90 -18.83 -58.19 1.96
N THR D 91 -19.41 -57.89 0.80
CA THR D 91 -18.82 -56.96 -0.19
C THR D 91 -19.63 -55.65 -0.34
N ASN D 92 -20.72 -55.47 0.41
CA ASN D 92 -21.57 -54.27 0.40
C ASN D 92 -21.45 -53.45 1.70
N THR D 93 -21.20 -52.15 1.57
CA THR D 93 -20.95 -51.24 2.70
C THR D 93 -22.19 -50.90 3.53
N GLU D 94 -23.39 -50.91 2.96
CA GLU D 94 -24.62 -50.74 3.74
C GLU D 94 -24.83 -51.94 4.66
N LEU D 95 -24.64 -53.16 4.15
CA LEU D 95 -24.73 -54.37 4.96
C LEU D 95 -23.73 -54.33 6.10
N ILE D 96 -22.52 -53.84 5.85
CA ILE D 96 -21.52 -53.64 6.91
C ILE D 96 -22.07 -52.65 7.95
N GLN D 97 -22.57 -51.48 7.55
CA GLN D 97 -23.17 -50.54 8.51
C GLN D 97 -24.32 -51.18 9.29
N PHE D 98 -25.12 -52.01 8.66
CA PHE D 98 -26.21 -52.71 9.35
C PHE D 98 -25.66 -53.63 10.43
N ILE D 99 -24.59 -54.36 10.13
CA ILE D 99 -23.90 -55.18 11.12
C ILE D 99 -23.22 -54.29 12.17
N VAL D 100 -22.73 -53.11 11.82
CA VAL D 100 -22.17 -52.17 12.79
C VAL D 100 -23.24 -51.74 13.79
N LYS D 101 -24.45 -51.44 13.34
CA LYS D 101 -25.56 -51.10 14.24
C LYS D 101 -25.84 -52.25 15.21
N GLU D 102 -25.72 -53.49 14.75
CA GLU D 102 -25.84 -54.66 15.63
C GLU D 102 -24.71 -54.69 16.67
N LEU D 103 -23.47 -54.45 16.24
CA LEU D 103 -22.32 -54.34 17.15
C LEU D 103 -22.46 -53.17 18.12
N LEU D 104 -23.07 -52.04 17.73
CA LEU D 104 -23.38 -50.95 18.65
C LEU D 104 -24.37 -51.42 19.71
N GLU D 105 -25.43 -52.10 19.30
CA GLU D 105 -26.44 -52.62 20.22
C GLU D 105 -25.82 -53.55 21.26
N LEU D 106 -24.83 -54.37 20.86
CA LEU D 106 -24.11 -55.22 21.79
C LEU D 106 -23.06 -54.47 22.61
N ALA D 107 -22.35 -53.49 22.05
CA ALA D 107 -21.32 -52.75 22.76
C ALA D 107 -21.89 -52.00 23.97
N ARG D 108 -23.13 -51.51 23.86
CA ARG D 108 -23.83 -50.86 24.97
C ARG D 108 -24.13 -51.80 26.14
N LYS D 109 -24.05 -53.12 25.96
CA LYS D 109 -24.33 -54.10 27.01
C LYS D 109 -23.18 -54.31 28.00
N LEU D 110 -21.93 -54.10 27.60
CA LEU D 110 -20.79 -54.77 28.23
C LEU D 110 -20.65 -54.51 29.74
N THR D 111 -20.28 -55.55 30.50
CA THR D 111 -20.48 -55.58 31.95
C THR D 111 -19.20 -55.31 32.76
N ASP D 112 -18.07 -55.82 32.29
CA ASP D 112 -16.82 -56.00 33.05
C ASP D 112 -15.62 -56.19 32.11
N PRO D 113 -14.38 -56.07 32.61
CA PRO D 113 -13.16 -56.27 31.83
C PRO D 113 -13.14 -57.58 31.01
N LYS D 114 -13.70 -58.66 31.58
CA LYS D 114 -13.76 -59.97 30.92
C LYS D 114 -14.59 -59.96 29.63
N ASP D 115 -15.65 -59.16 29.58
CA ASP D 115 -16.36 -58.88 28.32
C ASP D 115 -15.53 -57.93 27.46
N LEU D 116 -15.07 -56.84 28.07
CA LEU D 116 -14.50 -55.68 27.38
C LEU D 116 -13.45 -56.11 26.37
N ALA D 117 -12.56 -57.02 26.77
CA ALA D 117 -11.49 -57.49 25.91
C ALA D 117 -12.05 -57.98 24.57
N LYS D 118 -12.99 -58.93 24.57
CA LYS D 118 -13.57 -59.42 23.33
C LYS D 118 -14.41 -58.36 22.63
N VAL D 119 -15.06 -57.46 23.35
CA VAL D 119 -15.79 -56.36 22.71
C VAL D 119 -14.82 -55.49 21.91
N LEU D 120 -13.75 -55.03 22.53
CA LEU D 120 -12.76 -54.23 21.85
C LEU D 120 -12.11 -55.03 20.72
N ASP D 121 -11.75 -56.29 20.96
CA ASP D 121 -11.18 -57.16 19.94
C ASP D 121 -12.12 -57.24 18.74
N SER D 122 -13.43 -57.34 18.99
CA SER D 122 -14.41 -57.37 17.92
C SER D 122 -14.46 -56.03 17.18
N ILE D 123 -14.32 -54.91 17.90
CA ILE D 123 -14.14 -53.62 17.24
C ILE D 123 -12.89 -53.66 16.39
N SER D 124 -11.80 -54.31 16.80
CA SER D 124 -10.60 -54.45 15.98
C SER D 124 -10.86 -55.28 14.74
N GLU D 125 -11.41 -56.46 14.88
CA GLU D 125 -11.77 -57.33 13.76
C GLU D 125 -12.75 -56.66 12.80
N LEU D 126 -13.66 -55.83 13.30
CA LEU D 126 -14.48 -54.95 12.45
C LEU D 126 -13.59 -53.93 11.77
N LEU D 127 -12.98 -53.05 12.55
CA LEU D 127 -12.39 -51.83 12.07
C LEU D 127 -11.28 -52.12 11.07
N THR D 128 -10.47 -53.13 11.33
CA THR D 128 -9.41 -53.55 10.44
C THR D 128 -9.98 -53.94 9.08
N GLU D 129 -10.94 -54.86 9.05
CA GLU D 129 -11.49 -55.31 7.77
C GLU D 129 -12.29 -54.17 7.10
N LEU D 130 -12.93 -53.32 7.89
CA LEU D 130 -13.66 -52.16 7.43
C LEU D 130 -12.69 -51.15 6.80
N ALA D 131 -11.51 -51.00 7.38
CA ALA D 131 -10.49 -50.07 6.91
C ALA D 131 -9.75 -50.56 5.68
N LEU D 132 -9.29 -51.82 5.65
CA LEU D 132 -8.20 -52.21 4.73
C LEU D 132 -8.53 -52.10 3.23
N LYS D 133 -9.82 -52.14 2.87
CA LYS D 133 -10.30 -51.97 1.49
C LYS D 133 -10.65 -50.52 1.10
N THR D 134 -10.51 -49.56 2.01
CA THR D 134 -10.94 -48.17 1.78
C THR D 134 -10.03 -47.42 0.80
N GLY D 135 -10.57 -46.39 0.13
CA GLY D 135 -9.89 -45.64 -0.94
C GLY D 135 -8.90 -44.56 -0.46
N ASP D 136 -8.28 -43.88 -1.43
CA ASP D 136 -7.14 -42.97 -1.21
C ASP D 136 -7.32 -41.88 -0.12
N PRO D 137 -8.45 -41.14 0.01
CA PRO D 137 -8.56 -40.08 1.01
C PRO D 137 -8.70 -40.60 2.45
N THR D 138 -9.11 -41.86 2.64
CA THR D 138 -9.31 -42.49 3.95
C THR D 138 -8.27 -43.53 4.33
N ALA D 139 -7.53 -44.12 3.37
CA ALA D 139 -6.67 -45.29 3.59
C ALA D 139 -5.69 -45.14 4.77
N ALA D 140 -4.91 -44.05 4.82
CA ALA D 140 -3.93 -43.82 5.89
C ALA D 140 -4.62 -43.61 7.25
N LEU D 141 -5.57 -42.66 7.31
CA LEU D 141 -6.27 -42.34 8.55
C LEU D 141 -6.95 -43.58 9.11
N ALA D 142 -7.72 -44.28 8.28
CA ALA D 142 -8.41 -45.49 8.67
C ALA D 142 -7.43 -46.56 9.17
N ALA D 143 -6.35 -46.84 8.44
CA ALA D 143 -5.38 -47.84 8.85
C ALA D 143 -4.78 -47.50 10.21
N MET D 144 -4.35 -46.26 10.41
CA MET D 144 -3.83 -45.86 11.71
C MET D 144 -4.93 -45.97 12.76
N VAL D 145 -6.17 -45.53 12.49
CA VAL D 145 -7.25 -45.67 13.46
C VAL D 145 -7.54 -47.14 13.76
N ALA D 146 -7.33 -48.05 12.82
CA ALA D 146 -7.39 -49.48 13.07
C ALA D 146 -6.27 -49.96 14.00
N HIS D 147 -5.10 -49.32 13.97
CA HIS D 147 -4.12 -49.51 15.04
C HIS D 147 -4.57 -48.86 16.36
N ILE D 148 -5.29 -47.74 16.34
CA ILE D 148 -5.55 -46.96 17.56
C ILE D 148 -6.25 -47.80 18.61
N ALA D 149 -7.17 -48.67 18.23
CA ALA D 149 -7.84 -49.55 19.17
C ALA D 149 -6.90 -50.53 19.90
N GLU D 150 -5.73 -50.86 19.37
CA GLU D 150 -4.91 -51.96 19.90
C GLU D 150 -4.45 -51.76 21.34
N LEU D 151 -3.94 -50.56 21.68
CA LEU D 151 -3.44 -50.25 23.05
C LEU D 151 -4.54 -50.57 24.06
N VAL D 152 -5.77 -50.19 23.71
CA VAL D 152 -6.95 -50.36 24.54
C VAL D 152 -7.16 -51.84 24.80
N VAL D 153 -7.10 -52.66 23.75
CA VAL D 153 -7.26 -54.12 23.88
C VAL D 153 -6.22 -54.67 24.83
N ARG D 154 -4.94 -54.35 24.61
CA ARG D 154 -3.86 -54.88 25.45
C ARG D 154 -4.05 -54.46 26.90
N LEU D 155 -4.47 -53.23 27.14
CA LEU D 155 -4.71 -52.73 28.50
C LEU D 155 -5.96 -53.35 29.12
N ALA D 156 -7.02 -53.57 28.35
CA ALA D 156 -8.16 -54.33 28.85
C ALA D 156 -7.72 -55.74 29.26
N LEU D 157 -6.94 -56.42 28.42
CA LEU D 157 -6.38 -57.74 28.72
C LEU D 157 -5.54 -57.72 30.00
N MET D 158 -4.64 -56.75 30.13
CA MET D 158 -3.86 -56.58 31.37
C MET D 158 -4.75 -56.36 32.58
N ALA D 159 -5.87 -55.64 32.46
CA ALA D 159 -6.78 -55.43 33.56
C ALA D 159 -7.50 -56.73 33.97
N GLU D 160 -8.11 -57.46 33.03
CA GLU D 160 -8.97 -58.60 33.38
C GLU D 160 -8.22 -59.73 34.09
N ARG D 161 -6.94 -59.94 33.77
CA ARG D 161 -6.10 -60.97 34.40
C ARG D 161 -5.39 -60.52 35.68
N THR D 162 -5.72 -59.32 36.19
CA THR D 162 -5.07 -58.78 37.39
C THR D 162 -6.07 -58.25 38.42
N HIS D 163 -6.96 -57.36 38.02
CA HIS D 163 -7.68 -56.51 38.97
C HIS D 163 -8.81 -57.25 39.73
N PRO D 164 -8.92 -57.11 41.06
CA PRO D 164 -9.97 -57.77 41.85
C PRO D 164 -11.36 -57.11 41.74
N GLY D 165 -11.42 -55.80 41.47
CA GLY D 165 -12.65 -55.02 41.30
C GLY D 165 -12.64 -53.70 42.07
N SER D 166 -12.99 -52.58 41.39
CA SER D 166 -13.07 -51.24 41.98
C SER D 166 -13.97 -50.31 41.16
N GLU D 167 -14.47 -49.24 41.78
CA GLU D 167 -15.14 -48.17 41.05
C GLU D 167 -14.19 -47.48 40.04
N ILE D 168 -12.88 -47.49 40.31
CA ILE D 168 -11.88 -46.91 39.41
C ILE D 168 -11.86 -47.70 38.11
N VAL D 169 -11.72 -49.01 38.18
CA VAL D 169 -11.74 -49.84 36.98
C VAL D 169 -13.11 -49.82 36.32
N LYS D 170 -14.22 -49.75 37.06
CA LYS D 170 -15.54 -49.51 36.43
C LYS D 170 -15.53 -48.23 35.61
N LYS D 171 -15.02 -47.12 36.18
CA LYS D 171 -14.90 -45.83 35.49
C LYS D 171 -13.99 -45.92 34.26
N ALA D 172 -12.85 -46.58 34.37
CA ALA D 172 -11.98 -46.80 33.21
C ALA D 172 -12.69 -47.63 32.13
N VAL D 173 -13.36 -48.72 32.50
CA VAL D 173 -14.13 -49.55 31.58
C VAL D 173 -15.16 -48.68 30.88
N LYS D 174 -15.91 -47.86 31.62
CA LYS D 174 -16.89 -46.94 31.03
C LYS D 174 -16.24 -46.01 30.01
N LEU D 175 -15.08 -45.46 30.32
CA LEU D 175 -14.36 -44.61 29.37
C LEU D 175 -14.02 -45.39 28.11
N VAL D 176 -13.48 -46.60 28.21
CA VAL D 176 -13.13 -47.33 26.99
C VAL D 176 -14.36 -47.87 26.26
N GLN D 177 -15.47 -48.08 26.95
CA GLN D 177 -16.76 -48.28 26.29
C GLN D 177 -17.16 -47.04 25.48
N GLU D 178 -17.01 -45.84 26.03
CA GLU D 178 -17.26 -44.63 25.27
C GLU D 178 -16.32 -44.54 24.06
N VAL D 179 -15.05 -44.89 24.23
CA VAL D 179 -14.13 -44.96 23.09
C VAL D 179 -14.66 -45.93 22.05
N ALA D 180 -15.13 -47.11 22.45
CA ALA D 180 -15.66 -48.06 21.49
C ALA D 180 -16.85 -47.49 20.72
N GLU D 181 -17.80 -46.86 21.41
CA GLU D 181 -18.94 -46.24 20.74
C GLU D 181 -18.48 -45.14 19.77
N GLU D 182 -17.59 -44.26 20.21
CA GLU D 182 -17.09 -43.20 19.35
C GLU D 182 -16.38 -43.77 18.13
N VAL D 183 -15.58 -44.81 18.31
CA VAL D 183 -14.84 -45.46 17.23
C VAL D 183 -15.83 -46.01 16.22
N LEU D 184 -16.75 -46.87 16.64
CA LEU D 184 -17.62 -47.52 15.68
C LEU D 184 -18.60 -46.53 15.02
N GLU D 185 -19.01 -45.48 15.73
CA GLU D 185 -19.81 -44.42 15.13
C GLU D 185 -19.02 -43.65 14.08
N ALA D 186 -17.75 -43.34 14.35
CA ALA D 186 -16.89 -42.74 13.34
C ALA D 186 -16.74 -43.68 12.13
N ALA D 187 -16.60 -44.98 12.36
CA ALA D 187 -16.55 -45.93 11.27
C ALA D 187 -17.85 -45.92 10.45
N GLN D 188 -19.01 -45.83 11.11
CA GLN D 188 -20.29 -45.69 10.41
C GLN D 188 -20.28 -44.44 9.54
N LEU D 189 -19.89 -43.30 10.09
CA LEU D 189 -19.79 -42.04 9.34
C LEU D 189 -18.80 -42.16 8.18
N MET D 190 -17.69 -42.86 8.40
CA MET D 190 -16.68 -43.06 7.38
C MET D 190 -17.25 -43.85 6.20
N LEU D 191 -17.98 -44.92 6.45
CA LEU D 191 -18.67 -45.65 5.40
C LEU D 191 -19.77 -44.80 4.75
N GLU D 192 -20.46 -43.97 5.53
CA GLU D 192 -21.55 -43.12 5.02
C GLU D 192 -21.05 -42.11 3.98
N LYS D 193 -19.91 -41.46 4.23
CA LYS D 193 -19.36 -40.43 3.33
C LYS D 193 -17.83 -40.31 3.48
N PRO D 194 -17.04 -41.22 2.88
CA PRO D 194 -15.59 -41.26 3.08
C PRO D 194 -14.85 -40.07 2.44
N ASN D 195 -15.40 -39.50 1.36
CA ASN D 195 -14.81 -38.37 0.62
C ASN D 195 -15.00 -37.00 1.31
N SER D 196 -14.87 -36.91 2.64
CA SER D 196 -15.02 -35.66 3.39
C SER D 196 -14.06 -35.52 4.57
N ASP D 197 -13.54 -34.31 4.79
CA ASP D 197 -12.76 -33.96 5.97
C ASP D 197 -13.60 -33.92 7.26
N GLU D 198 -14.94 -33.87 7.15
CA GLU D 198 -15.85 -34.01 8.31
C GLU D 198 -15.59 -35.34 9.03
N VAL D 199 -15.33 -36.40 8.27
CA VAL D 199 -14.95 -37.69 8.85
C VAL D 199 -13.57 -37.56 9.48
N ALA D 200 -12.61 -37.00 8.78
CA ALA D 200 -11.23 -36.87 9.25
C ALA D 200 -11.16 -36.17 10.62
N LYS D 201 -11.83 -35.02 10.79
CA LYS D 201 -11.78 -34.31 12.07
C LYS D 201 -12.47 -35.09 13.21
N LYS D 202 -13.50 -35.88 12.92
CA LYS D 202 -14.04 -36.84 13.90
C LYS D 202 -13.01 -37.95 14.18
N LEU D 203 -12.32 -38.46 13.17
CA LEU D 203 -11.27 -39.45 13.39
C LEU D 203 -10.13 -38.87 14.25
N GLU D 204 -9.77 -37.60 14.09
CA GLU D 204 -8.79 -36.98 14.99
C GLU D 204 -9.33 -36.84 16.41
N GLU D 205 -10.60 -36.45 16.59
CA GLU D 205 -11.21 -36.37 17.91
C GLU D 205 -11.13 -37.72 18.64
N VAL D 206 -11.47 -38.81 17.96
CA VAL D 206 -11.23 -40.15 18.47
C VAL D 206 -9.75 -40.33 18.79
N ALA D 207 -8.87 -40.12 17.82
CA ALA D 207 -7.46 -40.47 17.93
C ALA D 207 -6.77 -39.75 19.10
N LYS D 208 -7.15 -38.50 19.41
CA LYS D 208 -6.66 -37.81 20.59
C LYS D 208 -7.29 -38.37 21.87
N LYS D 209 -8.62 -38.51 21.95
CA LYS D 209 -9.22 -38.91 23.22
C LYS D 209 -8.81 -40.32 23.61
N ALA D 210 -8.78 -41.24 22.67
CA ALA D 210 -8.53 -42.64 23.00
C ALA D 210 -7.15 -42.85 23.62
N ILE D 211 -6.08 -42.42 22.94
CA ILE D 211 -4.71 -42.72 23.39
C ILE D 211 -4.38 -42.02 24.70
N GLU D 212 -4.88 -40.80 24.91
CA GLU D 212 -4.74 -40.14 26.20
C GLU D 212 -5.47 -40.93 27.28
N ALA D 213 -6.66 -41.48 27.00
CA ALA D 213 -7.39 -42.25 27.99
C ALA D 213 -6.61 -43.52 28.39
N CYS D 214 -5.86 -44.10 27.48
CA CYS D 214 -5.04 -45.27 27.81
C CYS D 214 -4.04 -44.97 28.94
N ILE D 215 -3.58 -43.72 29.04
CA ILE D 215 -2.61 -43.32 30.06
C ILE D 215 -3.18 -43.57 31.45
N GLU D 216 -4.47 -43.37 31.64
CA GLU D 216 -5.09 -43.62 32.93
C GLU D 216 -5.07 -45.12 33.25
N LEU D 217 -5.39 -45.98 32.28
CA LEU D 217 -5.26 -47.42 32.49
C LEU D 217 -3.81 -47.78 32.81
N GLN D 218 -2.85 -47.18 32.11
CA GLN D 218 -1.43 -47.39 32.39
C GLN D 218 -1.06 -46.99 33.81
N GLN D 219 -1.52 -45.83 34.27
CA GLN D 219 -1.24 -45.37 35.62
C GLN D 219 -1.89 -46.31 36.65
N ILE D 220 -3.11 -46.78 36.41
CA ILE D 220 -3.78 -47.77 37.28
C ILE D 220 -2.95 -49.06 37.32
N LEU D 221 -2.47 -49.51 36.17
CA LEU D 221 -1.64 -50.71 36.08
C LEU D 221 -0.31 -50.53 36.82
N GLU D 222 0.30 -49.35 36.73
CA GLU D 222 1.49 -49.03 37.53
C GLU D 222 1.17 -49.08 39.02
N ALA D 223 0.05 -48.50 39.44
CA ALA D 223 -0.35 -48.53 40.84
C ALA D 223 -0.55 -49.97 41.32
N TRP D 224 -1.14 -50.84 40.51
CA TRP D 224 -1.29 -52.26 40.87
C TRP D 224 0.05 -52.98 40.96
N ALA D 225 0.98 -52.72 40.03
CA ALA D 225 2.32 -53.27 40.10
C ALA D 225 3.09 -52.77 41.32
N LYS D 226 2.95 -51.49 41.68
CA LYS D 226 3.51 -50.93 42.91
C LYS D 226 2.88 -51.56 44.16
N GLU D 227 1.59 -51.86 44.14
CA GLU D 227 0.91 -52.55 45.24
C GLU D 227 1.42 -53.99 45.42
N ARG D 228 1.70 -54.70 44.31
CA ARG D 228 2.39 -56.00 44.36
C ARG D 228 3.85 -55.88 44.81
N GLY D 229 4.53 -54.80 44.43
CA GLY D 229 5.92 -54.48 44.78
C GLY D 229 6.99 -55.30 44.03
N ASP D 230 6.58 -56.26 43.19
CA ASP D 230 7.48 -57.07 42.37
C ASP D 230 8.16 -56.22 41.30
N GLN D 231 9.48 -56.10 41.39
CA GLN D 231 10.27 -55.25 40.51
C GLN D 231 10.26 -55.72 39.05
N ASP D 232 10.13 -57.02 38.79
CA ASP D 232 10.01 -57.51 37.42
C ASP D 232 8.65 -57.15 36.80
N LEU D 233 7.55 -57.25 37.56
CA LEU D 233 6.24 -56.77 37.12
C LEU D 233 6.27 -55.26 36.92
N LEU D 234 6.88 -54.51 37.84
CA LEU D 234 7.00 -53.06 37.72
C LEU D 234 7.93 -52.67 36.56
N ARG D 235 8.92 -53.49 36.18
CA ARG D 235 9.59 -53.32 34.89
C ARG D 235 8.62 -53.60 33.75
N GLU D 236 7.86 -54.70 33.79
CA GLU D 236 6.98 -55.09 32.71
C GLU D 236 5.99 -53.99 32.34
N VAL D 237 5.38 -53.35 33.35
CA VAL D 237 4.48 -52.23 33.10
C VAL D 237 5.25 -51.06 32.50
N ARG D 238 6.37 -50.68 33.09
CA ARG D 238 7.16 -49.54 32.63
C ARG D 238 7.62 -49.73 31.20
N GLU D 239 8.01 -50.95 30.83
CA GLU D 239 8.37 -51.27 29.46
C GLU D 239 7.17 -51.12 28.51
N HIS D 240 5.98 -51.57 28.91
CA HIS D 240 4.80 -51.41 28.04
C HIS D 240 4.51 -49.94 27.76
N LYS D 241 4.78 -49.03 28.70
CA LYS D 241 4.58 -47.58 28.46
C LYS D 241 5.22 -47.14 27.16
N LEU D 242 6.37 -47.71 26.83
CA LEU D 242 7.15 -47.33 25.68
C LEU D 242 6.33 -47.49 24.39
N GLN D 243 5.48 -48.51 24.32
CA GLN D 243 4.70 -48.70 23.12
C GLN D 243 3.65 -47.59 22.97
N ILE D 244 3.16 -47.02 24.05
CA ILE D 244 2.03 -46.10 24.02
C ILE D 244 2.35 -44.92 23.11
N LEU D 245 3.56 -44.38 23.24
CA LEU D 245 4.07 -43.36 22.33
C LEU D 245 4.26 -43.90 20.92
N THR D 246 4.80 -45.11 20.84
CA THR D 246 5.19 -45.74 19.58
C THR D 246 4.02 -45.87 18.61
N ILE D 247 2.84 -46.23 19.09
CA ILE D 247 1.64 -46.26 18.25
C ILE D 247 1.24 -44.83 17.93
N ALA D 248 1.21 -43.99 18.94
CA ALA D 248 0.57 -42.71 18.86
C ALA D 248 1.22 -41.80 17.84
N VAL D 249 2.53 -41.66 17.86
CA VAL D 249 3.17 -40.67 17.00
C VAL D 249 2.96 -40.95 15.52
N ALA D 250 2.77 -42.20 15.13
CA ALA D 250 2.58 -42.57 13.73
C ALA D 250 1.28 -42.00 13.15
N TYR D 251 0.20 -41.96 13.93
CA TYR D 251 -1.05 -41.36 13.48
C TYR D 251 -0.82 -39.93 13.03
N LYS D 252 -0.19 -39.10 13.88
CA LYS D 252 0.01 -37.69 13.55
C LYS D 252 0.89 -37.56 12.31
N ALA D 253 1.93 -38.39 12.20
CA ALA D 253 2.77 -38.45 11.01
C ALA D 253 1.94 -38.81 9.75
N ALA D 254 1.11 -39.85 9.83
CA ALA D 254 0.27 -40.27 8.73
C ALA D 254 -0.77 -39.21 8.35
N GLN D 255 -1.28 -38.47 9.32
CA GLN D 255 -2.25 -37.42 9.09
C GLN D 255 -1.63 -36.29 8.26
N MET D 256 -0.32 -36.07 8.35
CA MET D 256 0.43 -35.17 7.46
C MET D 256 1.15 -35.92 6.29
N GLY D 257 0.78 -37.16 6.05
CA GLY D 257 1.09 -37.92 4.82
C GLY D 257 2.48 -38.55 4.74
N VAL D 258 3.33 -38.37 5.74
CA VAL D 258 4.71 -38.88 5.68
C VAL D 258 4.78 -40.36 6.03
N THR D 259 5.88 -41.01 5.65
CA THR D 259 6.21 -42.39 6.04
C THR D 259 6.56 -42.51 7.51
N VAL D 260 6.85 -43.73 7.96
CA VAL D 260 7.30 -44.10 9.30
C VAL D 260 8.25 -45.26 9.16
N LEU D 261 9.22 -45.36 10.06
CA LEU D 261 10.11 -46.51 10.21
C LEU D 261 10.32 -46.72 11.70
N LYS D 262 10.60 -47.94 12.12
CA LYS D 262 10.98 -48.18 13.51
C LYS D 262 11.74 -49.45 13.71
N HIS D 263 12.42 -49.49 14.83
CA HIS D 263 13.18 -50.58 15.38
C HIS D 263 13.01 -50.49 16.90
N THR D 264 13.29 -51.54 17.65
CA THR D 264 13.12 -51.52 19.10
C THR D 264 14.11 -52.46 19.77
N HIS D 265 14.48 -52.17 21.01
CA HIS D 265 15.48 -52.94 21.75
C HIS D 265 15.09 -53.13 23.22
N GLY D 266 13.79 -53.26 23.48
CA GLY D 266 13.24 -53.37 24.83
C GLY D 266 13.24 -52.03 25.53
N TRP D 267 14.40 -51.54 25.96
CA TRP D 267 14.48 -50.39 26.86
C TRP D 267 14.28 -49.02 26.20
N VAL D 268 14.25 -48.98 24.87
CA VAL D 268 14.23 -47.74 24.10
C VAL D 268 13.57 -47.97 22.75
N VAL D 269 12.96 -46.96 22.14
CA VAL D 269 12.34 -47.06 20.81
C VAL D 269 12.78 -45.96 19.87
N PHE D 270 13.16 -46.31 18.64
CA PHE D 270 13.75 -45.40 17.66
C PHE D 270 12.77 -45.14 16.56
N LEU D 271 12.55 -43.89 16.23
CA LEU D 271 11.75 -43.46 15.10
C LEU D 271 12.67 -42.72 14.14
N VAL D 272 12.54 -43.00 12.86
CA VAL D 272 12.89 -42.04 11.83
C VAL D 272 11.58 -41.61 11.23
N ILE D 273 11.33 -40.33 11.08
CA ILE D 273 10.15 -39.88 10.34
C ILE D 273 10.60 -38.98 9.20
N LEU D 274 10.34 -39.41 7.96
CA LEU D 274 11.08 -38.96 6.77
C LEU D 274 10.20 -38.18 5.81
N GLY D 275 10.67 -37.01 5.38
CA GLY D 275 9.99 -36.17 4.39
C GLY D 275 9.05 -35.12 4.96
N LEU D 276 9.09 -34.84 6.26
CA LEU D 276 8.32 -33.76 6.87
C LEU D 276 8.71 -32.41 6.26
N HIS D 277 7.78 -31.70 5.65
CA HIS D 277 8.05 -30.35 5.14
C HIS D 277 8.22 -29.38 6.33
N LYS D 278 9.07 -28.36 6.22
CA LYS D 278 9.36 -27.47 7.36
C LYS D 278 8.15 -26.70 7.88
N GLN D 279 7.15 -26.46 7.03
CA GLN D 279 5.85 -25.94 7.45
C GLN D 279 5.10 -26.94 8.34
N GLN D 280 5.22 -28.24 8.05
CA GLN D 280 4.56 -29.32 8.77
C GLN D 280 5.27 -29.67 10.08
N ALA D 281 6.60 -29.68 10.08
CA ALA D 281 7.41 -30.31 11.12
C ALA D 281 7.03 -29.81 12.53
N GLU D 282 6.71 -28.53 12.68
CA GLU D 282 6.30 -27.99 13.96
C GLU D 282 5.12 -28.76 14.57
N GLN D 283 4.16 -29.20 13.77
CA GLN D 283 2.94 -29.80 14.29
C GLN D 283 3.26 -31.14 14.95
N LEU D 284 4.03 -31.98 14.27
CA LEU D 284 4.52 -33.24 14.83
C LEU D 284 5.49 -33.01 16.00
N LEU D 285 6.36 -32.00 15.90
CA LEU D 285 7.29 -31.69 16.97
C LEU D 285 6.56 -31.26 18.24
N ARG D 286 5.46 -30.50 18.16
CA ARG D 286 4.68 -30.21 19.36
C ARG D 286 3.84 -31.41 19.78
N PHE D 287 3.33 -32.20 18.83
CA PHE D 287 2.50 -33.34 19.18
C PHE D 287 3.29 -34.34 20.05
N VAL D 288 4.53 -34.68 19.67
CA VAL D 288 5.31 -35.60 20.51
C VAL D 288 5.53 -35.02 21.89
N HIS D 289 5.80 -33.71 22.02
CA HIS D 289 5.90 -33.08 23.34
C HIS D 289 4.59 -33.17 24.12
N ARG D 290 3.46 -32.97 23.44
CA ARG D 290 2.14 -33.04 24.06
C ARG D 290 1.82 -34.44 24.58
N VAL D 291 2.45 -35.52 24.09
CA VAL D 291 2.37 -36.81 24.80
C VAL D 291 3.49 -36.97 25.82
N ALA D 292 4.69 -36.49 25.54
CA ALA D 292 5.86 -36.87 26.32
C ALA D 292 5.70 -36.51 27.80
N HIS D 293 5.27 -35.30 28.13
CA HIS D 293 5.08 -34.90 29.53
C HIS D 293 4.07 -35.76 30.25
N ALA D 294 3.07 -36.28 29.55
CA ALA D 294 2.11 -37.18 30.17
C ALA D 294 2.77 -38.53 30.44
N LEU D 295 3.42 -39.10 29.44
CA LEU D 295 3.91 -40.48 29.49
C LEU D 295 5.11 -40.68 30.42
N GLY D 296 5.76 -39.61 30.88
CA GLY D 296 6.84 -39.68 31.89
C GLY D 296 8.16 -40.27 31.39
N VAL D 297 8.24 -40.50 30.08
CA VAL D 297 9.44 -40.87 29.35
C VAL D 297 10.45 -39.73 29.32
N THR D 298 11.67 -40.00 28.87
CA THR D 298 12.50 -38.95 28.28
C THR D 298 12.19 -38.80 26.79
N LEU D 299 12.58 -37.68 26.19
CA LEU D 299 12.48 -37.46 24.74
C LEU D 299 13.74 -36.76 24.23
N SER D 300 14.35 -37.23 23.14
CA SER D 300 15.59 -36.63 22.63
C SER D 300 15.59 -36.54 21.11
N ILE D 301 14.88 -35.55 20.59
CA ILE D 301 14.76 -35.28 19.15
C ILE D 301 16.07 -34.79 18.52
N THR D 302 16.25 -35.01 17.22
CA THR D 302 17.07 -34.15 16.35
C THR D 302 16.37 -33.94 15.01
N PHE D 303 16.72 -32.88 14.31
CA PHE D 303 16.03 -32.46 13.09
C PHE D 303 17.00 -31.81 12.11
N SER D 304 16.80 -31.99 10.80
CA SER D 304 17.55 -31.27 9.74
C SER D 304 16.84 -31.36 8.39
N GLY D 305 16.06 -30.35 8.04
CA GLY D 305 15.31 -30.34 6.77
C GLY D 305 14.32 -31.51 6.65
N ASP D 306 14.47 -32.34 5.62
CA ASP D 306 13.57 -33.47 5.36
C ASP D 306 13.66 -34.59 6.42
N ILE D 307 14.59 -34.53 7.37
CA ILE D 307 14.85 -35.62 8.32
C ILE D 307 14.44 -35.26 9.76
N VAL D 308 13.71 -36.15 10.43
CA VAL D 308 13.52 -36.14 11.89
C VAL D 308 13.91 -37.49 12.46
N VAL D 309 14.65 -37.49 13.55
CA VAL D 309 15.07 -38.71 14.26
C VAL D 309 14.84 -38.56 15.75
N ILE D 310 14.28 -39.56 16.38
CA ILE D 310 13.71 -39.50 17.72
C ILE D 310 14.10 -40.74 18.49
N ALA D 311 14.35 -40.58 19.77
CA ALA D 311 14.33 -41.66 20.71
C ALA D 311 13.37 -41.34 21.82
N VAL D 312 12.80 -42.37 22.41
CA VAL D 312 12.01 -42.30 23.63
C VAL D 312 12.46 -43.46 24.50
N THR D 313 12.69 -43.22 25.78
CA THR D 313 13.50 -44.15 26.59
C THR D 313 12.92 -44.34 27.99
N VAL D 314 12.84 -45.58 28.47
CA VAL D 314 12.29 -45.90 29.82
C VAL D 314 13.17 -45.38 30.94
N GLY D 315 14.46 -45.19 30.65
CA GLY D 315 15.50 -44.75 31.58
C GLY D 315 16.18 -45.90 32.32
N ALA D 316 16.30 -47.06 31.69
CA ALA D 316 16.67 -48.34 32.32
C ALA D 316 18.04 -48.37 33.03
N SER D 317 18.94 -47.42 32.73
CA SER D 317 20.06 -47.08 33.60
C SER D 317 20.40 -45.59 33.51
N GLU D 318 21.02 -45.06 34.55
CA GLU D 318 21.45 -43.66 34.61
C GLU D 318 22.62 -43.34 33.68
N GLU D 319 23.36 -44.36 33.20
CA GLU D 319 24.39 -44.18 32.20
C GLU D 319 23.82 -44.27 30.78
N GLU D 320 22.95 -45.24 30.49
CA GLU D 320 22.48 -45.42 29.12
C GLU D 320 21.64 -44.26 28.61
N LYS D 321 21.02 -43.45 29.49
CA LYS D 321 20.36 -42.21 29.04
C LYS D 321 21.32 -41.15 28.48
N LYS D 322 22.63 -41.30 28.66
CA LYS D 322 23.67 -40.59 27.90
C LYS D 322 24.00 -41.31 26.58
N GLU D 323 24.14 -42.64 26.61
CA GLU D 323 24.48 -43.43 25.43
C GLU D 323 23.48 -43.23 24.29
N VAL D 324 22.20 -43.02 24.59
CA VAL D 324 21.23 -42.68 23.54
C VAL D 324 21.60 -41.38 22.82
N ARG D 325 22.07 -40.34 23.51
CA ARG D 325 22.47 -39.08 22.83
C ARG D 325 23.58 -39.32 21.81
N LYS D 326 24.50 -40.26 22.09
CA LYS D 326 25.66 -40.54 21.24
C LYS D 326 25.23 -41.15 19.88
N ILE D 327 24.29 -42.09 19.89
CA ILE D 327 23.89 -42.78 18.67
C ILE D 327 22.82 -42.05 17.89
N VAL D 328 21.82 -41.41 18.51
CA VAL D 328 20.68 -40.82 17.77
C VAL D 328 21.13 -39.86 16.67
N LYS D 329 22.17 -39.06 16.91
CA LYS D 329 22.72 -38.17 15.88
C LYS D 329 23.43 -38.92 14.76
N GLU D 330 24.10 -40.02 15.03
CA GLU D 330 24.69 -40.82 13.96
C GLU D 330 23.62 -41.48 13.10
N ILE D 331 22.55 -42.02 13.71
CA ILE D 331 21.42 -42.52 12.94
C ILE D 331 20.69 -41.38 12.21
N ALA D 332 20.85 -40.12 12.64
CA ALA D 332 20.37 -38.97 11.87
C ALA D 332 21.26 -38.61 10.69
N LYS D 333 22.58 -38.61 10.85
CA LYS D 333 23.53 -38.20 9.80
C LYS D 333 23.33 -38.98 8.51
N GLN D 334 23.36 -40.29 8.58
CA GLN D 334 23.47 -41.15 7.41
C GLN D 334 22.24 -41.11 6.48
N LEU D 335 21.11 -40.61 6.97
CA LEU D 335 19.93 -40.40 6.12
C LEU D 335 20.15 -39.32 5.07
N ARG D 336 21.08 -38.38 5.27
CA ARG D 336 21.30 -37.23 4.37
C ARG D 336 21.82 -37.63 3.00
N HIS D 337 22.55 -38.74 2.90
CA HIS D 337 23.19 -39.21 1.66
C HIS D 337 22.24 -40.02 0.77
N ALA D 338 21.21 -40.67 1.34
CA ALA D 338 20.20 -41.42 0.59
C ALA D 338 19.26 -40.50 -0.21
N GLU D 339 18.64 -41.01 -1.27
CA GLU D 339 17.54 -40.33 -2.00
C GLU D 339 16.17 -40.97 -1.76
N THR D 340 16.12 -42.27 -1.46
CA THR D 340 14.89 -43.07 -1.49
C THR D 340 14.60 -43.78 -0.17
N GLU D 341 13.32 -44.07 0.08
CA GLU D 341 12.95 -44.82 1.29
C GLU D 341 13.61 -46.20 1.31
N GLU D 342 13.75 -46.87 0.18
CA GLU D 342 14.38 -48.20 0.14
C GLU D 342 15.88 -48.15 0.51
N GLU D 343 16.59 -47.09 0.14
CA GLU D 343 17.94 -46.84 0.68
C GLU D 343 17.86 -46.55 2.17
N ALA D 344 16.95 -45.67 2.61
CA ALA D 344 16.83 -45.35 4.02
C ALA D 344 16.59 -46.60 4.86
N LYS D 345 15.79 -47.54 4.36
CA LYS D 345 15.52 -48.81 5.04
C LYS D 345 16.80 -49.60 5.26
N GLU D 346 17.68 -49.67 4.27
CA GLU D 346 19.00 -50.29 4.43
C GLU D 346 19.86 -49.50 5.45
N ILE D 347 19.83 -48.17 5.38
CA ILE D 347 20.62 -47.32 6.26
C ILE D 347 20.22 -47.49 7.72
N VAL D 348 18.94 -47.33 8.05
CA VAL D 348 18.55 -47.26 9.47
C VAL D 348 18.92 -48.55 10.20
N GLN D 349 18.71 -49.70 9.58
CA GLN D 349 19.02 -50.97 10.21
C GLN D 349 20.52 -51.11 10.44
N ARG D 350 21.34 -50.92 9.40
CA ARG D 350 22.80 -51.13 9.54
C ARG D 350 23.42 -50.13 10.50
N VAL D 351 22.98 -48.88 10.46
CA VAL D 351 23.50 -47.83 11.36
C VAL D 351 23.05 -48.05 12.80
N ILE D 352 21.88 -48.67 13.02
CA ILE D 352 21.50 -49.07 14.37
C ILE D 352 22.36 -50.26 14.80
N GLU D 353 22.30 -51.35 14.04
CA GLU D 353 22.71 -52.67 14.50
C GLU D 353 24.17 -52.76 14.96
N GLU D 354 25.04 -51.91 14.41
CA GLU D 354 26.43 -51.77 14.82
C GLU D 354 26.58 -51.64 16.33
N TRP D 355 25.66 -50.92 16.97
CA TRP D 355 25.62 -50.65 18.41
C TRP D 355 25.58 -51.92 19.28
N GLN D 356 25.19 -53.05 18.68
CA GLN D 356 24.89 -54.28 19.41
C GLN D 356 25.55 -55.52 18.80
N GLU D 357 25.79 -55.55 17.49
CA GLU D 357 26.64 -56.58 16.88
C GLU D 357 28.13 -56.24 17.00
N GLU D 358 28.49 -54.95 17.11
CA GLU D 358 29.88 -54.47 17.17
C GLU D 358 30.13 -53.43 18.29
N GLY D 359 29.25 -53.40 19.31
CA GLY D 359 29.41 -52.60 20.53
C GLY D 359 30.40 -53.20 21.53
N THR E 3 36.98 75.01 11.17
CA THR E 3 36.52 74.58 9.82
C THR E 3 37.69 74.56 8.85
N VAL E 4 37.73 73.59 7.94
CA VAL E 4 38.69 73.55 6.82
C VAL E 4 37.95 73.35 5.51
N THR E 5 38.38 74.04 4.45
CA THR E 5 37.75 74.01 3.13
C THR E 5 38.78 73.67 2.05
N PHE E 6 38.37 72.91 1.05
CA PHE E 6 39.27 72.24 0.12
C PHE E 6 38.71 72.24 -1.30
N ASP E 7 39.58 72.23 -2.30
CA ASP E 7 39.26 71.82 -3.66
C ASP E 7 40.53 71.39 -4.41
N ILE E 8 40.35 70.69 -5.53
CA ILE E 8 41.38 70.53 -6.57
C ILE E 8 40.78 71.04 -7.87
N THR E 9 41.36 72.11 -8.43
CA THR E 9 40.71 72.90 -9.49
C THR E 9 40.34 72.03 -10.70
N ASN E 10 39.03 71.79 -10.87
CA ASN E 10 38.44 70.94 -11.89
C ASN E 10 39.18 69.59 -12.11
N ILE E 11 39.61 68.92 -11.03
CA ILE E 11 40.25 67.60 -11.12
C ILE E 11 39.34 66.60 -11.85
N SER E 12 39.90 65.67 -12.62
CA SER E 12 39.08 64.72 -13.38
C SER E 12 38.20 63.86 -12.45
N HIS E 13 36.97 63.60 -12.88
CA HIS E 13 35.93 62.98 -12.06
C HIS E 13 36.38 61.65 -11.44
N LYS E 14 37.22 60.88 -12.13
CA LYS E 14 37.72 59.60 -11.61
C LYS E 14 38.40 59.73 -10.25
N ALA E 15 39.16 60.81 -10.04
CA ALA E 15 39.87 61.03 -8.79
C ALA E 15 38.92 61.22 -7.60
N ILE E 16 37.72 61.74 -7.85
CA ILE E 16 36.74 61.99 -6.80
C ILE E 16 36.34 60.68 -6.12
N ASP E 17 36.43 59.53 -6.80
CA ASP E 17 36.19 58.21 -6.19
C ASP E 17 37.07 58.01 -4.95
N ILE E 18 38.34 58.40 -5.06
CA ILE E 18 39.25 58.37 -3.93
C ILE E 18 38.79 59.41 -2.92
N ILE E 19 38.63 60.67 -3.37
CA ILE E 19 38.38 61.80 -2.48
C ILE E 19 37.18 61.52 -1.59
N LEU E 20 36.05 61.14 -2.18
CA LEU E 20 34.82 60.91 -1.44
C LEU E 20 35.04 59.83 -0.39
N LYS E 21 35.71 58.73 -0.75
CA LYS E 21 35.90 57.65 0.22
C LYS E 21 36.73 58.15 1.38
N VAL E 22 37.86 58.81 1.10
CA VAL E 22 38.75 59.20 2.19
C VAL E 22 38.08 60.26 3.07
N VAL E 23 37.31 61.16 2.47
CA VAL E 23 36.59 62.15 3.25
C VAL E 23 35.57 61.48 4.14
N LEU E 24 34.78 60.53 3.62
CA LEU E 24 33.86 59.75 4.45
C LEU E 24 34.63 58.93 5.51
N GLY E 25 35.81 58.46 5.16
CA GLY E 25 36.70 57.72 6.04
C GLY E 25 37.13 58.47 7.31
N ILE E 26 36.94 59.79 7.40
CA ILE E 26 37.37 60.55 8.60
C ILE E 26 36.40 60.45 9.78
N ALA E 27 35.11 60.20 9.52
CA ALA E 27 34.06 60.39 10.51
C ALA E 27 33.84 59.20 11.46
N GLU E 28 34.36 58.02 11.12
CA GLU E 28 33.80 56.73 11.53
C GLU E 28 33.59 56.53 13.05
N HIS E 29 34.53 56.97 13.88
CA HIS E 29 34.43 56.80 15.34
C HIS E 29 33.53 57.84 16.04
N GLU E 30 33.52 59.09 15.55
CA GLU E 30 33.02 60.25 16.32
C GLU E 30 31.50 60.44 16.24
N GLY E 31 30.86 60.08 15.13
CA GLY E 31 29.41 60.20 14.96
C GLY E 31 28.88 61.63 14.86
N THR E 32 27.81 61.93 15.59
CA THR E 32 26.93 63.11 15.42
C THR E 32 27.62 64.50 15.54
N GLU E 33 28.75 64.58 16.23
CA GLU E 33 29.53 65.82 16.38
C GLU E 33 30.39 66.17 15.16
N VAL E 34 30.64 65.22 14.25
CA VAL E 34 31.44 65.43 13.02
C VAL E 34 30.52 65.63 11.81
N THR E 35 30.72 66.70 11.04
CA THR E 35 29.93 66.99 9.83
C THR E 35 30.74 67.70 8.76
N PHE E 36 30.40 67.40 7.51
CA PHE E 36 31.14 67.79 6.33
C PHE E 36 30.20 67.97 5.13
N HIS E 37 30.68 68.63 4.09
CA HIS E 37 29.91 69.09 2.94
C HIS E 37 30.76 69.00 1.67
N SER E 38 30.11 68.91 0.51
CA SER E 38 30.76 69.16 -0.76
C SER E 38 29.79 69.63 -1.82
N GLU E 39 30.29 70.32 -2.83
CA GLU E 39 29.65 70.41 -4.12
C GLU E 39 30.71 70.50 -5.23
N ARG E 40 30.44 69.92 -6.40
CA ARG E 40 31.17 70.19 -7.67
C ARG E 40 32.72 70.14 -7.56
N GLY E 41 33.27 69.23 -6.76
CA GLY E 41 34.70 69.07 -6.52
C GLY E 41 35.31 69.95 -5.41
N GLN E 42 34.51 70.76 -4.72
CA GLN E 42 34.87 71.54 -3.54
C GLN E 42 34.24 70.92 -2.29
N LEU E 43 34.97 70.84 -1.18
CA LEU E 43 34.60 70.08 0.01
C LEU E 43 34.94 70.87 1.26
N GLN E 44 34.25 70.61 2.37
CA GLN E 44 34.41 71.35 3.63
C GLN E 44 34.14 70.45 4.84
N ILE E 45 34.84 70.67 5.96
CA ILE E 45 34.59 69.98 7.24
C ILE E 45 34.47 70.99 8.38
N GLU E 46 33.40 70.88 9.17
CA GLU E 46 32.99 71.94 10.12
C GLU E 46 33.56 71.75 11.53
N VAL E 47 34.62 70.94 11.67
CA VAL E 47 35.03 70.39 12.96
C VAL E 47 36.27 71.10 13.50
N LYS E 48 36.24 71.50 14.78
CA LYS E 48 37.38 72.14 15.49
C LYS E 48 38.30 71.18 16.24
N ASN E 49 37.78 70.06 16.72
CA ASN E 49 38.48 69.13 17.62
C ASN E 49 39.56 68.28 16.94
N LEU E 50 39.47 68.05 15.63
CA LEU E 50 40.35 67.15 14.89
C LEU E 50 41.81 67.63 14.94
N HIS E 51 42.73 66.68 15.06
CA HIS E 51 44.17 66.92 15.06
C HIS E 51 44.68 67.24 13.65
N GLU E 52 45.85 67.86 13.56
CA GLU E 52 46.53 68.14 12.27
C GLU E 52 46.60 66.88 11.39
N GLU E 53 46.93 65.73 11.98
CA GLU E 53 47.13 64.50 11.21
C GLU E 53 45.82 64.04 10.55
N ASP E 54 44.70 64.25 11.22
CA ASP E 54 43.38 63.96 10.66
C ASP E 54 43.16 64.79 9.38
N LYS E 55 43.62 66.04 9.37
CA LYS E 55 43.63 66.86 8.17
C LYS E 55 44.58 66.28 7.13
N ARG E 56 45.79 65.88 7.54
CA ARG E 56 46.82 65.35 6.64
C ARG E 56 46.40 64.03 5.96
N LEU E 57 45.45 63.27 6.48
CA LEU E 57 44.84 62.19 5.70
C LEU E 57 44.21 62.73 4.41
N ILE E 58 43.35 63.74 4.52
CA ILE E 58 42.72 64.38 3.37
C ILE E 58 43.77 65.11 2.53
N GLU E 59 44.63 65.93 3.12
CA GLU E 59 45.55 66.77 2.35
C GLU E 59 46.56 65.92 1.56
N GLN E 60 47.11 64.87 2.17
CA GLN E 60 47.96 63.95 1.42
C GLN E 60 47.14 63.18 0.40
N ALA E 61 45.89 62.84 0.66
CA ALA E 61 45.07 62.22 -0.37
C ALA E 61 44.84 63.18 -1.53
N ILE E 62 44.68 64.48 -1.25
CA ILE E 62 44.59 65.52 -2.26
C ILE E 62 45.85 65.54 -3.12
N GLU E 63 47.04 65.52 -2.51
CA GLU E 63 48.26 65.36 -3.29
C GLU E 63 48.26 64.03 -4.07
N ALA E 64 47.84 62.92 -3.47
CA ALA E 64 47.80 61.62 -4.13
C ALA E 64 46.84 61.63 -5.33
N ALA E 65 45.74 62.36 -5.24
CA ALA E 65 44.84 62.56 -6.36
C ALA E 65 45.53 63.37 -7.46
N ARG E 66 46.20 64.47 -7.10
CA ARG E 66 46.94 65.29 -8.07
C ARG E 66 47.97 64.45 -8.82
N LEU E 67 48.67 63.57 -8.11
CA LEU E 67 49.60 62.62 -8.72
C LEU E 67 48.88 61.64 -9.65
N ALA E 68 47.75 61.10 -9.23
CA ALA E 68 47.09 60.01 -9.95
C ALA E 68 46.70 60.36 -11.39
N ASP E 69 46.48 61.65 -11.68
CA ASP E 69 46.08 62.13 -13.01
C ASP E 69 47.25 62.28 -14.01
N SER E 70 48.44 61.74 -13.70
CA SER E 70 49.59 61.67 -14.63
C SER E 70 50.33 60.32 -14.56
N PRO E 71 50.66 59.67 -15.69
CA PRO E 71 51.44 58.44 -15.73
C PRO E 71 52.94 58.72 -15.59
N ASP E 72 53.52 58.42 -14.43
CA ASP E 72 54.93 58.67 -14.13
C ASP E 72 55.42 57.78 -12.96
N PRO E 73 56.47 56.95 -13.13
CA PRO E 73 57.02 56.13 -12.05
C PRO E 73 57.38 56.88 -10.77
N GLU E 74 57.87 58.12 -10.84
CA GLU E 74 58.13 58.91 -9.63
C GLU E 74 56.81 59.25 -8.94
N SER E 75 55.85 59.78 -9.69
CA SER E 75 54.51 60.04 -9.17
C SER E 75 53.88 58.77 -8.59
N VAL E 76 54.05 57.61 -9.24
CA VAL E 76 53.57 56.33 -8.72
C VAL E 76 54.22 56.04 -7.37
N ALA E 77 55.54 56.11 -7.28
CA ALA E 77 56.25 55.83 -6.04
C ALA E 77 55.75 56.75 -4.92
N ARG E 78 55.64 58.05 -5.17
CA ARG E 78 55.07 58.99 -4.20
C ARG E 78 53.65 58.60 -3.85
N ALA E 79 52.82 58.26 -4.84
CA ALA E 79 51.42 58.00 -4.60
C ALA E 79 51.24 56.76 -3.74
N VAL E 80 51.92 55.68 -4.11
CA VAL E 80 51.92 54.48 -3.29
C VAL E 80 52.46 54.82 -1.89
N GLU E 81 53.51 55.62 -1.78
CA GLU E 81 54.04 56.03 -0.49
C GLU E 81 52.99 56.76 0.34
N LEU E 82 52.41 57.84 -0.19
CA LEU E 82 51.40 58.61 0.51
C LEU E 82 50.20 57.73 0.86
N LEU E 83 49.72 56.90 -0.06
CA LEU E 83 48.60 56.02 0.25
C LEU E 83 49.00 55.00 1.30
N THR E 84 50.26 54.59 1.32
CA THR E 84 50.78 53.76 2.39
C THR E 84 50.76 54.52 3.70
N LYS E 85 51.20 55.78 3.75
CA LYS E 85 51.09 56.58 4.98
C LYS E 85 49.63 56.64 5.44
N VAL E 86 48.67 56.79 4.55
CA VAL E 86 47.24 56.71 4.90
C VAL E 86 46.90 55.34 5.47
N ALA E 87 47.32 54.27 4.81
CA ALA E 87 47.06 52.90 5.25
C ALA E 87 47.73 52.55 6.60
N LYS E 88 48.89 53.15 6.89
CA LYS E 88 49.58 53.07 8.18
C LYS E 88 48.82 53.84 9.26
N ALA E 89 48.35 55.05 8.94
CA ALA E 89 47.81 56.00 9.91
C ALA E 89 46.36 55.72 10.36
N SER E 90 45.61 54.88 9.66
CA SER E 90 44.16 54.75 9.87
C SER E 90 43.69 53.30 9.92
N THR E 91 42.69 53.02 10.76
CA THR E 91 42.22 51.67 11.10
C THR E 91 41.13 51.12 10.18
N ASN E 92 40.54 51.93 9.30
CA ASN E 92 39.55 51.47 8.32
C ASN E 92 40.22 50.58 7.26
N THR E 93 39.83 49.31 7.16
CA THR E 93 40.43 48.38 6.17
C THR E 93 39.91 48.62 4.76
N GLU E 94 38.69 49.14 4.61
CA GLU E 94 38.04 49.29 3.30
C GLU E 94 38.87 50.18 2.39
N LEU E 95 39.29 51.35 2.89
CA LEU E 95 40.15 52.23 2.10
C LEU E 95 41.50 51.57 1.81
N ILE E 96 42.02 50.71 2.68
CA ILE E 96 43.24 49.95 2.38
C ILE E 96 42.99 48.98 1.24
N GLN E 97 41.86 48.24 1.27
CA GLN E 97 41.46 47.36 0.19
C GLN E 97 41.39 48.12 -1.13
N PHE E 98 40.72 49.26 -1.16
CA PHE E 98 40.71 50.07 -2.36
C PHE E 98 42.10 50.58 -2.71
N ILE E 99 42.92 50.98 -1.75
CA ILE E 99 44.28 51.40 -2.01
C ILE E 99 45.05 50.27 -2.69
N VAL E 100 44.90 49.02 -2.26
CA VAL E 100 45.57 47.89 -2.93
C VAL E 100 45.10 47.76 -4.38
N LYS E 101 43.81 47.95 -4.65
CA LYS E 101 43.32 47.98 -6.04
C LYS E 101 43.99 49.10 -6.82
N GLU E 102 44.09 50.31 -6.28
CA GLU E 102 44.82 51.40 -6.96
C GLU E 102 46.30 51.04 -7.14
N LEU E 103 46.92 50.39 -6.16
CA LEU E 103 48.31 49.99 -6.26
C LEU E 103 48.50 49.05 -7.46
N LEU E 104 47.65 48.04 -7.57
CA LEU E 104 47.61 47.13 -8.71
C LEU E 104 47.37 47.89 -10.01
N GLU E 105 46.37 48.76 -10.05
CA GLU E 105 46.06 49.55 -11.24
C GLU E 105 47.27 50.37 -11.70
N LEU E 106 47.94 51.07 -10.79
CA LEU E 106 49.11 51.85 -11.13
C LEU E 106 50.19 50.94 -11.71
N ALA E 107 50.50 49.84 -11.04
CA ALA E 107 51.51 48.91 -11.54
C ALA E 107 51.17 48.30 -12.91
N ARG E 108 49.89 48.01 -13.16
CA ARG E 108 49.42 47.41 -14.42
C ARG E 108 49.29 48.43 -15.56
N LYS E 109 49.08 49.70 -15.24
CA LYS E 109 49.05 50.81 -16.21
C LYS E 109 50.45 51.30 -16.60
N LEU E 110 51.42 51.29 -15.68
CA LEU E 110 52.82 51.60 -16.00
C LEU E 110 53.80 50.89 -15.05
N THR E 111 55.03 50.66 -15.51
CA THR E 111 56.13 50.08 -14.71
C THR E 111 57.49 50.35 -15.38
N ASP E 112 58.46 50.82 -14.60
CA ASP E 112 59.89 50.84 -14.89
C ASP E 112 60.66 50.49 -13.60
N PRO E 113 61.75 49.68 -13.62
CA PRO E 113 62.18 49.00 -12.39
C PRO E 113 62.70 49.92 -11.30
N LYS E 114 63.41 51.01 -11.62
CA LYS E 114 64.22 51.74 -10.62
C LYS E 114 63.39 52.20 -9.43
N ASP E 115 62.21 52.73 -9.69
CA ASP E 115 61.29 53.22 -8.67
C ASP E 115 60.42 52.13 -8.03
N LEU E 116 60.37 50.91 -8.60
CA LEU E 116 59.69 49.80 -7.93
C LEU E 116 60.26 49.53 -6.55
N ALA E 117 61.52 49.88 -6.29
CA ALA E 117 62.11 49.74 -4.96
C ALA E 117 61.20 50.36 -3.92
N LYS E 118 60.79 51.60 -4.10
CA LYS E 118 59.93 52.25 -3.12
C LYS E 118 58.55 51.61 -3.11
N VAL E 119 58.06 51.13 -4.25
CA VAL E 119 56.76 50.43 -4.32
C VAL E 119 56.81 49.17 -3.48
N LEU E 120 57.85 48.38 -3.66
CA LEU E 120 58.13 47.17 -2.91
C LEU E 120 58.36 47.47 -1.43
N ASP E 121 59.06 48.55 -1.11
CA ASP E 121 59.24 48.99 0.28
C ASP E 121 57.88 49.34 0.88
N SER E 122 57.07 50.04 0.11
CA SER E 122 55.74 50.45 0.56
C SER E 122 54.89 49.21 0.79
N ILE E 123 54.93 48.27 -0.14
CA ILE E 123 54.29 46.97 0.00
C ILE E 123 54.82 46.27 1.25
N SER E 124 56.12 46.33 1.50
CA SER E 124 56.73 45.68 2.65
C SER E 124 56.18 46.24 3.95
N GLU E 125 56.10 47.55 4.07
CA GLU E 125 55.46 48.16 5.22
C GLU E 125 53.99 47.76 5.28
N LEU E 126 53.25 47.76 4.17
CA LEU E 126 51.84 47.35 4.16
C LEU E 126 51.70 45.93 4.66
N LEU E 127 52.54 45.02 4.16
CA LEU E 127 52.55 43.64 4.60
C LEU E 127 52.84 43.60 6.10
N THR E 128 53.83 44.37 6.56
CA THR E 128 54.21 44.45 7.97
C THR E 128 53.04 44.94 8.81
N GLU E 129 52.37 46.00 8.36
CA GLU E 129 51.26 46.59 9.09
C GLU E 129 50.07 45.65 9.13
N LEU E 130 49.69 45.07 7.99
CA LEU E 130 48.57 44.16 7.90
C LEU E 130 48.79 42.94 8.79
N ALA E 131 49.98 42.34 8.74
CA ALA E 131 50.38 41.27 9.64
C ALA E 131 50.31 41.70 11.11
N LEU E 132 50.89 42.85 11.46
CA LEU E 132 50.84 43.40 12.80
C LEU E 132 49.39 43.65 13.26
N LYS E 133 48.49 43.97 12.33
CA LYS E 133 47.06 44.15 12.57
C LYS E 133 46.24 42.85 12.52
N THR E 134 46.84 41.69 12.23
CA THR E 134 46.13 40.40 12.08
C THR E 134 46.81 39.19 12.76
N GLY E 135 48.04 39.32 13.24
CA GLY E 135 48.79 38.27 13.92
C GLY E 135 49.37 37.17 13.02
N ASP E 136 49.25 37.27 11.69
CA ASP E 136 49.78 36.26 10.76
C ASP E 136 51.32 36.37 10.62
N PRO E 137 52.10 35.34 11.03
CA PRO E 137 53.55 35.45 11.04
C PRO E 137 54.11 35.46 9.63
N THR E 138 53.58 34.63 8.75
CA THR E 138 53.96 34.59 7.33
C THR E 138 53.84 35.97 6.71
N ALA E 139 52.73 36.66 6.91
CA ALA E 139 52.54 38.00 6.36
C ALA E 139 53.56 39.01 6.90
N ALA E 140 54.03 38.85 8.15
CA ALA E 140 55.11 39.69 8.69
C ALA E 140 56.46 39.30 8.05
N LEU E 141 56.74 38.00 8.02
CA LEU E 141 57.95 37.45 7.46
C LEU E 141 58.07 37.75 5.98
N ALA E 142 56.97 37.88 5.24
CA ALA E 142 56.96 38.22 3.83
C ALA E 142 57.73 39.50 3.52
N ALA E 143 57.94 40.36 4.52
CA ALA E 143 58.81 41.52 4.41
C ALA E 143 60.24 41.13 4.00
N MET E 144 60.71 39.97 4.42
CA MET E 144 61.98 39.42 3.95
C MET E 144 61.96 39.25 2.43
N VAL E 145 60.91 38.65 1.87
CA VAL E 145 60.78 38.46 0.41
C VAL E 145 60.60 39.81 -0.29
N ALA E 146 59.82 40.71 0.29
CA ALA E 146 59.74 42.05 -0.25
C ALA E 146 61.13 42.71 -0.21
N HIS E 147 61.94 42.47 0.82
CA HIS E 147 63.27 43.03 0.92
C HIS E 147 64.21 42.40 -0.10
N ILE E 148 64.13 41.08 -0.31
CA ILE E 148 64.81 40.47 -1.46
C ILE E 148 64.39 41.20 -2.73
N ALA E 149 63.11 41.48 -2.93
CA ALA E 149 62.70 42.12 -4.16
C ALA E 149 63.31 43.52 -4.25
N GLU E 150 63.33 44.28 -3.17
CA GLU E 150 63.96 45.60 -3.11
C GLU E 150 65.47 45.51 -3.37
N LEU E 151 66.15 44.55 -2.76
CA LEU E 151 67.54 44.26 -3.10
C LEU E 151 67.66 43.94 -4.58
N VAL E 152 66.74 43.16 -5.16
CA VAL E 152 66.77 42.86 -6.61
C VAL E 152 66.61 44.14 -7.42
N VAL E 153 65.83 45.12 -6.98
CA VAL E 153 65.85 46.42 -7.65
C VAL E 153 67.20 47.11 -7.47
N ARG E 154 67.88 46.98 -6.32
CA ARG E 154 69.28 47.43 -6.22
C ARG E 154 70.16 46.71 -7.24
N LEU E 155 69.90 45.42 -7.51
CA LEU E 155 70.63 44.69 -8.56
C LEU E 155 70.27 45.25 -9.95
N ALA E 156 69.00 45.55 -10.24
CA ALA E 156 68.59 46.12 -11.51
C ALA E 156 69.20 47.52 -11.75
N LEU E 157 69.27 48.35 -10.71
CA LEU E 157 69.97 49.63 -10.76
C LEU E 157 71.49 49.42 -10.95
N MET E 158 72.09 48.51 -10.18
CA MET E 158 73.48 48.10 -10.33
C MET E 158 73.78 47.60 -11.75
N ALA E 159 72.80 47.00 -12.44
CA ALA E 159 73.00 46.52 -13.81
C ALA E 159 73.36 47.63 -14.79
N GLU E 160 73.06 48.90 -14.49
CA GLU E 160 73.51 50.05 -15.29
C GLU E 160 75.06 50.18 -15.32
N ARG E 161 75.78 49.63 -14.33
CA ARG E 161 77.25 49.49 -14.40
C ARG E 161 77.69 48.65 -15.59
N THR E 162 76.84 47.71 -16.03
CA THR E 162 77.17 46.66 -17.00
C THR E 162 76.81 47.03 -18.44
N HIS E 163 75.64 47.65 -18.65
CA HIS E 163 75.07 47.99 -19.97
C HIS E 163 74.26 49.30 -19.91
N PRO E 164 74.10 50.04 -21.03
CA PRO E 164 73.21 51.19 -21.15
C PRO E 164 71.72 50.76 -21.31
N GLY E 165 71.26 49.83 -20.48
CA GLY E 165 70.00 49.09 -20.66
C GLY E 165 70.14 47.90 -21.63
N SER E 166 69.53 46.76 -21.28
CA SER E 166 69.60 45.51 -22.05
C SER E 166 68.48 44.53 -21.64
N GLU E 167 68.30 43.44 -22.38
CA GLU E 167 67.28 42.40 -22.09
C GLU E 167 67.43 41.74 -20.71
N ILE E 168 68.60 41.83 -20.07
CA ILE E 168 68.81 41.45 -18.67
C ILE E 168 67.89 42.26 -17.75
N VAL E 169 67.84 43.59 -17.94
CA VAL E 169 66.91 44.45 -17.18
C VAL E 169 65.47 44.09 -17.52
N LYS E 170 65.17 43.73 -18.77
CA LYS E 170 63.83 43.26 -19.17
C LYS E 170 63.42 42.00 -18.41
N LYS E 171 64.30 41.00 -18.35
CA LYS E 171 64.09 39.80 -17.54
C LYS E 171 63.86 40.17 -16.08
N ALA E 172 64.71 41.03 -15.53
CA ALA E 172 64.61 41.46 -14.14
C ALA E 172 63.27 42.12 -13.83
N VAL E 173 62.87 43.15 -14.59
CA VAL E 173 61.61 43.85 -14.30
C VAL E 173 60.43 42.92 -14.46
N LYS E 174 60.40 42.04 -15.47
CA LYS E 174 59.31 41.08 -15.59
C LYS E 174 59.22 40.18 -14.36
N LEU E 175 60.34 39.61 -13.92
CA LEU E 175 60.33 38.73 -12.75
C LEU E 175 59.89 39.48 -11.49
N VAL E 176 60.44 40.67 -11.26
CA VAL E 176 60.02 41.53 -10.16
C VAL E 176 58.53 41.85 -10.30
N GLN E 177 58.07 42.17 -11.50
CA GLN E 177 56.68 42.52 -11.76
C GLN E 177 55.79 41.35 -11.36
N GLU E 178 56.15 40.13 -11.73
CA GLU E 178 55.37 38.96 -11.31
C GLU E 178 55.28 38.95 -9.80
N VAL E 179 56.41 39.08 -9.11
CA VAL E 179 56.42 39.10 -7.64
C VAL E 179 55.49 40.21 -7.13
N ALA E 180 55.52 41.40 -7.73
CA ALA E 180 54.69 42.50 -7.30
C ALA E 180 53.23 42.15 -7.43
N GLU E 181 52.79 41.74 -8.62
CA GLU E 181 51.39 41.40 -8.84
C GLU E 181 50.96 40.22 -7.94
N GLU E 182 51.82 39.22 -7.77
CA GLU E 182 51.54 38.08 -6.91
C GLU E 182 51.36 38.50 -5.45
N VAL E 183 52.30 39.27 -4.87
CA VAL E 183 52.15 39.70 -3.47
C VAL E 183 51.04 40.73 -3.33
N LEU E 184 50.82 41.58 -4.33
CA LEU E 184 49.73 42.53 -4.27
C LEU E 184 48.40 41.79 -4.26
N GLU E 185 48.25 40.74 -5.07
CA GLU E 185 47.09 39.87 -4.98
C GLU E 185 47.06 39.11 -3.65
N ALA E 186 48.20 38.74 -3.09
CA ALA E 186 48.21 38.16 -1.76
C ALA E 186 47.74 39.17 -0.71
N ALA E 187 48.05 40.45 -0.85
CA ALA E 187 47.56 41.49 0.04
C ALA E 187 46.05 41.66 -0.12
N GLN E 188 45.56 41.73 -1.35
CA GLN E 188 44.14 41.79 -1.63
C GLN E 188 43.42 40.59 -1.00
N LEU E 189 43.96 39.39 -1.19
CA LEU E 189 43.41 38.16 -0.64
C LEU E 189 43.40 38.19 0.88
N MET E 190 44.47 38.66 1.51
CA MET E 190 44.55 38.73 2.96
C MET E 190 43.51 39.68 3.52
N LEU E 191 43.24 40.80 2.86
CA LEU E 191 42.21 41.74 3.32
C LEU E 191 40.79 41.18 3.14
N GLU E 192 40.52 40.38 2.10
CA GLU E 192 39.21 39.74 1.90
C GLU E 192 39.00 38.47 2.74
N LYS E 193 40.07 37.70 3.00
CA LYS E 193 40.05 36.41 3.71
C LYS E 193 41.19 36.34 4.74
N PRO E 194 41.22 37.21 5.77
CA PRO E 194 42.34 37.29 6.70
C PRO E 194 42.52 36.00 7.50
N ASN E 195 43.77 35.62 7.74
CA ASN E 195 44.16 34.40 8.47
C ASN E 195 43.65 33.07 7.86
N SER E 196 43.16 33.08 6.62
CA SER E 196 42.61 31.88 5.95
C SER E 196 43.69 30.95 5.40
N ASP E 197 43.31 29.69 5.16
CA ASP E 197 44.17 28.70 4.50
C ASP E 197 44.56 29.13 3.07
N GLU E 198 43.69 29.84 2.36
CA GLU E 198 43.98 30.35 1.01
C GLU E 198 45.15 31.35 1.03
N VAL E 199 45.20 32.23 2.03
CA VAL E 199 46.36 33.11 2.23
C VAL E 199 47.59 32.30 2.56
N ALA E 200 47.50 31.39 3.53
CA ALA E 200 48.65 30.60 3.94
C ALA E 200 49.29 29.87 2.75
N LYS E 201 48.47 29.22 1.91
CA LYS E 201 48.96 28.54 0.71
C LYS E 201 49.48 29.50 -0.35
N LYS E 202 48.91 30.72 -0.50
CA LYS E 202 49.52 31.72 -1.38
C LYS E 202 50.91 32.11 -0.89
N LEU E 203 51.06 32.25 0.43
CA LEU E 203 52.36 32.53 1.07
C LEU E 203 53.32 31.34 1.01
N GLU E 204 52.85 30.10 0.87
CA GLU E 204 53.70 28.98 0.47
C GLU E 204 54.11 29.09 -1.00
N GLU E 205 53.21 29.53 -1.87
CA GLU E 205 53.38 29.52 -3.32
C GLU E 205 54.37 30.57 -3.84
N VAL E 206 54.27 31.82 -3.40
CA VAL E 206 54.84 32.93 -4.17
C VAL E 206 56.37 32.90 -4.23
N ALA E 207 56.99 32.61 -3.09
CA ALA E 207 58.35 33.06 -2.85
C ALA E 207 59.36 32.57 -3.88
N LYS E 208 59.21 31.34 -4.36
CA LYS E 208 60.24 30.65 -5.14
C LYS E 208 60.78 31.49 -6.28
N LYS E 209 59.89 32.16 -7.01
CA LYS E 209 60.26 32.98 -8.17
C LYS E 209 61.19 34.12 -7.76
N ALA E 210 60.98 34.73 -6.60
CA ALA E 210 61.86 35.78 -6.13
C ALA E 210 63.27 35.23 -5.87
N ILE E 211 63.34 34.10 -5.18
CA ILE E 211 64.62 33.48 -4.84
C ILE E 211 65.37 33.12 -6.11
N GLU E 212 64.69 32.42 -7.01
CA GLU E 212 65.24 32.01 -8.30
C GLU E 212 65.68 33.21 -9.13
N ALA E 213 64.86 34.27 -9.22
CA ALA E 213 65.25 35.47 -9.92
C ALA E 213 66.50 36.08 -9.30
N CYS E 214 66.61 36.04 -7.98
CA CYS E 214 67.77 36.62 -7.32
C CYS E 214 69.03 35.79 -7.58
N ILE E 215 68.90 34.47 -7.59
CA ILE E 215 69.97 33.59 -8.06
C ILE E 215 70.37 33.99 -9.48
N GLU E 216 69.41 34.05 -10.40
CA GLU E 216 69.63 34.34 -11.82
C GLU E 216 70.32 35.69 -12.02
N LEU E 217 69.78 36.74 -11.42
CA LEU E 217 70.33 38.08 -11.58
C LEU E 217 71.69 38.23 -10.90
N GLN E 218 71.93 37.59 -9.76
CA GLN E 218 73.26 37.58 -9.16
C GLN E 218 74.26 36.83 -10.04
N GLN E 219 73.88 35.67 -10.60
CA GLN E 219 74.74 34.96 -11.54
C GLN E 219 75.02 35.79 -12.79
N ILE E 220 74.07 36.57 -13.29
CA ILE E 220 74.32 37.47 -14.43
C ILE E 220 75.29 38.59 -14.04
N LEU E 221 75.16 39.17 -12.86
CA LEU E 221 76.12 40.16 -12.39
C LEU E 221 77.49 39.53 -12.12
N GLU E 222 77.56 38.29 -11.63
CA GLU E 222 78.81 37.52 -11.50
C GLU E 222 79.45 37.24 -12.87
N ALA E 223 78.66 36.89 -13.89
CA ALA E 223 79.12 36.67 -15.26
C ALA E 223 79.65 37.96 -15.91
N TRP E 224 79.23 39.13 -15.45
CA TRP E 224 79.88 40.41 -15.79
C TRP E 224 81.13 40.67 -14.92
N ALA E 225 81.02 40.44 -13.61
CA ALA E 225 82.10 40.68 -12.65
C ALA E 225 83.38 39.89 -12.95
N LYS E 226 83.28 38.64 -13.43
CA LYS E 226 84.45 37.83 -13.83
C LYS E 226 85.22 38.41 -15.02
N GLU E 227 84.58 39.26 -15.84
CA GLU E 227 85.25 40.01 -16.92
C GLU E 227 85.84 41.34 -16.43
N ARG E 228 85.24 41.97 -15.40
CA ARG E 228 85.82 43.14 -14.72
C ARG E 228 87.04 42.80 -13.88
N GLY E 229 87.00 41.67 -13.16
CA GLY E 229 88.10 41.17 -12.31
C GLY E 229 88.34 41.98 -11.03
N ASP E 230 87.49 42.96 -10.70
CA ASP E 230 87.64 43.81 -9.51
C ASP E 230 87.30 43.05 -8.22
N GLN E 231 88.25 42.87 -7.32
CA GLN E 231 88.07 42.09 -6.10
C GLN E 231 86.97 42.63 -5.19
N ASP E 232 86.75 43.95 -5.14
CA ASP E 232 85.67 44.55 -4.35
C ASP E 232 84.28 44.21 -4.92
N LEU E 233 84.17 44.05 -6.24
CA LEU E 233 82.95 43.58 -6.89
C LEU E 233 82.77 42.07 -6.68
N LEU E 234 83.84 41.28 -6.78
CA LEU E 234 83.77 39.86 -6.44
C LEU E 234 83.40 39.66 -4.96
N ARG E 235 83.84 40.56 -4.08
CA ARG E 235 83.33 40.66 -2.72
C ARG E 235 81.85 41.02 -2.70
N GLU E 236 81.38 42.00 -3.48
CA GLU E 236 79.93 42.26 -3.58
C GLU E 236 79.18 40.98 -3.98
N VAL E 237 79.69 40.20 -4.92
CA VAL E 237 79.09 38.92 -5.28
C VAL E 237 79.04 37.98 -4.07
N ARG E 238 80.16 37.74 -3.37
CA ARG E 238 80.17 36.91 -2.16
C ARG E 238 79.13 37.40 -1.14
N GLU E 239 79.21 38.67 -0.78
CA GLU E 239 78.41 39.23 0.32
C GLU E 239 76.93 39.35 -0.03
N HIS E 240 76.55 39.72 -1.26
CA HIS E 240 75.15 39.66 -1.63
C HIS E 240 74.68 38.21 -1.70
N LYS E 241 75.46 37.29 -2.32
CA LYS E 241 75.08 35.88 -2.42
C LYS E 241 74.69 35.36 -1.05
N LEU E 242 75.62 35.46 -0.09
CA LEU E 242 75.37 34.91 1.23
C LEU E 242 74.20 35.63 1.91
N GLN E 243 74.05 36.94 1.73
CA GLN E 243 72.89 37.62 2.29
C GLN E 243 71.61 37.03 1.71
N ILE E 244 71.54 36.83 0.41
CA ILE E 244 70.32 36.33 -0.24
C ILE E 244 70.01 34.93 0.24
N LEU E 245 71.01 34.05 0.33
CA LEU E 245 70.85 32.76 0.98
C LEU E 245 70.20 32.97 2.34
N THR E 246 70.84 33.81 3.15
CA THR E 246 70.49 33.98 4.54
C THR E 246 69.05 34.45 4.67
N ILE E 247 68.66 35.45 3.92
CA ILE E 247 67.32 36.02 4.03
C ILE E 247 66.32 34.96 3.60
N ALA E 248 66.58 34.28 2.49
CA ALA E 248 65.66 33.28 1.99
C ALA E 248 65.47 32.16 3.01
N VAL E 249 66.57 31.58 3.49
CA VAL E 249 66.44 30.43 4.39
C VAL E 249 65.83 30.89 5.70
N ALA E 250 66.09 32.13 6.14
CA ALA E 250 65.40 32.66 7.30
C ALA E 250 63.90 32.69 7.02
N TYR E 251 63.48 33.26 5.88
CA TYR E 251 62.07 33.33 5.53
C TYR E 251 61.43 31.94 5.53
N LYS E 252 61.93 31.04 4.68
CA LYS E 252 61.33 29.74 4.52
C LYS E 252 61.22 29.02 5.86
N ALA E 253 62.27 29.04 6.67
CA ALA E 253 62.23 28.36 7.96
C ALA E 253 61.17 28.99 8.87
N ALA E 254 61.13 30.31 8.97
CA ALA E 254 60.24 30.98 9.88
C ALA E 254 58.76 30.74 9.52
N GLN E 255 58.43 30.44 8.26
CA GLN E 255 57.06 30.05 7.89
C GLN E 255 56.53 28.89 8.74
N MET E 256 57.41 27.97 9.14
CA MET E 256 57.06 26.77 9.89
C MET E 256 56.73 27.05 11.36
N GLY E 257 56.95 28.28 11.83
CA GLY E 257 56.74 28.68 13.23
C GLY E 257 57.90 28.36 14.18
N VAL E 258 58.99 27.76 13.69
CA VAL E 258 60.23 27.58 14.48
C VAL E 258 60.87 28.93 14.81
N THR E 259 61.72 28.96 15.84
CA THR E 259 62.49 30.17 16.19
C THR E 259 63.88 30.08 15.61
N VAL E 260 64.31 31.14 14.91
CA VAL E 260 65.54 31.17 14.11
C VAL E 260 66.41 32.38 14.44
N LEU E 261 67.71 32.19 14.47
CA LEU E 261 68.68 33.21 14.84
C LEU E 261 69.79 33.27 13.81
N LYS E 262 70.16 34.50 13.44
CA LYS E 262 70.93 34.82 12.24
C LYS E 262 72.07 35.75 12.62
N HIS E 263 73.29 35.41 12.21
CA HIS E 263 74.49 36.26 12.34
C HIS E 263 75.35 36.16 11.07
N THR E 264 76.14 37.18 10.76
CA THR E 264 76.89 37.26 9.49
C THR E 264 78.16 38.09 9.65
N HIS E 265 79.24 37.69 8.99
CA HIS E 265 80.56 38.27 9.19
C HIS E 265 81.37 38.37 7.91
N GLY E 266 80.71 38.58 6.77
CA GLY E 266 81.35 38.86 5.45
C GLY E 266 81.99 37.64 4.79
N TRP E 267 82.67 36.79 5.54
CA TRP E 267 83.23 35.51 5.13
C TRP E 267 82.31 34.31 5.48
N VAL E 268 81.56 34.40 6.59
CA VAL E 268 80.72 33.31 7.14
C VAL E 268 79.37 33.81 7.65
N VAL E 269 78.46 32.87 7.86
CA VAL E 269 77.10 33.09 8.40
C VAL E 269 76.86 32.02 9.44
N PHE E 270 76.24 32.37 10.57
CA PHE E 270 75.76 31.39 11.54
C PHE E 270 74.23 31.44 11.60
N LEU E 271 73.58 30.31 11.36
CA LEU E 271 72.14 30.15 11.40
C LEU E 271 71.78 29.06 12.39
N VAL E 272 70.95 29.40 13.37
CA VAL E 272 70.58 28.52 14.50
C VAL E 272 69.06 28.43 14.60
N ILE E 273 68.52 27.24 14.75
CA ILE E 273 67.09 26.98 14.77
C ILE E 273 66.75 26.13 15.98
N LEU E 274 65.69 26.49 16.70
CA LEU E 274 65.16 25.76 17.84
C LEU E 274 63.66 25.48 17.66
N GLY E 275 63.22 24.34 18.20
CA GLY E 275 61.82 23.92 18.27
C GLY E 275 61.34 22.99 17.14
N LEU E 276 62.25 22.31 16.42
CA LEU E 276 61.91 21.58 15.19
C LEU E 276 61.09 20.30 15.40
N HIS E 277 60.35 19.91 14.36
CA HIS E 277 59.65 18.63 14.17
C HIS E 277 60.16 17.92 12.91
N LYS E 278 60.11 16.58 12.82
CA LYS E 278 60.75 15.81 11.75
C LYS E 278 60.42 16.33 10.35
N GLN E 279 59.15 16.63 10.09
CA GLN E 279 58.73 17.08 8.76
C GLN E 279 59.38 18.41 8.40
N GLN E 280 59.54 19.29 9.39
CA GLN E 280 60.20 20.56 9.23
C GLN E 280 61.67 20.31 8.94
N ALA E 281 62.33 19.39 9.66
CA ALA E 281 63.73 19.10 9.42
C ALA E 281 63.93 18.60 7.99
N GLU E 282 63.18 17.56 7.60
CA GLU E 282 63.26 17.00 6.25
C GLU E 282 62.97 18.06 5.19
N GLN E 283 62.07 19.01 5.45
CA GLN E 283 61.88 20.13 4.54
C GLN E 283 63.09 21.05 4.54
N LEU E 284 63.49 21.54 5.71
CA LEU E 284 64.43 22.63 5.88
C LEU E 284 65.80 22.24 5.37
N LEU E 285 66.30 21.08 5.79
CA LEU E 285 67.61 20.65 5.37
C LEU E 285 67.61 20.45 3.84
N ARG E 286 66.55 19.90 3.26
CA ARG E 286 66.49 19.75 1.80
C ARG E 286 66.40 21.09 1.12
N PHE E 287 65.56 21.99 1.61
CA PHE E 287 65.43 23.32 1.02
C PHE E 287 66.75 24.07 1.04
N VAL E 288 67.46 24.02 2.17
CA VAL E 288 68.77 24.62 2.33
C VAL E 288 69.68 24.11 1.24
N HIS E 289 69.74 22.80 1.00
CA HIS E 289 70.53 22.28 -0.11
C HIS E 289 70.03 22.79 -1.45
N ARG E 290 68.72 22.76 -1.70
CA ARG E 290 68.16 23.22 -2.98
C ARG E 290 68.51 24.67 -3.26
N VAL E 291 68.52 25.54 -2.25
CA VAL E 291 68.97 26.92 -2.44
C VAL E 291 70.49 26.99 -2.59
N ALA E 292 71.22 26.37 -1.68
CA ALA E 292 72.68 26.43 -1.67
C ALA E 292 73.30 25.97 -2.99
N HIS E 293 72.82 24.84 -3.53
CA HIS E 293 73.29 24.28 -4.78
C HIS E 293 73.07 25.26 -5.92
N ALA E 294 71.91 25.90 -5.96
CA ALA E 294 71.63 26.88 -6.99
C ALA E 294 72.57 28.08 -6.88
N LEU E 295 72.85 28.54 -5.65
CA LEU E 295 73.75 29.69 -5.42
C LEU E 295 75.24 29.35 -5.62
N GLY E 296 75.63 28.07 -5.52
CA GLY E 296 77.02 27.64 -5.57
C GLY E 296 77.80 27.92 -4.28
N VAL E 297 77.18 27.71 -3.11
CA VAL E 297 77.71 28.05 -1.78
C VAL E 297 77.92 26.81 -0.92
N THR E 298 78.98 26.81 -0.11
CA THR E 298 79.29 25.71 0.83
C THR E 298 78.33 25.76 2.02
N LEU E 299 77.85 24.61 2.47
CA LEU E 299 76.93 24.47 3.60
C LEU E 299 77.39 23.37 4.56
N SER E 300 77.11 23.56 5.82
CA SER E 300 77.33 22.58 6.87
C SER E 300 76.18 22.65 7.87
N ILE E 301 75.71 21.49 8.34
CA ILE E 301 74.52 21.38 9.19
C ILE E 301 74.75 20.34 10.29
N THR E 302 74.16 20.52 11.47
CA THR E 302 73.97 19.43 12.43
C THR E 302 72.53 19.34 12.87
N PHE E 303 72.10 18.12 13.15
CA PHE E 303 70.82 17.80 13.75
C PHE E 303 71.04 17.13 15.10
N SER E 304 70.26 17.53 16.09
CA SER E 304 70.14 16.82 17.37
C SER E 304 68.92 17.35 18.14
N GLY E 305 68.05 16.46 18.64
CA GLY E 305 66.91 16.82 19.50
C GLY E 305 65.97 17.86 18.88
N ASP E 306 65.70 18.93 19.63
CA ASP E 306 64.83 20.03 19.20
C ASP E 306 65.59 21.13 18.42
N ILE E 307 66.82 20.88 17.97
CA ILE E 307 67.75 21.92 17.49
C ILE E 307 68.38 21.54 16.14
N VAL E 308 68.53 22.53 15.25
CA VAL E 308 69.34 22.44 14.02
C VAL E 308 70.24 23.66 13.92
N VAL E 309 71.51 23.43 13.58
CA VAL E 309 72.55 24.47 13.56
C VAL E 309 73.26 24.40 12.22
N ILE E 310 73.51 25.57 11.65
CA ILE E 310 73.78 25.74 10.23
C ILE E 310 74.83 26.83 10.02
N ALA E 311 75.78 26.58 9.11
CA ALA E 311 76.79 27.55 8.70
C ALA E 311 77.27 27.32 7.25
N VAL E 312 77.80 28.37 6.63
CA VAL E 312 77.95 28.48 5.17
C VAL E 312 79.31 29.08 4.79
N THR E 313 79.76 28.88 3.55
CA THR E 313 80.93 29.60 3.01
C THR E 313 80.87 29.74 1.50
N VAL E 314 80.70 30.95 0.99
CA VAL E 314 80.81 31.29 -0.43
C VAL E 314 82.27 31.40 -0.84
N GLY E 315 82.60 31.05 -2.09
CA GLY E 315 83.91 31.35 -2.71
C GLY E 315 85.13 30.84 -1.95
N ALA E 316 84.98 29.80 -1.12
CA ALA E 316 85.98 29.39 -0.15
C ALA E 316 87.26 28.82 -0.76
N SER E 317 88.42 29.18 -0.22
CA SER E 317 89.65 28.41 -0.37
C SER E 317 89.56 27.04 0.32
N GLU E 318 90.35 26.07 -0.14
CA GLU E 318 90.47 24.74 0.47
C GLU E 318 91.00 24.80 1.91
N GLU E 319 91.84 25.78 2.25
CA GLU E 319 92.27 26.03 3.63
C GLU E 319 91.19 26.78 4.42
N GLU E 320 90.53 27.75 3.79
CA GLU E 320 89.52 28.60 4.41
C GLU E 320 88.33 27.76 4.91
N LYS E 321 87.74 26.93 4.04
CA LYS E 321 86.64 26.05 4.43
C LYS E 321 87.05 25.12 5.59
N LYS E 322 88.30 24.67 5.63
CA LYS E 322 88.81 23.76 6.65
C LYS E 322 88.86 24.45 8.00
N GLU E 323 89.48 25.62 8.05
CA GLU E 323 89.52 26.36 9.31
C GLU E 323 88.12 26.80 9.73
N VAL E 324 87.25 27.19 8.80
CA VAL E 324 85.85 27.45 9.11
C VAL E 324 85.23 26.20 9.72
N ARG E 325 85.44 25.03 9.11
CA ARG E 325 84.90 23.75 9.59
C ARG E 325 85.30 23.48 11.03
N LYS E 326 86.52 23.83 11.45
CA LYS E 326 86.89 23.76 12.87
C LYS E 326 85.94 24.60 13.71
N ILE E 327 85.87 25.90 13.49
CA ILE E 327 85.08 26.76 14.37
C ILE E 327 83.60 26.40 14.30
N VAL E 328 83.06 26.16 13.11
CA VAL E 328 81.62 25.87 13.02
C VAL E 328 81.31 24.49 13.57
N LYS E 329 82.25 23.54 13.63
CA LYS E 329 82.02 22.30 14.38
C LYS E 329 81.99 22.61 15.87
N GLU E 330 82.81 23.54 16.34
CA GLU E 330 82.72 24.00 17.72
C GLU E 330 81.33 24.59 17.98
N ILE E 331 80.86 25.46 17.08
CA ILE E 331 79.52 26.03 17.14
C ILE E 331 78.49 24.91 17.09
N ALA E 332 78.70 23.90 16.26
CA ALA E 332 77.84 22.73 16.15
C ALA E 332 77.71 21.97 17.47
N LYS E 333 78.72 22.00 18.34
CA LYS E 333 78.62 21.47 19.70
C LYS E 333 77.91 22.45 20.65
N GLN E 334 78.25 23.73 20.59
CA GLN E 334 77.91 24.70 21.63
C GLN E 334 76.43 24.70 22.04
N LEU E 335 75.50 24.68 21.09
CA LEU E 335 74.07 24.85 21.38
C LEU E 335 73.41 23.67 22.11
N ARG E 336 74.00 22.48 22.11
CA ARG E 336 73.26 21.21 22.21
C ARG E 336 72.26 21.12 23.35
N HIS E 337 72.60 21.61 24.52
CA HIS E 337 71.81 21.44 25.74
C HIS E 337 70.81 22.58 26.02
N ALA E 338 70.61 23.53 25.10
CA ALA E 338 69.78 24.71 25.34
C ALA E 338 68.31 24.37 25.71
N GLU E 339 67.80 24.90 26.83
CA GLU E 339 66.43 24.66 27.30
C GLU E 339 65.39 25.63 26.69
N THR E 340 65.79 26.85 26.33
CA THR E 340 64.88 27.92 25.87
C THR E 340 65.62 28.94 24.98
N GLU E 341 64.92 29.73 24.17
CA GLU E 341 65.56 30.64 23.21
C GLU E 341 66.36 31.77 23.87
N GLU E 342 66.03 32.16 25.11
CA GLU E 342 66.87 33.09 25.87
C GLU E 342 68.24 32.46 26.22
N GLU E 343 68.27 31.18 26.53
CA GLU E 343 69.53 30.45 26.68
C GLU E 343 70.24 30.27 25.33
N ALA E 344 69.50 30.01 24.25
CA ALA E 344 70.10 29.99 22.91
C ALA E 344 70.75 31.35 22.58
N LYS E 345 70.11 32.47 22.93
CA LYS E 345 70.71 33.81 22.91
C LYS E 345 72.02 33.83 23.70
N GLU E 346 72.01 33.38 24.94
CA GLU E 346 73.21 33.40 25.79
C GLU E 346 74.34 32.51 25.26
N ILE E 347 74.04 31.32 24.77
CA ILE E 347 75.04 30.45 24.15
C ILE E 347 75.56 31.12 22.88
N VAL E 348 74.69 31.61 22.01
CA VAL E 348 75.14 32.21 20.74
C VAL E 348 75.92 33.49 20.99
N GLN E 349 75.56 34.29 21.99
CA GLN E 349 76.43 35.39 22.41
C GLN E 349 77.83 34.87 22.78
N ARG E 350 77.93 33.73 23.49
CA ARG E 350 79.23 33.14 23.83
C ARG E 350 79.99 32.65 22.60
N VAL E 351 79.32 32.16 21.55
CA VAL E 351 80.02 31.83 20.29
C VAL E 351 80.42 33.08 19.51
N ILE E 352 79.64 34.16 19.58
CA ILE E 352 80.00 35.43 18.97
C ILE E 352 81.20 36.04 19.70
N GLU E 353 81.25 35.99 21.02
CA GLU E 353 82.43 36.38 21.78
C GLU E 353 83.62 35.44 21.53
N GLU E 354 83.39 34.13 21.37
CA GLU E 354 84.43 33.22 20.89
C GLU E 354 84.92 33.58 19.48
N TRP E 355 84.02 34.00 18.58
CA TRP E 355 84.39 34.55 17.28
C TRP E 355 85.17 35.88 17.41
N GLN E 356 84.92 36.67 18.45
CA GLN E 356 85.75 37.83 18.76
C GLN E 356 87.13 37.44 19.31
N GLU E 357 87.33 36.23 19.85
CA GLU E 357 88.67 35.71 20.19
C GLU E 357 89.42 35.18 18.96
N GLU E 358 88.77 34.43 18.05
CA GLU E 358 89.39 33.97 16.80
C GLU E 358 88.42 33.81 15.63
N GLY E 359 88.91 34.10 14.42
CA GLY E 359 88.17 33.99 13.15
C GLY E 359 88.91 34.60 11.96
N THR F 3 -28.94 31.35 -15.17
CA THR F 3 -27.76 30.90 -15.95
C THR F 3 -27.31 31.99 -16.91
N VAL F 4 -26.01 32.06 -17.22
CA VAL F 4 -25.43 33.01 -18.17
C VAL F 4 -24.65 32.25 -19.25
N THR F 5 -24.65 32.72 -20.50
CA THR F 5 -24.01 32.02 -21.64
C THR F 5 -23.10 32.97 -22.42
N PHE F 6 -21.98 32.48 -22.94
CA PHE F 6 -20.98 33.26 -23.64
C PHE F 6 -20.20 32.41 -24.66
N ASP F 7 -19.56 32.97 -25.68
CA ASP F 7 -19.06 32.18 -26.84
C ASP F 7 -17.98 32.88 -27.66
N ILE F 8 -17.28 32.13 -28.51
CA ILE F 8 -16.29 32.63 -29.47
C ILE F 8 -16.31 31.88 -30.81
N THR F 9 -15.64 32.42 -31.82
CA THR F 9 -15.34 31.73 -33.08
C THR F 9 -13.91 32.04 -33.52
N ASN F 10 -13.31 31.13 -34.27
CA ASN F 10 -11.99 31.26 -34.91
C ASN F 10 -10.77 31.33 -33.97
N ILE F 11 -10.93 31.54 -32.68
CA ILE F 11 -9.78 31.77 -31.80
C ILE F 11 -8.80 30.60 -31.87
N SER F 12 -7.55 30.94 -32.12
CA SER F 12 -6.45 30.04 -32.40
C SER F 12 -6.11 29.11 -31.24
N HIS F 13 -5.76 27.88 -31.58
CA HIS F 13 -5.31 26.86 -30.63
C HIS F 13 -4.10 27.31 -29.79
N LYS F 14 -3.30 28.29 -30.24
CA LYS F 14 -2.27 28.90 -29.38
C LYS F 14 -2.90 29.56 -28.17
N ALA F 15 -3.90 30.41 -28.41
CA ALA F 15 -4.40 31.31 -27.39
C ALA F 15 -5.33 30.62 -26.40
N ILE F 16 -6.09 29.62 -26.85
CA ILE F 16 -7.20 29.10 -26.03
C ILE F 16 -6.76 28.48 -24.71
N ASP F 17 -5.50 28.08 -24.54
CA ASP F 17 -5.05 27.64 -23.22
C ASP F 17 -5.19 28.75 -22.17
N ILE F 18 -5.00 30.02 -22.55
CA ILE F 18 -5.24 31.16 -21.64
C ILE F 18 -6.71 31.22 -21.30
N ILE F 19 -7.60 31.10 -22.30
CA ILE F 19 -9.04 31.11 -22.07
C ILE F 19 -9.39 30.01 -21.07
N LEU F 20 -8.99 28.80 -21.40
CA LEU F 20 -9.24 27.62 -20.62
C LEU F 20 -8.82 27.82 -19.16
N LYS F 21 -7.65 28.43 -18.93
CA LYS F 21 -7.13 28.67 -17.58
C LYS F 21 -7.97 29.67 -16.80
N VAL F 22 -8.53 30.67 -17.49
CA VAL F 22 -9.35 31.69 -16.84
C VAL F 22 -10.66 31.08 -16.41
N VAL F 23 -11.44 30.53 -17.34
CA VAL F 23 -12.82 30.18 -17.05
C VAL F 23 -12.92 29.10 -15.96
N LEU F 24 -12.16 28.01 -16.05
CA LEU F 24 -12.09 26.98 -14.99
C LEU F 24 -11.69 27.63 -13.70
N GLY F 25 -10.66 28.48 -13.74
CA GLY F 25 -10.13 29.13 -12.56
C GLY F 25 -11.21 29.93 -11.83
N ILE F 26 -12.02 30.68 -12.56
CA ILE F 26 -13.12 31.44 -11.95
C ILE F 26 -14.18 30.49 -11.41
N ALA F 27 -14.50 29.42 -12.14
CA ALA F 27 -15.55 28.49 -11.73
C ALA F 27 -15.29 27.85 -10.35
N GLU F 28 -14.03 27.69 -9.95
CA GLU F 28 -13.71 27.11 -8.66
C GLU F 28 -14.23 27.96 -7.51
N HIS F 29 -14.50 29.25 -7.73
CA HIS F 29 -14.88 30.16 -6.66
C HIS F 29 -16.39 30.19 -6.42
N GLU F 30 -16.74 30.52 -5.17
CA GLU F 30 -18.05 30.98 -4.71
C GLU F 30 -19.26 30.14 -5.20
N GLY F 31 -19.08 28.81 -5.24
CA GLY F 31 -20.13 27.86 -5.58
C GLY F 31 -20.56 27.89 -7.05
N THR F 32 -19.79 28.55 -7.91
CA THR F 32 -20.04 28.59 -9.36
C THR F 32 -19.63 27.29 -10.07
N GLU F 33 -20.11 27.09 -11.29
CA GLU F 33 -20.01 25.84 -12.08
C GLU F 33 -20.07 26.20 -13.57
N VAL F 34 -19.48 25.40 -14.45
CA VAL F 34 -19.48 25.67 -15.89
C VAL F 34 -19.71 24.45 -16.74
N THR F 35 -20.34 24.68 -17.89
CA THR F 35 -20.57 23.73 -18.97
C THR F 35 -19.97 24.30 -20.25
N PHE F 36 -19.39 23.46 -21.10
CA PHE F 36 -18.32 23.90 -21.99
C PHE F 36 -18.24 22.98 -23.21
N HIS F 37 -18.22 23.51 -24.43
CA HIS F 37 -18.20 22.73 -25.68
C HIS F 37 -17.08 23.19 -26.62
N SER F 38 -16.51 22.29 -27.44
CA SER F 38 -15.36 22.58 -28.31
C SER F 38 -15.44 21.86 -29.66
N GLU F 39 -14.94 22.48 -30.72
CA GLU F 39 -15.23 22.08 -32.11
C GLU F 39 -14.02 22.14 -33.04
N ARG F 40 -12.81 22.29 -32.49
CA ARG F 40 -11.56 22.56 -33.25
C ARG F 40 -11.67 23.77 -34.18
N GLY F 41 -12.05 24.91 -33.59
CA GLY F 41 -12.31 26.17 -34.30
C GLY F 41 -13.41 27.03 -33.67
N GLN F 42 -14.17 26.48 -32.73
CA GLN F 42 -15.19 27.17 -31.96
C GLN F 42 -15.19 26.63 -30.52
N LEU F 43 -15.45 27.48 -29.54
CA LEU F 43 -15.59 27.17 -28.12
C LEU F 43 -16.80 27.89 -27.55
N GLN F 44 -17.51 27.31 -26.59
CA GLN F 44 -18.69 27.91 -25.98
C GLN F 44 -18.73 27.70 -24.46
N ILE F 45 -19.08 28.72 -23.68
CA ILE F 45 -19.12 28.70 -22.22
C ILE F 45 -20.54 28.94 -21.70
N GLU F 46 -20.98 28.16 -20.73
CA GLU F 46 -22.22 28.35 -19.99
C GLU F 46 -21.89 28.32 -18.50
N VAL F 47 -22.45 29.21 -17.69
CA VAL F 47 -22.03 29.40 -16.30
C VAL F 47 -23.18 29.65 -15.33
N LYS F 48 -23.05 29.10 -14.12
CA LYS F 48 -23.97 29.27 -12.99
C LYS F 48 -23.72 30.59 -12.24
N ASN F 49 -24.71 31.47 -12.24
CA ASN F 49 -24.82 32.67 -11.39
C ASN F 49 -23.57 33.58 -11.34
N LEU F 50 -22.91 33.80 -12.49
CA LEU F 50 -21.69 34.60 -12.55
C LEU F 50 -21.96 36.08 -12.23
N HIS F 51 -21.10 36.70 -11.43
CA HIS F 51 -21.15 38.14 -11.15
C HIS F 51 -20.65 38.96 -12.35
N GLU F 52 -21.29 40.10 -12.63
CA GLU F 52 -21.03 40.85 -13.86
C GLU F 52 -19.58 41.33 -13.98
N GLU F 53 -18.93 41.67 -12.87
CA GLU F 53 -17.51 42.03 -12.89
C GLU F 53 -16.62 40.86 -13.31
N ASP F 54 -17.00 39.62 -13.01
CA ASP F 54 -16.29 38.44 -13.52
C ASP F 54 -16.71 38.15 -14.96
N LYS F 55 -17.95 38.48 -15.36
CA LYS F 55 -18.39 38.38 -16.75
C LYS F 55 -17.57 39.32 -17.64
N ARG F 56 -17.27 40.51 -17.14
CA ARG F 56 -16.30 41.42 -17.77
C ARG F 56 -14.92 40.76 -17.83
N LEU F 57 -14.44 40.13 -16.76
CA LEU F 57 -13.10 39.49 -16.76
C LEU F 57 -13.01 38.46 -17.88
N ILE F 58 -13.97 37.54 -17.93
CA ILE F 58 -14.03 36.52 -18.98
C ILE F 58 -14.14 37.19 -20.35
N GLU F 59 -15.02 38.17 -20.50
CA GLU F 59 -15.16 38.90 -21.76
C GLU F 59 -13.84 39.53 -22.20
N GLN F 60 -13.15 40.15 -21.27
CA GLN F 60 -11.94 40.89 -21.55
C GLN F 60 -10.82 39.93 -21.97
N ALA F 61 -10.72 38.81 -21.28
CA ALA F 61 -9.81 37.75 -21.68
C ALA F 61 -10.14 37.30 -23.10
N ILE F 62 -11.43 37.16 -23.43
CA ILE F 62 -11.84 36.72 -24.75
C ILE F 62 -11.41 37.73 -25.81
N GLU F 63 -11.58 39.03 -25.59
CA GLU F 63 -11.08 40.02 -26.54
C GLU F 63 -9.57 39.87 -26.71
N ALA F 64 -8.82 39.75 -25.62
CA ALA F 64 -7.36 39.60 -25.70
C ALA F 64 -7.00 38.31 -26.46
N ALA F 65 -7.71 37.22 -26.23
CA ALA F 65 -7.48 36.02 -26.99
C ALA F 65 -7.79 36.22 -28.48
N ARG F 66 -8.79 37.03 -28.84
CA ARG F 66 -9.05 37.38 -30.25
C ARG F 66 -7.88 38.15 -30.84
N LEU F 67 -7.28 39.05 -30.07
CA LEU F 67 -6.15 39.84 -30.54
C LEU F 67 -4.82 39.07 -30.51
N ALA F 68 -4.65 38.12 -29.61
CA ALA F 68 -3.34 37.57 -29.26
C ALA F 68 -2.53 37.07 -30.46
N ASP F 69 -3.14 36.31 -31.36
CA ASP F 69 -2.46 35.67 -32.50
C ASP F 69 -2.52 36.50 -33.81
N SER F 70 -2.96 37.76 -33.73
CA SER F 70 -3.06 38.65 -34.90
C SER F 70 -1.68 39.18 -35.35
N PRO F 71 -1.54 39.58 -36.62
CA PRO F 71 -0.30 40.18 -37.14
C PRO F 71 -0.17 41.69 -36.83
N ASP F 72 -1.27 42.40 -36.57
CA ASP F 72 -1.32 43.86 -36.43
C ASP F 72 -0.65 44.38 -35.13
N PRO F 73 0.39 45.23 -35.20
CA PRO F 73 1.00 45.83 -34.02
C PRO F 73 0.01 46.56 -33.10
N GLU F 74 -0.97 47.29 -33.63
CA GLU F 74 -1.93 47.99 -32.75
C GLU F 74 -2.76 46.99 -31.95
N SER F 75 -3.20 45.92 -32.61
CA SER F 75 -3.84 44.79 -31.95
C SER F 75 -2.92 44.13 -30.93
N VAL F 76 -1.61 44.02 -31.17
CA VAL F 76 -0.67 43.52 -30.15
C VAL F 76 -0.61 44.49 -28.97
N ALA F 77 -0.48 45.78 -29.22
CA ALA F 77 -0.41 46.78 -28.17
C ALA F 77 -1.68 46.70 -27.31
N ARG F 78 -2.83 46.72 -27.97
CA ARG F 78 -4.11 46.58 -27.30
C ARG F 78 -4.18 45.26 -26.54
N ALA F 79 -3.67 44.17 -27.11
CA ALA F 79 -3.70 42.87 -26.44
C ALA F 79 -2.93 42.93 -25.12
N VAL F 80 -1.75 43.54 -25.11
CA VAL F 80 -1.01 43.69 -23.85
C VAL F 80 -1.83 44.51 -22.86
N GLU F 81 -2.44 45.61 -23.30
CA GLU F 81 -3.24 46.46 -22.42
C GLU F 81 -4.35 45.63 -21.78
N LEU F 82 -5.22 45.03 -22.60
CA LEU F 82 -6.34 44.25 -22.13
C LEU F 82 -5.88 43.09 -21.27
N LEU F 83 -4.90 42.30 -21.70
CA LEU F 83 -4.46 41.18 -20.87
C LEU F 83 -3.84 41.69 -19.58
N THR F 84 -3.23 42.87 -19.58
CA THR F 84 -2.72 43.42 -18.34
C THR F 84 -3.86 43.78 -17.41
N LYS F 85 -4.98 44.28 -17.94
CA LYS F 85 -6.20 44.41 -17.13
C LYS F 85 -6.60 43.04 -16.58
N VAL F 86 -6.48 41.97 -17.35
CA VAL F 86 -6.71 40.60 -16.85
C VAL F 86 -5.72 40.26 -15.74
N ALA F 87 -4.45 40.61 -15.85
CA ALA F 87 -3.48 40.41 -14.79
C ALA F 87 -3.93 41.10 -13.49
N LYS F 88 -4.15 42.43 -13.51
CA LYS F 88 -4.52 43.13 -12.27
C LYS F 88 -5.90 42.75 -11.76
N ALA F 89 -6.81 42.32 -12.63
CA ALA F 89 -8.08 41.74 -12.21
C ALA F 89 -7.90 40.35 -11.57
N SER F 90 -6.96 39.55 -12.07
CA SER F 90 -6.82 38.16 -11.62
C SER F 90 -6.28 38.08 -10.19
N THR F 91 -6.93 37.27 -9.37
CA THR F 91 -6.61 37.10 -7.94
C THR F 91 -5.73 35.88 -7.67
N ASN F 92 -5.89 34.81 -8.45
CA ASN F 92 -5.01 33.65 -8.44
C ASN F 92 -3.60 34.08 -8.89
N THR F 93 -2.55 33.44 -8.39
CA THR F 93 -1.17 33.68 -8.82
C THR F 93 -0.80 33.12 -10.19
N GLU F 94 -1.28 31.93 -10.58
CA GLU F 94 -0.81 31.26 -11.82
C GLU F 94 -1.28 31.94 -13.10
N LEU F 95 -2.48 32.49 -13.14
CA LEU F 95 -2.94 33.24 -14.32
C LEU F 95 -1.96 34.35 -14.65
N ILE F 96 -1.49 35.09 -13.64
CA ILE F 96 -0.42 36.07 -13.82
C ILE F 96 0.84 35.34 -14.27
N GLN F 97 1.23 34.29 -13.56
CA GLN F 97 2.43 33.51 -13.85
C GLN F 97 2.47 33.04 -15.31
N PHE F 98 1.31 32.85 -15.92
CA PHE F 98 1.16 32.45 -17.32
C PHE F 98 1.14 33.64 -18.28
N ILE F 99 0.19 34.56 -18.16
CA ILE F 99 -0.01 35.58 -19.20
C ILE F 99 1.11 36.62 -19.24
N VAL F 100 1.92 36.74 -18.19
CA VAL F 100 3.17 37.50 -18.28
C VAL F 100 4.16 36.82 -19.23
N LYS F 101 4.22 35.50 -19.21
CA LYS F 101 5.05 34.76 -20.15
C LYS F 101 4.63 35.06 -21.57
N GLU F 102 3.32 35.10 -21.81
CA GLU F 102 2.77 35.56 -23.09
C GLU F 102 3.10 37.03 -23.34
N LEU F 103 3.06 37.89 -22.32
CA LEU F 103 3.39 39.30 -22.45
C LEU F 103 4.81 39.44 -22.99
N LEU F 104 5.77 38.68 -22.45
CA LEU F 104 7.14 38.66 -22.95
C LEU F 104 7.21 38.20 -24.40
N GLU F 105 6.49 37.13 -24.73
CA GLU F 105 6.42 36.70 -26.12
C GLU F 105 5.79 37.78 -27.03
N LEU F 106 4.90 38.63 -26.51
CA LEU F 106 4.42 39.80 -27.22
C LEU F 106 5.42 40.96 -27.23
N ALA F 107 6.25 41.10 -26.19
CA ALA F 107 7.11 42.26 -26.06
C ALA F 107 8.10 42.39 -27.23
N ARG F 108 8.65 41.25 -27.67
CA ARG F 108 9.57 41.20 -28.81
C ARG F 108 8.91 41.53 -30.16
N LYS F 109 7.58 41.53 -30.25
CA LYS F 109 6.87 41.86 -31.49
C LYS F 109 7.05 43.33 -31.85
N LEU F 110 6.95 44.21 -30.87
CA LEU F 110 6.73 45.64 -31.13
C LEU F 110 7.98 46.36 -31.64
N THR F 111 7.73 47.51 -32.28
CA THR F 111 8.74 48.41 -32.85
C THR F 111 8.44 49.89 -32.67
N ASP F 112 7.21 50.28 -32.30
CA ASP F 112 6.73 51.66 -32.42
C ASP F 112 6.59 52.34 -31.06
N PRO F 113 7.04 53.60 -30.89
CA PRO F 113 7.17 54.24 -29.58
C PRO F 113 5.93 54.16 -28.71
N LYS F 114 4.78 54.71 -29.14
CA LYS F 114 3.58 54.78 -28.27
C LYS F 114 3.08 53.39 -27.84
N ASP F 115 3.17 52.42 -28.74
CA ASP F 115 2.80 51.04 -28.47
C ASP F 115 3.73 50.45 -27.41
N LEU F 116 5.04 50.50 -27.64
CA LEU F 116 6.02 50.00 -26.68
C LEU F 116 5.90 50.73 -25.34
N ALA F 117 5.61 52.02 -25.39
CA ALA F 117 5.41 52.83 -24.21
C ALA F 117 4.20 52.34 -23.44
N LYS F 118 3.07 52.10 -24.09
CA LYS F 118 1.93 51.52 -23.42
C LYS F 118 2.24 50.12 -22.89
N VAL F 119 3.12 49.36 -23.55
CA VAL F 119 3.60 48.07 -23.00
C VAL F 119 4.41 48.29 -21.74
N LEU F 120 5.39 49.18 -21.75
CA LEU F 120 6.09 49.53 -20.54
C LEU F 120 5.11 50.03 -19.45
N ASP F 121 4.11 50.80 -19.83
CA ASP F 121 3.11 51.30 -18.88
C ASP F 121 2.33 50.12 -18.30
N SER F 122 1.98 49.17 -19.14
CA SER F 122 1.34 47.94 -18.70
C SER F 122 2.27 47.15 -17.76
N ILE F 123 3.56 47.14 -18.06
CA ILE F 123 4.55 46.52 -17.18
C ILE F 123 4.56 47.25 -15.85
N SER F 124 4.38 48.57 -15.83
CA SER F 124 4.24 49.31 -14.58
C SER F 124 3.04 48.79 -13.78
N GLU F 125 1.91 48.56 -14.42
CA GLU F 125 0.78 47.94 -13.72
C GLU F 125 1.16 46.55 -13.18
N LEU F 126 1.83 45.72 -13.98
CA LEU F 126 2.22 44.39 -13.56
C LEU F 126 3.13 44.45 -12.34
N LEU F 127 4.14 45.31 -12.38
CA LEU F 127 5.08 45.46 -11.28
C LEU F 127 4.38 46.02 -10.04
N THR F 128 3.48 46.98 -10.23
CA THR F 128 2.82 47.63 -9.10
C THR F 128 1.83 46.71 -8.41
N GLU F 129 1.23 45.77 -9.13
CA GLU F 129 0.60 44.62 -8.48
C GLU F 129 1.66 43.71 -7.85
N LEU F 130 2.70 43.33 -8.60
CA LEU F 130 3.60 42.24 -8.22
C LEU F 130 4.38 42.51 -6.92
N ALA F 131 4.75 43.77 -6.66
CA ALA F 131 5.36 44.18 -5.40
C ALA F 131 4.43 44.01 -4.18
N LEU F 132 3.12 43.96 -4.39
CA LEU F 132 2.12 43.66 -3.35
C LEU F 132 1.74 42.18 -3.34
N LYS F 133 1.59 41.54 -4.51
CA LYS F 133 1.23 40.12 -4.66
C LYS F 133 2.31 39.16 -4.14
N THR F 134 3.58 39.58 -4.12
CA THR F 134 4.67 38.87 -3.43
C THR F 134 4.63 38.99 -1.89
N GLY F 135 3.68 39.74 -1.33
CA GLY F 135 3.34 39.75 0.11
C GLY F 135 4.26 40.62 0.97
N ASP F 136 5.46 40.13 1.28
CA ASP F 136 6.41 40.79 2.18
C ASP F 136 7.09 42.02 1.53
N PRO F 137 7.42 43.07 2.31
CA PRO F 137 7.74 44.40 1.78
C PRO F 137 9.09 44.52 1.06
N THR F 138 9.96 43.50 1.08
CA THR F 138 11.28 43.53 0.45
C THR F 138 11.24 43.66 -1.09
N ALA F 139 10.08 43.45 -1.72
CA ALA F 139 9.88 43.63 -3.17
C ALA F 139 9.78 45.11 -3.63
N ALA F 140 9.79 46.09 -2.72
CA ALA F 140 9.52 47.50 -3.03
C ALA F 140 10.43 48.10 -4.12
N LEU F 141 11.60 47.52 -4.37
CA LEU F 141 12.51 47.85 -5.47
C LEU F 141 11.77 47.93 -6.82
N ALA F 142 10.86 46.98 -7.06
CA ALA F 142 10.12 46.91 -8.30
C ALA F 142 9.28 48.17 -8.57
N ALA F 143 8.82 48.86 -7.52
CA ALA F 143 8.10 50.12 -7.69
C ALA F 143 9.01 51.18 -8.32
N MET F 144 10.28 51.21 -7.89
CA MET F 144 11.24 52.14 -8.48
C MET F 144 11.53 51.74 -9.92
N VAL F 145 11.65 50.44 -10.22
CA VAL F 145 11.85 49.98 -11.60
C VAL F 145 10.70 50.44 -12.47
N ALA F 146 9.47 50.26 -11.99
CA ALA F 146 8.27 50.69 -12.69
C ALA F 146 8.29 52.21 -12.90
N HIS F 147 8.67 52.97 -11.88
CA HIS F 147 8.75 54.41 -12.02
C HIS F 147 9.80 54.77 -13.06
N ILE F 148 10.95 54.09 -13.07
CA ILE F 148 11.98 54.32 -14.09
C ILE F 148 11.41 53.99 -15.47
N ALA F 149 10.63 52.94 -15.60
CA ALA F 149 9.92 52.68 -16.83
C ALA F 149 9.00 53.85 -17.19
N GLU F 150 8.29 54.43 -16.23
CA GLU F 150 7.45 55.60 -16.50
C GLU F 150 8.29 56.74 -17.07
N LEU F 151 9.42 57.05 -16.44
CA LEU F 151 10.26 58.13 -16.92
C LEU F 151 10.86 57.80 -18.29
N VAL F 152 11.17 56.52 -18.54
CA VAL F 152 11.59 56.06 -19.85
C VAL F 152 10.52 56.40 -20.86
N VAL F 153 9.25 56.11 -20.59
CA VAL F 153 8.21 56.38 -21.57
C VAL F 153 7.90 57.86 -21.71
N ARG F 154 8.03 58.64 -20.64
CA ARG F 154 7.87 60.08 -20.75
C ARG F 154 8.91 60.65 -21.71
N LEU F 155 10.15 60.16 -21.64
CA LEU F 155 11.16 60.47 -22.66
C LEU F 155 10.83 59.86 -24.02
N ALA F 156 10.28 58.65 -24.09
CA ALA F 156 10.06 57.97 -25.36
C ALA F 156 9.15 58.74 -26.32
N LEU F 157 8.33 59.67 -25.82
CA LEU F 157 7.56 60.59 -26.68
C LEU F 157 8.49 61.32 -27.67
N MET F 158 9.70 61.66 -27.24
CA MET F 158 10.69 62.30 -28.10
C MET F 158 11.20 61.38 -29.21
N ALA F 159 11.16 60.05 -29.03
CA ALA F 159 11.57 59.11 -30.08
C ALA F 159 10.58 59.10 -31.26
N GLU F 160 9.30 59.45 -31.03
CA GLU F 160 8.35 59.71 -32.11
C GLU F 160 8.46 61.14 -32.65
N ARG F 161 8.61 62.16 -31.78
CA ARG F 161 8.52 63.58 -32.17
C ARG F 161 9.74 64.14 -32.90
N THR F 162 10.95 63.74 -32.52
CA THR F 162 12.18 64.49 -32.87
C THR F 162 12.78 64.21 -34.25
N HIS F 163 12.59 63.01 -34.81
CA HIS F 163 13.19 62.59 -36.09
C HIS F 163 12.28 61.69 -36.92
N PRO F 164 12.42 61.66 -38.27
CA PRO F 164 11.67 60.78 -39.17
C PRO F 164 12.24 59.34 -39.21
N GLY F 165 12.35 58.69 -38.05
CA GLY F 165 12.84 57.31 -37.95
C GLY F 165 14.34 57.11 -38.22
N SER F 166 15.18 58.07 -37.80
CA SER F 166 16.65 58.01 -37.94
C SER F 166 17.27 56.86 -37.13
N GLU F 167 18.52 56.51 -37.46
CA GLU F 167 19.25 55.41 -36.79
C GLU F 167 19.46 55.68 -35.28
N ILE F 168 19.51 56.95 -34.87
CA ILE F 168 19.62 57.35 -33.46
C ILE F 168 18.33 56.99 -32.68
N VAL F 169 17.15 57.32 -33.22
CA VAL F 169 15.88 56.93 -32.57
C VAL F 169 15.61 55.43 -32.67
N LYS F 170 16.08 54.75 -33.72
CA LYS F 170 16.07 53.28 -33.78
C LYS F 170 16.95 52.66 -32.67
N LYS F 171 18.17 53.15 -32.48
CA LYS F 171 19.04 52.77 -31.33
C LYS F 171 18.31 52.98 -30.00
N ALA F 172 17.69 54.13 -29.81
CA ALA F 172 16.91 54.41 -28.61
C ALA F 172 15.81 53.36 -28.41
N VAL F 173 14.98 53.12 -29.43
CA VAL F 173 13.91 52.13 -29.31
C VAL F 173 14.50 50.76 -28.97
N LYS F 174 15.57 50.33 -29.63
CA LYS F 174 16.12 48.99 -29.39
C LYS F 174 16.76 48.86 -28.00
N LEU F 175 17.49 49.85 -27.52
CA LEU F 175 17.98 49.76 -26.14
C LEU F 175 16.80 49.78 -25.16
N VAL F 176 15.74 50.55 -25.44
CA VAL F 176 14.55 50.54 -24.59
C VAL F 176 13.88 49.17 -24.62
N GLN F 177 13.80 48.54 -25.79
CA GLN F 177 13.21 47.21 -25.90
C GLN F 177 14.03 46.21 -25.10
N GLU F 178 15.36 46.33 -25.11
CA GLU F 178 16.18 45.50 -24.25
C GLU F 178 15.79 45.69 -22.79
N VAL F 179 15.60 46.93 -22.36
CA VAL F 179 15.15 47.16 -20.98
C VAL F 179 13.83 46.45 -20.72
N ALA F 180 12.88 46.53 -21.64
CA ALA F 180 11.60 45.90 -21.46
C ALA F 180 11.77 44.39 -21.26
N GLU F 181 12.51 43.72 -22.14
CA GLU F 181 12.73 42.27 -22.04
C GLU F 181 13.40 41.91 -20.72
N GLU F 182 14.39 42.69 -20.31
CA GLU F 182 15.08 42.42 -19.07
C GLU F 182 14.12 42.56 -17.89
N VAL F 183 13.23 43.54 -17.91
CA VAL F 183 12.27 43.74 -16.83
C VAL F 183 11.31 42.55 -16.77
N LEU F 184 10.84 42.07 -17.92
CA LEU F 184 9.90 40.95 -17.92
C LEU F 184 10.59 39.65 -17.47
N GLU F 185 11.88 39.46 -17.77
CA GLU F 185 12.64 38.35 -17.18
C GLU F 185 12.64 38.48 -15.66
N ALA F 186 12.79 39.70 -15.13
CA ALA F 186 12.67 39.91 -13.70
C ALA F 186 11.24 39.63 -13.21
N ALA F 187 10.22 39.94 -13.99
CA ALA F 187 8.85 39.59 -13.61
C ALA F 187 8.67 38.07 -13.53
N GLN F 188 9.15 37.32 -14.52
CA GLN F 188 9.11 35.85 -14.53
C GLN F 188 9.91 35.22 -13.37
N LEU F 189 10.96 35.88 -12.90
CA LEU F 189 11.64 35.48 -11.68
C LEU F 189 10.80 35.83 -10.44
N MET F 190 10.27 37.04 -10.38
CA MET F 190 9.52 37.51 -9.22
C MET F 190 8.24 36.73 -8.98
N LEU F 191 7.56 36.29 -10.04
CA LEU F 191 6.35 35.46 -9.95
C LEU F 191 6.62 34.05 -9.44
N GLU F 192 7.89 33.66 -9.23
CA GLU F 192 8.27 32.41 -8.58
C GLU F 192 8.90 32.65 -7.21
N LYS F 193 9.75 33.66 -7.05
CA LYS F 193 10.68 33.78 -5.91
C LYS F 193 10.45 35.04 -5.06
N PRO F 194 9.46 35.06 -4.16
CA PRO F 194 9.30 36.14 -3.19
C PRO F 194 10.44 36.14 -2.16
N ASN F 195 10.82 37.31 -1.65
CA ASN F 195 11.84 37.49 -0.60
C ASN F 195 13.22 36.84 -0.92
N SER F 196 13.64 36.92 -2.19
CA SER F 196 14.83 36.22 -2.72
C SER F 196 16.01 37.14 -3.00
N ASP F 197 17.21 36.72 -2.59
CA ASP F 197 18.47 37.39 -2.97
C ASP F 197 18.74 37.33 -4.48
N GLU F 198 18.22 36.31 -5.19
CA GLU F 198 18.37 36.24 -6.64
C GLU F 198 17.54 37.32 -7.36
N VAL F 199 16.32 37.57 -6.86
CA VAL F 199 15.51 38.72 -7.30
C VAL F 199 16.25 40.02 -7.02
N ALA F 200 16.78 40.23 -5.81
CA ALA F 200 17.55 41.42 -5.52
C ALA F 200 18.73 41.60 -6.49
N LYS F 201 19.49 40.52 -6.74
CA LYS F 201 20.61 40.52 -7.69
C LYS F 201 20.14 40.91 -9.09
N LYS F 202 19.11 40.24 -9.59
CA LYS F 202 18.58 40.50 -10.92
C LYS F 202 18.08 41.94 -11.03
N LEU F 203 17.34 42.42 -10.05
CA LEU F 203 16.83 43.78 -10.06
C LEU F 203 17.98 44.79 -10.03
N GLU F 204 19.10 44.47 -9.37
CA GLU F 204 20.28 45.33 -9.44
C GLU F 204 20.73 45.48 -10.90
N GLU F 205 20.85 44.38 -11.61
CA GLU F 205 21.20 44.41 -13.03
C GLU F 205 20.16 45.23 -13.80
N VAL F 206 18.87 45.02 -13.52
CA VAL F 206 17.80 45.73 -14.20
C VAL F 206 17.99 47.22 -14.01
N ALA F 207 18.16 47.66 -12.78
CA ALA F 207 18.29 49.07 -12.50
C ALA F 207 19.56 49.63 -13.12
N LYS F 208 20.67 48.92 -13.04
CA LYS F 208 21.92 49.37 -13.66
C LYS F 208 21.68 49.63 -15.14
N LYS F 209 21.17 48.63 -15.85
CA LYS F 209 20.85 48.75 -17.27
C LYS F 209 19.89 49.90 -17.49
N ALA F 210 18.83 49.97 -16.70
CA ALA F 210 17.82 50.99 -16.88
C ALA F 210 18.44 52.39 -16.74
N ILE F 211 19.24 52.63 -15.71
CA ILE F 211 19.84 53.94 -15.49
C ILE F 211 20.71 54.29 -16.68
N GLU F 212 21.53 53.36 -17.14
CA GLU F 212 22.34 53.61 -18.33
C GLU F 212 21.45 53.94 -19.53
N ALA F 213 20.35 53.20 -19.70
CA ALA F 213 19.40 53.47 -20.76
C ALA F 213 18.76 54.85 -20.60
N CYS F 214 18.44 55.25 -19.39
CA CYS F 214 17.92 56.58 -19.15
C CYS F 214 18.95 57.61 -19.59
N ILE F 215 20.21 57.43 -19.17
CA ILE F 215 21.31 58.32 -19.53
C ILE F 215 21.42 58.41 -21.04
N GLU F 216 21.34 57.30 -21.76
CA GLU F 216 21.34 57.31 -23.21
C GLU F 216 20.16 58.10 -23.77
N LEU F 217 18.94 57.88 -23.27
CA LEU F 217 17.78 58.62 -23.76
C LEU F 217 17.98 60.12 -23.52
N GLN F 218 18.46 60.48 -22.34
CA GLN F 218 18.73 61.87 -22.00
C GLN F 218 19.79 62.48 -22.90
N GLN F 219 20.89 61.76 -23.14
CA GLN F 219 21.94 62.23 -24.05
C GLN F 219 21.42 62.37 -25.49
N ILE F 220 20.54 61.47 -25.94
CA ILE F 220 19.90 61.60 -27.25
C ILE F 220 18.99 62.84 -27.27
N LEU F 221 18.30 63.14 -26.18
CA LEU F 221 17.51 64.36 -26.10
C LEU F 221 18.40 65.60 -26.10
N GLU F 222 19.54 65.59 -25.41
CA GLU F 222 20.52 66.69 -25.51
C GLU F 222 21.06 66.86 -26.94
N ALA F 223 21.34 65.77 -27.65
CA ALA F 223 21.83 65.82 -29.02
C ALA F 223 20.82 66.50 -29.98
N TRP F 224 19.52 66.27 -29.79
CA TRP F 224 18.49 67.04 -30.50
C TRP F 224 18.34 68.47 -29.98
N ALA F 225 18.40 68.69 -28.66
CA ALA F 225 18.25 70.02 -28.07
C ALA F 225 19.36 71.00 -28.50
N LYS F 226 20.59 70.52 -28.70
CA LYS F 226 21.71 71.31 -29.23
C LYS F 226 21.54 71.70 -30.72
N GLU F 227 20.70 71.00 -31.48
CA GLU F 227 20.25 71.44 -32.81
C GLU F 227 19.03 72.38 -32.73
N ARG F 228 18.01 72.00 -31.95
CA ARG F 228 16.72 72.70 -31.86
C ARG F 228 16.81 74.07 -31.18
N GLY F 229 17.62 74.21 -30.13
CA GLY F 229 17.95 75.49 -29.48
C GLY F 229 16.86 76.18 -28.64
N ASP F 230 15.66 75.60 -28.50
CA ASP F 230 14.57 76.18 -27.71
C ASP F 230 14.85 76.17 -26.20
N GLN F 231 14.74 77.34 -25.55
CA GLN F 231 14.84 77.46 -24.09
C GLN F 231 13.77 76.64 -23.36
N ASP F 232 12.57 76.53 -23.94
CA ASP F 232 11.49 75.69 -23.42
C ASP F 232 11.86 74.19 -23.44
N LEU F 233 12.55 73.73 -24.50
CA LEU F 233 13.08 72.38 -24.54
C LEU F 233 14.20 72.18 -23.51
N LEU F 234 15.07 73.17 -23.31
CA LEU F 234 16.07 73.10 -22.23
C LEU F 234 15.39 73.07 -20.84
N ARG F 235 14.26 73.77 -20.66
CA ARG F 235 13.44 73.68 -19.44
C ARG F 235 12.91 72.27 -19.24
N GLU F 236 12.34 71.67 -20.28
CA GLU F 236 11.94 70.25 -20.25
C GLU F 236 13.14 69.37 -19.90
N VAL F 237 14.29 69.54 -20.56
CA VAL F 237 15.49 68.74 -20.30
C VAL F 237 15.90 68.81 -18.84
N ARG F 238 15.96 70.00 -18.23
CA ARG F 238 16.34 70.07 -16.81
C ARG F 238 15.32 69.38 -15.92
N GLU F 239 14.03 69.47 -16.23
CA GLU F 239 13.02 68.71 -15.48
C GLU F 239 13.19 67.22 -15.68
N HIS F 240 13.46 66.75 -16.89
CA HIS F 240 13.67 65.33 -17.13
C HIS F 240 14.91 64.83 -16.40
N LYS F 241 16.03 65.57 -16.50
CA LYS F 241 17.28 65.29 -15.79
C LYS F 241 16.99 65.10 -14.32
N LEU F 242 16.35 66.10 -13.75
CA LEU F 242 16.01 66.15 -12.35
C LEU F 242 15.18 64.93 -11.99
N GLN F 243 14.10 64.67 -12.72
CA GLN F 243 13.22 63.55 -12.43
C GLN F 243 14.01 62.25 -12.41
N ILE F 244 14.70 61.95 -13.50
CA ILE F 244 15.38 60.67 -13.62
C ILE F 244 16.43 60.54 -12.53
N LEU F 245 17.23 61.59 -12.30
CA LEU F 245 18.21 61.55 -11.24
C LEU F 245 17.54 61.27 -9.89
N THR F 246 16.41 61.91 -9.65
CA THR F 246 15.65 61.71 -8.42
C THR F 246 15.26 60.28 -8.30
N ILE F 247 14.59 59.72 -9.31
CA ILE F 247 14.09 58.36 -9.17
C ILE F 247 15.24 57.38 -9.13
N ALA F 248 16.36 57.65 -9.80
CA ALA F 248 17.55 56.81 -9.69
C ALA F 248 18.02 56.76 -8.26
N VAL F 249 18.15 57.91 -7.61
CA VAL F 249 18.54 57.89 -6.19
C VAL F 249 17.45 57.23 -5.35
N ALA F 250 16.19 57.29 -5.77
CA ALA F 250 15.13 56.53 -5.11
C ALA F 250 15.34 55.02 -5.30
N TYR F 251 15.72 54.56 -6.48
CA TYR F 251 15.96 53.13 -6.72
C TYR F 251 16.99 52.61 -5.71
N LYS F 252 18.14 53.27 -5.62
CA LYS F 252 19.17 52.80 -4.70
C LYS F 252 18.74 52.99 -3.24
N ALA F 253 17.80 53.90 -2.94
CA ALA F 253 17.24 53.98 -1.61
C ALA F 253 16.42 52.73 -1.28
N ALA F 254 15.57 52.28 -2.20
CA ALA F 254 14.83 51.04 -2.05
C ALA F 254 15.79 49.84 -1.95
N GLN F 255 16.83 49.79 -2.79
CA GLN F 255 17.83 48.72 -2.76
C GLN F 255 18.53 48.62 -1.38
N MET F 256 18.85 49.76 -0.76
CA MET F 256 19.40 49.80 0.61
C MET F 256 18.35 49.76 1.71
N GLY F 257 17.06 49.85 1.39
CA GLY F 257 15.95 49.77 2.35
C GLY F 257 15.84 50.99 3.28
N VAL F 258 16.18 52.18 2.79
CA VAL F 258 16.22 53.43 3.58
C VAL F 258 15.15 54.43 3.11
N THR F 259 14.62 55.25 4.02
CA THR F 259 13.60 56.26 3.69
C THR F 259 14.21 57.57 3.19
N VAL F 260 13.52 58.26 2.28
CA VAL F 260 14.01 59.48 1.65
C VAL F 260 12.86 60.38 1.22
N LEU F 261 12.83 61.59 1.78
CA LEU F 261 12.00 62.66 1.28
C LEU F 261 12.65 63.28 0.04
N LYS F 262 11.80 63.73 -0.88
CA LYS F 262 12.21 64.48 -2.07
C LYS F 262 11.21 65.57 -2.40
N HIS F 263 11.68 66.70 -2.91
CA HIS F 263 10.84 67.77 -3.43
C HIS F 263 11.56 68.59 -4.49
N THR F 264 10.84 69.30 -5.36
CA THR F 264 11.46 70.23 -6.30
C THR F 264 10.71 71.55 -6.43
N HIS F 265 11.46 72.65 -6.47
CA HIS F 265 10.99 73.98 -6.83
C HIS F 265 11.18 74.24 -8.35
N GLY F 266 11.19 73.18 -9.16
CA GLY F 266 11.44 73.22 -10.60
C GLY F 266 12.92 73.40 -10.95
N TRP F 267 13.52 74.50 -10.52
CA TRP F 267 14.93 74.80 -10.80
C TRP F 267 15.90 73.97 -9.95
N VAL F 268 15.44 73.44 -8.82
CA VAL F 268 16.25 72.70 -7.84
C VAL F 268 15.43 71.54 -7.28
N VAL F 269 16.09 70.46 -6.88
CA VAL F 269 15.50 69.34 -6.14
C VAL F 269 16.21 69.16 -4.81
N PHE F 270 15.43 68.92 -3.77
CA PHE F 270 15.91 68.66 -2.42
C PHE F 270 15.73 67.17 -2.14
N LEU F 271 16.77 66.55 -1.59
CA LEU F 271 16.75 65.16 -1.15
C LEU F 271 17.17 65.09 0.31
N VAL F 272 16.31 64.57 1.17
CA VAL F 272 16.63 64.38 2.59
C VAL F 272 16.50 62.90 2.91
N ILE F 273 17.59 62.26 3.33
CA ILE F 273 17.63 60.80 3.41
C ILE F 273 18.10 60.36 4.79
N LEU F 274 17.41 59.37 5.36
CA LEU F 274 17.41 59.06 6.79
C LEU F 274 17.50 57.56 7.06
N GLY F 275 17.89 57.18 8.27
CA GLY F 275 18.09 55.79 8.66
C GLY F 275 19.33 55.15 8.01
N LEU F 276 20.26 55.98 7.55
CA LEU F 276 21.51 55.56 6.93
C LEU F 276 22.49 54.93 7.95
N HIS F 277 23.60 54.43 7.42
CA HIS F 277 24.64 53.73 8.16
C HIS F 277 26.01 54.04 7.56
N LYS F 278 27.06 53.94 8.39
CA LYS F 278 28.41 54.41 8.06
C LYS F 278 28.97 53.81 6.77
N GLN F 279 28.67 52.54 6.48
CA GLN F 279 29.07 51.89 5.23
C GLN F 279 28.17 52.32 4.06
N GLN F 280 26.85 52.26 4.24
CA GLN F 280 25.89 52.54 3.16
C GLN F 280 26.03 53.97 2.60
N ALA F 281 26.44 54.94 3.43
CA ALA F 281 26.73 56.29 2.97
C ALA F 281 27.73 56.31 1.81
N GLU F 282 28.70 55.40 1.77
CA GLU F 282 29.64 55.31 0.66
C GLU F 282 28.91 55.02 -0.66
N GLN F 283 27.97 54.07 -0.64
CA GLN F 283 27.23 53.74 -1.84
C GLN F 283 26.34 54.92 -2.25
N LEU F 284 25.74 55.62 -1.28
CA LEU F 284 24.99 56.85 -1.54
C LEU F 284 25.85 57.87 -2.26
N LEU F 285 27.00 58.22 -1.68
CA LEU F 285 27.92 59.18 -2.28
C LEU F 285 28.33 58.70 -3.68
N ARG F 286 28.90 57.50 -3.78
CA ARG F 286 29.41 56.96 -5.04
C ARG F 286 28.35 57.06 -6.12
N PHE F 287 27.21 56.42 -5.90
CA PHE F 287 26.20 56.30 -6.95
C PHE F 287 25.74 57.68 -7.38
N VAL F 288 25.45 58.57 -6.41
CA VAL F 288 25.07 59.95 -6.69
C VAL F 288 26.13 60.60 -7.55
N HIS F 289 27.39 60.54 -7.13
CA HIS F 289 28.49 61.12 -7.89
C HIS F 289 28.54 60.56 -9.31
N ARG F 290 28.55 59.24 -9.51
CA ARG F 290 28.65 58.68 -10.86
C ARG F 290 27.49 59.12 -11.74
N VAL F 291 26.26 59.02 -11.27
CA VAL F 291 25.12 59.43 -12.11
C VAL F 291 25.10 60.92 -12.30
N ALA F 292 25.43 61.72 -11.29
CA ALA F 292 25.50 63.16 -11.47
C ALA F 292 26.55 63.51 -12.51
N HIS F 293 27.72 62.86 -12.44
CA HIS F 293 28.80 63.06 -13.40
C HIS F 293 28.33 62.68 -14.80
N ALA F 294 27.53 61.62 -14.94
CA ALA F 294 26.91 61.29 -16.21
C ALA F 294 25.90 62.36 -16.65
N LEU F 295 25.15 62.95 -15.71
CA LEU F 295 24.01 63.83 -16.00
C LEU F 295 24.35 65.32 -16.06
N GLY F 296 25.58 65.73 -15.81
CA GLY F 296 26.06 67.09 -16.09
C GLY F 296 25.40 68.20 -15.26
N VAL F 297 24.65 67.81 -14.24
CA VAL F 297 24.04 68.69 -13.24
C VAL F 297 25.08 69.27 -12.26
N THR F 298 24.69 70.27 -11.48
CA THR F 298 25.44 70.76 -10.31
C THR F 298 24.72 70.36 -9.01
N LEU F 299 25.44 69.77 -8.06
CA LEU F 299 24.87 69.16 -6.86
C LEU F 299 25.71 69.40 -5.62
N SER F 300 25.03 69.41 -4.48
CA SER F 300 25.60 69.74 -3.17
C SER F 300 25.14 68.69 -2.16
N ILE F 301 26.04 68.31 -1.24
CA ILE F 301 25.90 67.18 -0.33
C ILE F 301 26.40 67.58 1.06
N THR F 302 25.75 67.15 2.13
CA THR F 302 26.35 67.20 3.48
C THR F 302 25.97 66.01 4.34
N PHE F 303 26.92 65.54 5.13
CA PHE F 303 26.79 64.37 5.98
C PHE F 303 26.51 64.77 7.43
N SER F 304 25.58 64.08 8.08
CA SER F 304 25.23 64.26 9.50
C SER F 304 24.90 62.91 10.19
N GLY F 305 25.73 61.89 9.95
CA GLY F 305 25.58 60.56 10.58
C GLY F 305 24.50 59.70 9.93
N ASP F 306 23.45 59.35 10.67
CA ASP F 306 22.33 58.53 10.18
C ASP F 306 21.39 59.27 9.21
N ILE F 307 21.64 60.57 8.97
CA ILE F 307 20.93 61.41 8.01
C ILE F 307 21.96 62.07 7.08
N VAL F 308 21.64 62.15 5.79
CA VAL F 308 22.42 62.87 4.77
C VAL F 308 21.48 63.78 3.98
N VAL F 309 21.98 64.94 3.57
CA VAL F 309 21.22 65.90 2.78
C VAL F 309 21.91 66.09 1.43
N ILE F 310 21.13 66.13 0.35
CA ILE F 310 21.62 66.38 -1.00
C ILE F 310 20.65 67.32 -1.71
N ALA F 311 21.16 68.14 -2.62
CA ALA F 311 20.32 68.89 -3.54
C ALA F 311 20.98 68.99 -4.90
N VAL F 312 20.19 69.30 -5.92
CA VAL F 312 20.67 69.38 -7.30
C VAL F 312 20.00 70.52 -8.05
N THR F 313 20.72 71.16 -8.95
CA THR F 313 20.21 72.11 -9.95
C THR F 313 21.09 72.08 -11.20
N VAL F 314 20.65 72.65 -12.31
CA VAL F 314 21.47 72.78 -13.54
C VAL F 314 21.09 74.05 -14.31
N GLY F 315 22.06 74.66 -15.01
CA GLY F 315 21.89 75.96 -15.69
C GLY F 315 21.85 77.19 -14.76
N ALA F 316 22.12 77.01 -13.47
CA ALA F 316 22.08 78.05 -12.44
C ALA F 316 23.16 79.14 -12.61
N SER F 317 22.78 80.40 -12.39
CA SER F 317 23.71 81.53 -12.20
C SER F 317 24.47 81.41 -10.87
N GLU F 318 25.58 82.13 -10.73
CA GLU F 318 26.33 82.17 -9.46
C GLU F 318 25.45 82.67 -8.30
N GLU F 319 24.49 83.56 -8.57
CA GLU F 319 23.50 84.00 -7.61
C GLU F 319 22.64 82.82 -7.13
N GLU F 320 22.07 82.06 -8.06
CA GLU F 320 21.33 80.84 -7.72
C GLU F 320 22.22 79.81 -7.02
N LYS F 321 23.49 79.67 -7.39
CA LYS F 321 24.41 78.78 -6.66
C LYS F 321 24.53 79.21 -5.20
N LYS F 322 24.66 80.50 -4.93
CA LYS F 322 24.63 81.00 -3.55
C LYS F 322 23.29 80.68 -2.88
N GLU F 323 22.18 80.78 -3.61
CA GLU F 323 20.90 80.34 -3.05
C GLU F 323 20.93 78.85 -2.69
N VAL F 324 21.48 77.98 -3.54
CA VAL F 324 21.61 76.56 -3.17
C VAL F 324 22.45 76.43 -1.91
N ARG F 325 23.59 77.12 -1.82
CA ARG F 325 24.48 77.05 -0.65
C ARG F 325 23.72 77.43 0.61
N LYS F 326 22.98 78.54 0.56
CA LYS F 326 22.09 78.95 1.64
C LYS F 326 21.10 77.83 1.95
N ILE F 327 20.40 77.34 0.92
CA ILE F 327 19.32 76.40 1.09
C ILE F 327 19.79 75.11 1.75
N VAL F 328 20.82 74.46 1.24
CA VAL F 328 21.24 73.18 1.80
C VAL F 328 21.72 73.36 3.23
N LYS F 329 22.45 74.45 3.50
CA LYS F 329 22.89 74.81 4.83
C LYS F 329 21.69 75.02 5.75
N GLU F 330 20.69 75.76 5.29
CA GLU F 330 19.51 76.11 6.09
C GLU F 330 18.66 74.88 6.40
N ILE F 331 18.38 74.04 5.39
CA ILE F 331 17.65 72.80 5.55
C ILE F 331 18.42 71.91 6.54
N ALA F 332 19.71 71.71 6.33
CA ALA F 332 20.52 70.89 7.20
C ALA F 332 20.53 71.42 8.63
N LYS F 333 20.71 72.73 8.81
CA LYS F 333 20.76 73.38 10.12
C LYS F 333 19.51 73.05 10.93
N GLN F 334 18.33 73.13 10.31
CA GLN F 334 17.07 72.87 11.02
C GLN F 334 16.79 71.36 11.18
N LEU F 335 17.16 70.52 10.21
CA LEU F 335 16.95 69.08 10.30
C LEU F 335 17.73 68.44 11.45
N ARG F 336 18.86 68.99 11.88
CA ARG F 336 19.58 68.48 13.07
C ARG F 336 18.79 68.58 14.37
N HIS F 337 17.70 69.36 14.42
CA HIS F 337 16.76 69.38 15.56
C HIS F 337 15.61 68.36 15.44
N ALA F 338 15.31 67.86 14.23
CA ALA F 338 14.17 66.98 13.97
C ALA F 338 14.40 65.52 14.40
N GLU F 339 13.31 64.79 14.65
CA GLU F 339 13.32 63.33 14.86
C GLU F 339 12.29 62.59 13.99
N THR F 340 11.42 63.31 13.27
CA THR F 340 10.30 62.74 12.52
C THR F 340 10.22 63.22 11.07
N GLU F 341 9.60 62.41 10.21
CA GLU F 341 9.34 62.76 8.82
C GLU F 341 8.40 63.98 8.70
N GLU F 342 7.42 64.10 9.61
CA GLU F 342 6.52 65.25 9.64
C GLU F 342 7.28 66.55 9.91
N GLU F 343 8.19 66.56 10.89
CA GLU F 343 9.07 67.71 11.12
C GLU F 343 9.89 68.02 9.88
N ALA F 344 10.51 67.01 9.26
CA ALA F 344 11.28 67.25 8.05
C ALA F 344 10.41 67.86 6.93
N LYS F 345 9.18 67.40 6.74
CA LYS F 345 8.25 67.95 5.74
C LYS F 345 7.83 69.38 6.08
N GLU F 346 7.51 69.64 7.34
CA GLU F 346 7.20 70.99 7.80
C GLU F 346 8.40 71.94 7.62
N ILE F 347 9.61 71.49 7.94
CA ILE F 347 10.84 72.24 7.74
C ILE F 347 11.03 72.59 6.26
N VAL F 348 10.92 71.61 5.36
CA VAL F 348 11.07 71.87 3.92
C VAL F 348 10.02 72.86 3.45
N GLN F 349 8.76 72.71 3.89
CA GLN F 349 7.70 73.65 3.56
C GLN F 349 8.00 75.07 4.05
N ARG F 350 8.48 75.24 5.29
CA ARG F 350 8.91 76.54 5.82
C ARG F 350 10.03 77.12 4.98
N VAL F 351 11.06 76.33 4.65
CA VAL F 351 12.16 76.83 3.82
C VAL F 351 11.64 77.31 2.47
N ILE F 352 10.71 76.58 1.85
CA ILE F 352 10.09 76.99 0.58
C ILE F 352 9.32 78.30 0.75
N GLU F 353 8.36 78.34 1.68
CA GLU F 353 7.45 79.48 1.82
C GLU F 353 8.15 80.76 2.31
N GLU F 354 9.26 80.63 3.05
CA GLU F 354 10.12 81.74 3.44
C GLU F 354 11.05 82.19 2.31
N TRP F 355 11.64 81.24 1.55
CA TRP F 355 12.54 81.57 0.44
C TRP F 355 11.81 82.21 -0.77
N GLN F 356 10.54 81.86 -0.99
CA GLN F 356 9.69 82.51 -2.00
C GLN F 356 9.50 84.03 -1.82
N GLU F 357 9.87 84.62 -0.68
CA GLU F 357 9.90 86.09 -0.53
C GLU F 357 11.12 86.76 -1.21
N GLU F 358 12.18 86.00 -1.56
CA GLU F 358 13.42 86.54 -2.14
C GLU F 358 14.04 85.72 -3.29
N GLY F 359 13.53 84.51 -3.58
CA GLY F 359 13.98 83.62 -4.67
C GLY F 359 13.52 84.03 -6.07
N THR G 3 17.74 -37.83 -8.32
CA THR G 3 17.82 -36.38 -8.59
C THR G 3 16.98 -36.02 -9.79
N VAL G 4 16.65 -34.73 -9.98
CA VAL G 4 16.43 -34.23 -11.35
C VAL G 4 17.79 -34.08 -12.01
N THR G 5 17.94 -34.39 -13.29
CA THR G 5 19.20 -34.10 -14.01
C THR G 5 18.95 -33.59 -15.41
N PHE G 6 18.99 -32.28 -15.55
CA PHE G 6 18.98 -31.62 -16.85
C PHE G 6 20.16 -32.05 -17.71
N ASP G 7 20.15 -31.59 -18.94
CA ASP G 7 21.28 -31.44 -19.85
C ASP G 7 21.13 -30.08 -20.52
N ILE G 8 22.18 -29.30 -20.65
CA ILE G 8 22.17 -27.97 -21.25
C ILE G 8 23.01 -27.93 -22.53
N THR G 9 23.10 -29.04 -23.25
CA THR G 9 24.07 -29.24 -24.33
C THR G 9 24.08 -28.14 -25.37
N ASN G 10 25.29 -27.77 -25.79
CA ASN G 10 25.61 -26.83 -26.85
C ASN G 10 25.15 -25.36 -26.66
N ILE G 11 24.68 -24.92 -25.49
CA ILE G 11 24.38 -23.48 -25.29
C ILE G 11 25.64 -22.61 -25.24
N SER G 12 25.54 -21.38 -25.70
CA SER G 12 26.67 -20.43 -25.78
C SER G 12 26.97 -19.71 -24.47
N HIS G 13 28.11 -19.02 -24.42
CA HIS G 13 28.68 -18.47 -23.19
C HIS G 13 27.69 -17.57 -22.45
N LYS G 14 27.04 -16.63 -23.13
CA LYS G 14 26.12 -15.72 -22.44
C LYS G 14 24.96 -16.47 -21.77
N ALA G 15 24.49 -17.55 -22.38
CA ALA G 15 23.34 -18.28 -21.88
C ALA G 15 23.68 -19.09 -20.61
N ILE G 16 24.90 -19.64 -20.54
CA ILE G 16 25.39 -20.29 -19.31
C ILE G 16 25.32 -19.29 -18.17
N ASP G 17 25.67 -18.03 -18.42
CA ASP G 17 25.61 -16.97 -17.41
C ASP G 17 24.17 -16.74 -16.92
N ILE G 18 23.16 -16.89 -17.78
CA ILE G 18 21.79 -16.86 -17.30
C ILE G 18 21.57 -18.08 -16.41
N ILE G 19 21.83 -19.27 -16.94
CA ILE G 19 21.44 -20.53 -16.30
C ILE G 19 22.00 -20.60 -14.88
N LEU G 20 23.32 -20.39 -14.72
CA LEU G 20 23.99 -20.55 -13.42
C LEU G 20 23.43 -19.59 -12.37
N LYS G 21 22.91 -18.44 -12.79
CA LYS G 21 22.25 -17.51 -11.89
C LYS G 21 20.85 -17.99 -11.54
N VAL G 22 20.01 -18.31 -12.51
CA VAL G 22 18.63 -18.68 -12.20
C VAL G 22 18.59 -19.97 -11.41
N VAL G 23 19.43 -20.95 -11.76
CA VAL G 23 19.36 -22.26 -11.11
C VAL G 23 19.80 -22.16 -9.66
N LEU G 24 20.89 -21.45 -9.34
CA LEU G 24 21.25 -21.22 -7.95
C LEU G 24 20.22 -20.36 -7.24
N GLY G 25 19.76 -19.29 -7.89
CA GLY G 25 18.79 -18.36 -7.30
C GLY G 25 17.45 -19.03 -6.95
N ILE G 26 17.10 -20.11 -7.64
CA ILE G 26 15.97 -20.96 -7.28
C ILE G 26 16.39 -22.01 -6.25
N ALA G 27 17.53 -22.67 -6.45
CA ALA G 27 17.95 -23.80 -5.62
C ALA G 27 18.22 -23.41 -4.16
N GLU G 28 18.78 -22.23 -3.95
CA GLU G 28 19.31 -21.80 -2.65
C GLU G 28 18.26 -21.69 -1.55
N HIS G 29 17.00 -21.46 -1.92
CA HIS G 29 15.95 -21.15 -0.94
C HIS G 29 15.69 -22.29 0.05
N GLU G 30 15.84 -23.54 -0.38
CA GLU G 30 15.73 -24.74 0.45
C GLU G 30 17.07 -25.45 0.67
N GLY G 31 18.18 -24.72 0.48
CA GLY G 31 19.54 -25.18 0.79
C GLY G 31 20.03 -26.37 -0.05
N THR G 32 19.45 -26.59 -1.23
CA THR G 32 19.60 -27.83 -2.00
C THR G 32 21.01 -28.03 -2.55
N GLU G 33 21.43 -29.29 -2.63
CA GLU G 33 22.69 -29.68 -3.28
C GLU G 33 22.63 -29.49 -4.79
N VAL G 34 23.67 -28.93 -5.39
CA VAL G 34 23.81 -28.70 -6.83
C VAL G 34 25.14 -29.27 -7.28
N THR G 35 25.22 -29.83 -8.48
CA THR G 35 26.49 -30.29 -9.05
C THR G 35 26.60 -29.89 -10.51
N PHE G 36 27.09 -28.68 -10.80
CA PHE G 36 27.43 -28.30 -12.16
C PHE G 36 28.57 -29.13 -12.71
N HIS G 37 28.60 -29.35 -14.01
CA HIS G 37 29.81 -29.80 -14.71
C HIS G 37 29.95 -29.05 -16.03
N SER G 38 31.13 -28.59 -16.40
CA SER G 38 31.32 -27.57 -17.44
C SER G 38 32.62 -27.74 -18.23
N GLU G 39 32.63 -27.30 -19.49
CA GLU G 39 33.72 -27.43 -20.46
C GLU G 39 33.73 -26.26 -21.46
N ARG G 40 34.59 -26.33 -22.48
CA ARG G 40 34.32 -25.63 -23.73
C ARG G 40 33.11 -26.28 -24.37
N GLY G 41 32.02 -25.53 -24.46
CA GLY G 41 30.85 -25.85 -25.28
C GLY G 41 29.81 -26.87 -24.75
N GLN G 42 29.98 -27.45 -23.56
CA GLN G 42 29.03 -28.39 -22.98
C GLN G 42 28.85 -28.15 -21.49
N LEU G 43 27.75 -28.63 -20.92
CA LEU G 43 27.34 -28.39 -19.54
C LEU G 43 26.33 -29.46 -19.12
N GLN G 44 26.24 -29.77 -17.83
CA GLN G 44 25.15 -30.56 -17.26
C GLN G 44 24.94 -30.28 -15.78
N ILE G 45 23.82 -30.70 -15.23
CA ILE G 45 23.41 -30.34 -13.86
C ILE G 45 22.72 -31.50 -13.16
N GLU G 46 22.87 -31.55 -11.85
CA GLU G 46 21.93 -32.22 -10.96
C GLU G 46 21.41 -31.21 -9.96
N VAL G 47 20.19 -31.38 -9.48
CA VAL G 47 19.70 -30.69 -8.28
C VAL G 47 19.03 -31.70 -7.37
N LYS G 48 19.32 -31.67 -6.07
CA LYS G 48 18.65 -32.53 -5.10
C LYS G 48 17.26 -31.98 -4.80
N ASN G 49 16.24 -32.82 -4.89
CA ASN G 49 14.89 -32.58 -4.35
C ASN G 49 14.17 -31.30 -4.86
N LEU G 50 14.43 -30.87 -6.11
CA LEU G 50 13.77 -29.73 -6.75
C LEU G 50 12.32 -30.08 -7.19
N HIS G 51 11.32 -29.33 -6.73
CA HIS G 51 9.90 -29.63 -6.97
C HIS G 51 9.50 -29.54 -8.45
N GLU G 52 8.51 -30.32 -8.86
CA GLU G 52 8.03 -30.36 -10.25
C GLU G 52 7.67 -28.96 -10.77
N GLU G 53 6.92 -28.18 -9.98
CA GLU G 53 6.56 -26.82 -10.38
C GLU G 53 7.76 -25.86 -10.43
N ASP G 54 8.86 -26.16 -9.74
CA ASP G 54 10.12 -25.43 -9.88
C ASP G 54 10.89 -25.90 -11.11
N LYS G 55 10.93 -27.21 -11.37
CA LYS G 55 11.65 -27.81 -12.49
C LYS G 55 11.19 -27.19 -13.80
N ARG G 56 9.89 -26.96 -13.95
CA ARG G 56 9.35 -26.30 -15.14
C ARG G 56 9.81 -24.84 -15.31
N LEU G 57 10.28 -24.15 -14.26
CA LEU G 57 10.91 -22.84 -14.40
C LEU G 57 12.31 -22.96 -15.00
N ILE G 58 13.07 -23.94 -14.53
CA ILE G 58 14.39 -24.22 -15.08
C ILE G 58 14.24 -24.62 -16.53
N GLU G 59 13.37 -25.59 -16.84
CA GLU G 59 13.16 -26.02 -18.21
C GLU G 59 12.77 -24.85 -19.10
N GLN G 60 11.89 -23.94 -18.65
CA GLN G 60 11.58 -22.73 -19.41
C GLN G 60 12.80 -21.82 -19.61
N ALA G 61 13.64 -21.63 -18.59
CA ALA G 61 14.87 -20.87 -18.76
C ALA G 61 15.79 -21.57 -19.74
N ILE G 62 15.87 -22.89 -19.70
CA ILE G 62 16.65 -23.68 -20.63
C ILE G 62 16.11 -23.51 -22.04
N GLU G 63 14.81 -23.56 -22.29
CA GLU G 63 14.27 -23.34 -23.64
C GLU G 63 14.53 -21.93 -24.14
N ALA G 64 14.51 -20.92 -23.28
CA ALA G 64 14.99 -19.59 -23.61
C ALA G 64 16.49 -19.59 -23.92
N ALA G 65 17.32 -20.21 -23.09
CA ALA G 65 18.76 -20.29 -23.30
C ALA G 65 19.14 -21.00 -24.62
N ARG G 66 18.48 -22.11 -24.93
CA ARG G 66 18.66 -22.87 -26.18
C ARG G 66 18.23 -22.07 -27.42
N LEU G 67 17.45 -20.99 -27.24
CA LEU G 67 17.04 -20.08 -28.31
C LEU G 67 17.77 -18.73 -28.32
N ALA G 68 18.24 -18.23 -27.19
CA ALA G 68 18.61 -16.83 -27.02
C ALA G 68 19.77 -16.33 -27.89
N ASP G 69 20.44 -17.21 -28.62
CA ASP G 69 21.51 -16.89 -29.58
C ASP G 69 21.12 -17.11 -31.05
N SER G 70 19.86 -17.47 -31.32
CA SER G 70 19.29 -17.51 -32.67
C SER G 70 19.29 -16.14 -33.36
N PRO G 71 19.42 -16.06 -34.69
CA PRO G 71 19.20 -14.84 -35.48
C PRO G 71 17.73 -14.57 -35.87
N ASP G 72 16.85 -15.57 -35.80
CA ASP G 72 15.49 -15.53 -36.37
C ASP G 72 14.50 -14.68 -35.54
N PRO G 73 13.89 -13.63 -36.12
CA PRO G 73 12.83 -12.87 -35.48
C PRO G 73 11.69 -13.67 -34.84
N GLU G 74 11.19 -14.74 -35.47
CA GLU G 74 10.08 -15.50 -34.89
C GLU G 74 10.53 -16.23 -33.62
N SER G 75 11.71 -16.84 -33.63
CA SER G 75 12.29 -17.37 -32.41
C SER G 75 12.46 -16.27 -31.37
N VAL G 76 12.82 -15.04 -31.76
CA VAL G 76 12.90 -13.93 -30.83
C VAL G 76 11.53 -13.65 -30.23
N ALA G 77 10.48 -13.67 -31.05
CA ALA G 77 9.12 -13.49 -30.59
C ALA G 77 8.75 -14.54 -29.53
N ARG G 78 9.03 -15.82 -29.79
CA ARG G 78 8.84 -16.85 -28.76
C ARG G 78 9.72 -16.60 -27.56
N ALA G 79 10.95 -16.15 -27.76
CA ALA G 79 11.89 -15.96 -26.68
C ALA G 79 11.37 -14.91 -25.72
N VAL G 80 10.87 -13.79 -26.22
CA VAL G 80 10.37 -12.78 -25.30
C VAL G 80 9.16 -13.31 -24.54
N GLU G 81 8.33 -14.14 -25.15
CA GLU G 81 7.22 -14.78 -24.42
C GLU G 81 7.73 -15.67 -23.29
N LEU G 82 8.65 -16.57 -23.59
CA LEU G 82 9.22 -17.49 -22.60
C LEU G 82 9.87 -16.71 -21.45
N LEU G 83 10.71 -15.74 -21.78
CA LEU G 83 11.36 -14.93 -20.77
C LEU G 83 10.32 -14.17 -19.95
N THR G 84 9.23 -13.72 -20.58
CA THR G 84 8.13 -13.08 -19.84
C THR G 84 7.52 -14.04 -18.82
N LYS G 85 7.28 -15.29 -19.20
CA LYS G 85 6.78 -16.29 -18.24
C LYS G 85 7.75 -16.44 -17.08
N VAL G 86 9.04 -16.56 -17.37
CA VAL G 86 10.06 -16.63 -16.32
C VAL G 86 10.03 -15.37 -15.45
N ALA G 87 9.80 -14.20 -16.02
CA ALA G 87 9.73 -12.95 -15.28
C ALA G 87 8.51 -12.89 -14.37
N LYS G 88 7.36 -13.40 -14.80
CA LYS G 88 6.17 -13.50 -13.96
C LYS G 88 6.41 -14.46 -12.80
N ALA G 89 6.93 -15.64 -13.07
CA ALA G 89 7.11 -16.69 -12.07
C ALA G 89 8.25 -16.42 -11.05
N SER G 90 9.24 -15.62 -11.41
CA SER G 90 10.40 -15.37 -10.53
C SER G 90 10.03 -14.67 -9.23
N THR G 91 10.63 -15.09 -8.12
CA THR G 91 10.35 -14.57 -6.77
C THR G 91 11.13 -13.30 -6.43
N ASN G 92 12.34 -13.14 -6.96
CA ASN G 92 13.26 -12.05 -6.61
C ASN G 92 13.36 -11.04 -7.77
N THR G 93 13.11 -9.75 -7.51
CA THR G 93 13.14 -8.73 -8.55
C THR G 93 14.51 -8.54 -9.19
N GLU G 94 15.62 -8.70 -8.47
CA GLU G 94 16.95 -8.58 -9.11
C GLU G 94 17.16 -9.72 -10.11
N LEU G 95 16.64 -10.92 -9.83
CA LEU G 95 16.69 -12.00 -10.79
C LEU G 95 15.86 -11.67 -12.03
N ILE G 96 14.80 -10.87 -11.87
CA ILE G 96 14.04 -10.36 -13.01
C ILE G 96 14.89 -9.33 -13.77
N GLN G 97 15.53 -8.37 -13.10
CA GLN G 97 16.48 -7.46 -13.75
C GLN G 97 17.49 -8.23 -14.58
N PHE G 98 18.10 -9.25 -14.00
CA PHE G 98 19.12 -10.09 -14.63
C PHE G 98 18.66 -10.73 -15.95
N ILE G 99 17.36 -10.95 -16.15
CA ILE G 99 16.82 -11.41 -17.43
C ILE G 99 16.26 -10.28 -18.28
N VAL G 100 15.52 -9.32 -17.73
CA VAL G 100 14.78 -8.39 -18.58
C VAL G 100 15.71 -7.44 -19.32
N LYS G 101 16.93 -7.21 -18.83
CA LYS G 101 17.90 -6.43 -19.58
C LYS G 101 18.17 -7.00 -20.97
N GLU G 102 18.16 -8.31 -21.16
CA GLU G 102 18.42 -8.93 -22.47
C GLU G 102 17.34 -8.57 -23.52
N LEU G 103 16.14 -8.27 -23.05
CA LEU G 103 15.04 -7.93 -23.93
C LEU G 103 15.33 -6.64 -24.67
N LEU G 104 16.14 -5.75 -24.10
CA LEU G 104 16.56 -4.54 -24.80
C LEU G 104 17.29 -4.90 -26.09
N GLU G 105 18.14 -5.94 -26.06
CA GLU G 105 18.82 -6.42 -27.27
C GLU G 105 17.82 -6.98 -28.25
N LEU G 106 16.91 -7.85 -27.80
CA LEU G 106 15.88 -8.38 -28.67
C LEU G 106 15.12 -7.26 -29.40
N ALA G 107 14.67 -6.24 -28.68
CA ALA G 107 13.94 -5.13 -29.26
C ALA G 107 14.79 -4.39 -30.28
N ARG G 108 15.99 -3.94 -29.89
CA ARG G 108 16.85 -3.16 -30.77
C ARG G 108 17.25 -3.95 -32.01
N LYS G 109 17.42 -5.27 -31.89
CA LYS G 109 17.74 -6.17 -32.99
C LYS G 109 16.59 -6.30 -33.99
N LEU G 110 15.36 -6.27 -33.52
CA LEU G 110 14.21 -6.61 -34.32
C LEU G 110 13.79 -5.46 -35.24
N THR G 111 13.62 -5.73 -36.54
CA THR G 111 13.35 -4.70 -37.57
C THR G 111 12.26 -5.10 -38.56
N ASP G 112 11.14 -5.64 -38.08
CA ASP G 112 9.90 -5.73 -38.87
C ASP G 112 8.66 -5.53 -37.98
N PRO G 113 7.63 -4.75 -38.37
CA PRO G 113 6.57 -4.33 -37.45
C PRO G 113 5.68 -5.50 -37.06
N LYS G 114 5.34 -6.35 -38.04
CA LYS G 114 4.55 -7.56 -37.83
C LYS G 114 5.17 -8.51 -36.81
N ASP G 115 6.48 -8.46 -36.63
CA ASP G 115 7.19 -9.23 -35.60
C ASP G 115 7.36 -8.42 -34.31
N LEU G 116 7.60 -7.11 -34.41
CA LEU G 116 7.63 -6.21 -33.24
C LEU G 116 6.33 -6.29 -32.45
N ALA G 117 5.26 -6.73 -33.10
CA ALA G 117 4.03 -7.15 -32.48
C ALA G 117 4.25 -7.88 -31.15
N LYS G 118 5.11 -8.89 -31.13
CA LYS G 118 5.26 -9.67 -29.90
C LYS G 118 6.05 -8.91 -28.83
N VAL G 119 7.01 -8.08 -29.21
CA VAL G 119 7.77 -7.28 -28.23
C VAL G 119 6.82 -6.30 -27.56
N LEU G 120 6.11 -5.51 -28.37
CA LEU G 120 5.13 -4.56 -27.89
C LEU G 120 4.00 -5.26 -27.12
N ASP G 121 3.68 -6.51 -27.43
CA ASP G 121 2.77 -7.33 -26.62
C ASP G 121 3.40 -7.64 -25.26
N SER G 122 4.46 -8.42 -25.26
CA SER G 122 5.04 -9.00 -24.05
C SER G 122 5.42 -7.96 -23.00
N ILE G 123 5.87 -6.78 -23.44
CA ILE G 123 6.12 -5.62 -22.58
C ILE G 123 4.96 -5.41 -21.60
N SER G 124 3.72 -5.60 -22.02
CA SER G 124 2.56 -5.39 -21.16
C SER G 124 2.66 -6.28 -19.94
N GLU G 125 2.69 -7.59 -20.12
CA GLU G 125 2.82 -8.56 -19.05
C GLU G 125 4.09 -8.34 -18.25
N LEU G 126 5.22 -8.05 -18.92
CA LEU G 126 6.52 -7.85 -18.28
C LEU G 126 6.43 -6.77 -17.20
N LEU G 127 5.85 -5.61 -17.53
CA LEU G 127 5.66 -4.58 -16.54
C LEU G 127 4.55 -4.95 -15.58
N THR G 128 3.48 -5.56 -16.08
CA THR G 128 2.23 -5.73 -15.31
C THR G 128 2.51 -6.40 -13.98
N GLU G 129 3.22 -7.52 -13.99
CA GLU G 129 3.43 -8.30 -12.78
C GLU G 129 4.26 -7.55 -11.73
N LEU G 130 5.31 -6.86 -12.18
CA LEU G 130 6.19 -6.05 -11.33
C LEU G 130 5.43 -4.88 -10.71
N ALA G 131 4.64 -4.18 -11.52
CA ALA G 131 3.86 -3.05 -11.08
C ALA G 131 2.80 -3.46 -10.03
N LEU G 132 2.03 -4.51 -10.31
CA LEU G 132 1.06 -5.04 -9.34
C LEU G 132 1.74 -5.49 -8.04
N LYS G 133 2.88 -6.20 -8.13
CA LYS G 133 3.62 -6.70 -6.96
C LYS G 133 4.28 -5.59 -6.12
N THR G 134 4.68 -4.48 -6.75
CA THR G 134 5.22 -3.29 -6.05
C THR G 134 4.15 -2.31 -5.55
N GLY G 135 2.93 -2.35 -6.12
CA GLY G 135 1.74 -1.66 -5.61
C GLY G 135 1.50 -0.23 -6.10
N ASP G 136 2.35 0.29 -6.99
CA ASP G 136 2.19 1.60 -7.62
C ASP G 136 1.05 1.61 -8.69
N PRO G 137 0.48 2.78 -9.06
CA PRO G 137 -0.52 2.91 -10.13
C PRO G 137 0.04 2.68 -11.55
N THR G 138 1.35 2.45 -11.65
CA THR G 138 2.10 2.09 -12.86
C THR G 138 1.57 0.84 -13.56
N ALA G 139 0.83 -0.03 -12.86
CA ALA G 139 0.25 -1.25 -13.42
C ALA G 139 -0.74 -0.96 -14.56
N ALA G 140 -1.50 0.13 -14.43
CA ALA G 140 -2.25 0.65 -15.56
C ALA G 140 -1.30 1.17 -16.62
N LEU G 141 -0.36 2.06 -16.26
CA LEU G 141 0.36 2.89 -17.22
C LEU G 141 1.14 2.08 -18.24
N ALA G 142 1.62 0.90 -17.82
CA ALA G 142 2.16 -0.12 -18.70
C ALA G 142 1.16 -0.59 -19.76
N ALA G 143 -0.03 -1.04 -19.36
CA ALA G 143 -1.11 -1.41 -20.27
C ALA G 143 -1.55 -0.23 -21.12
N MET G 144 -1.71 0.95 -20.52
CA MET G 144 -2.15 2.14 -21.25
C MET G 144 -1.22 2.41 -22.43
N VAL G 145 0.08 2.49 -22.18
CA VAL G 145 1.05 2.67 -23.27
C VAL G 145 1.05 1.45 -24.19
N ALA G 146 1.03 0.23 -23.65
CA ALA G 146 1.19 -0.97 -24.48
C ALA G 146 0.01 -1.16 -25.43
N HIS G 147 -1.21 -0.97 -24.97
CA HIS G 147 -2.36 -1.15 -25.83
C HIS G 147 -2.44 -0.03 -26.85
N ILE G 148 -2.13 1.22 -26.47
CA ILE G 148 -1.98 2.33 -27.43
C ILE G 148 -0.92 1.99 -28.49
N ALA G 149 0.20 1.35 -28.09
CA ALA G 149 1.17 0.90 -29.04
C ALA G 149 0.61 -0.26 -29.87
N GLU G 150 -0.16 -1.16 -29.30
CA GLU G 150 -0.72 -2.26 -30.06
C GLU G 150 -1.65 -1.75 -31.14
N LEU G 151 -2.37 -0.65 -30.91
CA LEU G 151 -3.13 0.00 -31.98
C LEU G 151 -2.21 0.21 -33.18
N VAL G 152 -1.01 0.75 -32.97
CA VAL G 152 0.02 0.91 -34.03
C VAL G 152 0.37 -0.42 -34.69
N VAL G 153 0.45 -1.52 -33.93
CA VAL G 153 0.67 -2.86 -34.51
C VAL G 153 -0.52 -3.26 -35.40
N ARG G 154 -1.75 -3.17 -34.88
CA ARG G 154 -2.97 -3.50 -35.61
C ARG G 154 -3.05 -2.69 -36.90
N LEU G 155 -2.95 -1.37 -36.75
CA LEU G 155 -2.97 -0.38 -37.82
C LEU G 155 -1.89 -0.69 -38.85
N ALA G 156 -0.67 -1.03 -38.45
CA ALA G 156 0.39 -1.35 -39.39
C ALA G 156 0.00 -2.58 -40.20
N LEU G 157 -0.51 -3.61 -39.50
CA LEU G 157 -0.88 -4.87 -40.14
C LEU G 157 -1.95 -4.61 -41.21
N MET G 158 -3.04 -3.95 -40.84
CA MET G 158 -4.11 -3.68 -41.79
C MET G 158 -3.70 -2.68 -42.87
N ALA G 159 -2.80 -1.73 -42.60
CA ALA G 159 -2.29 -0.82 -43.63
C ALA G 159 -1.51 -1.58 -44.70
N GLU G 160 -0.53 -2.38 -44.30
CA GLU G 160 0.22 -3.19 -45.26
C GLU G 160 -0.70 -4.16 -46.00
N ARG G 161 -1.66 -4.78 -45.29
CA ARG G 161 -2.66 -5.65 -45.90
C ARG G 161 -3.60 -4.90 -46.85
N THR G 162 -3.78 -3.59 -46.68
CA THR G 162 -4.58 -2.73 -47.56
C THR G 162 -3.80 -2.35 -48.83
N HIS G 163 -2.49 -2.14 -48.72
CA HIS G 163 -1.64 -1.76 -49.84
C HIS G 163 -0.21 -2.31 -49.66
N PRO G 164 0.14 -3.45 -50.29
CA PRO G 164 1.45 -4.08 -50.16
C PRO G 164 2.64 -3.15 -50.48
N GLY G 165 3.72 -3.25 -49.71
CA GLY G 165 4.90 -2.41 -49.86
C GLY G 165 4.69 -0.97 -49.35
N SER G 166 3.93 -0.80 -48.27
CA SER G 166 3.55 0.51 -47.69
C SER G 166 4.73 1.22 -46.99
N GLU G 167 5.72 1.67 -47.77
CA GLU G 167 7.06 2.07 -47.31
C GLU G 167 7.08 3.05 -46.12
N ILE G 168 6.09 3.94 -46.03
CA ILE G 168 5.91 4.88 -44.92
C ILE G 168 5.95 4.18 -43.56
N VAL G 169 5.59 2.89 -43.48
CA VAL G 169 5.66 2.08 -42.26
C VAL G 169 7.03 2.12 -41.60
N LYS G 170 8.11 2.45 -42.32
CA LYS G 170 9.41 2.67 -41.70
C LYS G 170 9.36 3.74 -40.60
N LYS G 171 8.51 4.77 -40.75
CA LYS G 171 8.24 5.73 -39.69
C LYS G 171 7.73 5.01 -38.45
N ALA G 172 6.69 4.21 -38.62
CA ALA G 172 6.09 3.47 -37.53
C ALA G 172 7.13 2.57 -36.87
N VAL G 173 7.92 1.84 -37.65
CA VAL G 173 8.92 0.92 -37.09
C VAL G 173 9.82 1.68 -36.13
N LYS G 174 10.40 2.79 -36.56
CA LYS G 174 11.29 3.56 -35.69
C LYS G 174 10.54 4.12 -34.48
N LEU G 175 9.32 4.61 -34.68
CA LEU G 175 8.49 5.09 -33.60
C LEU G 175 8.28 3.97 -32.56
N VAL G 176 7.74 2.84 -32.96
CA VAL G 176 7.41 1.83 -31.97
C VAL G 176 8.68 1.26 -31.36
N GLN G 177 9.77 1.14 -32.12
CA GLN G 177 11.07 0.78 -31.54
C GLN G 177 11.41 1.75 -30.42
N GLU G 178 11.37 3.05 -30.63
CA GLU G 178 11.71 3.96 -29.55
C GLU G 178 10.70 3.86 -28.41
N VAL G 179 9.43 3.54 -28.68
CA VAL G 179 8.48 3.27 -27.60
C VAL G 179 8.96 2.09 -26.80
N ALA G 180 9.37 1.02 -27.45
CA ALA G 180 9.87 -0.16 -26.77
C ALA G 180 11.12 0.16 -25.97
N GLU G 181 12.10 0.83 -26.58
CA GLU G 181 13.33 1.19 -25.90
C GLU G 181 13.04 2.06 -24.67
N GLU G 182 12.22 3.08 -24.83
CA GLU G 182 11.90 3.96 -23.71
C GLU G 182 11.20 3.17 -22.60
N VAL G 183 10.20 2.36 -22.92
CA VAL G 183 9.44 1.65 -21.89
C VAL G 183 10.31 0.63 -21.21
N LEU G 184 11.07 -0.16 -21.97
CA LEU G 184 11.92 -1.17 -21.38
C LEU G 184 12.93 -0.53 -20.43
N GLU G 185 13.55 0.60 -20.81
CA GLU G 185 14.45 1.29 -19.89
C GLU G 185 13.70 1.89 -18.70
N ALA G 186 12.46 2.39 -18.90
CA ALA G 186 11.66 2.90 -17.79
C ALA G 186 11.28 1.78 -16.82
N ALA G 187 11.04 0.57 -17.33
CA ALA G 187 10.85 -0.60 -16.50
C ALA G 187 12.13 -0.91 -15.73
N GLN G 188 13.31 -0.77 -16.35
CA GLN G 188 14.57 -0.98 -15.66
C GLN G 188 14.72 0.03 -14.50
N LEU G 189 14.38 1.30 -14.74
CA LEU G 189 14.41 2.31 -13.69
C LEU G 189 13.39 2.02 -12.58
N MET G 190 12.18 1.56 -12.95
CA MET G 190 11.13 1.18 -12.00
C MET G 190 11.56 0.00 -11.11
N LEU G 191 12.24 -0.99 -11.68
CA LEU G 191 12.87 -2.07 -10.91
C LEU G 191 13.95 -1.54 -9.97
N GLU G 192 14.81 -0.63 -10.44
CA GLU G 192 15.92 -0.10 -9.63
C GLU G 192 15.46 0.88 -8.53
N LYS G 193 14.39 1.64 -8.77
CA LYS G 193 13.95 2.76 -7.92
C LYS G 193 12.43 2.76 -7.65
N PRO G 194 11.85 1.68 -7.11
CA PRO G 194 10.39 1.58 -6.93
C PRO G 194 9.83 2.72 -6.07
N ASN G 195 8.62 3.16 -6.39
CA ASN G 195 7.89 4.31 -5.79
C ASN G 195 8.59 5.70 -5.94
N SER G 196 9.74 5.81 -6.62
CA SER G 196 10.51 7.06 -6.68
C SER G 196 9.92 8.13 -7.61
N ASP G 197 10.20 9.40 -7.32
CA ASP G 197 9.74 10.52 -8.13
C ASP G 197 10.35 10.52 -9.54
N GLU G 198 11.57 9.99 -9.73
CA GLU G 198 12.14 9.82 -11.06
C GLU G 198 11.39 8.73 -11.86
N VAL G 199 10.92 7.68 -11.18
CA VAL G 199 10.10 6.63 -11.81
C VAL G 199 8.72 7.17 -12.15
N ALA G 200 8.13 7.98 -11.27
CA ALA G 200 6.93 8.73 -11.63
C ALA G 200 7.17 9.65 -12.85
N LYS G 201 8.29 10.37 -12.92
CA LYS G 201 8.60 11.28 -14.03
C LYS G 201 8.80 10.54 -15.35
N LYS G 202 9.44 9.36 -15.36
CA LYS G 202 9.60 8.57 -16.60
C LYS G 202 8.30 7.90 -17.03
N LEU G 203 7.57 7.29 -16.11
CA LEU G 203 6.31 6.63 -16.44
C LEU G 203 5.17 7.63 -16.68
N GLU G 204 5.33 8.90 -16.30
CA GLU G 204 4.60 10.01 -16.94
C GLU G 204 5.09 10.27 -18.38
N GLU G 205 6.40 10.47 -18.59
CA GLU G 205 6.91 10.91 -19.88
C GLU G 205 6.58 9.97 -21.02
N VAL G 206 6.67 8.65 -20.82
CA VAL G 206 6.50 7.69 -21.92
C VAL G 206 5.24 7.97 -22.74
N ALA G 207 4.16 8.36 -22.09
CA ALA G 207 2.91 8.56 -22.78
C ALA G 207 3.03 9.67 -23.82
N LYS G 208 3.78 10.75 -23.54
CA LYS G 208 3.86 11.89 -24.45
C LYS G 208 4.37 11.44 -25.82
N LYS G 209 5.45 10.65 -25.84
CA LYS G 209 5.91 10.12 -27.11
C LYS G 209 4.96 9.06 -27.64
N ALA G 210 4.43 8.22 -26.76
CA ALA G 210 3.55 7.15 -27.20
C ALA G 210 2.37 7.71 -28.00
N ILE G 211 1.59 8.64 -27.44
CA ILE G 211 0.36 9.09 -28.10
C ILE G 211 0.68 9.76 -29.43
N GLU G 212 1.75 10.53 -29.51
CA GLU G 212 2.18 11.11 -30.78
C GLU G 212 2.50 10.00 -31.78
N ALA G 213 3.19 8.94 -31.36
CA ALA G 213 3.51 7.81 -32.21
C ALA G 213 2.26 7.03 -32.65
N CYS G 214 1.26 6.93 -31.77
CA CYS G 214 -0.02 6.33 -32.12
C CYS G 214 -0.72 7.17 -33.18
N ILE G 215 -0.77 8.47 -32.93
CA ILE G 215 -1.55 9.40 -33.71
C ILE G 215 -1.13 9.40 -35.18
N GLU G 216 0.17 9.44 -35.46
CA GLU G 216 0.58 9.53 -36.85
C GLU G 216 0.11 8.33 -37.67
N LEU G 217 0.25 7.11 -37.14
CA LEU G 217 -0.21 5.96 -37.91
C LEU G 217 -1.75 5.94 -38.05
N GLN G 218 -2.50 6.45 -37.07
CA GLN G 218 -3.93 6.60 -37.28
C GLN G 218 -4.20 7.50 -38.48
N GLN G 219 -3.51 8.63 -38.58
CA GLN G 219 -3.65 9.51 -39.74
C GLN G 219 -3.20 8.84 -41.05
N ILE G 220 -2.17 8.00 -41.01
CA ILE G 220 -1.71 7.28 -42.20
C ILE G 220 -2.75 6.26 -42.63
N LEU G 221 -3.36 5.51 -41.70
CA LEU G 221 -4.47 4.65 -42.06
C LEU G 221 -5.65 5.49 -42.54
N GLU G 222 -5.92 6.64 -41.95
CA GLU G 222 -6.98 7.52 -42.43
C GLU G 222 -6.73 7.90 -43.90
N ALA G 223 -5.48 8.17 -44.29
CA ALA G 223 -5.14 8.41 -45.68
C ALA G 223 -5.42 7.18 -46.56
N TRP G 224 -4.92 6.00 -46.19
CA TRP G 224 -5.21 4.78 -46.96
C TRP G 224 -6.71 4.51 -47.05
N ALA G 225 -7.46 4.73 -45.97
CA ALA G 225 -8.91 4.59 -45.95
C ALA G 225 -9.61 5.60 -46.87
N LYS G 226 -9.11 6.85 -46.93
CA LYS G 226 -9.60 7.87 -47.87
C LYS G 226 -9.32 7.47 -49.31
N GLU G 227 -8.16 6.88 -49.58
CA GLU G 227 -7.82 6.38 -50.93
C GLU G 227 -8.68 5.19 -51.34
N ARG G 228 -9.07 4.32 -50.40
CA ARG G 228 -9.95 3.15 -50.67
C ARG G 228 -11.44 3.49 -50.69
N GLY G 229 -11.90 4.40 -49.82
CA GLY G 229 -13.27 4.92 -49.79
C GLY G 229 -14.35 3.99 -49.20
N ASP G 230 -14.01 2.79 -48.74
CA ASP G 230 -14.98 1.84 -48.17
C ASP G 230 -15.59 2.37 -46.87
N GLN G 231 -16.91 2.55 -46.83
CA GLN G 231 -17.58 3.11 -45.64
C GLN G 231 -17.34 2.27 -44.38
N ASP G 232 -17.19 0.95 -44.52
CA ASP G 232 -16.86 0.07 -43.41
C ASP G 232 -15.45 0.36 -42.88
N LEU G 233 -14.46 0.51 -43.77
CA LEU G 233 -13.09 0.85 -43.37
C LEU G 233 -13.05 2.26 -42.75
N LEU G 234 -13.81 3.20 -43.29
CA LEU G 234 -13.93 4.54 -42.72
C LEU G 234 -14.49 4.45 -41.30
N ARG G 235 -15.57 3.68 -41.11
CA ARG G 235 -16.16 3.45 -39.79
C ARG G 235 -15.15 2.78 -38.84
N GLU G 236 -14.39 1.80 -39.30
CA GLU G 236 -13.38 1.18 -38.45
C GLU G 236 -12.28 2.17 -38.07
N VAL G 237 -11.71 2.92 -39.02
CA VAL G 237 -10.59 3.81 -38.67
C VAL G 237 -11.06 4.92 -37.74
N ARG G 238 -12.25 5.49 -37.93
CA ARG G 238 -12.68 6.59 -37.07
C ARG G 238 -12.84 6.11 -35.63
N GLU G 239 -13.34 4.91 -35.46
CA GLU G 239 -13.42 4.30 -34.13
C GLU G 239 -12.04 3.97 -33.58
N HIS G 240 -11.11 3.50 -34.41
CA HIS G 240 -9.71 3.34 -33.98
C HIS G 240 -9.05 4.68 -33.62
N LYS G 241 -9.58 5.83 -34.07
CA LYS G 241 -9.23 7.12 -33.47
C LYS G 241 -9.84 7.23 -32.10
N LEU G 242 -11.17 7.13 -31.99
CA LEU G 242 -11.90 7.42 -30.75
C LEU G 242 -11.28 6.74 -29.54
N GLN G 243 -10.87 5.49 -29.68
CA GLN G 243 -10.41 4.77 -28.51
C GLN G 243 -9.16 5.39 -27.88
N ILE G 244 -8.28 6.12 -28.59
CA ILE G 244 -7.02 6.56 -27.97
C ILE G 244 -7.27 7.48 -26.80
N LEU G 245 -8.16 8.45 -26.97
CA LEU G 245 -8.55 9.35 -25.90
C LEU G 245 -9.09 8.55 -24.74
N THR G 246 -9.86 7.51 -24.98
CA THR G 246 -10.44 6.72 -23.89
C THR G 246 -9.39 6.06 -23.00
N ILE G 247 -8.18 5.87 -23.49
CA ILE G 247 -7.10 5.28 -22.70
C ILE G 247 -6.38 6.41 -21.96
N ALA G 248 -5.92 7.43 -22.67
CA ALA G 248 -5.04 8.42 -22.08
C ALA G 248 -5.66 9.15 -20.88
N VAL G 249 -6.97 9.36 -20.89
CA VAL G 249 -7.64 10.01 -19.78
C VAL G 249 -7.41 9.27 -18.47
N ALA G 250 -7.34 7.94 -18.51
CA ALA G 250 -7.04 7.15 -17.31
C ALA G 250 -5.60 7.38 -16.88
N TYR G 251 -4.65 7.21 -17.80
CA TYR G 251 -3.22 7.40 -17.53
C TYR G 251 -2.91 8.70 -16.79
N LYS G 252 -3.60 9.80 -17.09
CA LYS G 252 -3.37 11.06 -16.36
C LYS G 252 -4.13 11.08 -15.04
N ALA G 253 -5.38 10.65 -15.02
CA ALA G 253 -6.14 10.60 -13.77
C ALA G 253 -5.45 9.73 -12.71
N ALA G 254 -4.87 8.61 -13.13
CA ALA G 254 -4.18 7.67 -12.25
C ALA G 254 -3.04 8.32 -11.46
N GLN G 255 -2.32 9.28 -12.03
CA GLN G 255 -1.21 9.94 -11.34
C GLN G 255 -1.69 10.81 -10.18
N MET G 256 -2.96 11.23 -10.20
CA MET G 256 -3.61 11.93 -9.09
C MET G 256 -4.24 10.97 -8.06
N GLY G 257 -4.26 9.66 -8.31
CA GLY G 257 -5.02 8.67 -7.54
C GLY G 257 -6.54 8.73 -7.79
N VAL G 258 -6.98 9.49 -8.80
CA VAL G 258 -8.38 9.72 -9.16
C VAL G 258 -8.99 8.50 -9.87
N THR G 259 -10.21 8.13 -9.49
CA THR G 259 -10.95 7.03 -10.13
C THR G 259 -11.61 7.51 -11.41
N VAL G 260 -11.65 6.67 -12.44
CA VAL G 260 -12.30 6.98 -13.72
C VAL G 260 -13.28 5.88 -14.08
N LEU G 261 -14.37 6.23 -14.73
CA LEU G 261 -15.35 5.29 -15.28
C LEU G 261 -15.71 5.70 -16.71
N LYS G 262 -15.87 4.74 -17.62
CA LYS G 262 -16.00 5.01 -19.06
C LYS G 262 -16.99 4.11 -19.77
N HIS G 263 -17.53 4.56 -20.90
CA HIS G 263 -18.52 3.85 -21.70
C HIS G 263 -18.32 4.11 -23.20
N THR G 264 -18.90 3.30 -24.09
CA THR G 264 -18.78 3.44 -25.55
C THR G 264 -19.97 2.86 -26.28
N HIS G 265 -20.57 3.62 -27.20
CA HIS G 265 -21.74 3.20 -27.98
C HIS G 265 -21.72 3.86 -29.35
N GLY G 266 -21.59 3.09 -30.42
CA GLY G 266 -21.62 3.63 -31.78
C GLY G 266 -20.66 4.78 -31.96
N TRP G 267 -21.18 5.98 -32.22
CA TRP G 267 -20.41 7.20 -32.42
C TRP G 267 -20.02 7.95 -31.14
N VAL G 268 -20.39 7.53 -29.93
CA VAL G 268 -20.07 8.26 -28.69
C VAL G 268 -19.21 7.49 -27.71
N VAL G 269 -18.28 8.24 -27.10
CA VAL G 269 -17.51 7.90 -25.91
C VAL G 269 -18.05 8.68 -24.74
N PHE G 270 -18.23 8.06 -23.59
CA PHE G 270 -18.60 8.76 -22.36
C PHE G 270 -17.57 8.50 -21.27
N LEU G 271 -17.34 9.49 -20.40
CA LEU G 271 -16.42 9.42 -19.27
C LEU G 271 -16.93 10.21 -18.07
N VAL G 272 -16.57 9.76 -16.88
CA VAL G 272 -16.59 10.56 -15.67
C VAL G 272 -15.26 10.41 -14.96
N ILE G 273 -14.81 11.46 -14.29
CA ILE G 273 -13.56 11.51 -13.58
C ILE G 273 -13.89 12.05 -12.19
N LEU G 274 -13.92 11.16 -11.20
CA LEU G 274 -14.57 11.41 -9.92
C LEU G 274 -13.68 12.17 -8.95
N GLY G 275 -14.26 12.74 -7.89
CA GLY G 275 -13.55 13.14 -6.66
C GLY G 275 -12.29 13.98 -6.88
N LEU G 276 -12.40 15.09 -7.61
CA LEU G 276 -11.26 15.86 -8.10
C LEU G 276 -11.13 17.20 -7.34
N HIS G 277 -9.95 17.53 -6.82
CA HIS G 277 -9.76 18.70 -5.93
C HIS G 277 -9.11 19.91 -6.60
N LYS G 278 -9.65 21.10 -6.38
CA LYS G 278 -9.00 22.40 -6.70
C LYS G 278 -8.36 22.47 -8.11
N GLN G 279 -7.05 22.74 -8.16
CA GLN G 279 -6.26 23.00 -9.35
C GLN G 279 -6.36 21.92 -10.41
N GLN G 280 -6.69 20.69 -10.00
CA GLN G 280 -6.52 19.54 -10.86
C GLN G 280 -7.43 19.56 -12.08
N ALA G 281 -8.55 20.28 -12.10
CA ALA G 281 -9.39 20.36 -13.29
C ALA G 281 -8.63 20.94 -14.50
N GLU G 282 -7.76 21.92 -14.27
CA GLU G 282 -6.85 22.36 -15.30
C GLU G 282 -5.84 21.25 -15.59
N GLN G 283 -5.23 20.64 -14.57
CA GLN G 283 -4.23 19.58 -14.77
C GLN G 283 -4.78 18.39 -15.59
N LEU G 284 -6.07 18.11 -15.47
CA LEU G 284 -6.81 17.18 -16.30
C LEU G 284 -7.07 17.76 -17.69
N LEU G 285 -7.86 18.83 -17.77
CA LEU G 285 -8.35 19.33 -19.05
C LEU G 285 -7.20 19.84 -19.93
N ARG G 286 -6.16 20.46 -19.37
CA ARG G 286 -5.05 20.96 -20.16
C ARG G 286 -4.35 19.85 -20.92
N PHE G 287 -4.47 18.61 -20.46
CA PHE G 287 -4.12 17.41 -21.22
C PHE G 287 -5.31 16.89 -22.03
N VAL G 288 -6.48 16.75 -21.40
CA VAL G 288 -7.65 16.08 -21.99
C VAL G 288 -8.33 16.91 -23.08
N HIS G 289 -7.98 18.17 -23.22
CA HIS G 289 -8.22 18.97 -24.42
C HIS G 289 -7.26 18.58 -25.54
N ARG G 290 -5.94 18.74 -25.39
CA ARG G 290 -5.04 18.58 -26.54
C ARG G 290 -5.09 17.17 -27.11
N VAL G 291 -5.17 16.14 -26.29
CA VAL G 291 -5.26 14.77 -26.84
C VAL G 291 -6.51 14.58 -27.68
N ALA G 292 -7.57 15.36 -27.44
CA ALA G 292 -8.73 15.41 -28.31
C ALA G 292 -8.45 16.30 -29.52
N HIS G 293 -7.96 17.51 -29.31
CA HIS G 293 -7.77 18.47 -30.39
C HIS G 293 -6.81 17.93 -31.44
N ALA G 294 -5.93 17.02 -31.08
CA ALA G 294 -5.04 16.35 -32.01
C ALA G 294 -5.79 15.55 -33.08
N LEU G 295 -7.00 15.10 -32.80
CA LEU G 295 -7.68 14.06 -33.57
C LEU G 295 -8.75 14.56 -34.54
N GLY G 296 -9.19 15.81 -34.41
CA GLY G 296 -10.38 16.32 -35.12
C GLY G 296 -11.72 15.93 -34.48
N VAL G 297 -11.71 15.48 -33.23
CA VAL G 297 -12.90 15.14 -32.44
C VAL G 297 -13.77 16.38 -32.14
N THR G 298 -15.06 16.17 -31.85
CA THR G 298 -15.94 17.16 -31.22
C THR G 298 -16.44 16.65 -29.87
N LEU G 299 -16.66 17.53 -28.88
CA LEU G 299 -16.87 17.11 -27.50
C LEU G 299 -17.72 18.05 -26.61
N SER G 300 -18.14 17.56 -25.45
CA SER G 300 -18.81 18.34 -24.39
C SER G 300 -18.22 18.07 -23.00
N ILE G 301 -17.99 19.11 -22.22
CA ILE G 301 -17.32 19.09 -20.91
C ILE G 301 -18.21 19.78 -19.88
N THR G 302 -18.39 19.25 -18.67
CA THR G 302 -19.07 19.98 -17.58
C THR G 302 -18.64 19.56 -16.20
N PHE G 303 -18.60 20.46 -15.23
CA PHE G 303 -18.23 20.11 -13.88
C PHE G 303 -18.88 20.96 -12.80
N SER G 304 -18.98 20.37 -11.59
CA SER G 304 -19.78 20.87 -10.47
C SER G 304 -19.08 20.56 -9.16
N GLY G 305 -18.20 21.46 -8.71
CA GLY G 305 -17.35 21.14 -7.58
C GLY G 305 -16.49 19.90 -7.88
N ASP G 306 -16.34 18.99 -6.92
CA ASP G 306 -15.43 17.85 -7.03
C ASP G 306 -15.90 16.65 -7.90
N ILE G 307 -16.73 16.87 -8.92
CA ILE G 307 -17.03 15.87 -9.96
C ILE G 307 -16.98 16.48 -11.36
N VAL G 308 -16.35 15.76 -12.31
CA VAL G 308 -16.15 16.20 -13.69
C VAL G 308 -16.66 15.15 -14.66
N VAL G 309 -17.34 15.58 -15.71
CA VAL G 309 -18.00 14.70 -16.68
C VAL G 309 -17.66 15.13 -18.08
N ILE G 310 -17.22 14.22 -18.95
CA ILE G 310 -16.81 14.57 -20.33
C ILE G 310 -17.30 13.52 -21.33
N ALA G 311 -17.52 13.91 -22.57
CA ALA G 311 -17.91 12.98 -23.61
C ALA G 311 -17.48 13.47 -24.98
N VAL G 312 -17.33 12.55 -25.92
CA VAL G 312 -16.55 12.72 -27.15
C VAL G 312 -17.24 12.00 -28.30
N THR G 313 -17.11 12.51 -29.52
CA THR G 313 -17.71 11.87 -30.69
C THR G 313 -17.05 12.30 -31.98
N VAL G 314 -17.29 11.58 -33.07
CA VAL G 314 -17.01 11.98 -34.44
C VAL G 314 -18.22 11.73 -35.32
N GLY G 315 -18.48 12.61 -36.28
CA GLY G 315 -19.46 12.39 -37.35
C GLY G 315 -20.95 12.40 -36.95
N ALA G 316 -21.29 12.72 -35.70
CA ALA G 316 -22.67 12.80 -35.22
C ALA G 316 -23.42 14.05 -35.72
N SER G 317 -24.75 13.96 -35.83
CA SER G 317 -25.62 15.11 -36.11
C SER G 317 -25.66 16.09 -34.94
N GLU G 318 -26.15 17.30 -35.18
CA GLU G 318 -26.35 18.26 -34.10
C GLU G 318 -27.27 17.71 -33.01
N GLU G 319 -28.35 17.02 -33.38
CA GLU G 319 -29.28 16.48 -32.39
C GLU G 319 -28.66 15.31 -31.62
N GLU G 320 -27.84 14.48 -32.24
CA GLU G 320 -27.11 13.46 -31.49
C GLU G 320 -26.12 14.11 -30.52
N LYS G 321 -25.39 15.14 -30.96
CA LYS G 321 -24.51 15.90 -30.06
C LYS G 321 -25.32 16.49 -28.92
N LYS G 322 -26.48 17.08 -29.20
CA LYS G 322 -27.38 17.60 -28.17
C LYS G 322 -27.74 16.49 -27.18
N GLU G 323 -28.04 15.31 -27.68
CA GLU G 323 -28.32 14.18 -26.81
C GLU G 323 -27.11 13.88 -25.92
N VAL G 324 -25.89 13.93 -26.45
CA VAL G 324 -24.69 13.78 -25.61
C VAL G 324 -24.62 14.86 -24.54
N ARG G 325 -24.95 16.11 -24.90
CA ARG G 325 -24.97 17.23 -23.94
C ARG G 325 -25.99 16.97 -22.84
N LYS G 326 -27.20 16.60 -23.23
CA LYS G 326 -28.28 16.21 -22.30
C LYS G 326 -27.76 15.16 -21.32
N ILE G 327 -27.16 14.10 -21.84
CA ILE G 327 -26.62 13.02 -21.03
C ILE G 327 -25.60 13.58 -20.05
N VAL G 328 -24.54 14.25 -20.50
CA VAL G 328 -23.47 14.64 -19.56
C VAL G 328 -23.98 15.60 -18.50
N LYS G 329 -24.82 16.56 -18.87
CA LYS G 329 -25.40 17.52 -17.91
C LYS G 329 -26.27 16.77 -16.91
N GLU G 330 -27.08 15.83 -17.38
CA GLU G 330 -27.86 15.00 -16.48
C GLU G 330 -26.96 14.19 -15.57
N ILE G 331 -25.93 13.55 -16.11
CA ILE G 331 -25.00 12.75 -15.31
C ILE G 331 -24.43 13.61 -14.19
N ALA G 332 -23.93 14.80 -14.50
CA ALA G 332 -23.36 15.68 -13.49
C ALA G 332 -24.39 15.98 -12.38
N LYS G 333 -25.59 16.41 -12.74
CA LYS G 333 -26.63 16.74 -11.76
C LYS G 333 -27.01 15.52 -10.93
N GLN G 334 -27.12 14.36 -11.56
CA GLN G 334 -27.57 13.15 -10.90
C GLN G 334 -26.46 12.47 -10.09
N LEU G 335 -25.19 12.75 -10.36
CA LEU G 335 -24.09 12.31 -9.50
C LEU G 335 -23.96 13.12 -8.21
N ARG G 336 -24.36 14.40 -8.16
CA ARG G 336 -23.94 15.34 -7.11
C ARG G 336 -24.18 14.85 -5.68
N HIS G 337 -25.34 14.25 -5.41
CA HIS G 337 -25.71 13.79 -4.06
C HIS G 337 -25.16 12.39 -3.69
N ALA G 338 -24.52 11.67 -4.61
CA ALA G 338 -24.11 10.28 -4.39
C ALA G 338 -22.97 10.17 -3.38
N GLU G 339 -23.03 9.18 -2.50
CA GLU G 339 -22.06 8.98 -1.40
C GLU G 339 -20.81 8.17 -1.79
N THR G 340 -20.91 7.29 -2.78
CA THR G 340 -19.83 6.36 -3.18
C THR G 340 -19.86 5.98 -4.67
N GLU G 341 -18.72 5.60 -5.24
CA GLU G 341 -18.56 5.26 -6.65
C GLU G 341 -19.46 4.10 -7.10
N GLU G 342 -19.85 3.21 -6.19
CA GLU G 342 -20.82 2.17 -6.47
C GLU G 342 -22.18 2.77 -6.88
N GLU G 343 -22.56 3.91 -6.30
CA GLU G 343 -23.77 4.61 -6.72
C GLU G 343 -23.54 5.29 -8.07
N ALA G 344 -22.38 5.91 -8.27
CA ALA G 344 -22.07 6.53 -9.54
C ALA G 344 -22.19 5.53 -10.69
N LYS G 345 -21.69 4.30 -10.49
CA LYS G 345 -21.72 3.25 -11.50
C LYS G 345 -23.15 2.94 -11.91
N GLU G 346 -24.04 2.80 -10.94
CA GLU G 346 -25.46 2.63 -11.24
C GLU G 346 -26.00 3.86 -11.97
N ILE G 347 -25.69 5.07 -11.50
CA ILE G 347 -26.29 6.29 -12.01
C ILE G 347 -25.97 6.46 -13.50
N VAL G 348 -24.69 6.38 -13.89
CA VAL G 348 -24.35 6.54 -15.31
C VAL G 348 -24.95 5.40 -16.12
N GLN G 349 -24.95 4.18 -15.59
CA GLN G 349 -25.58 3.05 -16.26
C GLN G 349 -27.07 3.32 -16.47
N ARG G 350 -27.76 3.91 -15.49
CA ARG G 350 -29.18 4.26 -15.58
C ARG G 350 -29.40 5.25 -16.70
N VAL G 351 -28.59 6.30 -16.79
CA VAL G 351 -28.73 7.28 -17.87
C VAL G 351 -28.55 6.60 -19.23
N ILE G 352 -27.55 5.73 -19.34
CA ILE G 352 -27.24 5.05 -20.60
C ILE G 352 -28.31 4.03 -20.97
N GLU G 353 -28.87 3.29 -20.02
CA GLU G 353 -30.00 2.40 -20.27
C GLU G 353 -31.25 3.18 -20.66
N GLU G 354 -31.57 4.27 -19.95
CA GLU G 354 -32.75 5.08 -20.29
C GLU G 354 -32.59 5.83 -21.62
N TRP G 355 -31.38 6.28 -21.95
CA TRP G 355 -31.07 6.86 -23.26
C TRP G 355 -31.38 5.89 -24.41
N GLN G 356 -31.07 4.60 -24.23
CA GLN G 356 -31.42 3.57 -25.20
C GLN G 356 -32.93 3.25 -25.18
N GLU G 357 -33.54 3.21 -23.99
CA GLU G 357 -34.96 2.86 -23.83
C GLU G 357 -35.93 3.90 -24.42
N GLU G 358 -35.55 5.19 -24.46
CA GLU G 358 -36.34 6.23 -25.15
C GLU G 358 -36.38 6.07 -26.68
N GLY G 359 -35.46 5.29 -27.27
CA GLY G 359 -35.47 4.90 -28.69
C GLY G 359 -35.30 6.04 -29.70
N THR H 3 83.51 7.21 15.27
CA THR H 3 82.45 7.98 14.61
C THR H 3 82.28 7.52 13.17
N VAL H 4 81.06 7.19 12.75
CA VAL H 4 80.78 6.75 11.37
C VAL H 4 80.76 7.95 10.42
N THR H 5 81.26 7.77 9.20
CA THR H 5 81.21 8.76 8.11
C THR H 5 81.19 8.07 6.75
N PHE H 6 80.72 8.76 5.71
CA PHE H 6 80.50 8.19 4.39
C PHE H 6 81.11 9.12 3.35
N ASP H 7 82.37 8.88 2.98
CA ASP H 7 83.00 9.66 1.91
C ASP H 7 82.27 9.40 0.58
N ILE H 8 81.86 10.46 -0.11
CA ILE H 8 80.89 10.42 -1.23
C ILE H 8 81.43 11.17 -2.44
N THR H 9 81.12 10.68 -3.64
CA THR H 9 81.53 11.28 -4.91
C THR H 9 80.40 11.25 -5.93
N ASN H 10 80.30 12.32 -6.73
CA ASN H 10 79.41 12.42 -7.89
C ASN H 10 77.91 12.21 -7.59
N ILE H 11 77.48 12.43 -6.34
CA ILE H 11 76.08 12.27 -5.91
C ILE H 11 75.15 13.27 -6.61
N SER H 12 73.95 12.84 -7.00
CA SER H 12 72.97 13.65 -7.72
C SER H 12 71.87 14.19 -6.81
N HIS H 13 70.97 15.04 -7.35
CA HIS H 13 69.92 15.67 -6.56
C HIS H 13 68.99 14.64 -5.92
N LYS H 14 68.44 13.73 -6.72
CA LYS H 14 67.59 12.67 -6.17
C LYS H 14 68.32 11.85 -5.10
N ALA H 15 69.62 11.59 -5.31
CA ALA H 15 70.40 10.82 -4.36
C ALA H 15 70.57 11.60 -3.06
N ILE H 16 70.91 12.89 -3.11
CA ILE H 16 70.93 13.72 -1.92
C ILE H 16 69.56 13.64 -1.22
N ASP H 17 68.48 13.80 -1.97
CA ASP H 17 67.12 13.77 -1.45
C ASP H 17 66.87 12.47 -0.68
N ILE H 18 67.13 11.34 -1.32
CA ILE H 18 67.05 10.01 -0.70
C ILE H 18 67.91 9.97 0.56
N ILE H 19 69.20 10.26 0.45
CA ILE H 19 70.16 10.02 1.53
C ILE H 19 69.80 10.84 2.73
N LEU H 20 69.63 12.14 2.50
CA LEU H 20 69.21 13.06 3.53
C LEU H 20 67.86 12.63 4.14
N LYS H 21 66.93 12.09 3.35
CA LYS H 21 65.66 11.57 3.89
C LYS H 21 65.91 10.36 4.77
N VAL H 22 66.60 9.34 4.29
CA VAL H 22 66.78 8.11 5.08
C VAL H 22 67.63 8.37 6.32
N VAL H 23 68.67 9.19 6.24
CA VAL H 23 69.48 9.46 7.44
C VAL H 23 68.67 10.24 8.46
N LEU H 24 67.82 11.17 8.06
CA LEU H 24 66.89 11.78 8.98
C LEU H 24 65.87 10.76 9.47
N GLY H 25 65.50 9.80 8.62
CA GLY H 25 64.72 8.64 9.01
C GLY H 25 65.38 7.82 10.12
N ILE H 26 66.71 7.71 10.13
CA ILE H 26 67.45 7.08 11.23
C ILE H 26 67.53 8.04 12.43
N ALA H 27 67.73 9.32 12.18
CA ALA H 27 67.94 10.32 13.22
C ALA H 27 66.72 10.49 14.16
N GLU H 28 65.49 10.27 13.68
CA GLU H 28 64.31 10.27 14.54
C GLU H 28 64.16 8.98 15.38
N HIS H 29 64.88 7.90 15.05
CA HIS H 29 64.96 6.71 15.89
C HIS H 29 66.07 6.84 16.94
N GLU H 30 67.31 7.13 16.52
CA GLU H 30 68.49 7.19 17.43
C GLU H 30 69.49 8.32 17.07
N GLY H 31 69.02 9.46 16.54
CA GLY H 31 69.85 10.59 16.11
C GLY H 31 70.38 11.46 17.26
N THR H 32 71.09 10.83 18.19
CA THR H 32 71.68 11.51 19.38
C THR H 32 72.49 12.76 18.99
N GLU H 33 73.22 12.70 17.88
CA GLU H 33 73.83 13.83 17.19
C GLU H 33 74.23 13.39 15.78
N VAL H 34 73.94 14.20 14.77
CA VAL H 34 74.23 13.87 13.37
C VAL H 34 74.69 15.12 12.64
N THR H 35 75.51 14.99 11.60
CA THR H 35 75.93 16.14 10.79
C THR H 35 76.14 15.80 9.32
N PHE H 36 75.85 16.76 8.44
CA PHE H 36 75.85 16.61 6.99
C PHE H 36 76.35 17.91 6.37
N HIS H 37 76.92 17.83 5.17
CA HIS H 37 77.61 18.97 4.57
C HIS H 37 77.49 18.90 3.06
N SER H 38 77.57 20.05 2.40
CA SER H 38 77.65 20.09 0.94
C SER H 38 78.70 21.07 0.44
N GLU H 39 79.46 20.62 -0.56
CA GLU H 39 80.51 21.40 -1.22
C GLU H 39 80.57 20.99 -2.68
N ARG H 40 80.87 21.93 -3.59
CA ARG H 40 80.68 21.75 -5.04
C ARG H 40 79.28 21.22 -5.39
N GLY H 41 78.29 21.46 -4.52
CA GLY H 41 76.96 20.84 -4.54
C GLY H 41 76.93 19.34 -4.20
N GLN H 42 78.07 18.68 -4.09
CA GLN H 42 78.23 17.29 -3.64
C GLN H 42 78.15 17.20 -2.10
N LEU H 43 78.22 16.00 -1.49
CA LEU H 43 77.75 15.76 -0.12
C LEU H 43 78.78 15.04 0.78
N GLN H 44 78.70 15.26 2.09
CA GLN H 44 79.44 14.56 3.16
C GLN H 44 78.54 14.39 4.41
N ILE H 45 78.81 13.37 5.25
CA ILE H 45 77.99 13.01 6.44
C ILE H 45 78.87 12.43 7.57
N GLU H 46 78.50 12.67 8.84
CA GLU H 46 79.01 11.95 10.02
C GLU H 46 77.90 11.59 11.02
N VAL H 47 77.99 10.42 11.64
CA VAL H 47 77.02 9.85 12.62
C VAL H 47 77.73 9.12 13.77
N LYS H 48 77.30 9.32 15.02
CA LYS H 48 77.92 8.69 16.21
C LYS H 48 77.54 7.21 16.42
N ASN H 49 78.08 6.33 15.57
CA ASN H 49 78.12 4.87 15.72
C ASN H 49 76.73 4.18 15.87
N LEU H 50 75.89 4.38 14.86
CA LEU H 50 74.70 3.57 14.56
C LEU H 50 75.04 2.11 14.16
N HIS H 51 74.00 1.29 13.98
CA HIS H 51 74.08 -0.13 13.64
C HIS H 51 74.71 -0.39 12.26
N GLU H 52 75.49 -1.47 12.14
CA GLU H 52 76.16 -1.85 10.88
C GLU H 52 75.16 -2.01 9.74
N GLU H 53 73.99 -2.59 9.98
CA GLU H 53 72.97 -2.71 8.92
C GLU H 53 72.38 -1.36 8.50
N ASP H 54 72.37 -0.35 9.38
CA ASP H 54 71.95 1.01 9.01
C ASP H 54 73.05 1.73 8.22
N LYS H 55 74.31 1.53 8.63
CA LYS H 55 75.49 1.98 7.89
C LYS H 55 75.52 1.39 6.48
N ARG H 56 75.26 0.09 6.35
CA ARG H 56 75.10 -0.53 5.04
C ARG H 56 73.86 -0.01 4.32
N LEU H 57 72.74 0.24 5.00
CA LEU H 57 71.55 0.81 4.36
C LEU H 57 71.89 2.13 3.66
N ILE H 58 72.65 2.98 4.32
CA ILE H 58 73.13 4.23 3.74
C ILE H 58 74.03 3.92 2.55
N GLU H 59 75.03 3.06 2.71
CA GLU H 59 75.93 2.68 1.61
C GLU H 59 75.15 2.17 0.40
N GLN H 60 74.17 1.31 0.63
CA GLN H 60 73.33 0.74 -0.39
C GLN H 60 72.50 1.84 -1.04
N ALA H 61 71.80 2.64 -0.23
CA ALA H 61 70.98 3.71 -0.75
C ALA H 61 71.79 4.63 -1.66
N ILE H 62 73.05 4.93 -1.30
CA ILE H 62 73.91 5.77 -2.13
C ILE H 62 74.06 5.13 -3.49
N GLU H 63 74.55 3.90 -3.51
CA GLU H 63 74.87 3.22 -4.75
C GLU H 63 73.62 3.05 -5.61
N ALA H 64 72.55 2.54 -4.99
CA ALA H 64 71.28 2.30 -5.66
C ALA H 64 70.72 3.59 -6.26
N ALA H 65 70.74 4.69 -5.51
CA ALA H 65 70.23 5.94 -6.01
C ALA H 65 70.99 6.35 -7.27
N ARG H 66 72.33 6.24 -7.30
CA ARG H 66 73.07 6.63 -8.49
C ARG H 66 72.90 5.64 -9.63
N LEU H 67 72.78 4.35 -9.33
CA LEU H 67 72.47 3.35 -10.35
C LEU H 67 71.14 3.65 -11.08
N ALA H 68 70.22 4.43 -10.48
CA ALA H 68 68.97 4.86 -11.12
C ALA H 68 69.13 6.04 -12.12
N ASP H 69 70.22 6.80 -12.07
CA ASP H 69 70.46 7.87 -13.05
C ASP H 69 71.01 7.35 -14.39
N SER H 70 71.59 6.16 -14.42
CA SER H 70 72.13 5.55 -15.64
C SER H 70 71.04 5.09 -16.62
N PRO H 71 71.24 5.21 -17.94
CA PRO H 71 70.33 4.64 -18.94
C PRO H 71 70.48 3.12 -19.14
N ASP H 72 71.53 2.50 -18.59
CA ASP H 72 71.82 1.05 -18.76
C ASP H 72 70.75 0.16 -18.08
N PRO H 73 70.05 -0.74 -18.80
CA PRO H 73 69.10 -1.68 -18.21
C PRO H 73 69.66 -2.52 -17.05
N GLU H 74 70.94 -2.91 -17.06
CA GLU H 74 71.51 -3.66 -15.92
C GLU H 74 71.67 -2.76 -14.69
N SER H 75 72.19 -1.54 -14.87
CA SER H 75 72.22 -0.54 -13.80
C SER H 75 70.83 -0.26 -13.26
N VAL H 76 69.84 -0.08 -14.14
CA VAL H 76 68.43 0.06 -13.75
C VAL H 76 67.98 -1.17 -12.98
N ALA H 77 68.32 -2.38 -13.41
CA ALA H 77 67.92 -3.57 -12.70
C ALA H 77 68.53 -3.60 -11.29
N ARG H 78 69.84 -3.37 -11.16
CA ARG H 78 70.51 -3.32 -9.86
C ARG H 78 69.84 -2.28 -8.99
N ALA H 79 69.55 -1.11 -9.54
CA ALA H 79 68.84 -0.07 -8.82
C ALA H 79 67.47 -0.58 -8.38
N VAL H 80 66.66 -1.09 -9.30
CA VAL H 80 65.29 -1.50 -8.99
C VAL H 80 65.27 -2.57 -7.90
N GLU H 81 66.23 -3.49 -7.85
CA GLU H 81 66.28 -4.43 -6.72
C GLU H 81 66.83 -3.77 -5.46
N LEU H 82 68.02 -3.18 -5.52
CA LEU H 82 68.67 -2.65 -4.33
C LEU H 82 67.84 -1.53 -3.69
N LEU H 83 67.16 -0.70 -4.49
CA LEU H 83 66.29 0.35 -4.00
C LEU H 83 65.05 -0.23 -3.31
N THR H 84 64.50 -1.33 -3.81
CA THR H 84 63.49 -2.06 -3.05
C THR H 84 64.05 -2.55 -1.73
N LYS H 85 65.32 -2.96 -1.66
CA LYS H 85 65.92 -3.32 -0.36
C LYS H 85 65.97 -2.13 0.59
N VAL H 86 66.12 -0.91 0.08
CA VAL H 86 65.97 0.30 0.91
C VAL H 86 64.56 0.33 1.48
N ALA H 87 63.53 0.10 0.66
CA ALA H 87 62.16 0.07 1.14
C ALA H 87 61.94 -1.03 2.19
N LYS H 88 62.55 -2.20 2.00
CA LYS H 88 62.51 -3.31 2.96
C LYS H 88 63.04 -2.89 4.33
N ALA H 89 64.00 -1.96 4.38
CA ALA H 89 64.57 -1.47 5.64
C ALA H 89 63.76 -0.35 6.34
N SER H 90 62.79 0.29 5.66
CA SER H 90 62.07 1.45 6.22
C SER H 90 61.04 1.07 7.30
N THR H 91 60.83 1.97 8.27
CA THR H 91 59.72 1.92 9.24
C THR H 91 58.66 3.01 9.01
N ASN H 92 58.89 3.95 8.07
CA ASN H 92 58.00 5.09 7.81
C ASN H 92 57.23 4.94 6.49
N THR H 93 55.91 4.96 6.54
CA THR H 93 55.00 4.77 5.40
C THR H 93 55.22 5.86 4.33
N GLU H 94 55.50 7.10 4.71
CA GLU H 94 55.79 8.16 3.73
C GLU H 94 57.07 7.83 2.96
N LEU H 95 58.11 7.32 3.64
CA LEU H 95 59.35 6.92 2.98
C LEU H 95 59.09 5.75 2.04
N ILE H 96 58.20 4.82 2.38
CA ILE H 96 57.74 3.79 1.42
C ILE H 96 57.11 4.46 0.19
N GLN H 97 56.19 5.41 0.36
CA GLN H 97 55.61 6.13 -0.79
C GLN H 97 56.71 6.79 -1.64
N PHE H 98 57.66 7.45 -0.97
CA PHE H 98 58.74 8.16 -1.63
C PHE H 98 59.61 7.21 -2.46
N ILE H 99 60.02 6.09 -1.88
CA ILE H 99 60.77 5.09 -2.62
C ILE H 99 59.89 4.49 -3.72
N VAL H 100 58.60 4.28 -3.46
CA VAL H 100 57.66 3.76 -4.45
C VAL H 100 57.62 4.66 -5.66
N LYS H 101 57.41 5.98 -5.52
CA LYS H 101 57.30 6.83 -6.71
C LYS H 101 58.62 6.90 -7.47
N GLU H 102 59.75 6.85 -6.77
CA GLU H 102 61.04 6.73 -7.43
C GLU H 102 61.12 5.44 -8.24
N LEU H 103 60.74 4.31 -7.62
CA LEU H 103 60.65 3.03 -8.31
C LEU H 103 59.64 3.05 -9.46
N LEU H 104 58.54 3.81 -9.35
CA LEU H 104 57.53 3.88 -10.39
C LEU H 104 58.05 4.62 -11.61
N GLU H 105 58.70 5.76 -11.39
CA GLU H 105 59.39 6.47 -12.49
C GLU H 105 60.47 5.56 -13.10
N LEU H 106 61.26 4.88 -12.27
CA LEU H 106 62.31 4.00 -12.73
C LEU H 106 61.75 2.77 -13.48
N ALA H 107 60.63 2.22 -13.04
CA ALA H 107 59.96 1.13 -13.72
C ALA H 107 59.41 1.59 -15.07
N ARG H 108 58.93 2.82 -15.19
CA ARG H 108 58.46 3.37 -16.47
C ARG H 108 59.55 3.39 -17.55
N LYS H 109 60.82 3.21 -17.18
CA LYS H 109 61.95 3.03 -18.12
C LYS H 109 62.14 1.59 -18.65
N LEU H 110 61.40 0.60 -18.16
CA LEU H 110 61.68 -0.81 -18.44
C LEU H 110 61.65 -1.14 -19.94
N THR H 111 62.39 -2.17 -20.36
CA THR H 111 62.79 -2.34 -21.77
C THR H 111 62.42 -3.67 -22.41
N ASP H 112 62.77 -4.81 -21.81
CA ASP H 112 62.79 -6.14 -22.46
C ASP H 112 62.78 -7.27 -21.42
N PRO H 113 62.54 -8.54 -21.80
CA PRO H 113 62.21 -9.59 -20.85
C PRO H 113 63.18 -9.77 -19.68
N LYS H 114 64.49 -9.81 -19.94
CA LYS H 114 65.52 -10.06 -18.90
C LYS H 114 65.51 -8.99 -17.82
N ASP H 115 65.39 -7.74 -18.24
CA ASP H 115 65.16 -6.57 -17.40
C ASP H 115 63.81 -6.72 -16.66
N LEU H 116 62.73 -6.96 -17.43
CA LEU H 116 61.38 -6.97 -16.91
C LEU H 116 61.18 -7.97 -15.77
N ALA H 117 61.76 -9.15 -15.89
CA ALA H 117 61.61 -10.16 -14.86
C ALA H 117 62.06 -9.62 -13.50
N LYS H 118 63.29 -9.10 -13.40
CA LYS H 118 63.76 -8.52 -12.14
C LYS H 118 62.94 -7.29 -11.76
N VAL H 119 62.46 -6.50 -12.71
CA VAL H 119 61.63 -5.32 -12.39
C VAL H 119 60.36 -5.77 -11.68
N LEU H 120 59.57 -6.62 -12.33
CA LEU H 120 58.32 -7.02 -11.74
C LEU H 120 58.56 -7.86 -10.49
N ASP H 121 59.60 -8.69 -10.47
CA ASP H 121 60.00 -9.42 -9.26
C ASP H 121 60.21 -8.45 -8.10
N SER H 122 60.96 -7.37 -8.35
CA SER H 122 61.22 -6.37 -7.32
C SER H 122 59.90 -5.73 -6.85
N ILE H 123 59.03 -5.36 -7.80
CA ILE H 123 57.72 -4.82 -7.47
C ILE H 123 56.95 -5.82 -6.62
N SER H 124 57.02 -7.10 -6.96
CA SER H 124 56.27 -8.13 -6.28
C SER H 124 56.74 -8.32 -4.85
N GLU H 125 58.05 -8.28 -4.62
CA GLU H 125 58.56 -8.23 -3.27
C GLU H 125 57.99 -7.01 -2.54
N LEU H 126 58.06 -5.84 -3.15
CA LEU H 126 57.64 -4.60 -2.49
C LEU H 126 56.16 -4.63 -2.10
N LEU H 127 55.30 -5.08 -3.02
CA LEU H 127 53.89 -5.29 -2.70
C LEU H 127 53.76 -6.23 -1.52
N THR H 128 54.56 -7.30 -1.47
CA THR H 128 54.51 -8.26 -0.36
C THR H 128 54.88 -7.57 0.93
N GLU H 129 55.97 -6.82 0.94
CA GLU H 129 56.46 -6.11 2.12
C GLU H 129 55.51 -5.02 2.59
N LEU H 130 54.78 -4.38 1.67
CA LEU H 130 53.65 -3.54 2.02
C LEU H 130 52.50 -4.39 2.61
N ALA H 131 52.06 -5.43 1.91
CA ALA H 131 50.86 -6.16 2.26
C ALA H 131 50.94 -6.81 3.65
N LEU H 132 52.02 -7.54 3.96
CA LEU H 132 52.04 -8.52 5.05
C LEU H 132 51.82 -7.93 6.45
N LYS H 133 52.02 -6.62 6.62
CA LYS H 133 51.88 -5.90 7.88
C LYS H 133 50.77 -4.83 7.87
N THR H 134 49.99 -4.72 6.80
CA THR H 134 49.08 -3.58 6.60
C THR H 134 47.95 -3.52 7.63
N GLY H 135 47.32 -4.64 7.96
CA GLY H 135 46.28 -4.77 9.01
C GLY H 135 44.91 -4.11 8.70
N ASP H 136 44.92 -2.89 8.15
CA ASP H 136 43.74 -2.16 7.68
C ASP H 136 43.05 -2.85 6.48
N PRO H 137 41.77 -2.53 6.15
CA PRO H 137 40.92 -3.31 5.24
C PRO H 137 41.50 -3.73 3.87
N THR H 138 42.44 -2.99 3.29
CA THR H 138 43.10 -3.40 2.03
C THR H 138 44.12 -4.53 2.17
N ALA H 139 44.56 -4.90 3.38
CA ALA H 139 45.61 -5.89 3.61
C ALA H 139 45.32 -7.27 3.00
N ALA H 140 44.11 -7.81 3.22
CA ALA H 140 43.70 -9.09 2.65
C ALA H 140 43.73 -9.06 1.13
N LEU H 141 43.20 -7.98 0.52
CA LEU H 141 43.27 -7.81 -0.93
C LEU H 141 44.73 -7.78 -1.37
N ALA H 142 45.56 -6.98 -0.71
CA ALA H 142 46.94 -6.76 -1.11
C ALA H 142 47.75 -8.05 -1.13
N ALA H 143 47.51 -8.98 -0.20
CA ALA H 143 48.20 -10.26 -0.19
C ALA H 143 47.95 -11.01 -1.51
N MET H 144 46.69 -11.16 -1.85
CA MET H 144 46.31 -11.81 -3.10
C MET H 144 46.81 -11.01 -4.30
N VAL H 145 46.80 -9.68 -4.25
CA VAL H 145 47.36 -8.85 -5.34
C VAL H 145 48.84 -9.18 -5.54
N ALA H 146 49.62 -9.32 -4.47
CA ALA H 146 51.02 -9.71 -4.58
C ALA H 146 51.15 -11.09 -5.23
N HIS H 147 50.31 -12.05 -4.84
CA HIS H 147 50.27 -13.33 -5.53
C HIS H 147 49.91 -13.14 -7.02
N ILE H 148 49.00 -12.22 -7.35
CA ILE H 148 48.58 -11.98 -8.72
C ILE H 148 49.74 -11.43 -9.52
N ALA H 149 50.54 -10.54 -8.95
CA ALA H 149 51.77 -10.12 -9.62
C ALA H 149 52.72 -11.30 -9.79
N GLU H 150 52.76 -12.26 -8.87
CA GLU H 150 53.78 -13.31 -8.86
C GLU H 150 53.75 -14.19 -10.10
N LEU H 151 52.58 -14.70 -10.47
CA LEU H 151 52.46 -15.51 -11.68
C LEU H 151 52.93 -14.75 -12.90
N VAL H 152 52.69 -13.44 -12.99
CA VAL H 152 53.14 -12.65 -14.13
C VAL H 152 54.64 -12.70 -14.21
N VAL H 153 55.34 -12.64 -13.07
CA VAL H 153 56.80 -12.82 -13.05
C VAL H 153 57.16 -14.19 -13.58
N ARG H 154 56.55 -15.25 -13.05
CA ARG H 154 56.85 -16.61 -13.49
C ARG H 154 56.64 -16.75 -15.01
N LEU H 155 55.57 -16.16 -15.54
CA LEU H 155 55.27 -16.15 -16.96
C LEU H 155 56.27 -15.31 -17.75
N ALA H 156 56.61 -14.11 -17.29
CA ALA H 156 57.61 -13.30 -17.96
C ALA H 156 58.94 -14.05 -18.03
N LEU H 157 59.33 -14.76 -16.95
CA LEU H 157 60.51 -15.60 -16.93
C LEU H 157 60.40 -16.74 -17.95
N MET H 158 59.31 -17.49 -17.99
CA MET H 158 59.15 -18.54 -18.99
C MET H 158 59.16 -17.97 -20.42
N ALA H 159 58.56 -16.81 -20.64
CA ALA H 159 58.64 -16.14 -21.92
C ALA H 159 60.09 -15.81 -22.27
N GLU H 160 60.83 -15.22 -21.33
CA GLU H 160 62.24 -14.86 -21.52
C GLU H 160 63.08 -16.09 -21.89
N ARG H 161 62.91 -17.19 -21.15
CA ARG H 161 63.62 -18.45 -21.41
C ARG H 161 63.34 -19.00 -22.81
N THR H 162 62.12 -18.84 -23.31
CA THR H 162 61.67 -19.52 -24.52
C THR H 162 61.87 -18.70 -25.78
N HIS H 163 61.58 -17.40 -25.77
CA HIS H 163 61.51 -16.63 -27.03
C HIS H 163 62.87 -16.55 -27.76
N PRO H 164 62.93 -16.84 -29.08
CA PRO H 164 64.14 -16.74 -29.90
C PRO H 164 64.45 -15.30 -30.38
N GLY H 165 63.84 -14.27 -29.78
CA GLY H 165 63.99 -12.87 -30.17
C GLY H 165 63.03 -12.37 -31.27
N SER H 166 61.99 -13.14 -31.60
CA SER H 166 60.92 -12.71 -32.50
C SER H 166 60.05 -11.60 -31.89
N GLU H 167 59.45 -10.76 -32.72
CA GLU H 167 58.81 -9.49 -32.32
C GLU H 167 57.58 -9.66 -31.41
N ILE H 168 56.91 -10.82 -31.44
CA ILE H 168 55.61 -11.03 -30.76
C ILE H 168 55.68 -10.77 -29.26
N VAL H 169 56.85 -10.89 -28.65
CA VAL H 169 57.06 -10.59 -27.22
C VAL H 169 56.70 -9.15 -26.87
N LYS H 170 56.75 -8.22 -27.83
CA LYS H 170 56.50 -6.81 -27.57
C LYS H 170 55.09 -6.56 -27.06
N LYS H 171 54.05 -7.18 -27.65
CA LYS H 171 52.68 -7.00 -27.14
C LYS H 171 52.56 -7.45 -25.69
N ALA H 172 53.18 -8.58 -25.36
CA ALA H 172 53.16 -9.13 -24.01
C ALA H 172 53.85 -8.18 -23.02
N VAL H 173 55.09 -7.75 -23.30
CA VAL H 173 55.78 -6.89 -22.34
C VAL H 173 55.03 -5.58 -22.14
N LYS H 174 54.39 -5.03 -23.19
CA LYS H 174 53.56 -3.84 -23.02
C LYS H 174 52.42 -4.10 -22.05
N LEU H 175 51.67 -5.20 -22.20
CA LEU H 175 50.62 -5.55 -21.23
C LEU H 175 51.21 -5.64 -19.83
N VAL H 176 52.37 -6.30 -19.68
CA VAL H 176 52.97 -6.47 -18.36
C VAL H 176 53.40 -5.14 -17.79
N GLN H 177 53.95 -4.24 -18.61
CA GLN H 177 54.32 -2.89 -18.19
C GLN H 177 53.09 -2.14 -17.65
N GLU H 178 51.97 -2.18 -18.35
CA GLU H 178 50.76 -1.53 -17.87
C GLU H 178 50.30 -2.12 -16.54
N VAL H 179 50.29 -3.45 -16.43
CA VAL H 179 49.96 -4.10 -15.16
C VAL H 179 50.92 -3.62 -14.07
N ALA H 180 52.22 -3.59 -14.38
CA ALA H 180 53.25 -3.22 -13.43
C ALA H 180 53.05 -1.80 -12.92
N GLU H 181 52.90 -0.84 -13.83
CA GLU H 181 52.76 0.55 -13.38
C GLU H 181 51.45 0.70 -12.62
N GLU H 182 50.35 0.14 -13.10
CA GLU H 182 49.07 0.37 -12.44
C GLU H 182 49.04 -0.25 -11.05
N VAL H 183 49.60 -1.45 -10.84
CA VAL H 183 49.61 -2.01 -9.50
C VAL H 183 50.48 -1.16 -8.59
N LEU H 184 51.65 -0.73 -9.06
CA LEU H 184 52.55 0.06 -8.22
C LEU H 184 51.95 1.45 -7.91
N GLU H 185 51.24 2.04 -8.87
CA GLU H 185 50.53 3.30 -8.64
C GLU H 185 49.34 3.11 -7.68
N ALA H 186 48.64 1.99 -7.78
CA ALA H 186 47.64 1.62 -6.79
C ALA H 186 48.28 1.41 -5.41
N ALA H 187 49.52 0.91 -5.33
CA ALA H 187 50.21 0.83 -4.07
C ALA H 187 50.40 2.22 -3.46
N GLN H 188 50.72 3.25 -4.25
CA GLN H 188 50.76 4.60 -3.70
C GLN H 188 49.40 4.98 -3.12
N LEU H 189 48.31 4.76 -3.84
CA LEU H 189 46.97 5.07 -3.34
C LEU H 189 46.67 4.30 -2.05
N MET H 190 47.07 3.04 -2.00
CA MET H 190 46.92 2.18 -0.83
C MET H 190 47.67 2.78 0.36
N LEU H 191 48.94 3.16 0.17
CA LEU H 191 49.74 3.78 1.22
C LEU H 191 49.11 5.08 1.71
N GLU H 192 48.56 5.89 0.80
CA GLU H 192 47.91 7.16 1.17
C GLU H 192 46.61 6.97 1.97
N LYS H 193 45.89 5.85 1.76
CA LYS H 193 44.60 5.60 2.43
C LYS H 193 44.24 4.10 2.46
N PRO H 194 44.88 3.30 3.34
CA PRO H 194 44.78 1.83 3.32
C PRO H 194 43.43 1.25 3.80
N ASN H 195 42.48 2.09 4.24
CA ASN H 195 41.11 1.70 4.54
C ASN H 195 40.08 2.10 3.44
N SER H 196 40.50 2.81 2.39
CA SER H 196 39.60 3.35 1.37
C SER H 196 39.05 2.28 0.42
N ASP H 197 37.78 2.41 0.04
CA ASP H 197 37.17 1.59 -1.02
C ASP H 197 37.68 1.97 -2.42
N GLU H 198 38.11 3.21 -2.66
CA GLU H 198 38.63 3.60 -3.97
C GLU H 198 39.86 2.76 -4.34
N VAL H 199 40.72 2.53 -3.34
CA VAL H 199 41.85 1.62 -3.48
C VAL H 199 41.34 0.23 -3.82
N ALA H 200 40.38 -0.30 -3.07
CA ALA H 200 39.85 -1.62 -3.31
C ALA H 200 39.33 -1.78 -4.76
N LYS H 201 38.56 -0.81 -5.25
CA LYS H 201 38.04 -0.82 -6.62
C LYS H 201 39.16 -0.79 -7.65
N LYS H 202 40.20 0.03 -7.47
CA LYS H 202 41.40 -0.04 -8.32
C LYS H 202 42.11 -1.38 -8.20
N LEU H 203 42.18 -1.98 -7.01
CA LEU H 203 42.77 -3.29 -6.84
C LEU H 203 41.97 -4.37 -7.58
N GLU H 204 40.64 -4.28 -7.64
CA GLU H 204 39.87 -5.19 -8.49
C GLU H 204 40.14 -4.95 -9.98
N GLU H 205 40.24 -3.71 -10.43
CA GLU H 205 40.54 -3.41 -11.83
C GLU H 205 41.91 -3.98 -12.21
N VAL H 206 42.91 -3.77 -11.35
CA VAL H 206 44.21 -4.43 -11.50
C VAL H 206 44.02 -5.93 -11.58
N ALA H 207 43.27 -6.54 -10.66
CA ALA H 207 43.13 -8.00 -10.62
C ALA H 207 42.55 -8.54 -11.95
N LYS H 208 41.52 -7.88 -12.50
CA LYS H 208 40.98 -8.19 -13.82
C LYS H 208 42.08 -8.10 -14.86
N LYS H 209 42.77 -6.96 -14.89
CA LYS H 209 43.75 -6.69 -15.95
C LYS H 209 44.86 -7.72 -15.92
N ALA H 210 45.38 -8.03 -14.75
CA ALA H 210 46.46 -8.98 -14.63
C ALA H 210 46.06 -10.36 -15.16
N ILE H 211 44.88 -10.86 -14.79
CA ILE H 211 44.43 -12.21 -15.20
C ILE H 211 44.37 -12.32 -16.71
N GLU H 212 43.83 -11.31 -17.38
CA GLU H 212 43.80 -11.27 -18.83
C GLU H 212 45.20 -11.22 -19.43
N ALA H 213 46.12 -10.48 -18.82
CA ALA H 213 47.51 -10.48 -19.28
C ALA H 213 48.12 -11.88 -19.15
N CYS H 214 47.83 -12.57 -18.06
CA CYS H 214 48.33 -13.92 -17.87
C CYS H 214 47.82 -14.83 -18.99
N ILE H 215 46.53 -14.72 -19.31
CA ILE H 215 45.90 -15.56 -20.31
C ILE H 215 46.61 -15.37 -21.65
N GLU H 216 46.90 -14.14 -22.03
CA GLU H 216 47.60 -13.88 -23.27
C GLU H 216 49.02 -14.48 -23.23
N LEU H 217 49.75 -14.27 -22.14
CA LEU H 217 51.08 -14.86 -22.02
C LEU H 217 51.00 -16.38 -22.19
N GLN H 218 50.04 -17.02 -21.52
CA GLN H 218 49.86 -18.46 -21.60
C GLN H 218 49.46 -18.92 -22.99
N GLN H 219 48.56 -18.20 -23.65
CA GLN H 219 48.21 -18.47 -25.04
C GLN H 219 49.46 -18.43 -25.92
N ILE H 220 50.32 -17.43 -25.73
CA ILE H 220 51.58 -17.31 -26.49
C ILE H 220 52.51 -18.48 -26.15
N LEU H 221 52.66 -18.83 -24.87
CA LEU H 221 53.49 -19.95 -24.48
C LEU H 221 52.96 -21.25 -25.10
N GLU H 222 51.65 -21.45 -25.09
CA GLU H 222 51.03 -22.61 -25.72
C GLU H 222 51.32 -22.62 -27.22
N ALA H 223 51.17 -21.50 -27.92
CA ALA H 223 51.49 -21.42 -29.33
C ALA H 223 52.95 -21.80 -29.58
N TRP H 224 53.89 -21.27 -28.79
CA TRP H 224 55.30 -21.66 -28.92
C TRP H 224 55.49 -23.15 -28.65
N ALA H 225 54.79 -23.70 -27.66
CA ALA H 225 54.86 -25.13 -27.36
C ALA H 225 54.31 -25.98 -28.51
N LYS H 226 53.20 -25.59 -29.15
CA LYS H 226 52.68 -26.28 -30.35
C LYS H 226 53.68 -26.21 -31.50
N GLU H 227 54.44 -25.13 -31.61
CA GLU H 227 55.54 -25.00 -32.58
C GLU H 227 56.80 -25.81 -32.21
N ARG H 228 56.84 -26.45 -31.04
CA ARG H 228 57.87 -27.45 -30.66
C ARG H 228 57.35 -28.90 -30.67
N GLY H 229 56.12 -29.13 -30.20
CA GLY H 229 55.46 -30.44 -30.15
C GLY H 229 55.91 -31.37 -29.01
N ASP H 230 56.91 -30.98 -28.22
CA ASP H 230 57.45 -31.78 -27.11
C ASP H 230 56.41 -31.95 -25.98
N GLN H 231 56.04 -33.19 -25.69
CA GLN H 231 55.01 -33.48 -24.68
C GLN H 231 55.42 -33.03 -23.27
N ASP H 232 56.71 -32.97 -22.95
CA ASP H 232 57.18 -32.46 -21.65
C ASP H 232 56.98 -30.93 -21.57
N LEU H 233 57.23 -30.22 -22.67
CA LEU H 233 56.88 -28.81 -22.73
C LEU H 233 55.35 -28.63 -22.69
N LEU H 234 54.58 -29.55 -23.28
CA LEU H 234 53.13 -29.52 -23.19
C LEU H 234 52.67 -29.72 -21.75
N ARG H 235 53.31 -30.60 -20.97
CA ARG H 235 53.13 -30.62 -19.52
C ARG H 235 53.41 -29.23 -18.94
N GLU H 236 54.53 -28.63 -19.30
CA GLU H 236 54.93 -27.34 -18.75
C GLU H 236 53.85 -26.26 -18.97
N VAL H 237 53.18 -26.30 -20.11
CA VAL H 237 52.02 -25.47 -20.36
C VAL H 237 50.86 -25.93 -19.50
N ARG H 238 50.46 -27.20 -19.62
CA ARG H 238 49.20 -27.69 -19.05
C ARG H 238 49.09 -27.42 -17.55
N GLU H 239 50.17 -27.57 -16.79
CA GLU H 239 50.11 -27.32 -15.35
C GLU H 239 50.00 -25.83 -15.03
N HIS H 240 50.70 -24.94 -15.75
CA HIS H 240 50.49 -23.51 -15.54
C HIS H 240 49.06 -23.12 -15.89
N LYS H 241 48.45 -23.80 -16.87
CA LYS H 241 47.05 -23.60 -17.23
C LYS H 241 46.10 -24.01 -16.09
N LEU H 242 46.56 -24.80 -15.12
CA LEU H 242 45.86 -25.02 -13.86
C LEU H 242 46.24 -23.96 -12.82
N GLN H 243 47.50 -23.55 -12.79
CA GLN H 243 47.93 -22.58 -11.79
C GLN H 243 47.07 -21.32 -11.82
N ILE H 244 46.86 -20.76 -13.01
CA ILE H 244 46.21 -19.45 -13.15
C ILE H 244 44.89 -19.40 -12.40
N LEU H 245 44.05 -20.43 -12.52
CA LEU H 245 42.80 -20.49 -11.76
C LEU H 245 43.07 -20.60 -10.27
N THR H 246 44.04 -21.43 -9.91
CA THR H 246 44.39 -21.71 -8.52
C THR H 246 44.72 -20.43 -7.75
N ILE H 247 45.39 -19.47 -8.40
CA ILE H 247 45.61 -18.15 -7.79
C ILE H 247 44.33 -17.34 -7.83
N ALA H 248 43.72 -17.26 -9.00
CA ALA H 248 42.70 -16.27 -9.29
C ALA H 248 41.49 -16.43 -8.39
N VAL H 249 41.06 -17.65 -8.12
CA VAL H 249 39.90 -17.86 -7.24
C VAL H 249 40.11 -17.21 -5.88
N ALA H 250 41.33 -17.28 -5.34
CA ALA H 250 41.60 -16.83 -3.98
C ALA H 250 41.39 -15.32 -3.82
N TYR H 251 41.76 -14.52 -4.83
CA TYR H 251 41.50 -13.09 -4.79
C TYR H 251 40.03 -12.82 -4.56
N LYS H 252 39.15 -13.40 -5.39
CA LYS H 252 37.72 -13.14 -5.25
C LYS H 252 37.19 -13.68 -3.92
N ALA H 253 37.75 -14.80 -3.45
CA ALA H 253 37.42 -15.33 -2.13
C ALA H 253 37.75 -14.32 -1.03
N ALA H 254 39.00 -13.87 -0.99
CA ALA H 254 39.48 -12.94 0.02
C ALA H 254 38.69 -11.63 -0.01
N GLN H 255 38.31 -11.16 -1.20
CA GLN H 255 37.52 -9.95 -1.36
C GLN H 255 36.14 -10.06 -0.72
N MET H 256 35.61 -11.27 -0.54
CA MET H 256 34.38 -11.53 0.24
C MET H 256 34.64 -12.21 1.59
N GLY H 257 35.88 -12.19 2.07
CA GLY H 257 36.25 -12.46 3.47
C GLY H 257 36.29 -13.94 3.89
N VAL H 258 36.07 -14.88 2.99
CA VAL H 258 36.10 -16.31 3.31
C VAL H 258 37.51 -16.90 3.26
N THR H 259 37.71 -18.01 3.96
CA THR H 259 38.91 -18.84 3.96
C THR H 259 39.11 -19.55 2.61
N VAL H 260 40.28 -20.13 2.39
CA VAL H 260 40.66 -20.92 1.21
C VAL H 260 41.44 -22.13 1.69
N LEU H 261 41.29 -23.28 1.03
CA LEU H 261 42.10 -24.47 1.25
C LEU H 261 42.54 -25.03 -0.09
N LYS H 262 43.67 -25.73 -0.15
CA LYS H 262 44.23 -26.20 -1.42
C LYS H 262 44.92 -27.53 -1.24
N HIS H 263 44.98 -28.28 -2.32
CA HIS H 263 45.80 -29.46 -2.47
C HIS H 263 46.07 -29.63 -3.97
N THR H 264 47.10 -30.37 -4.36
CA THR H 264 47.43 -30.58 -5.77
C THR H 264 48.19 -31.88 -5.96
N HIS H 265 47.86 -32.64 -7.00
CA HIS H 265 48.59 -33.82 -7.47
C HIS H 265 49.17 -33.64 -8.86
N GLY H 266 49.49 -32.40 -9.24
CA GLY H 266 49.93 -32.05 -10.58
C GLY H 266 48.77 -32.07 -11.56
N TRP H 267 48.21 -33.24 -11.84
CA TRP H 267 47.26 -33.39 -12.95
C TRP H 267 45.86 -32.83 -12.70
N VAL H 268 45.57 -32.30 -11.51
CA VAL H 268 44.30 -31.69 -11.15
C VAL H 268 44.49 -30.81 -9.92
N VAL H 269 43.62 -29.82 -9.66
CA VAL H 269 43.69 -28.97 -8.46
C VAL H 269 42.35 -28.83 -7.73
N PHE H 270 42.36 -29.02 -6.41
CA PHE H 270 41.16 -29.09 -5.55
C PHE H 270 41.08 -27.87 -4.68
N LEU H 271 39.91 -27.29 -4.55
CA LEU H 271 39.64 -26.29 -3.55
C LEU H 271 38.47 -26.72 -2.68
N VAL H 272 38.52 -26.31 -1.45
CA VAL H 272 37.32 -26.13 -0.66
C VAL H 272 37.26 -24.67 -0.37
N ILE H 273 36.08 -24.08 -0.40
CA ILE H 273 35.93 -22.67 -0.08
C ILE H 273 34.79 -22.46 0.93
N LEU H 274 35.07 -22.95 2.14
CA LEU H 274 34.14 -23.09 3.26
C LEU H 274 33.69 -21.74 3.80
N GLY H 275 32.39 -21.54 3.97
CA GLY H 275 31.82 -20.40 4.69
C GLY H 275 31.18 -19.30 3.84
N LEU H 276 31.01 -19.47 2.53
CA LEU H 276 30.26 -18.52 1.71
C LEU H 276 28.79 -18.49 2.14
N HIS H 277 28.34 -17.39 2.76
CA HIS H 277 26.92 -17.22 3.09
C HIS H 277 26.04 -17.26 1.83
N LYS H 278 24.76 -17.61 1.98
CA LYS H 278 23.87 -17.96 0.87
C LYS H 278 23.75 -16.87 -0.21
N GLN H 279 23.80 -15.61 0.17
CA GLN H 279 23.80 -14.50 -0.80
C GLN H 279 25.17 -14.35 -1.49
N GLN H 280 26.26 -14.68 -0.80
CA GLN H 280 27.63 -14.59 -1.31
C GLN H 280 27.93 -15.65 -2.37
N ALA H 281 27.36 -16.85 -2.21
CA ALA H 281 27.67 -18.00 -3.06
C ALA H 281 27.55 -17.68 -4.55
N GLU H 282 26.49 -17.00 -4.95
CA GLU H 282 26.32 -16.63 -6.35
C GLU H 282 27.48 -15.78 -6.86
N GLN H 283 28.01 -14.86 -6.05
CA GLN H 283 29.08 -13.97 -6.51
C GLN H 283 30.32 -14.78 -6.90
N LEU H 284 30.73 -15.69 -6.03
CA LEU H 284 31.91 -16.51 -6.28
C LEU H 284 31.65 -17.56 -7.37
N LEU H 285 30.47 -18.17 -7.38
CA LEU H 285 30.10 -19.13 -8.41
C LEU H 285 30.17 -18.48 -9.78
N ARG H 286 29.69 -17.24 -9.90
CA ARG H 286 29.73 -16.50 -11.15
C ARG H 286 31.16 -16.20 -11.53
N PHE H 287 31.97 -15.75 -10.58
CA PHE H 287 33.37 -15.42 -10.87
C PHE H 287 34.12 -16.60 -11.47
N VAL H 288 33.98 -17.81 -10.92
CA VAL H 288 34.70 -18.96 -11.46
C VAL H 288 34.31 -19.17 -12.92
N HIS H 289 33.01 -19.16 -13.24
CA HIS H 289 32.62 -19.36 -14.63
C HIS H 289 33.16 -18.29 -15.56
N ARG H 290 33.37 -17.06 -15.05
CA ARG H 290 33.96 -15.98 -15.85
C ARG H 290 35.45 -16.16 -16.13
N VAL H 291 36.18 -17.02 -15.40
CA VAL H 291 37.50 -17.47 -15.86
C VAL H 291 37.41 -18.78 -16.64
N ALA H 292 36.52 -19.68 -16.25
CA ALA H 292 36.61 -21.07 -16.67
C ALA H 292 36.71 -21.24 -18.19
N HIS H 293 35.81 -20.64 -18.97
CA HIS H 293 35.83 -20.81 -20.42
C HIS H 293 37.12 -20.26 -21.05
N ALA H 294 37.63 -19.15 -20.52
CA ALA H 294 38.84 -18.56 -21.06
C ALA H 294 40.01 -19.52 -20.83
N LEU H 295 40.08 -20.11 -19.66
CA LEU H 295 41.19 -20.97 -19.26
C LEU H 295 41.18 -22.34 -19.94
N GLY H 296 40.22 -22.65 -20.81
CA GLY H 296 40.23 -23.84 -21.66
C GLY H 296 40.22 -25.17 -20.87
N VAL H 297 39.61 -25.17 -19.71
CA VAL H 297 39.77 -26.20 -18.70
C VAL H 297 38.42 -26.75 -18.23
N THR H 298 38.37 -27.98 -17.74
CA THR H 298 37.14 -28.52 -17.15
C THR H 298 36.84 -27.79 -15.85
N LEU H 299 35.57 -27.60 -15.50
CA LEU H 299 35.16 -27.17 -14.17
C LEU H 299 34.06 -28.08 -13.65
N SER H 300 34.16 -28.61 -12.43
CA SER H 300 33.14 -29.51 -11.88
C SER H 300 32.85 -29.15 -10.44
N ILE H 301 32.06 -28.10 -10.25
CA ILE H 301 31.64 -27.62 -8.94
C ILE H 301 30.69 -28.63 -8.27
N THR H 302 30.67 -28.67 -6.94
CA THR H 302 29.51 -29.12 -6.16
C THR H 302 29.28 -28.20 -4.97
N PHE H 303 28.06 -28.13 -4.48
CA PHE H 303 27.64 -27.09 -3.55
C PHE H 303 26.66 -27.62 -2.51
N SER H 304 26.69 -27.08 -1.29
CA SER H 304 25.88 -27.56 -0.15
C SER H 304 25.66 -26.52 0.94
N GLY H 305 24.97 -25.41 0.64
CA GLY H 305 24.76 -24.33 1.60
C GLY H 305 26.06 -23.57 1.87
N ASP H 306 26.55 -23.59 3.11
CA ASP H 306 27.82 -22.93 3.47
C ASP H 306 29.06 -23.72 3.01
N ILE H 307 28.89 -24.93 2.49
CA ILE H 307 30.00 -25.77 2.01
C ILE H 307 30.09 -25.66 0.48
N VAL H 308 31.29 -25.40 -0.06
CA VAL H 308 31.55 -25.33 -1.51
C VAL H 308 32.81 -26.09 -1.86
N VAL H 309 32.75 -26.95 -2.87
CA VAL H 309 33.87 -27.80 -3.28
C VAL H 309 34.02 -27.77 -4.80
N ILE H 310 35.22 -27.60 -5.32
CA ILE H 310 35.44 -27.48 -6.77
C ILE H 310 36.67 -28.25 -7.19
N ALA H 311 36.72 -28.68 -8.43
CA ALA H 311 37.92 -29.17 -9.06
C ALA H 311 38.09 -28.52 -10.40
N VAL H 312 39.33 -28.45 -10.86
CA VAL H 312 39.68 -27.91 -12.16
C VAL H 312 40.74 -28.80 -12.77
N THR H 313 40.56 -29.22 -14.00
CA THR H 313 41.28 -30.40 -14.52
C THR H 313 41.33 -30.49 -16.04
N VAL H 314 42.34 -31.17 -16.57
CA VAL H 314 42.58 -31.46 -17.99
C VAL H 314 42.80 -32.94 -18.22
N GLY H 315 42.02 -33.80 -17.55
CA GLY H 315 42.19 -35.25 -17.57
C GLY H 315 42.42 -35.81 -18.98
N ALA H 316 43.54 -36.48 -19.19
CA ALA H 316 44.08 -36.79 -20.53
C ALA H 316 43.40 -38.01 -21.18
N SER H 317 42.78 -38.86 -20.37
CA SER H 317 41.94 -40.00 -20.79
C SER H 317 40.56 -39.86 -20.15
N GLU H 318 39.50 -40.31 -20.84
CA GLU H 318 38.12 -40.13 -20.37
C GLU H 318 37.92 -40.66 -18.94
N GLU H 319 38.56 -41.79 -18.59
CA GLU H 319 38.45 -42.35 -17.24
C GLU H 319 38.95 -41.39 -16.17
N GLU H 320 39.97 -40.57 -16.45
CA GLU H 320 40.46 -39.55 -15.52
C GLU H 320 39.42 -38.43 -15.40
N LYS H 321 38.88 -37.99 -16.55
CA LYS H 321 37.86 -36.93 -16.64
C LYS H 321 36.54 -37.34 -15.98
N LYS H 322 36.26 -38.64 -15.89
CA LYS H 322 35.13 -39.25 -15.17
C LYS H 322 35.41 -39.43 -13.67
N GLU H 323 36.58 -39.96 -13.32
CA GLU H 323 36.95 -40.32 -11.96
C GLU H 323 36.75 -39.19 -10.97
N VAL H 324 37.13 -37.98 -11.35
CA VAL H 324 37.04 -36.80 -10.48
C VAL H 324 35.62 -36.56 -9.97
N ARG H 325 34.58 -36.88 -10.76
CA ARG H 325 33.19 -36.64 -10.33
C ARG H 325 32.80 -37.41 -9.08
N LYS H 326 33.47 -38.53 -8.79
CA LYS H 326 33.20 -39.38 -7.62
C LYS H 326 33.74 -38.77 -6.33
N ILE H 327 35.01 -38.38 -6.35
CA ILE H 327 35.74 -37.96 -5.16
C ILE H 327 35.38 -36.54 -4.75
N VAL H 328 35.10 -35.61 -5.68
CA VAL H 328 34.70 -34.25 -5.29
C VAL H 328 33.40 -34.22 -4.49
N LYS H 329 32.42 -35.08 -4.83
CA LYS H 329 31.21 -35.23 -4.01
C LYS H 329 31.58 -35.76 -2.64
N GLU H 330 32.39 -36.81 -2.58
CA GLU H 330 32.72 -37.43 -1.31
C GLU H 330 33.48 -36.48 -0.40
N ILE H 331 34.30 -35.58 -0.96
CA ILE H 331 34.93 -34.51 -0.19
C ILE H 331 33.88 -33.60 0.46
N ALA H 332 32.78 -33.31 -0.22
CA ALA H 332 31.73 -32.46 0.33
C ALA H 332 31.00 -33.07 1.54
N LYS H 333 30.80 -34.40 1.55
CA LYS H 333 29.98 -35.06 2.58
C LYS H 333 30.50 -34.82 4.00
N GLN H 334 31.81 -34.87 4.21
CA GLN H 334 32.41 -34.65 5.54
C GLN H 334 32.39 -33.18 5.95
N LEU H 335 32.53 -32.25 5.02
CA LEU H 335 32.60 -30.83 5.32
C LEU H 335 31.30 -30.28 5.90
N ARG H 336 30.15 -30.94 5.67
CA ARG H 336 28.87 -30.62 6.30
C ARG H 336 28.90 -30.76 7.83
N HIS H 337 29.71 -31.68 8.35
CA HIS H 337 29.55 -32.24 9.69
C HIS H 337 30.64 -31.84 10.70
N ALA H 338 31.72 -31.19 10.28
CA ALA H 338 32.58 -30.44 11.19
C ALA H 338 31.89 -29.17 11.69
N GLU H 339 32.42 -28.55 12.74
CA GLU H 339 32.06 -27.17 13.12
C GLU H 339 33.27 -26.22 13.22
N THR H 340 34.48 -26.74 13.06
CA THR H 340 35.74 -26.00 13.26
C THR H 340 36.61 -26.01 12.01
N GLU H 341 37.32 -24.91 11.70
CA GLU H 341 38.24 -24.89 10.56
C GLU H 341 39.36 -25.94 10.71
N GLU H 342 39.87 -26.15 11.93
CA GLU H 342 40.88 -27.18 12.17
C GLU H 342 40.36 -28.60 11.90
N GLU H 343 39.08 -28.86 12.18
CA GLU H 343 38.44 -30.11 11.76
C GLU H 343 38.35 -30.19 10.25
N ALA H 344 37.96 -29.10 9.57
CA ALA H 344 37.92 -29.10 8.12
C ALA H 344 39.32 -29.43 7.55
N LYS H 345 40.37 -28.86 8.16
CA LYS H 345 41.75 -29.14 7.79
C LYS H 345 42.07 -30.62 7.94
N GLU H 346 41.70 -31.24 9.05
CA GLU H 346 41.85 -32.69 9.22
C GLU H 346 41.06 -33.47 8.15
N ILE H 347 39.83 -33.02 7.85
CA ILE H 347 38.95 -33.68 6.89
C ILE H 347 39.55 -33.68 5.50
N VAL H 348 39.83 -32.52 4.90
CA VAL H 348 40.24 -32.48 3.49
C VAL H 348 41.47 -33.32 3.27
N GLN H 349 42.40 -33.33 4.22
CA GLN H 349 43.56 -34.20 4.21
C GLN H 349 43.13 -35.66 4.07
N ARG H 350 42.36 -36.16 5.04
CA ARG H 350 41.94 -37.56 5.07
C ARG H 350 41.09 -37.95 3.85
N VAL H 351 40.11 -37.13 3.47
CA VAL H 351 39.24 -37.49 2.33
C VAL H 351 40.00 -37.46 1.01
N ILE H 352 40.99 -36.60 0.86
CA ILE H 352 41.83 -36.66 -0.33
C ILE H 352 42.69 -37.91 -0.25
N GLU H 353 43.40 -38.10 0.85
CA GLU H 353 44.48 -39.10 0.92
C GLU H 353 44.02 -40.51 0.50
N GLU H 354 42.81 -40.94 0.87
CA GLU H 354 42.30 -42.27 0.52
C GLU H 354 42.39 -42.55 -0.98
N TRP H 355 42.18 -41.53 -1.81
CA TRP H 355 42.23 -41.65 -3.27
C TRP H 355 43.59 -42.14 -3.75
N GLN H 356 44.62 -41.91 -2.95
CA GLN H 356 46.01 -42.24 -3.19
C GLN H 356 46.62 -43.01 -2.00
N GLU H 357 45.80 -43.76 -1.24
CA GLU H 357 46.30 -44.69 -0.23
C GLU H 357 46.99 -45.92 -0.86
N GLU H 358 46.57 -46.31 -2.07
CA GLU H 358 47.10 -47.48 -2.79
C GLU H 358 48.59 -47.38 -3.14
N GLY H 359 49.31 -48.50 -3.11
CA GLY H 359 50.74 -48.60 -3.43
C GLY H 359 51.27 -50.04 -3.45
#